data_9I0L
#
_entry.id   9I0L
#
_cell.length_a   1.00
_cell.length_b   1.00
_cell.length_c   1.00
_cell.angle_alpha   90.00
_cell.angle_beta   90.00
_cell.angle_gamma   90.00
#
_symmetry.space_group_name_H-M   'P 1'
#
loop_
_entity.id
_entity.type
_entity.pdbx_description
1 polymer "Inosine-5'-monophosphate dehydrogenase"
2 non-polymer 'INOSINIC ACID'
3 non-polymer NICOTINAMIDE-ADENINE-DINUCLEOTIDE
4 non-polymer 'POTASSIUM ION'
5 water water
#
_entity_poly.entity_id   1
_entity_poly.type   'polypeptide(L)'
_entity_poly.pdbx_seq_one_letter_code
;MSIAESSVPIAVPVPTGGDDPTKVAMLGLTFDDVLLLPAASDVVPATADTSSQLTKRIRLRVPLVSSAMDTVTESRMAIA
MARAGGMGVLHRNLPVAEQAGQVETVKRSEAGMVTDPVTCSPDNTLAEVDAMCARFRISGLPVVDDTGELVGIITNRDMR
FEVDQSKPVSEVMTKAPLITAKEGVSAEAALGLLRRHKIEKLPIVDGHGKLTGLITVKDFVKTEQFPLSTKDSDGRLLVG
AAVGVGDDAWTRAMTLVDAGVDVLIVDTAHAHNRGVLDMVSRLKQAVGERVDVVGGNVATRAAAAALVEAGADAVKVGVG
PGSICTTRVVAGVGAPQITAILEAVAACKPYGVPVIADGGLQYSGDIAKALAAGASTAMLGSLLAGTAESPGELIFVNGK
QFKSYRGMGSLGAMQGRGAAKSYSKDRYFQDDVLSEDKLVPEGIEGRVPFRGPLGTVIHQLTGGLRAAMGYTGSATIEQL
QQAQFVQITAAGLKESHPHDITMTVEAPNYYTR
;
_entity_poly.pdbx_strand_id   A,B,C,D,E,F,G,H
#
loop_
_chem_comp.id
_chem_comp.type
_chem_comp.name
_chem_comp.formula
IMP non-polymer 'INOSINIC ACID' 'C10 H13 N4 O8 P'
K non-polymer 'POTASSIUM ION' 'K 1'
NAD non-polymer NICOTINAMIDE-ADENINE-DINUCLEOTIDE 'C21 H27 N7 O14 P2'
#
# COMPACT_ATOMS: atom_id res chain seq x y z
N PRO A 13 -14.12 -54.93 -7.38
CA PRO A 13 -12.86 -54.33 -7.83
C PRO A 13 -12.22 -53.42 -6.79
N VAL A 14 -11.06 -52.89 -7.11
CA VAL A 14 -10.34 -51.99 -6.19
C VAL A 14 -11.12 -50.68 -6.06
N PRO A 15 -11.32 -50.16 -4.84
CA PRO A 15 -12.11 -48.93 -4.69
C PRO A 15 -11.50 -47.72 -5.38
N THR A 16 -10.21 -47.73 -5.70
CA THR A 16 -9.62 -46.64 -6.46
C THR A 16 -9.63 -46.88 -7.96
N GLY A 17 -10.03 -48.07 -8.40
CA GLY A 17 -10.08 -48.36 -9.82
C GLY A 17 -9.24 -49.55 -10.23
N GLY A 18 -9.62 -50.22 -11.30
CA GLY A 18 -8.87 -51.35 -11.81
C GLY A 18 -9.12 -52.63 -11.04
N ASP A 19 -8.39 -53.67 -11.45
CA ASP A 19 -8.48 -54.98 -10.82
C ASP A 19 -7.23 -55.35 -10.04
N ASP A 20 -6.22 -54.48 -9.98
CA ASP A 20 -4.98 -54.79 -9.30
C ASP A 20 -4.95 -54.09 -7.95
N PRO A 21 -5.02 -54.83 -6.84
CA PRO A 21 -4.94 -54.17 -5.51
C PRO A 21 -3.57 -53.59 -5.20
N THR A 22 -2.55 -53.89 -5.99
CA THR A 22 -1.20 -53.39 -5.74
C THR A 22 -0.80 -52.27 -6.70
N LYS A 23 -1.72 -51.76 -7.52
CA LYS A 23 -1.40 -50.63 -8.38
C LYS A 23 -1.13 -49.38 -7.54
N VAL A 24 -2.04 -49.06 -6.63
CA VAL A 24 -1.81 -48.00 -5.64
C VAL A 24 -1.27 -48.72 -4.40
N ALA A 25 0.06 -48.76 -4.29
CA ALA A 25 0.71 -49.65 -3.32
C ALA A 25 0.39 -49.25 -1.89
N MET A 26 0.44 -47.96 -1.58
CA MET A 26 0.31 -47.52 -0.19
C MET A 26 -0.12 -46.06 -0.16
N LEU A 27 -0.40 -45.58 1.04
CA LEU A 27 -0.71 -44.18 1.30
C LEU A 27 0.48 -43.56 2.01
N GLY A 28 1.07 -42.53 1.39
CA GLY A 28 2.27 -41.91 1.92
C GLY A 28 1.95 -40.71 2.81
N LEU A 29 2.68 -40.61 3.91
CA LEU A 29 2.53 -39.51 4.86
C LEU A 29 3.79 -38.66 4.84
N THR A 30 3.61 -37.35 4.96
CA THR A 30 4.70 -36.39 5.04
C THR A 30 4.79 -35.85 6.46
N PHE A 31 5.71 -34.90 6.67
CA PHE A 31 5.94 -34.37 8.00
C PHE A 31 4.72 -33.67 8.57
N ASP A 32 3.90 -33.06 7.70
CA ASP A 32 2.75 -32.29 8.16
C ASP A 32 1.52 -33.15 8.47
N ASP A 33 1.58 -34.45 8.25
CA ASP A 33 0.44 -35.32 8.47
C ASP A 33 0.45 -36.01 9.82
N VAL A 34 1.52 -35.88 10.60
CA VAL A 34 1.66 -36.61 11.86
C VAL A 34 2.08 -35.66 12.96
N LEU A 35 1.84 -36.11 14.20
CA LEU A 35 2.34 -35.45 15.39
C LEU A 35 2.89 -36.50 16.33
N LEU A 36 3.82 -36.08 17.19
CA LEU A 36 4.42 -36.96 18.19
C LEU A 36 3.54 -37.01 19.43
N LEU A 37 3.20 -38.21 19.86
CA LEU A 37 2.38 -38.37 21.05
C LEU A 37 3.24 -38.21 22.30
N PRO A 38 2.78 -37.46 23.31
CA PRO A 38 3.50 -37.41 24.58
C PRO A 38 3.45 -38.74 25.30
N ALA A 39 4.43 -38.93 26.19
CA ALA A 39 4.54 -40.17 26.95
C ALA A 39 5.10 -39.85 28.33
N ALA A 40 5.09 -40.86 29.20
CA ALA A 40 5.66 -40.70 30.53
C ALA A 40 7.13 -40.32 30.42
N SER A 41 7.51 -39.26 31.14
CA SER A 41 8.82 -38.66 30.98
C SER A 41 9.48 -38.44 32.34
N ASP A 42 10.77 -38.76 32.41
CA ASP A 42 11.62 -38.38 33.52
C ASP A 42 12.85 -37.64 33.02
N VAL A 43 12.71 -36.95 31.89
CA VAL A 43 13.83 -36.34 31.18
C VAL A 43 13.62 -34.83 31.13
N VAL A 44 14.62 -34.09 31.59
CA VAL A 44 14.65 -32.64 31.47
C VAL A 44 15.22 -32.31 30.10
N PRO A 45 14.65 -31.35 29.36
CA PRO A 45 15.20 -31.02 28.04
C PRO A 45 16.66 -30.62 28.07
N ALA A 46 17.11 -29.94 29.13
CA ALA A 46 18.51 -29.53 29.22
C ALA A 46 19.44 -30.69 29.52
N THR A 47 18.91 -31.85 29.91
CA THR A 47 19.73 -33.01 30.24
C THR A 47 19.65 -34.12 29.20
N ALA A 48 18.96 -33.89 28.08
CA ALA A 48 18.87 -34.90 27.04
C ALA A 48 20.19 -35.02 26.29
N ASP A 49 20.44 -36.20 25.72
CA ASP A 49 21.63 -36.48 24.94
C ASP A 49 21.22 -36.65 23.49
N THR A 50 21.67 -35.73 22.63
CA THR A 50 21.28 -35.71 21.23
C THR A 50 22.29 -36.36 20.31
N SER A 51 23.30 -37.03 20.85
CA SER A 51 24.30 -37.67 20.02
C SER A 51 23.70 -38.82 19.23
N SER A 52 24.06 -38.91 17.95
CA SER A 52 23.51 -39.92 17.06
C SER A 52 24.57 -40.36 16.06
N GLN A 53 24.37 -41.54 15.50
CA GLN A 53 25.30 -42.10 14.52
C GLN A 53 25.08 -41.46 13.15
N LEU A 54 26.16 -40.95 12.57
CA LEU A 54 26.12 -40.54 11.17
C LEU A 54 26.31 -41.74 10.25
N THR A 55 27.42 -42.46 10.41
CA THR A 55 27.68 -43.71 9.74
C THR A 55 27.84 -44.80 10.80
N LYS A 56 28.25 -46.00 10.35
CA LYS A 56 28.48 -47.08 11.30
C LYS A 56 29.65 -46.82 12.23
N ARG A 57 30.52 -45.85 11.89
CA ARG A 57 31.69 -45.55 12.70
C ARG A 57 31.79 -44.09 13.15
N ILE A 58 30.97 -43.19 12.61
CA ILE A 58 31.05 -41.77 12.93
C ILE A 58 29.83 -41.40 13.74
N ARG A 59 30.06 -40.83 14.93
CA ARG A 59 29.00 -40.36 15.81
C ARG A 59 29.11 -38.86 15.97
N LEU A 60 28.01 -38.15 15.71
CA LEU A 60 27.96 -36.71 15.84
C LEU A 60 27.28 -36.31 17.14
N ARG A 61 27.74 -35.20 17.71
CA ARG A 61 27.12 -34.71 18.94
C ARG A 61 25.78 -34.04 18.67
N VAL A 62 25.67 -33.34 17.54
CA VAL A 62 24.42 -32.78 17.04
C VAL A 62 24.07 -33.50 15.74
N PRO A 63 22.94 -34.20 15.67
CA PRO A 63 22.65 -35.05 14.49
C PRO A 63 22.14 -34.26 13.30
N LEU A 64 22.96 -33.33 12.82
CA LEU A 64 22.60 -32.49 11.68
C LEU A 64 23.77 -32.41 10.71
N VAL A 65 23.46 -32.47 9.42
CA VAL A 65 24.44 -32.40 8.35
C VAL A 65 24.01 -31.34 7.36
N SER A 66 24.97 -30.76 6.65
CA SER A 66 24.71 -29.73 5.66
C SER A 66 24.66 -30.34 4.26
N SER A 67 23.84 -29.75 3.40
CA SER A 67 23.63 -30.27 2.07
C SER A 67 24.80 -29.96 1.15
N ALA A 68 25.05 -30.87 0.20
CA ALA A 68 26.11 -30.69 -0.80
C ALA A 68 25.57 -29.88 -1.98
N MET A 69 25.41 -28.58 -1.73
CA MET A 69 24.87 -27.67 -2.72
C MET A 69 25.80 -26.47 -2.88
N ASP A 70 25.88 -25.96 -4.11
CA ASP A 70 26.79 -24.86 -4.41
C ASP A 70 26.33 -23.53 -3.83
N THR A 71 25.24 -23.53 -3.05
CA THR A 71 24.79 -22.33 -2.36
C THR A 71 24.62 -22.57 -0.87
N VAL A 72 25.09 -23.72 -0.36
CA VAL A 72 24.89 -24.09 1.03
C VAL A 72 26.22 -24.32 1.73
N THR A 73 27.03 -25.23 1.20
CA THR A 73 28.21 -25.71 1.90
C THR A 73 29.47 -25.44 1.09
N GLU A 74 30.41 -24.75 1.71
CA GLU A 74 31.79 -24.67 1.26
C GLU A 74 32.67 -24.82 2.49
N SER A 75 33.96 -24.49 2.36
CA SER A 75 34.90 -24.68 3.47
C SER A 75 34.41 -24.03 4.75
N ARG A 76 33.94 -22.78 4.64
CA ARG A 76 33.49 -22.04 5.82
C ARG A 76 32.29 -22.73 6.48
N MET A 77 31.32 -23.16 5.67
CA MET A 77 30.16 -23.84 6.22
C MET A 77 30.54 -25.17 6.86
N ALA A 78 31.45 -25.91 6.23
CA ALA A 78 31.89 -27.18 6.79
C ALA A 78 32.59 -26.98 8.13
N ILE A 79 33.45 -25.96 8.22
CA ILE A 79 34.13 -25.69 9.48
C ILE A 79 33.14 -25.28 10.56
N ALA A 80 32.20 -24.40 10.22
CA ALA A 80 31.22 -23.96 11.20
C ALA A 80 30.34 -25.11 11.68
N MET A 81 29.91 -25.97 10.76
CA MET A 81 29.08 -27.11 11.14
C MET A 81 29.86 -28.10 12.00
N ALA A 82 31.12 -28.35 11.67
CA ALA A 82 31.93 -29.24 12.50
C ALA A 82 32.14 -28.67 13.89
N ARG A 83 32.35 -27.36 13.99
CA ARG A 83 32.49 -26.73 15.31
C ARG A 83 31.20 -26.81 16.10
N ALA A 84 30.06 -26.58 15.45
CA ALA A 84 28.78 -26.56 16.15
C ALA A 84 28.35 -27.93 16.66
N GLY A 85 28.99 -29.00 16.21
CA GLY A 85 28.64 -30.34 16.63
C GLY A 85 28.11 -31.23 15.53
N GLY A 86 27.98 -30.74 14.30
CA GLY A 86 27.52 -31.56 13.20
C GLY A 86 28.62 -31.86 12.21
N MET A 87 28.31 -31.77 10.92
CA MET A 87 29.29 -32.02 9.87
C MET A 87 28.82 -31.33 8.60
N GLY A 88 29.77 -31.08 7.71
CA GLY A 88 29.48 -30.46 6.43
C GLY A 88 29.88 -31.36 5.29
N VAL A 89 29.16 -31.22 4.17
CA VAL A 89 29.44 -31.98 2.96
C VAL A 89 29.64 -31.00 1.82
N LEU A 90 30.85 -31.00 1.24
CA LEU A 90 31.18 -30.06 0.17
C LEU A 90 30.55 -30.50 -1.14
N HIS A 91 30.01 -29.52 -1.88
CA HIS A 91 29.36 -29.83 -3.13
C HIS A 91 30.39 -30.16 -4.22
N ARG A 92 29.92 -30.90 -5.22
CA ARG A 92 30.79 -31.37 -6.29
C ARG A 92 30.59 -30.60 -7.59
N ASN A 93 30.06 -29.38 -7.51
CA ASN A 93 29.96 -28.50 -8.66
C ASN A 93 31.23 -27.68 -8.86
N LEU A 94 32.36 -28.16 -8.34
CA LEU A 94 33.64 -27.49 -8.35
C LEU A 94 34.67 -28.37 -9.04
N PRO A 95 35.73 -27.78 -9.59
CA PRO A 95 36.83 -28.60 -10.13
C PRO A 95 37.44 -29.47 -9.04
N VAL A 96 37.92 -30.65 -9.46
CA VAL A 96 38.39 -31.65 -8.50
C VAL A 96 39.50 -31.09 -7.62
N ALA A 97 40.46 -30.38 -8.22
CA ALA A 97 41.53 -29.77 -7.44
C ALA A 97 40.97 -28.74 -6.47
N GLU A 98 39.98 -27.97 -6.89
CA GLU A 98 39.37 -26.98 -6.00
C GLU A 98 38.67 -27.66 -4.82
N GLN A 99 37.93 -28.75 -5.07
CA GLN A 99 37.26 -29.44 -3.97
C GLN A 99 38.27 -30.06 -3.01
N ALA A 100 39.34 -30.64 -3.54
CA ALA A 100 40.40 -31.16 -2.67
C ALA A 100 41.03 -30.05 -1.85
N GLY A 101 41.20 -28.87 -2.46
CA GLY A 101 41.71 -27.73 -1.72
C GLY A 101 40.77 -27.31 -0.60
N GLN A 102 39.46 -27.35 -0.84
CA GLN A 102 38.50 -27.06 0.22
C GLN A 102 38.59 -28.08 1.34
N VAL A 103 38.75 -29.36 0.98
CA VAL A 103 38.91 -30.41 2.00
C VAL A 103 40.14 -30.14 2.86
N GLU A 104 41.26 -29.81 2.20
CA GLU A 104 42.49 -29.53 2.94
C GLU A 104 42.33 -28.27 3.80
N THR A 105 41.62 -27.27 3.31
CA THR A 105 41.38 -26.06 4.09
C THR A 105 40.57 -26.38 5.35
N VAL A 106 39.53 -27.21 5.22
CA VAL A 106 38.74 -27.58 6.38
C VAL A 106 39.58 -28.37 7.37
N LYS A 107 40.38 -29.32 6.86
CA LYS A 107 41.21 -30.13 7.76
C LYS A 107 42.32 -29.31 8.41
N ARG A 108 42.73 -28.20 7.80
CA ARG A 108 43.81 -27.38 8.33
C ARG A 108 43.36 -26.46 9.46
N SER A 109 42.06 -26.34 9.70
CA SER A 109 41.56 -25.45 10.74
C SER A 109 41.29 -26.21 12.03
N GLN A 225 33.99 -22.96 24.25
CA GLN A 225 33.85 -22.35 22.94
C GLN A 225 33.16 -23.32 21.96
N PHE A 226 33.78 -24.47 21.69
CA PHE A 226 33.21 -25.50 20.80
C PHE A 226 33.27 -26.87 21.45
N PRO A 227 32.75 -27.02 22.67
CA PRO A 227 32.87 -28.32 23.37
C PRO A 227 32.27 -29.48 22.59
N LEU A 228 31.36 -29.24 21.65
CA LEU A 228 30.69 -30.30 20.92
C LEU A 228 31.32 -30.57 19.56
N SER A 229 32.44 -29.92 19.24
CA SER A 229 33.01 -30.04 17.90
C SER A 229 33.35 -31.48 17.58
N THR A 230 33.06 -31.89 16.35
CA THR A 230 33.34 -33.25 15.89
C THR A 230 34.73 -33.31 15.29
N LYS A 231 35.58 -34.16 15.86
CA LYS A 231 36.97 -34.28 15.45
C LYS A 231 37.34 -35.74 15.32
N ASP A 232 38.34 -36.02 14.50
CA ASP A 232 38.81 -37.38 14.30
C ASP A 232 39.72 -37.78 15.46
N SER A 233 40.41 -38.92 15.32
CA SER A 233 41.33 -39.37 16.35
C SER A 233 42.59 -38.52 16.42
N ASP A 234 42.84 -37.67 15.43
CA ASP A 234 44.00 -36.78 15.41
C ASP A 234 43.64 -35.34 15.77
N GLY A 235 42.44 -35.10 16.31
CA GLY A 235 42.05 -33.77 16.68
C GLY A 235 41.71 -32.85 15.53
N ARG A 236 41.47 -33.40 14.34
CA ARG A 236 41.16 -32.62 13.16
C ARG A 236 39.66 -32.66 12.89
N LEU A 237 39.12 -31.54 12.41
CA LEU A 237 37.69 -31.45 12.15
C LEU A 237 37.28 -32.41 11.05
N LEU A 238 36.17 -33.11 11.29
CA LEU A 238 35.62 -34.01 10.28
C LEU A 238 34.99 -33.23 9.14
N VAL A 239 34.93 -33.85 7.97
CA VAL A 239 34.33 -33.24 6.79
C VAL A 239 33.93 -34.35 5.84
N GLY A 240 33.02 -34.03 4.91
CA GLY A 240 32.61 -34.99 3.91
C GLY A 240 32.54 -34.33 2.54
N ALA A 241 32.57 -35.17 1.52
CA ALA A 241 32.54 -34.67 0.15
C ALA A 241 31.60 -35.51 -0.69
N ALA A 242 31.01 -34.88 -1.70
CA ALA A 242 30.07 -35.54 -2.59
C ALA A 242 30.75 -35.90 -3.90
N VAL A 243 30.43 -37.08 -4.41
CA VAL A 243 30.93 -37.53 -5.70
C VAL A 243 29.77 -38.00 -6.56
N GLY A 244 29.99 -38.04 -7.85
CA GLY A 244 29.01 -38.51 -8.81
C GLY A 244 29.16 -39.98 -9.12
N VAL A 245 28.80 -40.35 -10.34
CA VAL A 245 28.92 -41.72 -10.83
C VAL A 245 29.66 -41.69 -12.16
N GLY A 246 30.72 -42.49 -12.26
CA GLY A 246 31.50 -42.56 -13.49
C GLY A 246 32.99 -42.67 -13.25
N ASP A 247 33.76 -42.69 -14.34
CA ASP A 247 35.21 -42.79 -14.21
C ASP A 247 35.82 -41.47 -13.74
N ASP A 248 35.31 -40.34 -14.25
CA ASP A 248 35.74 -39.05 -13.74
C ASP A 248 35.36 -38.91 -12.26
N ALA A 249 34.18 -39.41 -11.89
CA ALA A 249 33.82 -39.45 -10.48
C ALA A 249 34.78 -40.31 -9.68
N TRP A 250 35.27 -41.40 -10.29
CA TRP A 250 36.27 -42.22 -9.61
C TRP A 250 37.56 -41.44 -9.39
N THR A 251 37.99 -40.68 -10.39
CA THR A 251 39.19 -39.86 -10.23
C THR A 251 39.00 -38.83 -9.12
N ARG A 252 37.84 -38.17 -9.10
CA ARG A 252 37.57 -37.19 -8.04
C ARG A 252 37.54 -37.86 -6.66
N ALA A 253 36.94 -39.04 -6.57
CA ALA A 253 36.87 -39.74 -5.29
C ALA A 253 38.25 -40.15 -4.80
N MET A 254 39.10 -40.65 -5.69
CA MET A 254 40.46 -41.02 -5.30
C MET A 254 41.25 -39.78 -4.86
N THR A 255 41.09 -38.67 -5.58
CA THR A 255 41.76 -37.44 -5.19
C THR A 255 41.29 -36.98 -3.82
N LEU A 256 39.98 -37.04 -3.56
CA LEU A 256 39.45 -36.63 -2.27
C LEU A 256 39.95 -37.52 -1.15
N VAL A 257 40.02 -38.83 -1.40
CA VAL A 257 40.53 -39.75 -0.38
C VAL A 257 41.99 -39.45 -0.07
N ASP A 258 42.80 -39.27 -1.11
CA ASP A 258 44.20 -38.93 -0.89
C ASP A 258 44.37 -37.54 -0.27
N ALA A 259 43.38 -36.66 -0.39
CA ALA A 259 43.46 -35.32 0.18
C ALA A 259 43.01 -35.26 1.64
N GLY A 260 42.48 -36.35 2.18
CA GLY A 260 42.11 -36.39 3.59
C GLY A 260 40.65 -36.09 3.87
N VAL A 261 39.75 -36.72 3.13
CA VAL A 261 38.32 -36.61 3.38
C VAL A 261 37.91 -37.70 4.35
N ASP A 262 36.85 -37.46 5.12
CA ASP A 262 36.42 -38.42 6.12
C ASP A 262 35.24 -39.27 5.68
N VAL A 263 34.41 -38.79 4.77
CA VAL A 263 33.28 -39.56 4.28
C VAL A 263 32.93 -39.11 2.87
N LEU A 264 32.67 -40.09 2.01
CA LEU A 264 32.29 -39.88 0.61
C LEU A 264 30.80 -40.17 0.47
N ILE A 265 30.06 -39.19 -0.04
CA ILE A 265 28.64 -39.34 -0.31
C ILE A 265 28.48 -39.56 -1.81
N VAL A 266 28.03 -40.75 -2.21
CA VAL A 266 27.69 -40.98 -3.61
C VAL A 266 26.34 -40.30 -3.83
N ASP A 267 26.40 -39.08 -4.34
CA ASP A 267 25.28 -38.15 -4.41
C ASP A 267 24.61 -38.26 -5.78
N THR A 268 23.46 -38.90 -5.82
CA THR A 268 22.67 -39.05 -7.03
C THR A 268 21.21 -38.76 -6.71
N ALA A 269 20.35 -38.86 -7.72
CA ALA A 269 18.92 -38.66 -7.55
C ALA A 269 18.17 -39.98 -7.47
N HIS A 270 18.64 -41.01 -8.16
CA HIS A 270 18.00 -42.32 -8.17
C HIS A 270 19.10 -43.33 -7.84
N ALA A 271 19.18 -43.73 -6.57
CA ALA A 271 20.24 -44.62 -6.13
C ALA A 271 19.92 -46.09 -6.39
N HIS A 272 18.72 -46.41 -6.87
CA HIS A 272 18.41 -47.78 -7.23
C HIS A 272 18.90 -48.13 -8.63
N ASN A 273 19.51 -47.18 -9.33
CA ASN A 273 20.15 -47.47 -10.60
C ASN A 273 21.35 -48.39 -10.40
N ARG A 274 21.63 -49.20 -11.42
CA ARG A 274 22.73 -50.16 -11.35
C ARG A 274 24.08 -49.45 -11.20
N GLY A 275 24.26 -48.34 -11.90
CA GLY A 275 25.53 -47.64 -11.87
C GLY A 275 25.88 -47.12 -10.49
N VAL A 276 24.89 -46.59 -9.77
CA VAL A 276 25.15 -46.07 -8.42
C VAL A 276 25.58 -47.19 -7.49
N LEU A 277 24.90 -48.33 -7.55
CA LEU A 277 25.28 -49.48 -6.73
C LEU A 277 26.68 -49.97 -7.07
N ASP A 278 27.01 -50.02 -8.36
CA ASP A 278 28.35 -50.42 -8.77
C ASP A 278 29.41 -49.45 -8.25
N MET A 279 29.12 -48.15 -8.32
CA MET A 279 30.05 -47.15 -7.82
C MET A 279 30.26 -47.28 -6.32
N VAL A 280 29.18 -47.52 -5.58
CA VAL A 280 29.29 -47.71 -4.13
C VAL A 280 30.14 -48.93 -3.82
N SER A 281 29.90 -50.03 -4.54
CA SER A 281 30.68 -51.24 -4.32
C SER A 281 32.15 -51.03 -4.63
N ARG A 282 32.45 -50.32 -5.73
CA ARG A 282 33.84 -50.06 -6.08
C ARG A 282 34.53 -49.19 -5.02
N LEU A 283 33.84 -48.15 -4.55
CA LEU A 283 34.43 -47.30 -3.53
C LEU A 283 34.68 -48.07 -2.23
N LYS A 284 33.72 -48.92 -1.84
CA LYS A 284 33.89 -49.69 -0.61
C LYS A 284 34.98 -50.74 -0.76
N GLN A 285 35.15 -51.30 -1.96
CA GLN A 285 36.21 -52.28 -2.18
C GLN A 285 37.58 -51.62 -2.22
N ALA A 286 37.67 -50.40 -2.74
CA ALA A 286 38.98 -49.74 -2.85
C ALA A 286 39.37 -49.07 -1.54
N VAL A 287 38.59 -48.10 -1.07
CA VAL A 287 38.98 -47.29 0.07
C VAL A 287 37.99 -47.48 1.22
N GLY A 288 37.41 -48.66 1.32
CA GLY A 288 36.41 -48.91 2.36
C GLY A 288 36.98 -48.92 3.76
N GLU A 289 38.30 -49.10 3.91
CA GLU A 289 38.93 -49.11 5.22
C GLU A 289 39.34 -47.73 5.69
N ARG A 290 39.47 -46.76 4.79
CA ARG A 290 39.90 -45.41 5.13
C ARG A 290 38.73 -44.45 5.28
N VAL A 291 37.75 -44.52 4.38
CA VAL A 291 36.64 -43.58 4.36
C VAL A 291 35.34 -44.37 4.54
N ASP A 292 34.26 -43.64 4.81
CA ASP A 292 32.92 -44.19 4.90
C ASP A 292 32.14 -43.78 3.65
N VAL A 293 31.37 -44.70 3.09
CA VAL A 293 30.61 -44.45 1.87
C VAL A 293 29.14 -44.39 2.21
N VAL A 294 28.48 -43.30 1.81
CA VAL A 294 27.05 -43.12 2.04
C VAL A 294 26.36 -43.13 0.68
N GLY A 295 25.35 -43.99 0.54
CA GLY A 295 24.66 -44.09 -0.74
C GLY A 295 23.76 -42.91 -1.03
N GLY A 296 23.36 -42.82 -2.31
CA GLY A 296 22.52 -41.75 -2.78
C GLY A 296 21.11 -41.84 -2.22
N ASN A 297 20.22 -41.05 -2.81
CA ASN A 297 18.86 -40.91 -2.31
C ASN A 297 17.97 -42.05 -2.78
N VAL A 298 17.23 -42.64 -1.84
CA VAL A 298 16.29 -43.72 -2.10
C VAL A 298 14.95 -43.33 -1.49
N ALA A 299 13.90 -44.02 -1.92
CA ALA A 299 12.56 -43.76 -1.41
C ALA A 299 11.74 -45.00 -1.12
N THR A 300 12.29 -46.21 -1.28
CA THR A 300 11.56 -47.44 -1.04
C THR A 300 12.40 -48.39 -0.22
N ARG A 301 11.73 -49.41 0.32
CA ARG A 301 12.43 -50.44 1.09
C ARG A 301 13.39 -51.23 0.21
N ALA A 302 12.98 -51.54 -1.02
CA ALA A 302 13.83 -52.34 -1.90
C ALA A 302 15.11 -51.60 -2.25
N ALA A 303 15.03 -50.29 -2.51
CA ALA A 303 16.22 -49.52 -2.83
C ALA A 303 17.17 -49.45 -1.64
N ALA A 304 16.65 -49.25 -0.44
CA ALA A 304 17.49 -49.24 0.74
C ALA A 304 18.15 -50.58 0.98
N ALA A 305 17.41 -51.68 0.77
CA ALA A 305 17.99 -53.00 0.91
C ALA A 305 19.09 -53.23 -0.12
N ALA A 306 18.88 -52.77 -1.36
CA ALA A 306 19.91 -52.90 -2.38
C ALA A 306 21.16 -52.09 -2.03
N LEU A 307 20.98 -50.88 -1.50
CA LEU A 307 22.13 -50.08 -1.10
C LEU A 307 22.88 -50.73 0.05
N VAL A 308 22.16 -51.31 1.02
CA VAL A 308 22.82 -52.00 2.12
C VAL A 308 23.59 -53.21 1.60
N GLU A 309 22.97 -53.97 0.69
CA GLU A 309 23.63 -55.13 0.11
C GLU A 309 24.89 -54.73 -0.66
N ALA A 310 24.85 -53.58 -1.35
CA ALA A 310 26.01 -53.11 -2.08
C ALA A 310 27.17 -52.75 -1.16
N GLY A 311 26.92 -52.51 0.12
CA GLY A 311 27.98 -52.22 1.05
C GLY A 311 28.05 -50.76 1.48
N ALA A 312 26.90 -50.12 1.60
CA ALA A 312 26.85 -48.73 2.04
C ALA A 312 26.97 -48.63 3.55
N ASP A 313 27.70 -47.62 4.01
CA ASP A 313 27.80 -47.36 5.45
C ASP A 313 26.61 -46.57 5.98
N ALA A 314 25.92 -45.81 5.12
CA ALA A 314 24.72 -45.09 5.50
C ALA A 314 23.84 -44.92 4.26
N VAL A 315 22.56 -44.70 4.51
CA VAL A 315 21.58 -44.60 3.43
C VAL A 315 20.84 -43.28 3.55
N LYS A 316 20.83 -42.50 2.47
CA LYS A 316 20.10 -41.23 2.45
C LYS A 316 18.72 -41.46 1.84
N VAL A 317 17.72 -40.80 2.39
CA VAL A 317 16.33 -40.98 2.01
C VAL A 317 15.74 -39.63 1.59
N GLY A 318 15.01 -39.66 0.47
CA GLY A 318 14.24 -38.54 -0.03
C GLY A 318 14.43 -38.31 -1.51
N VAL A 319 13.32 -38.34 -2.25
CA VAL A 319 13.32 -38.11 -3.69
C VAL A 319 12.15 -37.17 -4.00
N GLY A 320 12.43 -35.87 -4.05
CA GLY A 320 11.39 -34.91 -4.29
C GLY A 320 11.07 -33.89 -3.20
N PRO A 321 11.22 -34.24 -1.90
CA PRO A 321 10.76 -33.32 -0.86
C PRO A 321 11.47 -31.98 -0.80
N GLY A 322 12.61 -31.84 -1.48
CA GLY A 322 13.39 -30.61 -1.41
C GLY A 322 12.59 -29.35 -1.69
N SER A 323 12.87 -28.29 -0.94
CA SER A 323 12.13 -27.05 -1.10
C SER A 323 12.30 -26.43 -2.48
N ILE A 324 13.39 -26.76 -3.17
CA ILE A 324 13.66 -26.22 -4.50
C ILE A 324 13.46 -27.24 -5.60
N CYS A 325 13.09 -28.47 -5.26
CA CYS A 325 12.97 -29.53 -6.26
C CYS A 325 11.69 -29.39 -7.07
N THR A 326 11.75 -29.89 -8.31
CA THR A 326 10.57 -30.04 -9.16
C THR A 326 10.47 -31.46 -9.73
N THR A 327 11.15 -32.42 -9.11
CA THR A 327 11.13 -33.79 -9.63
C THR A 327 9.73 -34.39 -9.60
N ARG A 328 8.97 -34.12 -8.54
CA ARG A 328 7.62 -34.66 -8.42
C ARG A 328 6.64 -34.00 -9.38
N VAL A 329 7.02 -32.89 -10.02
CA VAL A 329 6.18 -32.22 -10.99
C VAL A 329 6.66 -32.46 -12.41
N VAL A 330 7.98 -32.36 -12.64
CA VAL A 330 8.52 -32.59 -13.98
C VAL A 330 8.41 -34.06 -14.36
N ALA A 331 8.73 -34.96 -13.43
CA ALA A 331 8.66 -36.39 -13.69
C ALA A 331 7.51 -37.09 -12.98
N GLY A 332 6.91 -36.45 -11.98
CA GLY A 332 5.83 -37.09 -11.24
C GLY A 332 6.26 -38.32 -10.47
N VAL A 333 7.48 -38.33 -9.93
CA VAL A 333 8.05 -39.48 -9.25
C VAL A 333 8.52 -39.05 -7.87
N GLY A 334 8.18 -39.84 -6.86
CA GLY A 334 8.64 -39.56 -5.52
C GLY A 334 7.86 -40.37 -4.50
N ALA A 335 8.01 -39.97 -3.24
CA ALA A 335 7.29 -40.58 -2.13
C ALA A 335 7.30 -39.61 -0.96
N PRO A 336 6.24 -39.56 -0.16
CA PRO A 336 6.26 -38.70 1.03
C PRO A 336 7.31 -39.16 2.03
N GLN A 337 7.84 -38.19 2.78
CA GLN A 337 9.09 -38.40 3.50
C GLN A 337 8.93 -39.34 4.69
N ILE A 338 7.82 -39.24 5.44
CA ILE A 338 7.67 -40.07 6.64
C ILE A 338 7.56 -41.53 6.26
N THR A 339 6.74 -41.85 5.26
CA THR A 339 6.58 -43.22 4.80
C THR A 339 7.89 -43.75 4.22
N ALA A 340 8.61 -42.92 3.47
CA ALA A 340 9.89 -43.33 2.91
C ALA A 340 10.90 -43.64 4.01
N ILE A 341 10.96 -42.81 5.05
CA ILE A 341 11.87 -43.06 6.16
C ILE A 341 11.51 -44.36 6.87
N LEU A 342 10.21 -44.58 7.12
CA LEU A 342 9.80 -45.82 7.77
C LEU A 342 10.17 -47.03 6.94
N GLU A 343 9.93 -46.97 5.62
CA GLU A 343 10.25 -48.10 4.76
C GLU A 343 11.76 -48.36 4.70
N ALA A 344 12.57 -47.30 4.65
CA ALA A 344 14.01 -47.48 4.59
C ALA A 344 14.57 -48.00 5.91
N VAL A 345 14.00 -47.54 7.03
CA VAL A 345 14.43 -48.06 8.33
C VAL A 345 14.05 -49.52 8.47
N ALA A 346 12.92 -49.93 7.92
CA ALA A 346 12.52 -51.34 7.95
C ALA A 346 13.52 -52.24 7.25
N ALA A 347 14.38 -51.68 6.39
CA ALA A 347 15.40 -52.46 5.70
C ALA A 347 16.80 -52.22 6.23
N CYS A 348 17.05 -51.08 6.87
CA CYS A 348 18.39 -50.74 7.33
C CYS A 348 18.62 -51.04 8.81
N LYS A 349 17.60 -50.92 9.66
CA LYS A 349 17.79 -51.17 11.08
C LYS A 349 18.26 -52.58 11.42
N PRO A 350 17.74 -53.66 10.82
CA PRO A 350 18.23 -55.00 11.18
C PRO A 350 19.71 -55.20 10.91
N TYR A 351 20.31 -54.42 10.02
CA TYR A 351 21.74 -54.52 9.72
C TYR A 351 22.55 -53.39 10.34
N GLY A 352 21.93 -52.54 11.15
CA GLY A 352 22.65 -51.49 11.83
C GLY A 352 23.17 -50.38 10.95
N VAL A 353 22.55 -50.15 9.79
CA VAL A 353 22.99 -49.11 8.87
C VAL A 353 22.17 -47.85 9.16
N PRO A 354 22.80 -46.72 9.47
CA PRO A 354 22.05 -45.49 9.73
C PRO A 354 21.35 -44.96 8.49
N VAL A 355 20.30 -44.18 8.75
CA VAL A 355 19.48 -43.57 7.71
C VAL A 355 19.49 -42.06 7.93
N ILE A 356 19.74 -41.32 6.85
CA ILE A 356 19.80 -39.86 6.87
C ILE A 356 18.59 -39.34 6.11
N ALA A 357 17.80 -38.47 6.76
CA ALA A 357 16.64 -37.87 6.13
C ALA A 357 17.05 -36.57 5.44
N ASP A 358 16.91 -36.52 4.11
CA ASP A 358 17.40 -35.39 3.33
C ASP A 358 16.23 -34.73 2.63
N GLY A 359 16.05 -33.44 2.89
CA GLY A 359 15.08 -32.61 2.19
C GLY A 359 13.75 -32.53 2.91
N GLY A 360 13.09 -31.38 2.74
CA GLY A 360 11.74 -31.19 3.21
C GLY A 360 11.57 -30.75 4.65
N LEU A 361 12.67 -30.46 5.35
CA LEU A 361 12.61 -30.07 6.76
C LEU A 361 12.61 -28.56 6.87
N GLN A 362 11.56 -28.01 7.50
CA GLN A 362 11.41 -26.58 7.67
C GLN A 362 11.37 -26.11 9.12
N TYR A 363 11.11 -27.01 10.07
CA TYR A 363 11.07 -26.65 11.48
C TYR A 363 11.79 -27.73 12.27
N SER A 364 12.17 -27.39 13.50
CA SER A 364 12.81 -28.36 14.38
C SER A 364 11.86 -29.51 14.72
N GLY A 365 10.55 -29.24 14.71
CA GLY A 365 9.58 -30.32 14.86
C GLY A 365 9.67 -31.33 13.75
N ASP A 366 9.98 -30.89 12.53
CA ASP A 366 10.21 -31.83 11.43
C ASP A 366 11.42 -32.71 11.70
N ILE A 367 12.49 -32.13 12.27
CA ILE A 367 13.66 -32.93 12.62
C ILE A 367 13.31 -33.97 13.67
N ALA A 368 12.54 -33.56 14.69
CA ALA A 368 12.11 -34.51 15.71
C ALA A 368 11.26 -35.62 15.13
N LYS A 369 10.33 -35.27 14.22
CA LYS A 369 9.50 -36.28 13.58
C LYS A 369 10.33 -37.24 12.75
N ALA A 370 11.30 -36.72 12.00
CA ALA A 370 12.15 -37.57 11.18
C ALA A 370 12.97 -38.53 12.04
N LEU A 371 13.50 -38.03 13.16
CA LEU A 371 14.24 -38.91 14.06
C LEU A 371 13.32 -39.97 14.67
N ALA A 372 12.08 -39.59 15.02
CA ALA A 372 11.16 -40.55 15.59
C ALA A 372 10.71 -41.59 14.57
N ALA A 373 10.70 -41.24 13.28
CA ALA A 373 10.34 -42.21 12.26
C ALA A 373 11.41 -43.27 12.07
N GLY A 374 12.63 -43.03 12.53
CA GLY A 374 13.68 -44.02 12.45
C GLY A 374 15.01 -43.49 11.93
N ALA A 375 14.99 -42.28 11.38
CA ALA A 375 16.22 -41.68 10.88
C ALA A 375 17.15 -41.33 12.04
N SER A 376 18.45 -41.32 11.76
CA SER A 376 19.45 -40.98 12.76
C SER A 376 19.99 -39.57 12.62
N THR A 377 20.04 -39.04 11.39
CA THR A 377 20.47 -37.68 11.16
C THR A 377 19.55 -37.04 10.13
N ALA A 378 19.61 -35.71 10.05
CA ALA A 378 18.81 -34.94 9.11
C ALA A 378 19.72 -33.97 8.38
N MET A 379 19.75 -34.07 7.05
CA MET A 379 20.51 -33.15 6.22
C MET A 379 19.66 -31.94 5.90
N LEU A 380 20.25 -30.75 6.04
CA LEU A 380 19.50 -29.50 5.94
C LEU A 380 19.95 -28.70 4.72
N GLY A 381 18.96 -28.12 4.04
CA GLY A 381 19.18 -27.28 2.88
C GLY A 381 18.85 -25.83 3.16
N SER A 382 17.63 -25.41 2.79
CA SER A 382 17.22 -24.02 2.94
C SER A 382 17.37 -23.51 4.36
N LEU A 383 17.27 -24.39 5.36
CA LEU A 383 17.41 -23.95 6.75
C LEU A 383 18.79 -23.38 7.02
N LEU A 384 19.80 -23.80 6.26
CA LEU A 384 21.16 -23.32 6.42
C LEU A 384 21.63 -22.46 5.25
N ALA A 385 20.78 -22.25 4.24
CA ALA A 385 21.17 -21.49 3.06
C ALA A 385 21.08 -19.98 3.26
N GLY A 386 20.41 -19.52 4.32
CA GLY A 386 20.28 -18.11 4.60
C GLY A 386 21.19 -17.58 5.68
N THR A 387 22.17 -18.37 6.13
CA THR A 387 23.07 -17.95 7.18
C THR A 387 24.30 -17.26 6.59
N ALA A 388 25.01 -16.53 7.45
CA ALA A 388 26.17 -15.77 7.00
C ALA A 388 27.30 -16.68 6.52
N GLU A 389 27.38 -17.90 7.04
CA GLU A 389 28.45 -18.82 6.67
C GLU A 389 28.19 -19.53 5.34
N SER A 390 26.98 -19.46 4.81
CA SER A 390 26.71 -20.06 3.51
C SER A 390 27.37 -19.25 2.41
N PRO A 391 27.88 -19.89 1.37
CA PRO A 391 28.49 -19.14 0.27
C PRO A 391 27.48 -18.27 -0.47
N GLY A 392 27.97 -17.15 -0.98
CA GLY A 392 27.14 -16.19 -1.67
C GLY A 392 27.24 -14.81 -1.05
N GLU A 393 26.48 -13.89 -1.63
CA GLU A 393 26.51 -12.48 -1.24
C GLU A 393 25.15 -12.04 -0.74
N LEU A 394 25.17 -11.03 0.13
CA LEU A 394 23.94 -10.44 0.62
C LEU A 394 23.21 -9.70 -0.49
N ILE A 395 21.89 -9.70 -0.42
CA ILE A 395 21.03 -9.04 -1.41
C ILE A 395 20.01 -8.19 -0.65
N PHE A 396 19.80 -6.96 -1.11
CA PHE A 396 18.91 -6.01 -0.47
C PHE A 396 17.71 -5.78 -1.37
N VAL A 397 16.51 -6.01 -0.81
CA VAL A 397 15.26 -5.79 -1.52
C VAL A 397 14.29 -5.12 -0.56
N ASN A 398 14.00 -3.84 -0.80
CA ASN A 398 13.04 -3.07 0.01
C ASN A 398 13.43 -3.10 1.48
N GLY A 399 14.72 -2.89 1.74
CA GLY A 399 15.19 -2.81 3.09
C GLY A 399 15.29 -4.14 3.79
N LYS A 400 15.23 -5.25 3.07
CA LYS A 400 15.32 -6.56 3.69
C LYS A 400 16.40 -7.40 3.01
N GLN A 401 16.99 -8.30 3.78
CA GLN A 401 18.18 -9.04 3.37
C GLN A 401 17.79 -10.45 2.94
N PHE A 402 18.23 -10.84 1.75
CA PHE A 402 18.02 -12.18 1.20
C PHE A 402 19.33 -12.67 0.61
N LYS A 403 19.38 -13.96 0.29
CA LYS A 403 20.52 -14.48 -0.46
C LYS A 403 20.07 -15.67 -1.32
N SER A 404 20.86 -15.95 -2.34
CA SER A 404 20.48 -16.92 -3.37
C SER A 404 20.43 -18.33 -2.81
N TYR A 405 19.47 -19.10 -3.32
CA TYR A 405 19.37 -20.53 -3.03
C TYR A 405 18.80 -21.21 -4.27
N ARG A 406 19.56 -22.12 -4.87
CA ARG A 406 19.14 -22.78 -6.09
C ARG A 406 19.42 -24.27 -5.96
N GLY A 407 18.65 -25.06 -6.70
CA GLY A 407 18.86 -26.49 -6.70
C GLY A 407 20.05 -26.90 -7.54
N MET A 408 20.58 -28.10 -7.25
CA MET A 408 21.72 -28.60 -8.00
C MET A 408 21.32 -29.06 -9.38
N GLY A 409 20.08 -29.49 -9.56
CA GLY A 409 19.54 -29.84 -10.86
C GLY A 409 18.88 -28.69 -11.58
N SER A 410 19.02 -27.47 -11.08
CA SER A 410 18.47 -26.31 -11.74
C SER A 410 19.25 -26.02 -13.03
N LEU A 411 18.69 -25.13 -13.85
CA LEU A 411 19.29 -24.84 -15.14
C LEU A 411 20.66 -24.18 -14.97
N GLY A 412 20.76 -23.16 -14.12
CA GLY A 412 22.03 -22.51 -13.90
C GLY A 412 23.06 -23.41 -13.26
N ALA A 413 22.62 -24.29 -12.36
CA ALA A 413 23.56 -25.16 -11.64
C ALA A 413 24.16 -26.21 -12.55
N MET A 414 23.43 -26.66 -13.57
CA MET A 414 23.94 -27.67 -14.49
C MET A 414 24.61 -27.07 -15.71
N GLN A 415 24.79 -25.75 -15.74
CA GLN A 415 25.50 -25.10 -16.83
C GLN A 415 26.95 -24.80 -16.42
N LEU A 439 18.35 -29.05 -22.24
CA LEU A 439 18.40 -29.59 -20.89
C LEU A 439 17.04 -29.56 -20.21
N VAL A 440 16.79 -30.54 -19.35
CA VAL A 440 15.54 -30.61 -18.60
C VAL A 440 15.87 -30.50 -17.11
N PRO A 441 15.81 -29.30 -16.53
CA PRO A 441 16.16 -29.16 -15.12
C PRO A 441 15.10 -29.76 -14.21
N GLU A 442 15.54 -30.13 -13.01
CA GLU A 442 14.67 -30.64 -11.97
C GLU A 442 14.79 -29.82 -10.69
N GLY A 443 15.05 -28.52 -10.84
CA GLY A 443 15.15 -27.61 -9.71
C GLY A 443 14.89 -26.20 -10.19
N ILE A 444 14.85 -25.28 -9.23
CA ILE A 444 14.57 -23.87 -9.50
C ILE A 444 15.59 -23.00 -8.78
N GLU A 445 15.61 -21.72 -9.16
CA GLU A 445 16.48 -20.72 -8.56
C GLU A 445 15.63 -19.70 -7.82
N GLY A 446 16.02 -19.36 -6.60
CA GLY A 446 15.28 -18.38 -5.84
C GLY A 446 16.16 -17.77 -4.78
N ARG A 447 15.54 -17.09 -3.82
CA ARG A 447 16.28 -16.49 -2.73
C ARG A 447 15.54 -16.72 -1.43
N VAL A 448 16.28 -16.74 -0.33
CA VAL A 448 15.71 -16.98 0.99
C VAL A 448 16.10 -15.82 1.90
N PRO A 449 15.28 -15.49 2.90
CA PRO A 449 15.63 -14.39 3.81
C PRO A 449 16.90 -14.69 4.61
N PHE A 450 17.68 -13.63 4.83
CA PHE A 450 18.94 -13.76 5.57
C PHE A 450 18.64 -14.02 7.05
N ARG A 451 19.43 -14.90 7.65
CA ARG A 451 19.21 -15.32 9.03
C ARG A 451 20.29 -14.83 9.99
N GLY A 452 21.56 -15.10 9.70
CA GLY A 452 22.64 -14.69 10.57
C GLY A 452 23.64 -15.79 10.82
N PRO A 453 24.24 -15.79 12.02
CA PRO A 453 25.25 -16.80 12.33
C PRO A 453 24.66 -18.21 12.38
N LEU A 454 25.48 -19.19 11.99
CA LEU A 454 25.03 -20.58 11.98
C LEU A 454 24.80 -21.10 13.39
N GLY A 455 25.60 -20.65 14.35
CA GLY A 455 25.49 -21.17 15.71
C GLY A 455 24.12 -20.93 16.32
N THR A 456 23.55 -19.75 16.11
CA THR A 456 22.23 -19.45 16.64
C THR A 456 21.16 -20.38 16.04
N VAL A 457 21.23 -20.60 14.72
CA VAL A 457 20.27 -21.47 14.06
C VAL A 457 20.38 -22.89 14.59
N ILE A 458 21.61 -23.39 14.71
CA ILE A 458 21.82 -24.75 15.20
C ILE A 458 21.35 -24.87 16.64
N HIS A 459 21.58 -23.83 17.45
CA HIS A 459 21.14 -23.86 18.85
C HIS A 459 19.62 -23.89 18.94
N GLN A 460 18.93 -23.10 18.11
CA GLN A 460 17.48 -23.12 18.12
C GLN A 460 16.94 -24.50 17.70
N LEU A 461 17.51 -25.07 16.66
CA LEU A 461 17.06 -26.39 16.21
C LEU A 461 17.29 -27.45 17.28
N THR A 462 18.46 -27.42 17.92
CA THR A 462 18.76 -28.38 18.97
C THR A 462 17.88 -28.17 20.19
N GLY A 463 17.51 -26.92 20.50
CA GLY A 463 16.58 -26.68 21.58
C GLY A 463 15.21 -27.25 21.30
N GLY A 464 14.72 -27.10 20.06
CA GLY A 464 13.47 -27.73 19.70
C GLY A 464 13.53 -29.24 19.80
N LEU A 465 14.63 -29.83 19.33
CA LEU A 465 14.79 -31.29 19.43
C LEU A 465 14.83 -31.74 20.89
N ARG A 466 15.52 -31.00 21.74
CA ARG A 466 15.58 -31.34 23.16
C ARG A 466 14.20 -31.24 23.80
N ALA A 467 13.43 -30.23 23.42
CA ALA A 467 12.05 -30.13 23.93
C ALA A 467 11.23 -31.34 23.52
N ALA A 468 11.37 -31.78 22.26
CA ALA A 468 10.65 -32.96 21.81
C ALA A 468 11.08 -34.20 22.59
N MET A 469 12.39 -34.35 22.83
CA MET A 469 12.89 -35.49 23.60
C MET A 469 12.34 -35.47 25.02
N GLY A 470 12.26 -34.29 25.63
CA GLY A 470 11.65 -34.19 26.95
C GLY A 470 10.18 -34.54 26.94
N TYR A 471 9.45 -34.11 25.90
CA TYR A 471 8.03 -34.43 25.81
C TYR A 471 7.80 -35.93 25.70
N THR A 472 8.61 -36.61 24.89
CA THR A 472 8.41 -38.03 24.65
C THR A 472 9.09 -38.92 25.70
N GLY A 473 9.80 -38.32 26.65
CA GLY A 473 10.53 -39.11 27.64
C GLY A 473 11.67 -39.92 27.05
N SER A 474 12.40 -39.34 26.09
CA SER A 474 13.49 -40.03 25.41
C SER A 474 14.81 -39.50 25.96
N ALA A 475 15.53 -40.34 26.70
CA ALA A 475 16.82 -39.93 27.22
C ALA A 475 17.84 -39.76 26.10
N THR A 476 17.81 -40.66 25.11
CA THR A 476 18.73 -40.63 23.98
C THR A 476 17.94 -40.65 22.68
N ILE A 477 18.64 -40.40 21.57
CA ILE A 477 18.02 -40.47 20.26
C ILE A 477 17.52 -41.88 19.99
N GLU A 478 18.22 -42.89 20.49
CA GLU A 478 17.77 -44.27 20.34
C GLU A 478 16.42 -44.48 21.01
N GLN A 479 16.15 -43.76 22.11
CA GLN A 479 14.84 -43.85 22.73
C GLN A 479 13.81 -43.00 22.00
N LEU A 480 14.26 -41.94 21.32
CA LEU A 480 13.32 -41.14 20.52
C LEU A 480 12.87 -41.91 19.30
N GLN A 481 13.69 -42.83 18.81
CA GLN A 481 13.35 -43.61 17.61
C GLN A 481 12.26 -44.65 17.85
N GLN A 482 11.66 -44.69 19.05
CA GLN A 482 10.55 -45.57 19.34
C GLN A 482 9.28 -44.82 19.73
N ALA A 483 9.25 -43.50 19.55
CA ALA A 483 8.06 -42.74 19.85
C ALA A 483 6.96 -43.01 18.82
N GLN A 484 5.72 -42.88 19.26
CA GLN A 484 4.56 -43.15 18.43
C GLN A 484 4.05 -41.87 17.77
N PHE A 485 3.27 -42.05 16.70
CA PHE A 485 2.70 -40.95 15.94
C PHE A 485 1.19 -40.97 16.05
N VAL A 486 0.60 -39.80 15.81
CA VAL A 486 -0.85 -39.66 15.62
C VAL A 486 -1.06 -38.93 14.29
N GLN A 487 -1.91 -39.50 13.44
CA GLN A 487 -2.20 -38.89 12.16
C GLN A 487 -3.27 -37.80 12.31
N ILE A 488 -3.05 -36.68 11.63
CA ILE A 488 -3.93 -35.53 11.74
C ILE A 488 -4.47 -35.17 10.36
N THR A 489 -5.57 -34.41 10.36
CA THR A 489 -6.19 -33.93 9.14
C THR A 489 -5.72 -32.50 8.85
N ALA A 490 -6.30 -31.90 7.82
CA ALA A 490 -5.96 -30.52 7.48
C ALA A 490 -6.34 -29.56 8.60
N ALA A 491 -7.49 -29.79 9.23
CA ALA A 491 -7.89 -28.98 10.37
C ALA A 491 -6.92 -29.13 11.53
N GLY A 492 -6.41 -30.36 11.73
CA GLY A 492 -5.39 -30.55 12.76
C GLY A 492 -4.12 -29.78 12.47
N LEU A 493 -3.72 -29.72 11.20
CA LEU A 493 -2.54 -28.94 10.84
C LEU A 493 -2.78 -27.45 11.04
N LYS A 494 -3.98 -26.97 10.72
CA LYS A 494 -4.31 -25.57 10.97
C LYS A 494 -4.30 -25.27 12.47
N GLU A 495 -4.72 -26.23 13.28
CA GLU A 495 -4.72 -26.04 14.73
C GLU A 495 -3.31 -26.09 15.30
N SER A 496 -2.41 -26.85 14.68
CA SER A 496 -1.05 -26.96 15.19
C SER A 496 -0.30 -25.64 15.09
N HIS A 497 -0.49 -24.91 13.99
CA HIS A 497 0.12 -23.60 13.82
C HIS A 497 -0.66 -22.55 14.59
N PRO A 498 -0.03 -21.41 14.90
CA PRO A 498 -0.78 -20.30 15.51
C PRO A 498 -1.92 -19.86 14.59
N HIS A 499 -3.07 -19.56 15.19
CA HIS A 499 -4.27 -19.25 14.44
C HIS A 499 -5.06 -18.18 15.17
N ASP A 500 -5.87 -17.45 14.40
CA ASP A 500 -6.73 -16.39 14.93
C ASP A 500 -5.93 -15.38 15.76
N ILE A 501 -4.76 -15.02 15.25
CA ILE A 501 -3.86 -14.10 15.94
C ILE A 501 -3.07 -13.32 14.89
N THR A 502 -2.73 -12.08 15.22
CA THR A 502 -1.92 -11.22 14.36
C THR A 502 -0.58 -11.03 15.07
N MET A 503 0.38 -11.89 14.75
CA MET A 503 1.69 -11.81 15.39
C MET A 503 2.37 -10.50 15.05
N THR A 504 2.88 -9.82 16.09
CA THR A 504 3.46 -8.50 15.94
C THR A 504 4.98 -8.47 16.05
N VAL A 505 5.59 -9.47 16.69
CA VAL A 505 7.04 -9.55 16.82
C VAL A 505 7.46 -10.98 16.50
N GLU A 506 8.46 -11.12 15.64
CA GLU A 506 8.91 -12.46 15.24
C GLU A 506 9.67 -13.15 16.37
N ALA A 507 9.33 -14.40 16.61
CA ALA A 507 10.03 -15.20 17.59
C ALA A 507 11.31 -15.77 16.98
N PRO A 508 12.29 -16.11 17.81
CA PRO A 508 13.55 -16.66 17.26
C PRO A 508 13.37 -17.96 16.49
N ASN A 509 12.36 -18.78 16.85
CA ASN A 509 12.24 -20.12 16.28
C ASN A 509 11.00 -20.31 15.42
N TYR A 510 10.19 -19.29 15.21
CA TYR A 510 9.01 -19.43 14.37
C TYR A 510 8.89 -18.24 13.42
N TYR A 511 8.56 -18.53 12.17
CA TYR A 511 8.31 -17.52 11.16
C TYR A 511 6.91 -17.73 10.58
N THR A 512 6.19 -16.63 10.37
CA THR A 512 4.85 -16.71 9.80
C THR A 512 4.93 -16.76 8.28
N PRO B 13 -25.95 -49.43 9.12
CA PRO B 13 -26.02 -48.65 7.88
C PRO B 13 -24.67 -48.46 7.20
N VAL B 14 -24.71 -48.04 5.94
CA VAL B 14 -23.49 -47.68 5.20
C VAL B 14 -22.85 -46.46 5.85
N PRO B 15 -21.52 -46.42 6.01
CA PRO B 15 -20.90 -45.29 6.73
C PRO B 15 -21.19 -43.92 6.13
N THR B 16 -21.34 -43.81 4.81
CA THR B 16 -21.59 -42.52 4.19
C THR B 16 -23.06 -42.18 4.07
N GLY B 17 -23.96 -43.04 4.55
CA GLY B 17 -25.38 -42.75 4.53
C GLY B 17 -26.19 -43.72 3.70
N GLY B 18 -27.40 -44.02 4.16
CA GLY B 18 -28.28 -44.92 3.45
C GLY B 18 -28.03 -46.38 3.76
N ASP B 19 -28.71 -47.24 3.00
CA ASP B 19 -28.59 -48.68 3.16
C ASP B 19 -28.05 -49.37 1.91
N ASP B 20 -27.56 -48.61 0.93
CA ASP B 20 -27.09 -49.17 -0.32
C ASP B 20 -25.59 -49.02 -0.42
N PRO B 21 -24.82 -50.11 -0.30
CA PRO B 21 -23.35 -49.98 -0.39
C PRO B 21 -22.86 -49.55 -1.76
N THR B 22 -23.66 -49.68 -2.80
CA THR B 22 -23.24 -49.35 -4.16
C THR B 22 -23.71 -47.97 -4.61
N LYS B 23 -24.33 -47.19 -3.72
CA LYS B 23 -24.73 -45.84 -4.08
C LYS B 23 -23.51 -44.96 -4.39
N VAL B 24 -22.54 -44.97 -3.48
CA VAL B 24 -21.24 -44.35 -3.71
C VAL B 24 -20.30 -45.46 -4.13
N ALA B 25 -20.09 -45.60 -5.44
CA ALA B 25 -19.41 -46.78 -5.97
C ALA B 25 -17.96 -46.84 -5.53
N MET B 26 -17.21 -45.76 -5.70
CA MET B 26 -15.78 -45.81 -5.48
C MET B 26 -15.25 -44.43 -5.14
N LEU B 27 -14.04 -44.41 -4.59
CA LEU B 27 -13.29 -43.18 -4.38
C LEU B 27 -12.39 -42.95 -5.58
N GLY B 28 -12.50 -41.77 -6.19
CA GLY B 28 -11.79 -41.48 -7.42
C GLY B 28 -10.53 -40.66 -7.18
N LEU B 29 -9.45 -41.10 -7.81
CA LEU B 29 -8.16 -40.42 -7.72
C LEU B 29 -7.89 -39.66 -9.01
N THR B 30 -7.27 -38.50 -8.87
CA THR B 30 -6.86 -37.68 -9.99
C THR B 30 -5.33 -37.60 -10.03
N PHE B 31 -4.81 -36.77 -10.93
CA PHE B 31 -3.36 -36.70 -11.14
C PHE B 31 -2.63 -36.25 -9.88
N ASP B 32 -3.21 -35.31 -9.13
CA ASP B 32 -2.54 -34.76 -7.97
C ASP B 32 -2.60 -35.65 -6.74
N ASP B 33 -3.39 -36.73 -6.77
CA ASP B 33 -3.52 -37.61 -5.63
C ASP B 33 -2.45 -38.69 -5.56
N VAL B 34 -1.71 -38.92 -6.64
CA VAL B 34 -0.78 -40.04 -6.71
C VAL B 34 0.59 -39.56 -7.16
N LEU B 35 1.60 -40.32 -6.79
CA LEU B 35 2.97 -40.14 -7.26
C LEU B 35 3.49 -41.48 -7.75
N LEU B 36 4.48 -41.44 -8.63
CA LEU B 36 5.10 -42.64 -9.16
C LEU B 36 6.20 -43.12 -8.22
N LEU B 37 6.23 -44.42 -7.99
CA LEU B 37 7.24 -45.03 -7.12
C LEU B 37 8.48 -45.39 -7.94
N PRO B 38 9.66 -44.93 -7.54
CA PRO B 38 10.88 -45.38 -8.24
C PRO B 38 11.12 -46.87 -8.04
N ALA B 39 11.76 -47.48 -9.03
CA ALA B 39 12.05 -48.91 -9.02
C ALA B 39 13.50 -49.12 -9.44
N ALA B 40 13.92 -50.38 -9.45
CA ALA B 40 15.26 -50.72 -9.89
C ALA B 40 15.41 -50.39 -11.37
N SER B 41 16.39 -49.55 -11.69
CA SER B 41 16.53 -48.99 -13.03
C SER B 41 17.88 -49.34 -13.63
N ASP B 42 17.86 -49.69 -14.93
CA ASP B 42 19.06 -49.83 -15.73
C ASP B 42 18.95 -48.99 -16.99
N VAL B 43 18.14 -47.93 -16.95
CA VAL B 43 17.76 -47.16 -18.11
C VAL B 43 18.26 -45.74 -17.94
N VAL B 44 19.04 -45.27 -18.90
CA VAL B 44 19.43 -43.87 -18.98
C VAL B 44 18.25 -43.12 -19.58
N PRO B 45 17.93 -41.91 -19.11
CA PRO B 45 16.81 -41.17 -19.71
C PRO B 45 16.97 -40.93 -21.21
N ALA B 46 18.20 -40.75 -21.69
CA ALA B 46 18.42 -40.46 -23.11
C ALA B 46 18.10 -41.67 -23.98
N THR B 47 18.19 -42.88 -23.44
CA THR B 47 17.96 -44.10 -24.21
C THR B 47 16.54 -44.63 -24.08
N ALA B 48 15.65 -43.90 -23.41
CA ALA B 48 14.28 -44.35 -23.25
C ALA B 48 13.56 -44.35 -24.59
N ASP B 49 12.74 -45.37 -24.82
CA ASP B 49 11.96 -45.52 -26.04
C ASP B 49 10.54 -45.04 -25.75
N THR B 50 10.22 -43.82 -26.18
CA THR B 50 8.93 -43.20 -25.92
C THR B 50 7.92 -43.46 -27.03
N SER B 51 8.05 -44.54 -27.78
CA SER B 51 7.13 -44.86 -28.85
C SER B 51 5.96 -45.68 -28.31
N SER B 52 4.76 -45.36 -28.77
CA SER B 52 3.56 -46.01 -28.28
C SER B 52 2.54 -46.12 -29.40
N GLN B 53 1.61 -47.06 -29.24
CA GLN B 53 0.54 -47.29 -30.21
C GLN B 53 -0.57 -46.27 -29.99
N LEU B 54 -0.78 -45.38 -30.97
CA LEU B 54 -1.93 -44.50 -30.92
C LEU B 54 -3.22 -45.27 -31.20
N THR B 55 -3.20 -46.12 -32.23
CA THR B 55 -4.32 -47.00 -32.53
C THR B 55 -3.81 -48.43 -32.64
N LYS B 56 -4.64 -49.35 -33.10
CA LYS B 56 -4.20 -50.72 -33.30
C LYS B 56 -3.26 -50.88 -34.49
N ARG B 57 -3.12 -49.85 -35.33
CA ARG B 57 -2.24 -49.91 -36.48
C ARG B 57 -1.29 -48.73 -36.60
N ILE B 58 -1.48 -47.66 -35.85
CA ILE B 58 -0.63 -46.47 -35.94
C ILE B 58 0.21 -46.37 -34.68
N ARG B 59 1.51 -46.21 -34.86
CA ARG B 59 2.46 -46.06 -33.76
C ARG B 59 3.18 -44.73 -33.90
N LEU B 60 3.21 -43.95 -32.83
CA LEU B 60 3.84 -42.64 -32.82
C LEU B 60 5.18 -42.69 -32.10
N ARG B 61 6.12 -41.86 -32.57
CA ARG B 61 7.41 -41.77 -31.89
C ARG B 61 7.28 -41.06 -30.56
N VAL B 62 6.42 -40.04 -30.49
CA VAL B 62 6.11 -39.32 -29.27
C VAL B 62 4.60 -39.47 -29.02
N PRO B 63 4.18 -39.99 -27.86
CA PRO B 63 2.77 -40.31 -27.65
C PRO B 63 1.90 -39.12 -27.23
N LEU B 64 1.98 -38.04 -28.03
CA LEU B 64 1.22 -36.82 -27.75
C LEU B 64 0.39 -36.45 -28.97
N VAL B 65 -0.89 -36.17 -28.73
CA VAL B 65 -1.83 -35.81 -29.78
C VAL B 65 -2.46 -34.46 -29.44
N SER B 66 -2.57 -33.59 -30.43
CA SER B 66 -3.16 -32.28 -30.23
C SER B 66 -4.68 -32.38 -30.13
N SER B 67 -5.27 -31.48 -29.36
CA SER B 67 -6.71 -31.49 -29.14
C SER B 67 -7.46 -30.98 -30.36
N ALA B 68 -8.64 -31.57 -30.59
CA ALA B 68 -9.51 -31.18 -31.70
C ALA B 68 -10.36 -29.98 -31.28
N MET B 69 -9.69 -28.84 -31.13
CA MET B 69 -10.33 -27.61 -30.69
C MET B 69 -9.98 -26.48 -31.65
N ASP B 70 -10.93 -25.56 -31.81
CA ASP B 70 -10.80 -24.47 -32.77
C ASP B 70 -9.70 -23.47 -32.43
N THR B 71 -9.13 -23.52 -31.22
CA THR B 71 -8.03 -22.64 -30.86
C THR B 71 -6.77 -23.42 -30.50
N VAL B 72 -6.66 -24.66 -30.96
CA VAL B 72 -5.53 -25.51 -30.62
C VAL B 72 -4.90 -26.03 -31.92
N THR B 73 -5.68 -26.78 -32.69
CA THR B 73 -5.16 -27.53 -33.82
C THR B 73 -5.78 -27.05 -35.12
N GLU B 74 -4.93 -26.69 -36.08
CA GLU B 74 -5.33 -26.44 -37.45
C GLU B 74 -4.21 -26.99 -38.33
N SER B 75 -4.18 -26.59 -39.60
CA SER B 75 -3.22 -27.17 -40.54
C SER B 75 -1.79 -26.98 -40.07
N ARG B 76 -1.45 -25.77 -39.60
CA ARG B 76 -0.10 -25.53 -39.12
C ARG B 76 0.22 -26.38 -37.90
N MET B 77 -0.69 -26.41 -36.93
CA MET B 77 -0.47 -27.20 -35.72
C MET B 77 -0.43 -28.69 -36.04
N ALA B 78 -1.30 -29.15 -36.95
CA ALA B 78 -1.27 -30.56 -37.32
C ALA B 78 0.04 -30.94 -37.98
N ILE B 79 0.54 -30.07 -38.87
CA ILE B 79 1.82 -30.33 -39.52
C ILE B 79 2.95 -30.35 -38.50
N ALA B 80 2.94 -29.39 -37.58
CA ALA B 80 3.99 -29.34 -36.56
C ALA B 80 3.96 -30.56 -35.66
N MET B 81 2.77 -31.00 -35.26
CA MET B 81 2.66 -32.18 -34.39
C MET B 81 3.08 -33.44 -35.12
N ALA B 82 2.73 -33.54 -36.41
CA ALA B 82 3.18 -34.70 -37.19
C ALA B 82 4.70 -34.69 -37.38
N ARG B 83 5.29 -33.50 -37.50
CA ARG B 83 6.73 -33.41 -37.65
C ARG B 83 7.47 -33.74 -36.35
N ALA B 84 6.88 -33.35 -35.22
CA ALA B 84 7.52 -33.56 -33.92
C ALA B 84 7.45 -35.01 -33.44
N GLY B 85 6.68 -35.87 -34.11
CA GLY B 85 6.56 -37.26 -33.75
C GLY B 85 5.19 -37.67 -33.26
N GLY B 86 4.27 -36.72 -33.10
CA GLY B 86 2.93 -37.03 -32.65
C GLY B 86 1.91 -36.95 -33.77
N MET B 87 0.75 -36.36 -33.49
CA MET B 87 -0.29 -36.20 -34.48
C MET B 87 -1.19 -35.05 -34.07
N GLY B 88 -1.87 -34.48 -35.06
CA GLY B 88 -2.85 -33.45 -34.82
C GLY B 88 -4.22 -33.88 -35.31
N VAL B 89 -5.25 -33.43 -34.61
CA VAL B 89 -6.64 -33.70 -34.98
C VAL B 89 -7.30 -32.37 -35.29
N LEU B 90 -7.73 -32.20 -36.54
CA LEU B 90 -8.40 -30.97 -36.93
C LEU B 90 -9.83 -30.96 -36.39
N HIS B 91 -10.28 -29.79 -35.97
CA HIS B 91 -11.59 -29.66 -35.35
C HIS B 91 -12.70 -29.66 -36.41
N ARG B 92 -13.93 -29.82 -35.95
CA ARG B 92 -15.10 -29.85 -36.82
C ARG B 92 -15.98 -28.63 -36.64
N ASN B 93 -15.39 -27.50 -36.22
CA ASN B 93 -16.10 -26.23 -36.13
C ASN B 93 -15.94 -25.41 -37.40
N LEU B 94 -15.74 -26.07 -38.54
CA LEU B 94 -15.55 -25.45 -39.84
C LEU B 94 -16.44 -26.13 -40.85
N PRO B 95 -16.75 -25.46 -41.95
CA PRO B 95 -17.49 -26.13 -43.03
C PRO B 95 -16.72 -27.33 -43.57
N VAL B 96 -17.47 -28.32 -44.05
CA VAL B 96 -16.87 -29.59 -44.44
C VAL B 96 -15.79 -29.38 -45.49
N ALA B 97 -16.06 -28.52 -46.47
CA ALA B 97 -15.09 -28.25 -47.52
C ALA B 97 -13.81 -27.66 -46.95
N GLU B 98 -13.93 -26.75 -45.98
CA GLU B 98 -12.75 -26.17 -45.35
C GLU B 98 -11.95 -27.21 -44.59
N GLN B 99 -12.62 -28.12 -43.90
CA GLN B 99 -11.91 -29.18 -43.19
C GLN B 99 -11.18 -30.11 -44.15
N ALA B 100 -11.83 -30.45 -45.27
CA ALA B 100 -11.16 -31.26 -46.28
C ALA B 100 -9.96 -30.52 -46.87
N GLY B 101 -10.10 -29.21 -47.06
CA GLY B 101 -8.98 -28.42 -47.54
C GLY B 101 -7.81 -28.42 -46.57
N GLN B 102 -8.10 -28.32 -45.28
CA GLN B 102 -7.04 -28.39 -44.27
C GLN B 102 -6.38 -29.76 -44.26
N VAL B 103 -7.17 -30.83 -44.42
CA VAL B 103 -6.58 -32.17 -44.51
C VAL B 103 -5.65 -32.26 -45.71
N GLU B 104 -6.08 -31.72 -46.86
CA GLU B 104 -5.24 -31.73 -48.04
C GLU B 104 -3.96 -30.92 -47.83
N THR B 105 -4.09 -29.77 -47.17
CA THR B 105 -2.93 -28.93 -46.89
C THR B 105 -1.92 -29.65 -46.02
N VAL B 106 -2.40 -30.36 -45.00
CA VAL B 106 -1.48 -31.12 -44.15
C VAL B 106 -0.84 -32.26 -44.93
N LYS B 107 -1.63 -32.98 -45.73
CA LYS B 107 -1.09 -34.13 -46.45
C LYS B 107 -0.11 -33.72 -47.55
N ARG B 108 -0.25 -32.51 -48.08
CA ARG B 108 0.63 -32.06 -49.16
C ARG B 108 2.01 -31.67 -48.65
N SER B 109 2.10 -31.11 -47.44
CA SER B 109 3.38 -30.71 -46.88
C SER B 109 4.29 -31.91 -46.63
N GLN B 225 16.31 -32.88 -40.09
CA GLN B 225 15.40 -31.85 -39.63
C GLN B 225 14.39 -32.40 -38.64
N PHE B 226 13.51 -33.28 -39.13
CA PHE B 226 12.47 -33.90 -38.31
C PHE B 226 12.55 -35.41 -38.52
N PRO B 227 13.53 -36.07 -37.91
CA PRO B 227 13.66 -37.53 -38.10
C PRO B 227 12.53 -38.34 -37.49
N LEU B 228 11.84 -37.80 -36.48
CA LEU B 228 10.80 -38.53 -35.77
C LEU B 228 9.42 -38.34 -36.39
N SER B 229 9.34 -37.68 -37.54
CA SER B 229 8.05 -37.35 -38.13
C SER B 229 7.25 -38.62 -38.45
N THR B 230 5.94 -38.53 -38.26
CA THR B 230 5.04 -39.65 -38.50
C THR B 230 4.64 -39.68 -39.97
N LYS B 231 4.77 -40.85 -40.60
CA LYS B 231 4.48 -41.00 -42.01
C LYS B 231 3.77 -42.31 -42.26
N ASP B 232 2.98 -42.34 -43.33
CA ASP B 232 2.25 -43.53 -43.73
C ASP B 232 3.07 -44.35 -44.73
N SER B 233 2.43 -45.33 -45.37
CA SER B 233 3.11 -46.14 -46.37
C SER B 233 3.50 -45.32 -47.60
N ASP B 234 2.86 -44.18 -47.82
CA ASP B 234 3.18 -43.31 -48.95
C ASP B 234 4.26 -42.28 -48.63
N GLY B 235 4.70 -42.20 -47.37
CA GLY B 235 5.70 -41.22 -46.99
C GLY B 235 5.17 -39.84 -46.68
N ARG B 236 3.86 -39.67 -46.55
CA ARG B 236 3.26 -38.39 -46.23
C ARG B 236 2.91 -38.31 -44.75
N LEU B 237 2.80 -37.07 -44.25
CA LEU B 237 2.49 -36.85 -42.85
C LEU B 237 1.10 -37.37 -42.51
N LEU B 238 0.94 -37.82 -41.27
CA LEU B 238 -0.35 -38.33 -40.80
C LEU B 238 -1.18 -37.20 -40.22
N VAL B 239 -2.48 -37.25 -40.49
CA VAL B 239 -3.42 -36.23 -40.05
C VAL B 239 -4.64 -36.95 -39.48
N GLY B 240 -5.38 -36.23 -38.62
CA GLY B 240 -6.58 -36.76 -38.03
C GLY B 240 -7.71 -35.76 -38.11
N ALA B 241 -8.93 -36.28 -38.18
CA ALA B 241 -10.11 -35.43 -38.29
C ALA B 241 -11.16 -35.87 -37.29
N ALA B 242 -11.96 -34.91 -36.83
CA ALA B 242 -13.01 -35.16 -35.85
C ALA B 242 -14.36 -34.91 -36.50
N VAL B 243 -15.30 -35.84 -36.28
CA VAL B 243 -16.66 -35.74 -36.79
C VAL B 243 -17.63 -36.00 -35.65
N GLY B 244 -18.85 -35.53 -35.83
CA GLY B 244 -19.90 -35.70 -34.83
C GLY B 244 -20.72 -36.95 -35.06
N VAL B 245 -22.00 -36.86 -34.72
CA VAL B 245 -22.95 -37.95 -34.89
C VAL B 245 -24.14 -37.44 -35.68
N GLY B 246 -24.52 -38.17 -36.73
CA GLY B 246 -25.66 -37.80 -37.54
C GLY B 246 -25.44 -37.98 -39.02
N ASP B 247 -26.43 -37.62 -39.84
CA ASP B 247 -26.29 -37.75 -41.28
C ASP B 247 -25.37 -36.67 -41.85
N ASP B 248 -25.47 -35.45 -41.34
CA ASP B 248 -24.54 -34.40 -41.73
C ASP B 248 -23.12 -34.77 -41.34
N ALA B 249 -22.95 -35.32 -40.13
CA ALA B 249 -21.64 -35.81 -39.71
C ALA B 249 -21.18 -36.97 -40.60
N TRP B 250 -22.11 -37.81 -41.06
CA TRP B 250 -21.75 -38.89 -41.97
C TRP B 250 -21.22 -38.33 -43.30
N THR B 251 -21.88 -37.30 -43.83
CA THR B 251 -21.39 -36.69 -45.07
C THR B 251 -20.03 -36.05 -44.85
N ARG B 252 -19.83 -35.38 -43.72
CA ARG B 252 -18.53 -34.81 -43.41
C ARG B 252 -17.45 -35.88 -43.32
N ALA B 253 -17.77 -37.01 -42.68
CA ALA B 253 -16.80 -38.10 -42.56
C ALA B 253 -16.46 -38.69 -43.92
N MET B 254 -17.46 -38.87 -44.79
CA MET B 254 -17.19 -39.38 -46.12
C MET B 254 -16.31 -38.43 -46.91
N THR B 255 -16.59 -37.13 -46.84
CA THR B 255 -15.76 -36.14 -47.53
C THR B 255 -14.32 -36.17 -47.00
N LEU B 256 -14.16 -36.27 -45.67
CA LEU B 256 -12.82 -36.30 -45.09
C LEU B 256 -12.07 -37.56 -45.48
N VAL B 257 -12.75 -38.71 -45.52
CA VAL B 257 -12.08 -39.95 -45.91
C VAL B 257 -11.66 -39.89 -47.37
N ASP B 258 -12.52 -39.33 -48.23
CA ASP B 258 -12.14 -39.18 -49.63
C ASP B 258 -10.94 -38.27 -49.82
N ALA B 259 -10.65 -37.39 -48.87
CA ALA B 259 -9.54 -36.45 -48.97
C ALA B 259 -8.23 -37.00 -48.40
N GLY B 260 -8.23 -38.25 -47.94
CA GLY B 260 -7.01 -38.90 -47.50
C GLY B 260 -6.76 -38.87 -46.00
N VAL B 261 -7.76 -38.53 -45.19
CA VAL B 261 -7.57 -38.57 -43.74
C VAL B 261 -7.25 -40.00 -43.30
N ASP B 262 -6.51 -40.12 -42.21
CA ASP B 262 -6.08 -41.42 -41.73
C ASP B 262 -6.86 -41.90 -40.52
N VAL B 263 -7.24 -41.02 -39.61
CA VAL B 263 -7.95 -41.41 -38.40
C VAL B 263 -9.13 -40.48 -38.19
N LEU B 264 -10.30 -41.07 -37.96
CA LEU B 264 -11.53 -40.38 -37.65
C LEU B 264 -11.79 -40.46 -36.15
N ILE B 265 -12.24 -39.35 -35.57
CA ILE B 265 -12.55 -39.29 -34.15
C ILE B 265 -14.03 -38.99 -34.02
N VAL B 266 -14.75 -39.86 -33.33
CA VAL B 266 -16.17 -39.61 -33.03
C VAL B 266 -16.16 -38.84 -31.71
N ASP B 267 -15.98 -37.52 -31.83
CA ASP B 267 -15.73 -36.58 -30.75
C ASP B 267 -17.06 -36.17 -30.12
N THR B 268 -17.45 -36.87 -29.07
CA THR B 268 -18.69 -36.61 -28.36
C THR B 268 -18.41 -36.47 -26.87
N ALA B 269 -19.32 -35.78 -26.18
CA ALA B 269 -19.15 -35.56 -24.74
C ALA B 269 -19.58 -36.78 -23.93
N HIS B 270 -20.44 -37.63 -24.48
CA HIS B 270 -20.96 -38.80 -23.78
C HIS B 270 -21.01 -39.93 -24.80
N ALA B 271 -19.97 -40.77 -24.81
CA ALA B 271 -19.84 -41.81 -25.82
C ALA B 271 -20.63 -43.07 -25.49
N HIS B 272 -21.21 -43.18 -24.29
CA HIS B 272 -22.04 -44.32 -23.97
C HIS B 272 -23.46 -44.18 -24.50
N ASN B 273 -23.77 -43.06 -25.16
CA ASN B 273 -25.04 -42.92 -25.84
C ASN B 273 -25.15 -43.91 -26.99
N ARG B 274 -26.37 -44.37 -27.25
CA ARG B 274 -26.57 -45.37 -28.30
C ARG B 274 -26.26 -44.81 -29.68
N GLY B 275 -26.52 -43.53 -29.91
CA GLY B 275 -26.25 -42.94 -31.21
C GLY B 275 -24.77 -42.92 -31.54
N VAL B 276 -23.92 -42.61 -30.55
CA VAL B 276 -22.48 -42.59 -30.77
C VAL B 276 -21.97 -43.98 -31.12
N LEU B 277 -22.44 -45.00 -30.41
CA LEU B 277 -22.04 -46.36 -30.71
C LEU B 277 -22.50 -46.77 -32.10
N ASP B 278 -23.73 -46.38 -32.48
CA ASP B 278 -24.22 -46.70 -33.82
C ASP B 278 -23.36 -46.01 -34.89
N MET B 279 -22.98 -44.76 -34.66
CA MET B 279 -22.12 -44.06 -35.62
C MET B 279 -20.75 -44.72 -35.72
N VAL B 280 -20.19 -45.15 -34.59
CA VAL B 280 -18.89 -45.82 -34.62
C VAL B 280 -18.99 -47.12 -35.40
N SER B 281 -20.06 -47.89 -35.16
CA SER B 281 -20.25 -49.14 -35.90
C SER B 281 -20.43 -48.88 -37.39
N ARG B 282 -21.19 -47.84 -37.75
CA ARG B 282 -21.38 -47.51 -39.16
C ARG B 282 -20.05 -47.15 -39.82
N LEU B 283 -19.24 -46.33 -39.16
CA LEU B 283 -17.95 -45.94 -39.73
C LEU B 283 -17.03 -47.15 -39.87
N LYS B 284 -17.01 -48.02 -38.87
CA LYS B 284 -16.19 -49.22 -38.96
C LYS B 284 -16.65 -50.13 -40.09
N GLN B 285 -17.96 -50.24 -40.28
CA GLN B 285 -18.49 -51.06 -41.37
C GLN B 285 -18.15 -50.47 -42.73
N ALA B 286 -18.25 -49.15 -42.87
CA ALA B 286 -18.10 -48.53 -44.18
C ALA B 286 -16.64 -48.33 -44.56
N VAL B 287 -15.90 -47.57 -43.75
CA VAL B 287 -14.55 -47.14 -44.13
C VAL B 287 -13.51 -47.81 -43.24
N GLY B 288 -13.82 -49.02 -42.78
CA GLY B 288 -12.92 -49.70 -41.85
C GLY B 288 -11.55 -49.99 -42.46
N GLU B 289 -11.53 -50.44 -43.72
CA GLU B 289 -10.27 -50.83 -44.34
C GLU B 289 -9.34 -49.66 -44.58
N ARG B 290 -9.85 -48.43 -44.58
CA ARG B 290 -9.07 -47.28 -44.99
C ARG B 290 -8.66 -46.36 -43.85
N VAL B 291 -9.47 -46.24 -42.80
CA VAL B 291 -9.16 -45.34 -41.68
C VAL B 291 -9.33 -46.10 -40.37
N ASP B 292 -8.91 -45.45 -39.29
CA ASP B 292 -9.07 -45.94 -37.93
C ASP B 292 -10.10 -45.07 -37.21
N VAL B 293 -11.08 -45.71 -36.58
CA VAL B 293 -12.16 -45.00 -35.91
C VAL B 293 -11.90 -45.00 -34.41
N VAL B 294 -11.93 -43.82 -33.80
CA VAL B 294 -11.66 -43.66 -32.37
C VAL B 294 -12.93 -43.17 -31.71
N GLY B 295 -13.38 -43.89 -30.68
CA GLY B 295 -14.59 -43.51 -29.98
C GLY B 295 -14.44 -42.27 -29.12
N GLY B 296 -15.58 -41.67 -28.79
CA GLY B 296 -15.62 -40.46 -28.02
C GLY B 296 -15.21 -40.68 -26.58
N ASN B 297 -15.48 -39.67 -25.77
CA ASN B 297 -15.03 -39.66 -24.38
C ASN B 297 -15.88 -40.57 -23.51
N VAL B 298 -15.22 -41.43 -22.73
CA VAL B 298 -15.84 -42.29 -21.75
C VAL B 298 -15.15 -42.07 -20.41
N ALA B 299 -15.79 -42.52 -19.34
CA ALA B 299 -15.20 -42.42 -18.01
C ALA B 299 -15.41 -43.63 -17.14
N THR B 300 -16.02 -44.70 -17.64
CA THR B 300 -16.29 -45.89 -16.84
C THR B 300 -15.85 -47.14 -17.59
N ARG B 301 -15.84 -48.26 -16.86
CA ARG B 301 -15.49 -49.54 -17.47
C ARG B 301 -16.55 -50.00 -18.46
N ALA B 302 -17.82 -49.82 -18.12
CA ALA B 302 -18.90 -50.30 -18.98
C ALA B 302 -18.92 -49.54 -20.31
N ALA B 303 -18.69 -48.23 -20.27
CA ALA B 303 -18.67 -47.45 -21.51
C ALA B 303 -17.52 -47.87 -22.40
N ALA B 304 -16.35 -48.11 -21.81
CA ALA B 304 -15.21 -48.57 -22.60
C ALA B 304 -15.48 -49.94 -23.21
N ALA B 305 -16.10 -50.84 -22.43
CA ALA B 305 -16.45 -52.15 -22.97
C ALA B 305 -17.44 -52.04 -24.12
N ALA B 306 -18.44 -51.16 -23.99
CA ALA B 306 -19.40 -50.96 -25.06
C ALA B 306 -18.74 -50.41 -26.31
N LEU B 307 -17.82 -49.46 -26.14
CA LEU B 307 -17.10 -48.91 -27.29
C LEU B 307 -16.25 -49.97 -27.95
N VAL B 308 -15.58 -50.82 -27.17
CA VAL B 308 -14.76 -51.88 -27.73
C VAL B 308 -15.62 -52.87 -28.50
N GLU B 309 -16.77 -53.25 -27.94
CA GLU B 309 -17.67 -54.16 -28.64
C GLU B 309 -18.19 -53.53 -29.94
N ALA B 310 -18.45 -52.23 -29.92
CA ALA B 310 -18.94 -51.55 -31.12
C ALA B 310 -17.92 -51.52 -32.25
N GLY B 311 -16.65 -51.82 -31.98
CA GLY B 311 -15.65 -51.92 -33.01
C GLY B 311 -14.65 -50.77 -33.10
N ALA B 312 -14.59 -49.91 -32.09
CA ALA B 312 -13.65 -48.80 -32.11
C ALA B 312 -12.21 -49.30 -32.06
N ASP B 313 -11.32 -48.53 -32.70
CA ASP B 313 -9.90 -48.86 -32.71
C ASP B 313 -9.13 -48.22 -31.57
N ALA B 314 -9.70 -47.22 -30.90
CA ALA B 314 -9.08 -46.60 -29.74
C ALA B 314 -10.17 -45.93 -28.91
N VAL B 315 -9.95 -45.89 -27.60
CA VAL B 315 -10.94 -45.34 -26.67
C VAL B 315 -10.35 -44.10 -26.01
N LYS B 316 -11.06 -42.98 -26.11
CA LYS B 316 -10.65 -41.74 -25.48
C LYS B 316 -11.36 -41.58 -24.14
N VAL B 317 -10.63 -41.14 -23.13
CA VAL B 317 -11.09 -41.15 -21.75
C VAL B 317 -11.06 -39.74 -21.19
N GLY B 318 -12.12 -39.38 -20.48
CA GLY B 318 -12.21 -38.11 -19.77
C GLY B 318 -13.54 -37.41 -19.95
N VAL B 319 -14.22 -37.11 -18.84
CA VAL B 319 -15.50 -36.41 -18.86
C VAL B 319 -15.46 -35.34 -17.78
N GLY B 320 -15.10 -34.11 -18.18
CA GLY B 320 -15.05 -33.00 -17.26
C GLY B 320 -13.71 -32.54 -16.71
N PRO B 321 -12.60 -33.24 -16.92
CA PRO B 321 -11.34 -32.80 -16.31
C PRO B 321 -10.63 -31.69 -17.07
N GLY B 322 -11.14 -31.28 -18.23
CA GLY B 322 -10.46 -30.27 -19.02
C GLY B 322 -10.38 -28.94 -18.29
N SER B 323 -9.33 -28.18 -18.59
CA SER B 323 -9.10 -26.91 -17.91
C SER B 323 -10.15 -25.86 -18.25
N ILE B 324 -10.86 -26.03 -19.36
CA ILE B 324 -11.90 -25.08 -19.76
C ILE B 324 -13.30 -25.64 -19.56
N CYS B 325 -13.44 -26.85 -19.05
CA CYS B 325 -14.74 -27.49 -18.92
C CYS B 325 -15.46 -27.05 -17.65
N THR B 326 -16.78 -26.90 -17.77
CA THR B 326 -17.66 -26.68 -16.62
C THR B 326 -18.71 -27.78 -16.50
N THR B 327 -18.47 -28.93 -17.14
CA THR B 327 -19.46 -30.01 -17.11
C THR B 327 -19.67 -30.54 -15.71
N ARG B 328 -18.59 -30.73 -14.95
CA ARG B 328 -18.72 -31.24 -13.58
C ARG B 328 -19.39 -30.24 -12.66
N VAL B 329 -19.50 -28.98 -13.06
CA VAL B 329 -20.19 -27.95 -12.27
C VAL B 329 -21.60 -27.72 -12.79
N VAL B 330 -21.76 -27.62 -14.10
CA VAL B 330 -23.08 -27.34 -14.68
C VAL B 330 -24.00 -28.55 -14.53
N ALA B 331 -23.49 -29.74 -14.81
CA ALA B 331 -24.29 -30.96 -14.72
C ALA B 331 -23.91 -31.83 -13.53
N GLY B 332 -22.77 -31.60 -12.89
CA GLY B 332 -22.34 -32.43 -11.79
C GLY B 332 -22.04 -33.86 -12.18
N VAL B 333 -21.48 -34.06 -13.37
CA VAL B 333 -21.24 -35.38 -13.93
C VAL B 333 -19.77 -35.50 -14.31
N GLY B 334 -19.15 -36.61 -13.95
CA GLY B 334 -17.77 -36.85 -14.34
C GLY B 334 -17.15 -37.96 -13.51
N ALA B 335 -15.82 -38.01 -13.56
CA ALA B 335 -15.02 -38.98 -12.83
C ALA B 335 -13.56 -38.54 -12.83
N PRO B 336 -12.85 -38.68 -11.72
CA PRO B 336 -11.43 -38.30 -11.71
C PRO B 336 -10.62 -39.12 -12.70
N GLN B 337 -9.59 -38.48 -13.26
CA GLN B 337 -8.97 -38.98 -14.48
C GLN B 337 -8.19 -40.27 -14.24
N ILE B 338 -7.46 -40.39 -13.12
CA ILE B 338 -6.64 -41.57 -12.89
C ILE B 338 -7.52 -42.81 -12.73
N THR B 339 -8.57 -42.70 -11.93
CA THR B 339 -9.48 -43.82 -11.74
C THR B 339 -10.19 -44.18 -13.05
N ALA B 340 -10.60 -43.17 -13.82
CA ALA B 340 -11.26 -43.42 -15.10
C ALA B 340 -10.32 -44.15 -16.06
N ILE B 341 -9.05 -43.74 -16.10
CA ILE B 341 -8.08 -44.41 -16.95
C ILE B 341 -7.89 -45.85 -16.51
N LEU B 342 -7.80 -46.08 -15.20
CA LEU B 342 -7.66 -47.45 -14.71
C LEU B 342 -8.85 -48.32 -15.11
N GLU B 343 -10.07 -47.79 -14.98
CA GLU B 343 -11.27 -48.55 -15.34
C GLU B 343 -11.31 -48.84 -16.84
N ALA B 344 -11.02 -47.82 -17.65
CA ALA B 344 -11.04 -48.00 -19.10
C ALA B 344 -9.98 -49.01 -19.54
N VAL B 345 -8.81 -48.97 -18.93
CA VAL B 345 -7.76 -49.92 -19.27
C VAL B 345 -8.18 -51.33 -18.87
N ALA B 346 -8.79 -51.48 -17.69
CA ALA B 346 -9.31 -52.80 -17.31
C ALA B 346 -10.37 -53.29 -18.27
N ALA B 347 -11.07 -52.37 -18.94
CA ALA B 347 -12.07 -52.78 -19.93
C ALA B 347 -11.49 -53.01 -21.32
N CYS B 348 -10.33 -52.44 -21.64
CA CYS B 348 -9.83 -52.42 -23.01
C CYS B 348 -8.60 -53.27 -23.25
N LYS B 349 -7.70 -53.40 -22.27
CA LYS B 349 -6.43 -54.09 -22.49
C LYS B 349 -6.58 -55.53 -22.97
N PRO B 350 -7.53 -56.35 -22.48
CA PRO B 350 -7.65 -57.71 -23.02
C PRO B 350 -7.87 -57.76 -24.52
N TYR B 351 -8.53 -56.75 -25.09
CA TYR B 351 -8.77 -56.71 -26.52
C TYR B 351 -7.70 -55.95 -27.29
N GLY B 352 -6.67 -55.43 -26.61
CA GLY B 352 -5.61 -54.72 -27.29
C GLY B 352 -5.94 -53.32 -27.74
N VAL B 353 -7.06 -52.76 -27.31
CA VAL B 353 -7.47 -51.43 -27.76
C VAL B 353 -6.67 -50.37 -27.00
N PRO B 354 -6.02 -49.43 -27.68
CA PRO B 354 -5.32 -48.35 -26.99
C PRO B 354 -6.28 -47.40 -26.28
N VAL B 355 -5.72 -46.73 -25.26
CA VAL B 355 -6.46 -45.77 -24.44
C VAL B 355 -5.77 -44.41 -24.51
N ILE B 356 -6.56 -43.38 -24.79
CA ILE B 356 -6.08 -42.01 -24.90
C ILE B 356 -6.61 -41.23 -23.70
N ALA B 357 -5.71 -40.57 -22.98
CA ALA B 357 -6.07 -39.75 -21.83
C ALA B 357 -6.30 -38.32 -22.31
N ASP B 358 -7.52 -37.81 -22.19
CA ASP B 358 -7.87 -36.51 -22.75
C ASP B 358 -8.30 -35.57 -21.63
N GLY B 359 -7.63 -34.43 -21.54
CA GLY B 359 -8.02 -33.39 -20.61
C GLY B 359 -7.39 -33.47 -19.24
N GLY B 360 -7.10 -32.31 -18.66
CA GLY B 360 -6.62 -32.25 -17.30
C GLY B 360 -5.13 -32.44 -17.12
N LEU B 361 -4.33 -32.32 -18.17
CA LEU B 361 -2.89 -32.51 -18.08
C LEU B 361 -2.22 -31.13 -18.12
N GLN B 362 -1.44 -30.83 -17.08
CA GLN B 362 -0.80 -29.53 -16.96
C GLN B 362 0.72 -29.59 -16.91
N TYR B 363 1.31 -30.69 -16.42
CA TYR B 363 2.75 -30.84 -16.36
C TYR B 363 3.15 -32.13 -17.06
N SER B 364 4.47 -32.31 -17.26
CA SER B 364 4.96 -33.55 -17.86
C SER B 364 4.82 -34.72 -16.91
N GLY B 365 4.86 -34.44 -15.60
CA GLY B 365 4.56 -35.48 -14.62
C GLY B 365 3.16 -36.01 -14.77
N ASP B 366 2.21 -35.14 -15.15
CA ASP B 366 0.86 -35.60 -15.43
C ASP B 366 0.82 -36.58 -16.59
N ILE B 367 1.60 -36.31 -17.64
CA ILE B 367 1.65 -37.24 -18.77
C ILE B 367 2.28 -38.56 -18.35
N ALA B 368 3.33 -38.51 -17.54
CA ALA B 368 3.96 -39.73 -17.06
C ALA B 368 2.98 -40.54 -16.21
N LYS B 369 2.23 -39.88 -15.32
CA LYS B 369 1.25 -40.56 -14.51
C LYS B 369 0.14 -41.17 -15.36
N ALA B 370 -0.33 -40.43 -16.36
CA ALA B 370 -1.40 -40.94 -17.22
C ALA B 370 -0.94 -42.17 -17.99
N LEU B 371 0.29 -42.15 -18.51
CA LEU B 371 0.81 -43.33 -19.19
C LEU B 371 0.99 -44.50 -18.23
N ALA B 372 1.50 -44.24 -17.02
CA ALA B 372 1.69 -45.31 -16.05
C ALA B 372 0.38 -45.93 -15.61
N ALA B 373 -0.69 -45.13 -15.52
CA ALA B 373 -1.99 -45.66 -15.13
C ALA B 373 -2.57 -46.61 -16.15
N GLY B 374 -2.04 -46.64 -17.36
CA GLY B 374 -2.47 -47.61 -18.34
C GLY B 374 -2.76 -47.04 -19.71
N ALA B 375 -2.87 -45.72 -19.80
CA ALA B 375 -3.15 -45.08 -21.07
C ALA B 375 -1.96 -45.23 -22.01
N SER B 376 -2.26 -45.30 -23.30
CA SER B 376 -1.23 -45.42 -24.33
C SER B 376 -0.89 -44.10 -24.99
N THR B 377 -1.84 -43.16 -25.05
CA THR B 377 -1.54 -41.85 -25.62
C THR B 377 -2.18 -40.78 -24.77
N ALA B 378 -1.66 -39.55 -24.85
CA ALA B 378 -2.22 -38.42 -24.12
C ALA B 378 -2.53 -37.28 -25.08
N MET B 379 -3.70 -36.67 -24.91
CA MET B 379 -4.15 -35.57 -25.74
C MET B 379 -4.02 -34.25 -24.97
N LEU B 380 -3.40 -33.26 -25.59
CA LEU B 380 -3.02 -32.03 -24.92
C LEU B 380 -3.84 -30.86 -25.42
N GLY B 381 -4.29 -30.02 -24.50
CA GLY B 381 -5.08 -28.84 -24.79
C GLY B 381 -4.34 -27.55 -24.51
N SER B 382 -4.56 -26.98 -23.32
CA SER B 382 -4.00 -25.69 -22.96
C SER B 382 -2.48 -25.66 -23.02
N LEU B 383 -1.82 -26.81 -22.89
CA LEU B 383 -0.36 -26.85 -22.98
C LEU B 383 0.11 -26.43 -24.37
N LEU B 384 -0.68 -26.70 -25.40
CA LEU B 384 -0.33 -26.34 -26.77
C LEU B 384 -1.09 -25.14 -27.31
N ALA B 385 -2.06 -24.62 -26.55
CA ALA B 385 -2.83 -23.49 -27.05
C ALA B 385 -2.00 -22.21 -27.07
N GLY B 386 -1.03 -22.08 -26.18
CA GLY B 386 -0.20 -20.90 -26.10
C GLY B 386 0.97 -20.86 -27.05
N THR B 387 1.11 -21.86 -27.91
CA THR B 387 2.21 -21.92 -28.87
C THR B 387 1.86 -21.15 -30.14
N ALA B 388 2.91 -20.84 -30.91
CA ALA B 388 2.73 -20.05 -32.13
C ALA B 388 1.95 -20.80 -33.20
N GLU B 389 2.10 -22.12 -33.27
CA GLU B 389 1.40 -22.91 -34.28
C GLU B 389 -0.11 -22.93 -34.06
N SER B 390 -0.59 -22.58 -32.87
CA SER B 390 -2.02 -22.61 -32.62
C SER B 390 -2.70 -21.45 -33.34
N PRO B 391 -3.90 -21.67 -33.88
CA PRO B 391 -4.59 -20.58 -34.59
C PRO B 391 -5.01 -19.46 -33.65
N GLY B 392 -5.14 -18.28 -34.22
CA GLY B 392 -5.52 -17.10 -33.47
C GLY B 392 -4.39 -16.07 -33.39
N GLU B 393 -4.78 -14.86 -33.05
CA GLU B 393 -3.84 -13.75 -32.97
C GLU B 393 -3.33 -13.56 -31.55
N LEU B 394 -2.12 -13.03 -31.44
CA LEU B 394 -1.54 -12.76 -30.13
C LEU B 394 -2.21 -11.54 -29.51
N ILE B 395 -2.44 -11.59 -28.19
CA ILE B 395 -3.10 -10.52 -27.46
C ILE B 395 -2.09 -9.92 -26.49
N PHE B 396 -1.87 -8.62 -26.60
CA PHE B 396 -0.94 -7.91 -25.72
C PHE B 396 -1.73 -7.31 -24.56
N VAL B 397 -1.43 -7.75 -23.35
CA VAL B 397 -2.09 -7.27 -22.14
C VAL B 397 -1.01 -6.89 -21.14
N ASN B 398 -0.99 -5.61 -20.76
CA ASN B 398 -0.14 -5.11 -19.67
C ASN B 398 1.32 -5.46 -19.88
N GLY B 399 1.79 -5.33 -21.11
CA GLY B 399 3.18 -5.60 -21.42
C GLY B 399 3.54 -7.06 -21.51
N LYS B 400 2.56 -7.96 -21.50
CA LYS B 400 2.80 -9.38 -21.65
C LYS B 400 1.95 -9.91 -22.81
N GLN B 401 2.15 -11.18 -23.14
CA GLN B 401 1.52 -11.80 -24.30
C GLN B 401 0.63 -12.95 -23.88
N PHE B 402 -0.50 -13.10 -24.59
CA PHE B 402 -1.44 -14.18 -24.35
C PHE B 402 -2.03 -14.59 -25.69
N LYS B 403 -2.89 -15.61 -25.66
CA LYS B 403 -3.74 -15.90 -26.80
C LYS B 403 -4.99 -16.62 -26.32
N SER B 404 -6.02 -16.58 -27.17
CA SER B 404 -7.33 -17.08 -26.78
C SER B 404 -7.35 -18.59 -26.65
N TYR B 405 -8.10 -19.08 -25.67
CA TYR B 405 -8.33 -20.50 -25.48
C TYR B 405 -9.76 -20.68 -24.99
N ARG B 406 -10.51 -21.58 -25.61
CA ARG B 406 -11.90 -21.73 -25.23
C ARG B 406 -12.34 -23.16 -25.52
N GLY B 407 -13.39 -23.58 -24.81
CA GLY B 407 -13.94 -24.89 -25.04
C GLY B 407 -14.85 -24.93 -26.24
N MET B 408 -14.97 -26.14 -26.81
CA MET B 408 -15.87 -26.33 -27.93
C MET B 408 -17.34 -26.27 -27.51
N GLY B 409 -17.61 -26.42 -26.21
CA GLY B 409 -18.93 -26.21 -25.67
C GLY B 409 -19.17 -24.83 -25.12
N SER B 410 -18.21 -23.93 -25.27
CA SER B 410 -18.39 -22.56 -24.81
C SER B 410 -19.40 -21.83 -25.68
N LEU B 411 -19.95 -20.74 -25.13
CA LEU B 411 -21.01 -20.01 -25.82
C LEU B 411 -20.54 -19.46 -27.16
N GLY B 412 -19.32 -18.90 -27.19
CA GLY B 412 -18.82 -18.36 -28.44
C GLY B 412 -18.57 -19.43 -29.50
N ALA B 413 -18.07 -20.59 -29.08
CA ALA B 413 -17.72 -21.64 -30.04
C ALA B 413 -18.95 -22.31 -30.63
N MET B 414 -20.05 -22.39 -29.87
CA MET B 414 -21.23 -23.09 -30.32
C MET B 414 -22.24 -22.18 -31.02
N GLN B 415 -21.89 -20.92 -31.25
CA GLN B 415 -22.77 -20.02 -31.98
C GLN B 415 -22.39 -19.97 -33.45
N LEU B 439 -28.73 -20.89 -25.19
CA LEU B 439 -28.20 -22.23 -24.98
C LEU B 439 -27.63 -22.39 -23.58
N VAL B 440 -27.24 -23.61 -23.23
CA VAL B 440 -26.58 -23.92 -21.97
C VAL B 440 -25.17 -24.40 -22.27
N PRO B 441 -24.18 -23.51 -22.21
CA PRO B 441 -22.80 -23.93 -22.51
C PRO B 441 -22.22 -24.77 -21.41
N GLU B 442 -21.22 -25.58 -21.77
CA GLU B 442 -20.50 -26.42 -20.83
C GLU B 442 -19.00 -26.14 -20.87
N GLY B 443 -18.62 -24.94 -21.28
CA GLY B 443 -17.24 -24.51 -21.29
C GLY B 443 -17.16 -23.01 -21.07
N ILE B 444 -15.94 -22.49 -21.06
CA ILE B 444 -15.69 -21.07 -20.88
C ILE B 444 -14.64 -20.60 -21.87
N GLU B 445 -14.57 -19.28 -22.04
CA GLU B 445 -13.56 -18.63 -22.86
C GLU B 445 -12.54 -17.94 -21.96
N GLY B 446 -11.27 -18.02 -22.33
CA GLY B 446 -10.21 -17.42 -21.56
C GLY B 446 -9.00 -17.16 -22.43
N ARG B 447 -7.88 -16.89 -21.77
CA ARG B 447 -6.62 -16.64 -22.47
C ARG B 447 -5.49 -17.31 -21.71
N VAL B 448 -4.57 -17.91 -22.46
CA VAL B 448 -3.41 -18.57 -21.89
C VAL B 448 -2.16 -17.78 -22.25
N PRO B 449 -1.12 -17.82 -21.42
CA PRO B 449 0.12 -17.10 -21.76
C PRO B 449 0.80 -17.68 -22.99
N PHE B 450 1.47 -16.81 -23.72
CA PHE B 450 2.18 -17.20 -24.94
C PHE B 450 3.49 -17.90 -24.58
N ARG B 451 3.80 -18.97 -25.32
CA ARG B 451 4.99 -19.76 -25.06
C ARG B 451 6.01 -19.69 -26.19
N GLY B 452 5.62 -20.03 -27.41
CA GLY B 452 6.54 -20.01 -28.52
C GLY B 452 6.40 -21.20 -29.44
N PRO B 453 7.50 -21.64 -30.03
CA PRO B 453 7.45 -22.78 -30.96
C PRO B 453 6.99 -24.05 -30.27
N LEU B 454 6.28 -24.88 -31.03
CA LEU B 454 5.79 -26.15 -30.51
C LEU B 454 6.92 -27.12 -30.22
N GLY B 455 7.99 -27.07 -31.02
CA GLY B 455 9.07 -28.03 -30.86
C GLY B 455 9.71 -27.99 -29.49
N THR B 456 9.92 -26.78 -28.95
CA THR B 456 10.52 -26.67 -27.63
C THR B 456 9.61 -27.24 -26.55
N VAL B 457 8.31 -26.97 -26.63
CA VAL B 457 7.36 -27.49 -25.65
C VAL B 457 7.33 -29.01 -25.69
N ILE B 458 7.27 -29.58 -26.90
CA ILE B 458 7.26 -31.03 -27.02
C ILE B 458 8.57 -31.62 -26.51
N HIS B 459 9.69 -30.93 -26.75
CA HIS B 459 10.98 -31.40 -26.26
C HIS B 459 11.01 -31.45 -24.74
N GLN B 460 10.50 -30.40 -24.09
CA GLN B 460 10.48 -30.36 -22.64
C GLN B 460 9.57 -31.45 -22.06
N LEU B 461 8.39 -31.63 -22.66
CA LEU B 461 7.48 -32.67 -22.19
C LEU B 461 8.11 -34.06 -22.35
N THR B 462 8.76 -34.30 -23.50
CA THR B 462 9.40 -35.59 -23.73
C THR B 462 10.59 -35.79 -22.79
N GLY B 463 11.31 -34.72 -22.46
CA GLY B 463 12.37 -34.85 -21.48
C GLY B 463 11.86 -35.22 -20.10
N GLY B 464 10.74 -34.61 -19.68
CA GLY B 464 10.12 -35.01 -18.43
C GLY B 464 9.67 -36.46 -18.44
N LEU B 465 9.07 -36.90 -19.55
CA LEU B 465 8.65 -38.30 -19.65
C LEU B 465 9.85 -39.24 -19.62
N ARG B 466 10.95 -38.85 -20.27
CA ARG B 466 12.15 -39.68 -20.25
C ARG B 466 12.74 -39.76 -18.84
N ALA B 467 12.72 -38.65 -18.11
CA ALA B 467 13.16 -38.68 -16.72
C ALA B 467 12.29 -39.62 -15.89
N ALA B 468 10.98 -39.58 -16.11
CA ALA B 468 10.09 -40.49 -15.40
C ALA B 468 10.39 -41.95 -15.72
N MET B 469 10.64 -42.24 -16.99
CA MET B 469 10.98 -43.61 -17.38
C MET B 469 12.30 -44.05 -16.74
N GLY B 470 13.27 -43.14 -16.66
CA GLY B 470 14.51 -43.47 -16.00
C GLY B 470 14.32 -43.75 -14.51
N TYR B 471 13.49 -42.95 -13.85
CA TYR B 471 13.21 -43.16 -12.43
C TYR B 471 12.50 -44.50 -12.20
N THR B 472 11.56 -44.85 -13.07
CA THR B 472 10.82 -46.09 -12.91
C THR B 472 11.52 -47.29 -13.52
N GLY B 473 12.62 -47.10 -14.22
CA GLY B 473 13.29 -48.20 -14.89
C GLY B 473 12.51 -48.83 -16.01
N SER B 474 11.88 -48.01 -16.86
CA SER B 474 11.05 -48.49 -17.96
C SER B 474 11.79 -48.27 -19.27
N ALA B 475 12.14 -49.37 -19.95
CA ALA B 475 12.79 -49.25 -21.25
C ALA B 475 11.84 -48.69 -22.29
N THR B 476 10.58 -49.13 -22.28
CA THR B 476 9.58 -48.68 -23.23
C THR B 476 8.33 -48.23 -22.48
N ILE B 477 7.35 -47.73 -23.23
CA ILE B 477 6.07 -47.34 -22.64
C ILE B 477 5.33 -48.57 -22.11
N GLU B 478 5.46 -49.70 -22.80
CA GLU B 478 4.82 -50.93 -22.36
C GLU B 478 5.31 -51.37 -20.98
N GLN B 479 6.49 -50.93 -20.57
CA GLN B 479 6.95 -51.19 -19.21
C GLN B 479 6.55 -50.09 -18.25
N LEU B 480 6.48 -48.85 -18.75
CA LEU B 480 6.00 -47.74 -17.91
C LEU B 480 4.56 -47.97 -17.48
N GLN B 481 3.80 -48.74 -18.25
CA GLN B 481 2.42 -49.02 -17.89
C GLN B 481 2.28 -50.04 -16.76
N GLN B 482 3.39 -50.64 -16.32
CA GLN B 482 3.38 -51.57 -15.19
C GLN B 482 3.90 -50.94 -13.90
N ALA B 483 4.07 -49.62 -13.86
CA ALA B 483 4.57 -48.96 -12.68
C ALA B 483 3.52 -48.93 -11.58
N GLN B 484 3.94 -48.55 -10.38
CA GLN B 484 3.08 -48.50 -9.21
C GLN B 484 2.96 -47.08 -8.70
N PHE B 485 1.85 -46.79 -8.04
CA PHE B 485 1.54 -45.48 -7.51
C PHE B 485 1.54 -45.50 -5.99
N VAL B 486 1.84 -44.34 -5.41
CA VAL B 486 1.65 -44.09 -3.99
C VAL B 486 0.66 -42.94 -3.84
N GLN B 487 -0.40 -43.17 -3.07
CA GLN B 487 -1.41 -42.15 -2.85
C GLN B 487 -0.94 -41.17 -1.78
N ILE B 488 -1.16 -39.87 -2.02
CA ILE B 488 -0.64 -38.82 -1.15
C ILE B 488 -1.78 -37.92 -0.71
N THR B 489 -1.55 -37.22 0.40
CA THR B 489 -2.52 -36.29 0.94
C THR B 489 -2.22 -34.87 0.43
N ALA B 490 -2.97 -33.89 0.95
CA ALA B 490 -2.77 -32.50 0.52
C ALA B 490 -1.41 -31.98 0.95
N ALA B 491 -0.96 -32.34 2.16
CA ALA B 491 0.35 -31.91 2.62
C ALA B 491 1.45 -32.50 1.75
N GLY B 492 1.31 -33.75 1.34
CA GLY B 492 2.24 -34.32 0.37
C GLY B 492 2.22 -33.56 -0.95
N LEU B 493 1.02 -33.12 -1.37
CA LEU B 493 0.92 -32.35 -2.60
C LEU B 493 1.68 -31.04 -2.51
N LYS B 494 1.56 -30.33 -1.39
CA LYS B 494 2.29 -29.08 -1.25
C LYS B 494 3.77 -29.31 -1.04
N GLU B 495 4.16 -30.47 -0.50
CA GLU B 495 5.57 -30.81 -0.42
C GLU B 495 6.15 -31.11 -1.80
N SER B 496 5.35 -31.68 -2.70
CA SER B 496 5.85 -31.98 -4.04
C SER B 496 6.27 -30.73 -4.79
N HIS B 497 5.48 -29.67 -4.71
CA HIS B 497 5.79 -28.42 -5.38
C HIS B 497 6.86 -27.65 -4.61
N PRO B 498 7.60 -26.77 -5.29
CA PRO B 498 8.55 -25.91 -4.59
C PRO B 498 7.84 -25.08 -3.53
N HIS B 499 8.46 -24.99 -2.35
CA HIS B 499 7.84 -24.35 -1.20
C HIS B 499 8.88 -23.57 -0.41
N ASP B 500 8.40 -22.55 0.30
CA ASP B 500 9.23 -21.71 1.18
C ASP B 500 10.36 -21.03 0.42
N ILE B 501 10.17 -20.81 -0.88
CA ILE B 501 11.20 -20.18 -1.72
C ILE B 501 10.52 -19.17 -2.63
N THR B 502 11.15 -18.01 -2.80
CA THR B 502 10.70 -16.99 -3.73
C THR B 502 11.49 -17.14 -5.03
N MET B 503 10.81 -17.57 -6.08
CA MET B 503 11.48 -17.85 -7.35
C MET B 503 11.84 -16.56 -8.06
N THR B 504 13.10 -16.45 -8.48
CA THR B 504 13.61 -15.24 -9.13
C THR B 504 13.86 -15.41 -10.62
N VAL B 505 13.86 -16.63 -11.14
CA VAL B 505 13.97 -16.87 -12.57
C VAL B 505 13.22 -18.15 -12.89
N GLU B 506 12.60 -18.20 -14.06
CA GLU B 506 11.73 -19.30 -14.41
C GLU B 506 12.51 -20.43 -15.07
N ALA B 507 12.11 -21.66 -14.74
CA ALA B 507 12.67 -22.83 -15.38
C ALA B 507 11.98 -23.07 -16.72
N PRO B 508 12.68 -23.69 -17.67
CA PRO B 508 12.04 -23.99 -18.96
C PRO B 508 10.82 -24.90 -18.85
N ASN B 509 10.80 -25.80 -17.87
CA ASN B 509 9.72 -26.78 -17.74
C ASN B 509 8.79 -26.53 -16.56
N TYR B 510 8.93 -25.40 -15.87
CA TYR B 510 8.10 -25.18 -14.69
C TYR B 510 7.81 -23.69 -14.51
N TYR B 511 6.61 -23.42 -14.00
CA TYR B 511 6.20 -22.09 -13.57
C TYR B 511 5.04 -22.26 -12.61
N THR B 512 4.80 -21.21 -11.81
CA THR B 512 3.73 -21.27 -10.82
C THR B 512 2.35 -21.30 -11.48
N PRO C 13 -8.94 -50.22 20.77
CA PRO C 13 -9.56 -48.89 20.87
C PRO C 13 -10.10 -48.40 19.53
N VAL C 14 -11.06 -47.48 19.58
CA VAL C 14 -11.55 -46.85 18.34
C VAL C 14 -10.44 -45.99 17.75
N PRO C 15 -10.22 -46.03 16.44
CA PRO C 15 -9.13 -45.22 15.86
C PRO C 15 -9.29 -43.73 16.07
N THR C 16 -10.51 -43.22 16.25
CA THR C 16 -10.73 -41.80 16.45
C THR C 16 -10.79 -41.39 17.91
N GLY C 17 -10.63 -42.34 18.84
CA GLY C 17 -10.60 -41.99 20.25
C GLY C 17 -11.70 -42.59 21.09
N GLY C 18 -11.35 -43.05 22.29
CA GLY C 18 -12.32 -43.60 23.20
C GLY C 18 -12.60 -45.07 22.95
N ASP C 19 -13.60 -45.58 23.67
CA ASP C 19 -14.00 -46.97 23.59
C ASP C 19 -15.35 -47.18 22.94
N ASP C 20 -16.09 -46.11 22.64
CA ASP C 20 -17.41 -46.24 22.04
C ASP C 20 -17.29 -46.16 20.53
N PRO C 21 -17.67 -47.20 19.79
CA PRO C 21 -17.64 -47.11 18.32
C PRO C 21 -18.77 -46.30 17.73
N THR C 22 -19.77 -45.92 18.53
CA THR C 22 -20.90 -45.14 18.06
C THR C 22 -20.78 -43.66 18.39
N LYS C 23 -19.70 -43.24 19.06
CA LYS C 23 -19.54 -41.82 19.38
C LYS C 23 -19.41 -40.99 18.11
N VAL C 24 -18.64 -41.47 17.14
CA VAL C 24 -18.58 -40.86 15.82
C VAL C 24 -19.34 -41.77 14.87
N ALA C 25 -20.63 -41.48 14.67
CA ALA C 25 -21.53 -42.43 14.04
C ALA C 25 -21.16 -42.69 12.59
N MET C 26 -20.85 -41.65 11.82
CA MET C 26 -20.67 -41.81 10.39
C MET C 26 -19.81 -40.67 9.85
N LEU C 27 -19.37 -40.83 8.60
CA LEU C 27 -18.63 -39.81 7.88
C LEU C 27 -19.57 -39.20 6.84
N GLY C 28 -19.81 -37.90 6.96
CA GLY C 28 -20.80 -37.23 6.11
C GLY C 28 -20.18 -36.59 4.88
N LEU C 29 -20.91 -36.66 3.78
CA LEU C 29 -20.51 -36.08 2.51
C LEU C 29 -21.45 -34.96 2.11
N THR C 30 -20.91 -33.97 1.42
CA THR C 30 -21.68 -32.83 0.92
C THR C 30 -21.62 -32.84 -0.61
N PHE C 31 -22.15 -31.78 -1.22
CA PHE C 31 -22.26 -31.72 -2.67
C PHE C 31 -20.90 -31.77 -3.36
N ASP C 32 -19.91 -31.09 -2.79
CA ASP C 32 -18.58 -31.02 -3.40
C ASP C 32 -17.75 -32.27 -3.16
N ASP C 33 -18.24 -33.23 -2.38
CA ASP C 33 -17.52 -34.48 -2.16
C ASP C 33 -17.86 -35.56 -3.17
N VAL C 34 -18.88 -35.36 -4.00
CA VAL C 34 -19.37 -36.41 -4.89
C VAL C 34 -19.49 -35.88 -6.31
N LEU C 35 -19.48 -36.82 -7.26
CA LEU C 35 -19.78 -36.55 -8.65
C LEU C 35 -20.70 -37.66 -9.16
N LEU C 36 -21.51 -37.33 -10.16
CA LEU C 36 -22.40 -38.30 -10.76
C LEU C 36 -21.68 -39.10 -11.84
N LEU C 37 -21.88 -40.41 -11.83
CA LEU C 37 -21.23 -41.29 -12.78
C LEU C 37 -22.08 -41.44 -14.05
N PRO C 38 -21.51 -41.20 -15.22
CA PRO C 38 -22.26 -41.42 -16.46
C PRO C 38 -22.61 -42.89 -16.63
N ALA C 39 -23.75 -43.15 -17.27
CA ALA C 39 -24.23 -44.50 -17.52
C ALA C 39 -24.70 -44.60 -18.96
N ALA C 40 -25.14 -45.81 -19.35
CA ALA C 40 -25.67 -46.02 -20.68
C ALA C 40 -26.91 -45.17 -20.88
N SER C 41 -26.98 -44.47 -22.02
CA SER C 41 -27.99 -43.45 -22.23
C SER C 41 -28.63 -43.60 -23.61
N ASP C 42 -29.94 -43.37 -23.66
CA ASP C 42 -30.66 -43.14 -24.91
C ASP C 42 -31.52 -41.89 -24.81
N VAL C 43 -31.15 -40.96 -23.93
CA VAL C 43 -31.96 -39.80 -23.60
C VAL C 43 -31.29 -38.55 -24.16
N VAL C 44 -32.08 -37.71 -24.81
CA VAL C 44 -31.62 -36.42 -25.30
C VAL C 44 -31.99 -35.38 -24.24
N PRO C 45 -31.10 -34.44 -23.91
CA PRO C 45 -31.43 -33.46 -22.86
C PRO C 45 -32.68 -32.65 -23.16
N ALA C 46 -33.00 -32.41 -24.44
CA ALA C 46 -34.18 -31.62 -24.77
C ALA C 46 -35.48 -32.39 -24.58
N THR C 47 -35.43 -33.73 -24.54
CA THR C 47 -36.63 -34.54 -24.45
C THR C 47 -36.74 -35.28 -23.11
N ALA C 48 -36.01 -34.86 -22.09
CA ALA C 48 -36.11 -35.45 -20.76
C ALA C 48 -37.21 -34.76 -19.97
N ASP C 49 -37.91 -35.55 -19.15
CA ASP C 49 -39.03 -35.06 -18.35
C ASP C 49 -38.53 -34.71 -16.95
N THR C 50 -38.68 -33.46 -16.55
CA THR C 50 -38.19 -32.97 -15.28
C THR C 50 -39.27 -32.91 -14.21
N SER C 51 -40.47 -33.42 -14.49
CA SER C 51 -41.55 -33.36 -13.51
C SER C 51 -41.25 -34.26 -12.32
N SER C 52 -41.69 -33.81 -11.13
CA SER C 52 -41.45 -34.55 -9.91
C SER C 52 -42.53 -34.21 -8.90
N GLN C 53 -42.65 -35.07 -7.87
CA GLN C 53 -43.65 -34.90 -6.84
C GLN C 53 -43.14 -33.93 -5.78
N LEU C 54 -43.88 -32.85 -5.55
CA LEU C 54 -43.57 -31.98 -4.42
C LEU C 54 -44.08 -32.57 -3.12
N THR C 55 -45.36 -32.94 -3.08
CA THR C 55 -45.96 -33.70 -2.01
C THR C 55 -46.58 -34.96 -2.60
N LYS C 56 -47.25 -35.73 -1.74
CA LYS C 56 -47.86 -36.97 -2.20
C LYS C 56 -48.97 -36.74 -3.23
N ARG C 57 -49.57 -35.54 -3.24
CA ARG C 57 -50.68 -35.25 -4.13
C ARG C 57 -50.43 -34.11 -5.10
N ILE C 58 -49.33 -33.36 -4.96
CA ILE C 58 -49.02 -32.23 -5.81
C ILE C 58 -47.78 -32.56 -6.62
N ARG C 59 -47.86 -32.38 -7.94
CA ARG C 59 -46.75 -32.63 -8.84
C ARG C 59 -46.40 -31.35 -9.58
N LEU C 60 -45.11 -31.03 -9.64
CA LEU C 60 -44.61 -29.87 -10.35
C LEU C 60 -44.01 -30.28 -11.70
N ARG C 61 -43.85 -29.30 -12.58
CA ARG C 61 -43.18 -29.53 -13.85
C ARG C 61 -41.69 -29.25 -13.77
N VAL C 62 -41.28 -28.27 -12.99
CA VAL C 62 -39.89 -27.98 -12.70
C VAL C 62 -39.70 -28.15 -11.20
N PRO C 63 -38.85 -29.08 -10.74
CA PRO C 63 -38.76 -29.44 -9.33
C PRO C 63 -37.98 -28.46 -8.46
N LEU C 64 -38.36 -27.18 -8.53
CA LEU C 64 -37.70 -26.13 -7.76
C LEU C 64 -38.74 -25.35 -6.97
N VAL C 65 -38.41 -25.04 -5.71
CA VAL C 65 -39.30 -24.32 -4.82
C VAL C 65 -38.53 -23.16 -4.19
N SER C 66 -39.16 -22.00 -4.13
CA SER C 66 -38.54 -20.82 -3.55
C SER C 66 -38.55 -20.88 -2.03
N SER C 67 -37.48 -20.40 -1.41
CA SER C 67 -37.35 -20.45 0.04
C SER C 67 -38.31 -19.47 0.71
N ALA C 68 -38.76 -19.85 1.92
CA ALA C 68 -39.68 -19.02 2.70
C ALA C 68 -38.88 -18.01 3.53
N MET C 69 -38.31 -17.05 2.82
CA MET C 69 -37.49 -16.01 3.44
C MET C 69 -37.99 -14.64 3.02
N ASP C 70 -37.83 -13.66 3.91
CA ASP C 70 -38.37 -12.33 3.65
C ASP C 70 -37.60 -11.57 2.58
N THR C 71 -36.44 -12.06 2.15
CA THR C 71 -35.68 -11.45 1.08
C THR C 71 -35.74 -12.27 -0.21
N VAL C 72 -36.57 -13.30 -0.26
CA VAL C 72 -36.59 -14.19 -1.42
C VAL C 72 -37.99 -14.27 -2.02
N THR C 73 -38.97 -14.71 -1.23
CA THR C 73 -40.28 -15.06 -1.75
C THR C 73 -41.35 -14.12 -1.21
N GLU C 74 -42.08 -13.49 -2.11
CA GLU C 74 -43.29 -12.75 -1.80
C GLU C 74 -44.28 -13.01 -2.94
N SER C 75 -45.33 -12.19 -3.03
CA SER C 75 -46.37 -12.42 -4.03
C SER C 75 -45.78 -12.44 -5.44
N ARG C 76 -44.92 -11.48 -5.76
CA ARG C 76 -44.32 -11.41 -7.08
C ARG C 76 -43.48 -12.66 -7.36
N MET C 77 -42.61 -13.03 -6.41
CA MET C 77 -41.76 -14.20 -6.59
C MET C 77 -42.59 -15.48 -6.65
N ALA C 78 -43.63 -15.58 -5.82
CA ALA C 78 -44.49 -16.76 -5.85
C ALA C 78 -45.18 -16.91 -7.19
N ILE C 79 -45.71 -15.82 -7.74
CA ILE C 79 -46.36 -15.88 -9.04
C ILE C 79 -45.37 -16.27 -10.13
N ALA C 80 -44.18 -15.65 -10.11
CA ALA C 80 -43.19 -15.96 -11.13
C ALA C 80 -42.72 -17.41 -11.04
N MET C 81 -42.55 -17.93 -9.82
CA MET C 81 -42.11 -19.30 -9.65
C MET C 81 -43.19 -20.29 -10.06
N ALA C 82 -44.44 -20.00 -9.74
CA ALA C 82 -45.54 -20.86 -10.18
C ALA C 82 -45.65 -20.86 -11.70
N ARG C 83 -45.42 -19.70 -12.33
CA ARG C 83 -45.43 -19.64 -13.79
C ARG C 83 -44.28 -20.43 -14.40
N ALA C 84 -43.10 -20.36 -13.79
CA ALA C 84 -41.92 -21.01 -14.35
C ALA C 84 -41.99 -22.53 -14.29
N GLY C 85 -42.93 -23.10 -13.54
CA GLY C 85 -43.06 -24.53 -13.42
C GLY C 85 -42.83 -25.08 -12.02
N GLY C 86 -42.44 -24.24 -11.06
CA GLY C 86 -42.25 -24.70 -9.70
C GLY C 86 -43.29 -24.14 -8.76
N MET C 87 -42.86 -23.71 -7.58
CA MET C 87 -43.76 -23.12 -6.59
C MET C 87 -42.97 -22.20 -5.69
N GLY C 88 -43.68 -21.30 -5.03
CA GLY C 88 -43.10 -20.41 -4.06
C GLY C 88 -43.78 -20.56 -2.71
N VAL C 89 -43.03 -20.31 -1.65
CA VAL C 89 -43.53 -20.42 -0.28
C VAL C 89 -43.39 -19.06 0.37
N LEU C 90 -44.53 -18.44 0.69
CA LEU C 90 -44.50 -17.11 1.30
C LEU C 90 -44.00 -17.19 2.74
N HIS C 91 -43.12 -16.25 3.08
CA HIS C 91 -42.51 -16.24 4.40
C HIS C 91 -43.51 -15.77 5.46
N ARG C 92 -43.17 -16.06 6.72
CA ARG C 92 -44.06 -15.77 7.85
C ARG C 92 -43.53 -14.63 8.72
N ASN C 93 -42.73 -13.74 8.13
CA ASN C 93 -42.24 -12.55 8.83
C ASN C 93 -43.22 -11.39 8.73
N LEU C 94 -44.47 -11.66 8.39
CA LEU C 94 -45.51 -10.66 8.22
C LEU C 94 -46.63 -10.90 9.22
N PRO C 95 -47.44 -9.87 9.50
CA PRO C 95 -48.69 -10.11 10.23
C PRO C 95 -49.58 -11.06 9.44
N VAL C 96 -50.40 -11.81 10.18
CA VAL C 96 -51.21 -12.87 9.56
C VAL C 96 -52.08 -12.31 8.45
N ALA C 97 -52.68 -11.13 8.67
CA ALA C 97 -53.53 -10.53 7.66
C ALA C 97 -52.75 -10.24 6.38
N GLU C 98 -51.52 -9.74 6.52
CA GLU C 98 -50.74 -9.42 5.33
C GLU C 98 -50.34 -10.67 4.56
N GLN C 99 -49.97 -11.75 5.27
CA GLN C 99 -49.65 -12.99 4.58
C GLN C 99 -50.86 -13.57 3.87
N ALA C 100 -52.03 -13.51 4.52
CA ALA C 100 -53.25 -13.96 3.85
C ALA C 100 -53.57 -13.11 2.63
N GLY C 101 -53.33 -11.80 2.72
CA GLY C 101 -53.51 -10.95 1.57
C GLY C 101 -52.58 -11.30 0.43
N GLN C 102 -51.33 -11.65 0.75
CA GLN C 102 -50.40 -12.10 -0.27
C GLN C 102 -50.87 -13.41 -0.91
N VAL C 103 -51.40 -14.32 -0.09
CA VAL C 103 -51.94 -15.57 -0.64
C VAL C 103 -53.07 -15.27 -1.62
N GLU C 104 -53.99 -14.38 -1.22
CA GLU C 104 -55.09 -14.03 -2.10
C GLU C 104 -54.60 -13.35 -3.37
N THR C 105 -53.58 -12.50 -3.25
CA THR C 105 -53.01 -11.84 -4.42
C THR C 105 -52.44 -12.86 -5.40
N VAL C 106 -51.71 -13.87 -4.88
CA VAL C 106 -51.18 -14.91 -5.75
C VAL C 106 -52.32 -15.68 -6.40
N LYS C 107 -53.35 -16.03 -5.63
CA LYS C 107 -54.47 -16.79 -6.17
C LYS C 107 -55.28 -16.01 -7.19
N ARG C 108 -55.24 -14.67 -7.14
CA ARG C 108 -55.99 -13.84 -8.06
C ARG C 108 -55.29 -13.63 -9.41
N SER C 109 -54.07 -14.13 -9.56
CA SER C 109 -53.34 -13.94 -10.81
C SER C 109 -53.82 -14.91 -11.89
N GLN C 225 -48.26 -18.39 -23.10
CA GLN C 225 -47.21 -17.63 -22.46
C GLN C 225 -46.43 -18.48 -21.46
N PHE C 226 -47.15 -19.26 -20.66
CA PHE C 226 -46.57 -20.05 -19.58
C PHE C 226 -47.08 -21.48 -19.68
N PRO C 227 -46.53 -22.28 -20.58
CA PRO C 227 -46.99 -23.67 -20.73
C PRO C 227 -46.81 -24.52 -19.48
N LEU C 228 -45.76 -24.28 -18.70
CA LEU C 228 -45.39 -25.14 -17.58
C LEU C 228 -45.93 -24.65 -16.24
N SER C 229 -46.81 -23.65 -16.24
CA SER C 229 -47.31 -23.10 -14.98
C SER C 229 -48.07 -24.15 -14.19
N THR C 230 -47.90 -24.12 -12.87
CA THR C 230 -48.54 -25.08 -11.98
C THR C 230 -49.83 -24.48 -11.46
N LYS C 231 -50.93 -25.19 -11.67
CA LYS C 231 -52.27 -24.70 -11.35
C LYS C 231 -53.01 -25.74 -10.52
N ASP C 232 -53.99 -25.27 -9.75
CA ASP C 232 -54.85 -26.18 -8.99
C ASP C 232 -55.96 -26.70 -9.90
N SER C 233 -56.96 -27.36 -9.31
CA SER C 233 -58.06 -27.90 -10.10
C SER C 233 -58.90 -26.80 -10.73
N ASP C 234 -59.00 -25.65 -10.07
CA ASP C 234 -59.82 -24.54 -10.55
C ASP C 234 -59.09 -23.64 -11.55
N GLY C 235 -57.82 -23.92 -11.84
CA GLY C 235 -57.07 -23.14 -12.80
C GLY C 235 -56.26 -22.00 -12.22
N ARG C 236 -56.23 -21.86 -10.89
CA ARG C 236 -55.44 -20.82 -10.24
C ARG C 236 -54.06 -21.35 -9.87
N LEU C 237 -53.10 -20.43 -9.78
CA LEU C 237 -51.72 -20.81 -9.51
C LEU C 237 -51.57 -21.35 -8.09
N LEU C 238 -50.77 -22.41 -7.96
CA LEU C 238 -50.48 -22.97 -6.65
C LEU C 238 -49.53 -22.07 -5.88
N VAL C 239 -49.66 -22.09 -4.56
CA VAL C 239 -48.78 -21.33 -3.67
C VAL C 239 -48.77 -22.01 -2.32
N GLY C 240 -47.65 -21.89 -1.61
CA GLY C 240 -47.52 -22.42 -0.27
C GLY C 240 -47.30 -21.30 0.74
N ALA C 241 -47.40 -21.67 2.01
CA ALA C 241 -47.23 -20.68 3.08
C ALA C 241 -46.58 -21.34 4.29
N ALA C 242 -45.70 -20.60 4.95
CA ALA C 242 -44.96 -21.09 6.10
C ALA C 242 -45.66 -20.68 7.39
N VAL C 243 -45.63 -21.57 8.38
CA VAL C 243 -46.18 -21.32 9.70
C VAL C 243 -45.16 -21.77 10.74
N GLY C 244 -45.35 -21.29 11.96
CA GLY C 244 -44.50 -21.63 13.08
C GLY C 244 -45.10 -22.71 13.94
N VAL C 245 -44.81 -22.66 15.23
CA VAL C 245 -45.31 -23.61 16.21
C VAL C 245 -45.93 -22.82 17.37
N GLY C 246 -47.16 -23.17 17.74
CA GLY C 246 -47.85 -22.53 18.84
C GLY C 246 -49.28 -22.21 18.48
N ASP C 247 -49.97 -21.57 19.43
CA ASP C 247 -51.37 -21.23 19.22
C ASP C 247 -51.53 -20.05 18.27
N ASP C 248 -50.63 -19.06 18.35
CA ASP C 248 -50.64 -17.97 17.39
C ASP C 248 -50.36 -18.49 15.98
N ALA C 249 -49.40 -19.40 15.85
CA ALA C 249 -49.17 -20.05 14.56
C ALA C 249 -50.36 -20.87 14.13
N TRP C 250 -51.10 -21.47 15.08
CA TRP C 250 -52.31 -22.19 14.72
C TRP C 250 -53.36 -21.26 14.13
N THR C 251 -53.54 -20.08 14.74
CA THR C 251 -54.46 -19.09 14.19
C THR C 251 -53.99 -18.64 12.80
N ARG C 252 -52.69 -18.43 12.64
CA ARG C 252 -52.15 -18.08 11.33
C ARG C 252 -52.44 -19.16 10.29
N ALA C 253 -52.26 -20.43 10.68
CA ALA C 253 -52.52 -21.52 9.75
C ALA C 253 -53.99 -21.60 9.37
N MET C 254 -54.89 -21.39 10.33
CA MET C 254 -56.31 -21.40 10.01
C MET C 254 -56.67 -20.25 9.07
N THR C 255 -56.11 -19.06 9.31
CA THR C 255 -56.34 -17.94 8.41
C THR C 255 -55.83 -18.22 7.02
N LEU C 256 -54.64 -18.82 6.92
CA LEU C 256 -54.06 -19.13 5.61
C LEU C 256 -54.89 -20.17 4.86
N VAL C 257 -55.38 -21.19 5.58
CA VAL C 257 -56.23 -22.19 4.94
C VAL C 257 -57.52 -21.56 4.46
N ASP C 258 -58.12 -20.67 5.27
CA ASP C 258 -59.32 -19.98 4.84
C ASP C 258 -59.06 -19.13 3.60
N ALA C 259 -57.89 -18.48 3.54
CA ALA C 259 -57.55 -17.66 2.38
C ALA C 259 -57.32 -18.47 1.12
N GLY C 260 -57.19 -19.79 1.22
CA GLY C 260 -57.05 -20.63 0.04
C GLY C 260 -55.63 -20.96 -0.36
N VAL C 261 -54.77 -21.31 0.59
CA VAL C 261 -53.43 -21.76 0.28
C VAL C 261 -53.49 -23.26 -0.01
N ASP C 262 -52.48 -23.77 -0.71
CA ASP C 262 -52.49 -25.16 -1.13
C ASP C 262 -51.63 -26.06 -0.25
N VAL C 263 -50.51 -25.56 0.25
CA VAL C 263 -49.59 -26.37 1.04
C VAL C 263 -49.00 -25.52 2.15
N LEU C 264 -49.00 -26.08 3.37
CA LEU C 264 -48.45 -25.44 4.54
C LEU C 264 -47.10 -26.06 4.86
N ILE C 265 -46.14 -25.22 5.24
CA ILE C 265 -44.81 -25.66 5.64
C ILE C 265 -44.65 -25.33 7.12
N VAL C 266 -44.40 -26.34 7.94
CA VAL C 266 -44.06 -26.09 9.34
C VAL C 266 -42.59 -25.73 9.38
N ASP C 267 -42.29 -24.43 9.35
CA ASP C 267 -40.94 -23.93 9.10
C ASP C 267 -40.23 -23.70 10.43
N THR C 268 -39.47 -24.71 10.85
CA THR C 268 -38.68 -24.66 12.07
C THR C 268 -37.26 -25.14 11.78
N ALA C 269 -36.35 -24.77 12.67
CA ALA C 269 -34.95 -25.17 12.52
C ALA C 269 -34.67 -26.57 13.07
N HIS C 270 -35.61 -27.15 13.81
CA HIS C 270 -35.41 -28.48 14.39
C HIS C 270 -36.77 -29.18 14.41
N ALA C 271 -36.99 -30.07 13.45
CA ALA C 271 -38.28 -30.75 13.32
C ALA C 271 -38.41 -31.97 14.22
N HIS C 272 -37.33 -32.43 14.85
CA HIS C 272 -37.43 -33.55 15.77
C HIS C 272 -37.92 -33.14 17.15
N ASN C 273 -38.18 -31.85 17.36
CA ASN C 273 -38.78 -31.40 18.60
C ASN C 273 -40.22 -31.90 18.71
N ARG C 274 -40.67 -32.09 19.95
CA ARG C 274 -42.01 -32.62 20.20
C ARG C 274 -43.08 -31.66 19.70
N GLY C 275 -42.88 -30.36 19.89
CA GLY C 275 -43.88 -29.38 19.49
C GLY C 275 -44.14 -29.38 18.00
N VAL C 276 -43.08 -29.52 17.20
CA VAL C 276 -43.24 -29.53 15.75
C VAL C 276 -44.06 -30.74 15.31
N LEU C 277 -43.78 -31.91 15.89
CA LEU C 277 -44.55 -33.10 15.54
C LEU C 277 -46.00 -32.96 15.96
N ASP C 278 -46.25 -32.41 17.15
CA ASP C 278 -47.62 -32.18 17.60
C ASP C 278 -48.36 -31.23 16.67
N MET C 279 -47.68 -30.17 16.23
CA MET C 279 -48.29 -29.22 15.30
C MET C 279 -48.61 -29.87 13.96
N VAL C 280 -47.69 -30.71 13.46
CA VAL C 280 -47.94 -31.40 12.19
C VAL C 280 -49.15 -32.32 12.31
N SER C 281 -49.22 -33.08 13.41
CA SER C 281 -50.36 -33.96 13.62
C SER C 281 -51.67 -33.18 13.72
N ARG C 282 -51.67 -32.08 14.47
CA ARG C 282 -52.87 -31.26 14.60
C ARG C 282 -53.32 -30.71 13.25
N LEU C 283 -52.37 -30.20 12.46
CA LEU C 283 -52.71 -29.64 11.15
C LEU C 283 -53.26 -30.71 10.22
N LYS C 284 -52.65 -31.89 10.22
CA LYS C 284 -53.09 -32.94 9.33
C LYS C 284 -54.43 -33.52 9.76
N GLN C 285 -54.74 -33.48 11.06
CA GLN C 285 -56.08 -33.88 11.50
C GLN C 285 -57.13 -32.81 11.20
N ALA C 286 -56.74 -31.54 11.22
CA ALA C 286 -57.70 -30.46 11.02
C ALA C 286 -58.03 -30.26 9.54
N VAL C 287 -57.02 -29.98 8.72
CA VAL C 287 -57.23 -29.63 7.32
C VAL C 287 -56.51 -30.61 6.41
N GLY C 288 -56.44 -31.87 6.83
CA GLY C 288 -55.73 -32.86 6.03
C GLY C 288 -56.35 -33.09 4.67
N GLU C 289 -57.68 -33.04 4.59
CA GLU C 289 -58.36 -33.29 3.33
C GLU C 289 -58.27 -32.11 2.36
N ARG C 290 -57.85 -30.95 2.82
CA ARG C 290 -57.86 -29.73 2.02
C ARG C 290 -56.47 -29.29 1.58
N VAL C 291 -55.49 -29.27 2.48
CA VAL C 291 -54.15 -28.84 2.15
C VAL C 291 -53.16 -29.92 2.58
N ASP C 292 -51.97 -29.85 2.00
CA ASP C 292 -50.86 -30.73 2.35
C ASP C 292 -49.98 -30.06 3.38
N VAL C 293 -49.38 -30.86 4.26
CA VAL C 293 -48.54 -30.38 5.34
C VAL C 293 -47.13 -30.91 5.13
N VAL C 294 -46.14 -30.02 5.13
CA VAL C 294 -44.74 -30.38 4.99
C VAL C 294 -44.05 -30.19 6.33
N GLY C 295 -43.34 -31.21 6.77
CA GLY C 295 -42.64 -31.15 8.03
C GLY C 295 -41.41 -30.27 7.98
N GLY C 296 -40.91 -29.94 9.17
CA GLY C 296 -39.77 -29.04 9.29
C GLY C 296 -38.48 -29.64 8.81
N ASN C 297 -37.36 -29.02 9.18
CA ASN C 297 -36.06 -29.42 8.68
C ASN C 297 -35.48 -30.54 9.54
N VAL C 298 -35.05 -31.62 8.90
CA VAL C 298 -34.44 -32.75 9.57
C VAL C 298 -33.07 -33.03 8.96
N ALA C 299 -32.25 -33.78 9.69
CA ALA C 299 -30.95 -34.18 9.20
C ALA C 299 -30.59 -35.62 9.51
N THR C 300 -31.49 -36.39 10.12
CA THR C 300 -31.23 -37.78 10.46
C THR C 300 -32.38 -38.65 9.99
N ARG C 301 -32.13 -39.96 9.97
CA ARG C 301 -33.16 -40.91 9.58
C ARG C 301 -34.27 -40.98 10.63
N ALA C 302 -33.90 -40.88 11.91
CA ALA C 302 -34.89 -40.97 12.98
C ALA C 302 -35.89 -39.82 12.91
N ALA C 303 -35.41 -38.61 12.63
CA ALA C 303 -36.31 -37.46 12.54
C ALA C 303 -37.23 -37.58 11.33
N ALA C 304 -36.71 -38.07 10.20
CA ALA C 304 -37.57 -38.30 9.04
C ALA C 304 -38.64 -39.34 9.34
N ALA C 305 -38.27 -40.41 10.04
CA ALA C 305 -39.24 -41.42 10.42
C ALA C 305 -40.29 -40.85 11.36
N ALA C 306 -39.88 -40.00 12.30
CA ALA C 306 -40.83 -39.36 13.20
C ALA C 306 -41.81 -38.48 12.43
N LEU C 307 -41.30 -37.72 11.46
CA LEU C 307 -42.18 -36.88 10.64
C LEU C 307 -43.15 -37.72 9.82
N VAL C 308 -42.67 -38.84 9.26
CA VAL C 308 -43.55 -39.71 8.49
C VAL C 308 -44.64 -40.29 9.37
N GLU C 309 -44.27 -40.74 10.57
CA GLU C 309 -45.25 -41.31 11.49
C GLU C 309 -46.26 -40.26 11.95
N ALA C 310 -45.80 -39.02 12.12
CA ALA C 310 -46.70 -37.93 12.54
C ALA C 310 -47.69 -37.53 11.45
N GLY C 311 -47.50 -38.01 10.22
CA GLY C 311 -48.43 -37.75 9.15
C GLY C 311 -48.03 -36.66 8.18
N ALA C 312 -46.73 -36.52 7.88
CA ALA C 312 -46.28 -35.47 6.97
C ALA C 312 -46.45 -35.92 5.53
N ASP C 313 -46.91 -34.99 4.69
CA ASP C 313 -47.03 -35.26 3.26
C ASP C 313 -45.70 -35.09 2.53
N ALA C 314 -44.74 -34.38 3.12
CA ALA C 314 -43.41 -34.23 2.55
C ALA C 314 -42.48 -33.83 3.69
N VAL C 315 -41.20 -34.21 3.55
CA VAL C 315 -40.21 -33.94 4.59
C VAL C 315 -39.10 -33.08 4.00
N LYS C 316 -38.81 -31.96 4.65
CA LYS C 316 -37.75 -31.06 4.23
C LYS C 316 -36.47 -31.38 5.00
N VAL C 317 -35.35 -31.42 4.28
CA VAL C 317 -34.08 -31.92 4.79
C VAL C 317 -33.05 -30.80 4.74
N GLY C 318 -32.30 -30.65 5.84
CA GLY C 318 -31.17 -29.74 5.93
C GLY C 318 -31.16 -28.94 7.21
N VAL C 319 -30.06 -29.03 7.95
CA VAL C 319 -29.87 -28.33 9.22
C VAL C 319 -28.52 -27.63 9.14
N GLY C 320 -28.53 -26.35 8.77
CA GLY C 320 -27.32 -25.56 8.72
C GLY C 320 -26.49 -25.50 7.44
N PRO C 321 -26.93 -26.04 6.30
CA PRO C 321 -26.11 -25.92 5.09
C PRO C 321 -26.32 -24.62 4.32
N GLY C 322 -27.24 -23.78 4.75
CA GLY C 322 -27.55 -22.58 4.00
C GLY C 322 -26.37 -21.62 3.93
N SER C 323 -26.33 -20.85 2.84
CA SER C 323 -25.23 -19.92 2.61
C SER C 323 -25.21 -18.77 3.62
N ILE C 324 -26.30 -18.55 4.34
CA ILE C 324 -26.38 -17.48 5.32
C ILE C 324 -26.50 -18.03 6.74
N CYS C 325 -26.26 -19.32 6.94
CA CYS C 325 -26.45 -19.95 8.24
C CYS C 325 -25.16 -19.96 9.04
N THR C 326 -25.30 -19.75 10.35
CA THR C 326 -24.20 -19.91 11.30
C THR C 326 -24.53 -20.93 12.38
N THR C 327 -25.54 -21.78 12.16
CA THR C 327 -25.92 -22.76 13.16
C THR C 327 -24.81 -23.77 13.42
N ARG C 328 -24.14 -24.22 12.37
CA ARG C 328 -23.04 -25.17 12.54
C ARG C 328 -21.82 -24.54 13.20
N VAL C 329 -21.76 -23.22 13.29
CA VAL C 329 -20.69 -22.52 13.98
C VAL C 329 -21.13 -22.03 15.35
N VAL C 330 -22.32 -21.43 15.44
CA VAL C 330 -22.81 -20.91 16.71
C VAL C 330 -23.16 -22.06 17.66
N ALA C 331 -23.84 -23.09 17.16
CA ALA C 331 -24.24 -24.22 17.97
C ALA C 331 -23.44 -25.48 17.71
N GLY C 332 -22.71 -25.57 16.61
CA GLY C 332 -21.95 -26.75 16.30
C GLY C 332 -22.78 -27.96 15.92
N VAL C 333 -24.01 -27.76 15.49
CA VAL C 333 -24.95 -28.83 15.19
C VAL C 333 -25.28 -28.81 13.70
N GLY C 334 -25.19 -29.97 13.06
CA GLY C 334 -25.56 -30.07 11.67
C GLY C 334 -25.25 -31.44 11.12
N ALA C 335 -25.39 -31.56 9.79
CA ALA C 335 -25.08 -32.79 9.09
C ALA C 335 -24.85 -32.47 7.63
N PRO C 336 -23.83 -33.04 6.99
CA PRO C 336 -23.61 -32.77 5.56
C PRO C 336 -24.81 -33.18 4.72
N GLN C 337 -25.05 -32.42 3.65
CA GLN C 337 -26.36 -32.46 2.99
C GLN C 337 -26.59 -33.76 2.24
N ILE C 338 -25.58 -34.27 1.54
CA ILE C 338 -25.78 -35.49 0.74
C ILE C 338 -26.08 -36.68 1.67
N THR C 339 -25.30 -36.81 2.74
CA THR C 339 -25.54 -37.88 3.70
C THR C 339 -26.90 -37.75 4.36
N ALA C 340 -27.28 -36.51 4.71
CA ALA C 340 -28.59 -36.29 5.32
C ALA C 340 -29.72 -36.67 4.36
N ILE C 341 -29.57 -36.33 3.08
CA ILE C 341 -30.59 -36.68 2.10
C ILE C 341 -30.71 -38.19 1.97
N LEU C 342 -29.57 -38.89 1.91
CA LEU C 342 -29.61 -40.35 1.83
C LEU C 342 -30.29 -40.96 3.05
N GLU C 343 -29.93 -40.47 4.25
CA GLU C 343 -30.51 -41.01 5.47
C GLU C 343 -32.00 -40.76 5.55
N ALA C 344 -32.44 -39.56 5.15
CA ALA C 344 -33.87 -39.25 5.20
C ALA C 344 -34.66 -40.03 4.15
N VAL C 345 -34.08 -40.21 2.97
CA VAL C 345 -34.75 -40.97 1.92
C VAL C 345 -34.88 -42.44 2.30
N ALA C 346 -33.88 -42.97 3.03
CA ALA C 346 -33.94 -44.35 3.50
C ALA C 346 -35.14 -44.61 4.41
N ALA C 347 -35.73 -43.57 4.98
CA ALA C 347 -36.90 -43.71 5.83
C ALA C 347 -38.18 -43.19 5.19
N CYS C 348 -38.07 -42.26 4.24
CA CYS C 348 -39.25 -41.68 3.63
C CYS C 348 -39.73 -42.43 2.40
N LYS C 349 -38.81 -43.03 1.62
CA LYS C 349 -39.23 -43.72 0.41
C LYS C 349 -40.21 -44.88 0.63
N PRO C 350 -40.04 -45.75 1.63
CA PRO C 350 -41.00 -46.87 1.78
C PRO C 350 -42.45 -46.43 1.96
N TYR C 351 -42.69 -45.26 2.53
CA TYR C 351 -44.06 -44.79 2.74
C TYR C 351 -44.53 -43.84 1.66
N GLY C 352 -43.74 -43.62 0.61
CA GLY C 352 -44.15 -42.74 -0.47
C GLY C 352 -44.14 -41.27 -0.13
N VAL C 353 -43.37 -40.85 0.86
CA VAL C 353 -43.29 -39.45 1.28
C VAL C 353 -42.12 -38.80 0.55
N PRO C 354 -42.35 -37.76 -0.24
CA PRO C 354 -41.24 -37.09 -0.92
C PRO C 354 -40.37 -36.29 0.04
N VAL C 355 -39.14 -36.06 -0.42
CA VAL C 355 -38.10 -35.37 0.36
C VAL C 355 -37.65 -34.14 -0.41
N ILE C 356 -37.58 -33.02 0.27
CA ILE C 356 -37.16 -31.74 -0.31
C ILE C 356 -35.79 -31.40 0.24
N ALA C 357 -34.83 -31.14 -0.65
CA ALA C 357 -33.49 -30.76 -0.24
C ALA C 357 -33.42 -29.24 -0.10
N ASP C 358 -33.07 -28.75 1.09
CA ASP C 358 -33.15 -27.33 1.39
C ASP C 358 -31.80 -26.82 1.86
N GLY C 359 -31.24 -25.87 1.12
CA GLY C 359 -30.04 -25.17 1.51
C GLY C 359 -28.78 -25.76 0.91
N GLY C 360 -27.79 -24.89 0.67
CA GLY C 360 -26.48 -25.30 0.22
C GLY C 360 -26.28 -25.47 -1.27
N LEU C 361 -27.31 -25.19 -2.08
CA LEU C 361 -27.24 -25.40 -3.51
C LEU C 361 -26.76 -24.12 -4.19
N GLN C 362 -25.68 -24.23 -4.97
CA GLN C 362 -25.11 -23.09 -5.68
C GLN C 362 -25.03 -23.29 -7.19
N TYR C 363 -25.20 -24.50 -7.69
CA TYR C 363 -25.12 -24.78 -9.12
C TYR C 363 -26.23 -25.74 -9.52
N SER C 364 -26.45 -25.86 -10.83
CA SER C 364 -27.39 -26.86 -11.32
C SER C 364 -26.87 -28.27 -11.09
N GLY C 365 -25.55 -28.46 -11.09
CA GLY C 365 -24.99 -29.74 -10.75
C GLY C 365 -25.34 -30.17 -9.33
N ASP C 366 -25.40 -29.20 -8.41
CA ASP C 366 -25.83 -29.51 -7.05
C ASP C 366 -27.28 -29.99 -7.02
N ILE C 367 -28.14 -29.38 -7.82
CA ILE C 367 -29.53 -29.83 -7.90
C ILE C 367 -29.59 -31.25 -8.45
N ALA C 368 -28.79 -31.54 -9.48
CA ALA C 368 -28.76 -32.89 -10.03
C ALA C 368 -28.28 -33.90 -9.00
N LYS C 369 -27.25 -33.54 -8.23
CA LYS C 369 -26.75 -34.43 -7.19
C LYS C 369 -27.78 -34.65 -6.10
N ALA C 370 -28.49 -33.59 -5.70
CA ALA C 370 -29.51 -33.73 -4.67
C ALA C 370 -30.66 -34.62 -5.14
N LEU C 371 -31.10 -34.45 -6.38
CA LEU C 371 -32.15 -35.31 -6.91
C LEU C 371 -31.68 -36.76 -7.05
N ALA C 372 -30.43 -36.95 -7.49
CA ALA C 372 -29.90 -38.30 -7.64
C ALA C 372 -29.70 -39.00 -6.31
N ALA C 373 -29.61 -38.25 -5.21
CA ALA C 373 -29.47 -38.86 -3.89
C ALA C 373 -30.80 -39.34 -3.31
N GLY C 374 -31.93 -38.96 -3.91
CA GLY C 374 -33.22 -39.42 -3.46
C GLY C 374 -34.25 -38.34 -3.28
N ALA C 375 -33.81 -37.08 -3.22
CA ALA C 375 -34.73 -35.98 -3.05
C ALA C 375 -35.58 -35.79 -4.30
N SER C 376 -36.83 -35.37 -4.10
CA SER C 376 -37.73 -35.15 -5.22
C SER C 376 -37.73 -33.71 -5.70
N THR C 377 -37.49 -32.74 -4.81
CA THR C 377 -37.43 -31.34 -5.18
C THR C 377 -36.32 -30.66 -4.40
N ALA C 378 -35.93 -29.49 -4.88
CA ALA C 378 -34.92 -28.67 -4.23
C ALA C 378 -35.49 -27.29 -3.93
N MET C 379 -35.18 -26.78 -2.75
CA MET C 379 -35.59 -25.44 -2.33
C MET C 379 -34.39 -24.50 -2.43
N LEU C 380 -34.58 -23.36 -3.09
CA LEU C 380 -33.49 -22.48 -3.46
C LEU C 380 -33.56 -21.17 -2.69
N GLY C 381 -32.40 -20.69 -2.25
CA GLY C 381 -32.26 -19.46 -1.51
C GLY C 381 -31.54 -18.39 -2.31
N SER C 382 -30.24 -18.26 -2.08
CA SER C 382 -29.45 -17.20 -2.72
C SER C 382 -29.45 -17.29 -4.23
N LEU C 383 -29.75 -18.46 -4.80
CA LEU C 383 -29.81 -18.57 -6.26
C LEU C 383 -30.93 -17.72 -6.84
N LEU C 384 -32.01 -17.52 -6.07
CA LEU C 384 -33.12 -16.68 -6.50
C LEU C 384 -33.17 -15.35 -5.76
N ALA C 385 -32.24 -15.11 -4.83
CA ALA C 385 -32.28 -13.87 -4.07
C ALA C 385 -31.83 -12.67 -4.90
N GLY C 386 -31.00 -12.89 -5.91
CA GLY C 386 -30.53 -11.82 -6.76
C GLY C 386 -31.37 -11.54 -7.99
N THR C 387 -32.48 -12.24 -8.16
CA THR C 387 -33.33 -12.03 -9.32
C THR C 387 -34.15 -10.75 -9.17
N ALA C 388 -34.83 -10.38 -10.25
CA ALA C 388 -35.62 -9.15 -10.24
C ALA C 388 -36.91 -9.31 -9.46
N GLU C 389 -37.46 -10.53 -9.39
CA GLU C 389 -38.74 -10.76 -8.74
C GLU C 389 -38.66 -10.84 -7.23
N SER C 390 -37.47 -10.98 -6.66
CA SER C 390 -37.34 -11.05 -5.22
C SER C 390 -37.58 -9.68 -4.60
N PRO C 391 -38.14 -9.64 -3.39
CA PRO C 391 -38.36 -8.34 -2.73
C PRO C 391 -37.05 -7.66 -2.38
N GLY C 392 -37.11 -6.32 -2.35
CA GLY C 392 -35.97 -5.52 -1.97
C GLY C 392 -35.46 -4.60 -3.06
N GLU C 393 -35.04 -3.41 -2.66
CA GLU C 393 -34.50 -2.44 -3.61
C GLU C 393 -33.09 -2.82 -4.03
N LEU C 394 -32.71 -2.38 -5.23
CA LEU C 394 -31.36 -2.62 -5.73
C LEU C 394 -30.34 -1.81 -4.94
N ILE C 395 -29.14 -2.36 -4.84
CA ILE C 395 -28.01 -1.73 -4.16
C ILE C 395 -26.90 -1.54 -5.18
N PHE C 396 -26.24 -0.39 -5.14
CA PHE C 396 -25.18 -0.07 -6.08
C PHE C 396 -23.87 0.04 -5.32
N VAL C 397 -22.90 -0.79 -5.69
CA VAL C 397 -21.57 -0.78 -5.08
C VAL C 397 -20.55 -0.79 -6.20
N ASN C 398 -19.73 0.27 -6.27
CA ASN C 398 -18.65 0.39 -7.25
C ASN C 398 -19.17 0.21 -8.67
N GLY C 399 -20.37 0.72 -8.92
CA GLY C 399 -20.96 0.66 -10.24
C GLY C 399 -21.66 -0.64 -10.57
N LYS C 400 -21.68 -1.61 -9.66
CA LYS C 400 -22.32 -2.88 -9.89
C LYS C 400 -23.58 -3.00 -9.04
N GLN C 401 -24.42 -3.97 -9.41
CA GLN C 401 -25.74 -4.15 -8.82
C GLN C 401 -25.75 -5.35 -7.89
N PHE C 402 -26.40 -5.17 -6.73
CA PHE C 402 -26.53 -6.20 -5.72
C PHE C 402 -27.93 -6.13 -5.12
N LYS C 403 -28.31 -7.18 -4.40
CA LYS C 403 -29.54 -7.17 -3.64
C LYS C 403 -29.31 -7.81 -2.29
N SER C 404 -30.06 -7.34 -1.30
CA SER C 404 -29.88 -7.79 0.08
C SER C 404 -30.36 -9.22 0.25
N TYR C 405 -29.64 -10.00 1.06
CA TYR C 405 -30.01 -11.37 1.37
C TYR C 405 -29.61 -11.65 2.81
N ARG C 406 -30.56 -12.14 3.61
CA ARG C 406 -30.26 -12.40 5.00
C ARG C 406 -31.05 -13.60 5.48
N GLY C 407 -30.50 -14.28 6.48
CA GLY C 407 -31.19 -15.41 7.06
C GLY C 407 -32.33 -14.99 7.97
N MET C 408 -33.30 -15.89 8.11
CA MET C 408 -34.44 -15.63 8.98
C MET C 408 -34.07 -15.69 10.45
N GLY C 409 -32.96 -16.34 10.78
CA GLY C 409 -32.43 -16.34 12.13
C GLY C 409 -31.43 -15.24 12.40
N SER C 410 -31.26 -14.31 11.47
CA SER C 410 -30.34 -13.20 11.68
C SER C 410 -30.90 -12.23 12.71
N LEU C 411 -30.02 -11.37 13.23
CA LEU C 411 -30.44 -10.41 14.24
C LEU C 411 -31.51 -9.46 13.71
N GLY C 412 -31.32 -8.95 12.48
CA GLY C 412 -32.31 -8.06 11.91
C GLY C 412 -33.62 -8.75 11.58
N ALA C 413 -33.56 -9.97 11.06
CA ALA C 413 -34.77 -10.66 10.63
C ALA C 413 -35.58 -11.17 11.81
N MET C 414 -34.94 -11.47 12.93
CA MET C 414 -35.63 -11.96 14.11
C MET C 414 -36.11 -10.84 15.02
N GLN C 415 -35.91 -9.58 14.63
CA GLN C 415 -36.38 -8.44 15.40
C GLN C 415 -37.65 -7.86 14.81
N LEU C 439 -30.95 -11.82 22.42
CA LEU C 439 -31.13 -12.73 21.30
C LEU C 439 -29.81 -13.35 20.87
N VAL C 440 -29.85 -14.63 20.50
CA VAL C 440 -28.68 -15.32 19.98
C VAL C 440 -28.98 -15.67 18.52
N PRO C 441 -28.47 -14.90 17.56
CA PRO C 441 -28.79 -15.15 16.16
C PRO C 441 -28.09 -16.39 15.62
N GLU C 442 -28.67 -16.95 14.56
CA GLU C 442 -28.09 -18.09 13.87
C GLU C 442 -28.03 -17.84 12.36
N GLY C 443 -27.88 -16.59 11.97
CA GLY C 443 -27.76 -16.21 10.58
C GLY C 443 -27.04 -14.89 10.47
N ILE C 444 -26.77 -14.49 9.23
CA ILE C 444 -26.06 -13.25 8.93
C ILE C 444 -26.78 -12.48 7.84
N GLU C 445 -26.44 -11.20 7.72
CA GLU C 445 -26.96 -10.32 6.70
C GLU C 445 -25.87 -10.05 5.66
N GLY C 446 -26.23 -10.12 4.38
CA GLY C 446 -25.28 -9.92 3.31
C GLY C 446 -25.90 -9.41 2.03
N ARG C 447 -25.14 -9.49 0.94
CA ARG C 447 -25.62 -9.03 -0.36
C ARG C 447 -25.16 -10.02 -1.43
N VAL C 448 -25.96 -10.16 -2.47
CA VAL C 448 -25.64 -11.07 -3.57
C VAL C 448 -25.71 -10.29 -4.88
N PRO C 449 -24.94 -10.67 -5.90
CA PRO C 449 -25.00 -9.93 -7.17
C PRO C 449 -26.36 -10.08 -7.83
N PHE C 450 -26.76 -9.02 -8.54
CA PHE C 450 -28.03 -9.01 -9.26
C PHE C 450 -27.97 -9.96 -10.46
N ARG C 451 -29.11 -10.60 -10.74
CA ARG C 451 -29.16 -11.65 -11.75
C ARG C 451 -30.14 -11.39 -12.89
N GLY C 452 -31.15 -10.55 -12.71
CA GLY C 452 -32.10 -10.27 -13.76
C GLY C 452 -33.41 -11.02 -13.59
N PRO C 453 -34.08 -11.30 -14.70
CA PRO C 453 -35.36 -12.01 -14.62
C PRO C 453 -35.20 -13.43 -14.09
N LEU C 454 -36.23 -13.89 -13.38
CA LEU C 454 -36.21 -15.24 -12.82
C LEU C 454 -36.26 -16.31 -13.90
N GLY C 455 -36.94 -16.02 -15.01
CA GLY C 455 -37.09 -17.03 -16.05
C GLY C 455 -35.77 -17.52 -16.61
N THR C 456 -34.83 -16.59 -16.83
CA THR C 456 -33.52 -16.98 -17.36
C THR C 456 -32.77 -17.88 -16.37
N VAL C 457 -32.82 -17.54 -15.08
CA VAL C 457 -32.15 -18.35 -14.07
C VAL C 457 -32.76 -19.75 -14.01
N ILE C 458 -34.09 -19.82 -14.01
CA ILE C 458 -34.76 -21.11 -13.96
C ILE C 458 -34.44 -21.94 -15.20
N HIS C 459 -34.38 -21.29 -16.36
CA HIS C 459 -34.06 -22.01 -17.59
C HIS C 459 -32.64 -22.54 -17.57
N GLN C 460 -31.69 -21.75 -17.05
CA GLN C 460 -30.31 -22.24 -16.95
C GLN C 460 -30.21 -23.44 -16.01
N LEU C 461 -30.86 -23.35 -14.85
CA LEU C 461 -30.83 -24.46 -13.90
C LEU C 461 -31.48 -25.71 -14.48
N THR C 462 -32.62 -25.54 -15.17
CA THR C 462 -33.29 -26.68 -15.78
C THR C 462 -32.48 -27.27 -16.92
N GLY C 463 -31.76 -26.44 -17.68
CA GLY C 463 -30.88 -26.97 -18.70
C GLY C 463 -29.75 -27.79 -18.12
N GLY C 464 -29.17 -27.33 -17.02
CA GLY C 464 -28.16 -28.13 -16.33
C GLY C 464 -28.71 -29.46 -15.84
N LEU C 465 -29.91 -29.44 -15.26
CA LEU C 465 -30.54 -30.68 -14.82
C LEU C 465 -30.81 -31.61 -15.99
N ARG C 466 -31.28 -31.05 -17.12
CA ARG C 466 -31.54 -31.86 -18.30
C ARG C 466 -30.27 -32.50 -18.85
N ALA C 467 -29.17 -31.74 -18.85
CA ALA C 467 -27.89 -32.29 -19.28
C ALA C 467 -27.46 -33.44 -18.37
N ALA C 468 -27.63 -33.27 -17.05
CA ALA C 468 -27.29 -34.35 -16.13
C ALA C 468 -28.15 -35.59 -16.39
N MET C 469 -29.44 -35.38 -16.64
CA MET C 469 -30.32 -36.51 -16.96
C MET C 469 -29.88 -37.20 -18.24
N GLY C 470 -29.43 -36.42 -19.24
CA GLY C 470 -28.91 -37.03 -20.45
C GLY C 470 -27.67 -37.85 -20.19
N TYR C 471 -26.77 -37.33 -19.35
CA TYR C 471 -25.53 -38.04 -19.05
C TYR C 471 -25.80 -39.35 -18.34
N THR C 472 -26.77 -39.37 -17.43
CA THR C 472 -27.04 -40.56 -16.65
C THR C 472 -28.01 -41.51 -17.33
N GLY C 473 -28.57 -41.13 -18.47
CA GLY C 473 -29.57 -41.95 -19.14
C GLY C 473 -30.86 -42.09 -18.36
N SER C 474 -31.28 -41.01 -17.70
CA SER C 474 -32.50 -41.02 -16.88
C SER C 474 -33.59 -40.25 -17.65
N ALA C 475 -34.63 -40.98 -18.06
CA ALA C 475 -35.72 -40.32 -18.76
C ALA C 475 -36.62 -39.53 -17.82
N THR C 476 -36.78 -39.99 -16.58
CA THR C 476 -37.60 -39.33 -15.58
C THR C 476 -36.79 -39.10 -14.33
N ILE C 477 -37.29 -38.21 -13.47
CA ILE C 477 -36.63 -37.94 -12.19
C ILE C 477 -36.57 -39.21 -11.34
N GLU C 478 -37.64 -40.03 -11.41
CA GLU C 478 -37.63 -41.29 -10.69
C GLU C 478 -36.47 -42.17 -11.13
N GLN C 479 -36.08 -42.10 -12.39
CA GLN C 479 -34.91 -42.83 -12.85
C GLN C 479 -33.61 -42.16 -12.41
N LEU C 480 -33.60 -40.82 -12.33
CA LEU C 480 -32.40 -40.12 -11.89
C LEU C 480 -32.10 -40.42 -10.43
N GLN C 481 -33.12 -40.70 -9.63
CA GLN C 481 -32.91 -41.00 -8.22
C GLN C 481 -32.23 -42.34 -8.00
N GLN C 482 -32.00 -43.13 -9.05
CA GLN C 482 -31.33 -44.41 -8.95
C GLN C 482 -29.88 -44.35 -9.44
N ALA C 483 -29.37 -43.17 -9.77
CA ALA C 483 -28.01 -43.04 -10.27
C ALA C 483 -26.99 -43.23 -9.15
N GLN C 484 -25.73 -43.37 -9.54
CA GLN C 484 -24.64 -43.66 -8.62
C GLN C 484 -23.68 -42.49 -8.52
N PHE C 485 -22.88 -42.50 -7.45
CA PHE C 485 -21.92 -41.45 -7.15
C PHE C 485 -20.50 -42.00 -7.16
N VAL C 486 -19.55 -41.09 -7.36
CA VAL C 486 -18.13 -41.35 -7.13
C VAL C 486 -17.62 -40.28 -6.17
N GLN C 487 -16.91 -40.72 -5.13
CA GLN C 487 -16.38 -39.82 -4.11
C GLN C 487 -15.02 -39.28 -4.56
N ILE C 488 -14.83 -37.98 -4.44
CA ILE C 488 -13.63 -37.32 -4.92
C ILE C 488 -12.96 -36.58 -3.76
N THR C 489 -11.70 -36.22 -3.97
CA THR C 489 -10.91 -35.51 -2.99
C THR C 489 -10.84 -34.02 -3.35
N ALA C 490 -10.05 -33.26 -2.60
CA ALA C 490 -9.91 -31.83 -2.87
C ALA C 490 -9.25 -31.59 -4.22
N ALA C 491 -8.26 -32.41 -4.57
CA ALA C 491 -7.63 -32.30 -5.89
C ALA C 491 -8.65 -32.56 -7.00
N GLY C 492 -9.49 -33.58 -6.82
CA GLY C 492 -10.57 -33.81 -7.78
C GLY C 492 -11.56 -32.66 -7.81
N LEU C 493 -11.80 -32.03 -6.67
CA LEU C 493 -12.71 -30.89 -6.63
C LEU C 493 -12.16 -29.72 -7.45
N LYS C 494 -10.88 -29.40 -7.31
CA LYS C 494 -10.32 -28.32 -8.11
C LYS C 494 -10.09 -28.73 -9.56
N GLU C 495 -10.04 -30.02 -9.84
CA GLU C 495 -10.02 -30.47 -11.23
C GLU C 495 -11.41 -30.33 -11.86
N SER C 496 -12.47 -30.45 -11.05
CA SER C 496 -13.83 -30.30 -11.57
C SER C 496 -14.07 -28.90 -12.10
N HIS C 497 -13.61 -27.88 -11.39
CA HIS C 497 -13.77 -26.51 -11.81
C HIS C 497 -12.76 -26.17 -12.91
N PRO C 498 -13.02 -25.12 -13.68
CA PRO C 498 -11.99 -24.63 -14.61
C PRO C 498 -10.74 -24.21 -13.86
N HIS C 499 -9.59 -24.46 -14.49
CA HIS C 499 -8.31 -24.22 -13.84
C HIS C 499 -7.27 -23.83 -14.89
N ASP C 500 -6.20 -23.19 -14.42
CA ASP C 500 -5.09 -22.77 -15.27
C ASP C 500 -5.56 -21.94 -16.45
N ILE C 501 -6.48 -21.02 -16.19
CA ILE C 501 -7.05 -20.16 -17.23
C ILE C 501 -7.55 -18.90 -16.59
N THR C 502 -7.44 -17.79 -17.31
CA THR C 502 -8.00 -16.50 -16.90
C THR C 502 -9.24 -16.25 -17.76
N MET C 503 -10.41 -16.29 -17.15
CA MET C 503 -11.66 -16.15 -17.90
C MET C 503 -11.77 -14.74 -18.46
N THR C 504 -11.91 -14.63 -19.78
CA THR C 504 -11.97 -13.34 -20.44
C THR C 504 -13.39 -12.83 -20.66
N VAL C 505 -14.36 -13.73 -20.73
CA VAL C 505 -15.78 -13.37 -20.82
C VAL C 505 -16.56 -14.35 -19.96
N GLU C 506 -17.52 -13.83 -19.21
CA GLU C 506 -18.26 -14.65 -18.26
C GLU C 506 -19.35 -15.46 -18.97
N ALA C 507 -19.52 -16.70 -18.52
CA ALA C 507 -20.51 -17.61 -19.05
C ALA C 507 -21.88 -17.33 -18.43
N PRO C 508 -22.96 -17.65 -19.14
CA PRO C 508 -24.30 -17.41 -18.56
C PRO C 508 -24.59 -18.23 -17.31
N ASN C 509 -24.02 -19.43 -17.18
CA ASN C 509 -24.32 -20.30 -16.05
C ASN C 509 -23.14 -20.54 -15.13
N TYR C 510 -21.99 -19.92 -15.38
CA TYR C 510 -20.83 -20.08 -14.50
C TYR C 510 -20.16 -18.75 -14.23
N TYR C 511 -19.87 -18.47 -12.97
CA TYR C 511 -19.09 -17.32 -12.58
C TYR C 511 -18.27 -17.70 -11.34
N THR C 512 -17.01 -17.31 -11.33
CA THR C 512 -16.13 -17.63 -10.22
C THR C 512 -16.34 -16.66 -9.05
N PRO D 13 3.15 -55.19 4.82
CA PRO D 13 3.49 -54.07 5.70
C PRO D 13 2.29 -53.17 6.00
N VAL D 14 2.46 -52.24 6.92
CA VAL D 14 1.42 -51.26 7.23
C VAL D 14 1.22 -50.35 6.02
N PRO D 15 -0.01 -49.98 5.67
CA PRO D 15 -0.21 -49.13 4.49
C PRO D 15 0.47 -47.77 4.56
N THR D 16 0.80 -47.28 5.76
CA THR D 16 1.49 -46.00 5.91
C THR D 16 3.00 -46.16 6.07
N GLY D 17 3.52 -47.36 5.92
CA GLY D 17 4.94 -47.57 6.01
C GLY D 17 5.33 -48.38 7.25
N GLY D 18 6.37 -49.19 7.09
CA GLY D 18 6.87 -49.98 8.20
C GLY D 18 6.08 -51.26 8.42
N ASP D 19 6.56 -52.05 9.38
CA ASP D 19 5.93 -53.32 9.74
C ASP D 19 5.26 -53.27 11.10
N ASP D 20 5.21 -52.11 11.75
CA ASP D 20 4.64 -52.01 13.08
C ASP D 20 3.26 -51.37 13.01
N PRO D 21 2.18 -52.10 13.29
CA PRO D 21 0.84 -51.48 13.22
C PRO D 21 0.58 -50.45 14.31
N THR D 22 1.39 -50.42 15.36
CA THR D 22 1.21 -49.45 16.45
C THR D 22 2.07 -48.21 16.27
N LYS D 23 2.85 -48.11 15.18
CA LYS D 23 3.73 -46.96 15.01
C LYS D 23 2.91 -45.67 14.86
N VAL D 24 1.86 -45.71 14.05
CA VAL D 24 0.89 -44.63 13.94
C VAL D 24 -0.34 -45.10 14.70
N ALA D 25 -0.51 -44.60 15.93
CA ALA D 25 -1.47 -45.19 16.85
C ALA D 25 -2.90 -44.94 16.40
N MET D 26 -3.24 -43.70 16.05
CA MET D 26 -4.63 -43.36 15.80
C MET D 26 -4.70 -42.16 14.87
N LEU D 27 -5.89 -41.93 14.34
CA LEU D 27 -6.20 -40.74 13.54
C LEU D 27 -6.90 -39.74 14.45
N GLY D 28 -6.32 -38.54 14.56
CA GLY D 28 -6.82 -37.55 15.49
C GLY D 28 -7.80 -36.59 14.85
N LEU D 29 -8.88 -36.31 15.57
CA LEU D 29 -9.90 -35.37 15.14
C LEU D 29 -9.88 -34.14 16.03
N THR D 30 -10.08 -32.98 15.42
CA THR D 30 -10.19 -31.72 16.14
C THR D 30 -11.60 -31.16 15.97
N PHE D 31 -11.81 -29.94 16.46
CA PHE D 31 -13.16 -29.37 16.49
C PHE D 31 -13.72 -29.20 15.08
N ASP D 32 -12.89 -28.80 14.12
CA ASP D 32 -13.36 -28.56 12.77
C ASP D 32 -13.69 -29.84 12.00
N ASP D 33 -13.39 -31.01 12.57
CA ASP D 33 -13.63 -32.27 11.89
C ASP D 33 -14.99 -32.89 12.19
N VAL D 34 -15.68 -32.44 13.24
CA VAL D 34 -16.90 -33.11 13.71
C VAL D 34 -18.03 -32.11 13.82
N LEU D 35 -19.26 -32.65 13.78
CA LEU D 35 -20.46 -31.88 14.02
C LEU D 35 -21.39 -32.67 14.93
N LEU D 36 -22.15 -31.97 15.76
CA LEU D 36 -23.14 -32.61 16.61
C LEU D 36 -24.36 -33.01 15.80
N LEU D 37 -24.88 -34.20 16.08
CA LEU D 37 -26.08 -34.67 15.38
C LEU D 37 -27.32 -34.27 16.17
N PRO D 38 -28.35 -33.74 15.51
CA PRO D 38 -29.61 -33.48 16.20
C PRO D 38 -30.28 -34.77 16.64
N ALA D 39 -31.00 -34.70 17.76
CA ALA D 39 -31.68 -35.84 18.33
C ALA D 39 -33.09 -35.43 18.73
N ALA D 40 -33.88 -36.42 19.15
CA ALA D 40 -35.23 -36.16 19.63
C ALA D 40 -35.16 -35.26 20.85
N SER D 41 -35.84 -34.12 20.78
CA SER D 41 -35.70 -33.08 21.79
C SER D 41 -37.05 -32.65 22.33
N ASP D 42 -37.11 -32.46 23.64
CA ASP D 42 -38.22 -31.77 24.29
C ASP D 42 -37.72 -30.58 25.11
N VAL D 43 -36.53 -30.08 24.78
CA VAL D 43 -35.83 -29.07 25.57
C VAL D 43 -35.95 -27.73 24.86
N VAL D 44 -36.53 -26.76 25.54
CA VAL D 44 -36.49 -25.36 25.11
C VAL D 44 -35.10 -24.85 25.41
N PRO D 45 -34.47 -24.07 24.51
CA PRO D 45 -33.13 -23.56 24.82
C PRO D 45 -33.06 -22.74 26.08
N ALA D 46 -34.16 -22.11 26.50
CA ALA D 46 -34.19 -21.33 27.72
C ALA D 46 -34.48 -22.16 28.96
N THR D 47 -34.83 -23.44 28.80
CA THR D 47 -35.09 -24.31 29.93
C THR D 47 -33.95 -25.29 30.20
N ALA D 48 -32.82 -25.15 29.49
CA ALA D 48 -31.68 -26.03 29.70
C ALA D 48 -30.84 -25.55 30.87
N ASP D 49 -30.29 -26.50 31.61
CA ASP D 49 -29.42 -26.21 32.75
C ASP D 49 -27.98 -26.39 32.33
N THR D 50 -27.20 -25.30 32.40
CA THR D 50 -25.82 -25.31 31.96
C THR D 50 -24.83 -25.61 33.08
N SER D 51 -25.31 -25.96 34.27
CA SER D 51 -24.42 -26.21 35.39
C SER D 51 -23.58 -27.46 35.14
N SER D 52 -22.34 -27.42 35.63
CA SER D 52 -21.41 -28.52 35.46
C SER D 52 -20.39 -28.51 36.59
N GLN D 53 -19.72 -29.64 36.77
CA GLN D 53 -18.70 -29.78 37.81
C GLN D 53 -17.36 -29.24 37.31
N LEU D 54 -16.75 -28.34 38.09
CA LEU D 54 -15.37 -27.96 37.82
C LEU D 54 -14.41 -28.98 38.42
N THR D 55 -14.61 -29.31 39.69
CA THR D 55 -13.88 -30.41 40.33
C THR D 55 -14.90 -31.36 40.95
N LYS D 56 -14.43 -32.31 41.75
CA LYS D 56 -15.33 -33.25 42.39
C LYS D 56 -16.21 -32.59 43.44
N ARG D 57 -15.86 -31.38 43.90
CA ARG D 57 -16.61 -30.68 44.92
C ARG D 57 -17.18 -29.34 44.49
N ILE D 58 -16.63 -28.72 43.44
CA ILE D 58 -17.05 -27.39 43.01
C ILE D 58 -17.93 -27.53 41.78
N ARG D 59 -19.09 -26.88 41.79
CA ARG D 59 -20.02 -26.86 40.67
C ARG D 59 -20.20 -25.42 40.20
N LEU D 60 -20.08 -25.21 38.89
CA LEU D 60 -20.27 -23.90 38.29
C LEU D 60 -21.61 -23.81 37.61
N ARG D 61 -22.21 -22.61 37.65
CA ARG D 61 -23.47 -22.40 36.94
C ARG D 61 -23.24 -22.27 35.44
N VAL D 62 -22.13 -21.65 35.04
CA VAL D 62 -21.71 -21.56 33.64
C VAL D 62 -20.37 -22.27 33.52
N PRO D 63 -20.25 -23.32 32.71
CA PRO D 63 -19.03 -24.15 32.70
C PRO D 63 -17.90 -23.54 31.88
N LEU D 64 -17.48 -22.34 32.26
CA LEU D 64 -16.39 -21.65 31.59
C LEU D 64 -15.39 -21.15 32.61
N VAL D 65 -14.11 -21.30 32.30
CA VAL D 65 -13.02 -20.90 33.17
C VAL D 65 -12.04 -20.05 32.37
N SER D 66 -11.47 -19.04 33.01
CA SER D 66 -10.48 -18.20 32.36
C SER D 66 -9.10 -18.83 32.46
N SER D 67 -8.23 -18.48 31.51
CA SER D 67 -6.90 -19.05 31.43
C SER D 67 -5.92 -18.33 32.34
N ALA D 68 -4.97 -19.10 32.88
CA ALA D 68 -3.95 -18.55 33.78
C ALA D 68 -2.82 -17.93 32.95
N MET D 69 -3.16 -16.83 32.28
CA MET D 69 -2.21 -16.11 31.44
C MET D 69 -2.17 -14.66 31.87
N ASP D 70 -1.01 -14.03 31.69
CA ASP D 70 -0.80 -12.66 32.16
C ASP D 70 -1.54 -11.64 31.32
N THR D 71 -2.08 -12.01 30.17
CA THR D 71 -2.86 -11.11 29.33
C THR D 71 -4.35 -11.46 29.36
N VAL D 72 -4.76 -12.36 30.24
CA VAL D 72 -6.14 -12.82 30.27
C VAL D 72 -6.76 -12.59 31.64
N THR D 73 -6.13 -13.13 32.69
CA THR D 73 -6.74 -13.17 34.01
C THR D 73 -5.94 -12.38 35.02
N GLU D 74 -6.61 -11.46 35.70
CA GLU D 74 -6.10 -10.78 36.89
C GLU D 74 -7.28 -10.64 37.85
N SER D 75 -7.14 -9.78 38.85
CA SER D 75 -8.19 -9.65 39.86
C SER D 75 -9.52 -9.21 39.24
N ARG D 76 -9.48 -8.22 38.34
CA ARG D 76 -10.71 -7.76 37.71
C ARG D 76 -11.36 -8.85 36.88
N MET D 77 -10.56 -9.57 36.09
CA MET D 77 -11.10 -10.64 35.26
C MET D 77 -11.62 -11.78 36.11
N ALA D 78 -10.92 -12.12 37.19
CA ALA D 78 -11.39 -13.17 38.09
C ALA D 78 -12.72 -12.79 38.72
N ILE D 79 -12.86 -11.54 39.16
CA ILE D 79 -14.11 -11.09 39.75
C ILE D 79 -15.24 -11.15 38.72
N ALA D 80 -14.98 -10.68 37.49
CA ALA D 80 -16.02 -10.71 36.46
C ALA D 80 -16.42 -12.13 36.10
N MET D 81 -15.44 -13.05 36.01
CA MET D 81 -15.74 -14.44 35.70
C MET D 81 -16.56 -15.08 36.82
N ALA D 82 -16.19 -14.82 38.08
CA ALA D 82 -16.97 -15.41 39.17
C ALA D 82 -18.36 -14.80 39.23
N ARG D 83 -18.50 -13.54 38.82
CA ARG D 83 -19.81 -12.90 38.83
C ARG D 83 -20.69 -13.43 37.70
N ALA D 84 -20.08 -13.93 36.63
CA ALA D 84 -20.86 -14.40 35.48
C ALA D 84 -21.29 -15.85 35.58
N GLY D 85 -20.82 -16.58 36.58
CA GLY D 85 -21.17 -17.98 36.75
C GLY D 85 -20.02 -18.94 36.57
N GLY D 86 -18.85 -18.46 36.18
CA GLY D 86 -17.69 -19.32 36.01
C GLY D 86 -16.63 -19.12 37.06
N MET D 87 -15.38 -19.05 36.65
CA MET D 87 -14.26 -18.84 37.55
C MET D 87 -13.05 -18.41 36.76
N GLY D 88 -12.16 -17.67 37.42
CA GLY D 88 -10.89 -17.27 36.83
C GLY D 88 -9.74 -17.96 37.55
N VAL D 89 -8.63 -18.13 36.83
CA VAL D 89 -7.42 -18.72 37.38
C VAL D 89 -6.29 -17.72 37.20
N LEU D 90 -5.74 -17.24 38.31
CA LEU D 90 -4.73 -16.19 38.24
C LEU D 90 -3.41 -16.74 37.77
N HIS D 91 -2.76 -16.03 36.85
CA HIS D 91 -1.49 -16.47 36.31
C HIS D 91 -0.38 -16.35 37.36
N ARG D 92 0.69 -17.10 37.13
CA ARG D 92 1.79 -17.19 38.08
C ARG D 92 3.06 -16.54 37.55
N ASN D 93 2.91 -15.56 36.66
CA ASN D 93 4.05 -14.79 36.17
C ASN D 93 4.36 -13.60 37.05
N LEU D 94 3.67 -13.45 38.17
CA LEU D 94 3.87 -12.42 39.17
C LEU D 94 4.62 -12.98 40.36
N PRO D 95 5.25 -12.11 41.17
CA PRO D 95 5.84 -12.58 42.42
C PRO D 95 4.79 -13.16 43.34
N VAL D 96 5.24 -14.04 44.25
CA VAL D 96 4.31 -14.77 45.11
C VAL D 96 3.47 -13.80 45.94
N ALA D 97 4.10 -12.75 46.48
CA ALA D 97 3.36 -11.79 47.28
C ALA D 97 2.28 -11.09 46.47
N GLU D 98 2.60 -10.71 45.24
CA GLU D 98 1.61 -10.04 44.40
C GLU D 98 0.45 -10.97 44.06
N GLN D 99 0.73 -12.24 43.78
CA GLN D 99 -0.34 -13.20 43.49
C GLN D 99 -1.22 -13.42 44.71
N ALA D 100 -0.63 -13.52 45.90
CA ALA D 100 -1.41 -13.65 47.12
C ALA D 100 -2.27 -12.40 47.34
N GLY D 101 -1.72 -11.23 47.04
CA GLY D 101 -2.50 -10.00 47.13
C GLY D 101 -3.68 -9.99 46.16
N GLN D 102 -3.47 -10.49 44.94
CA GLN D 102 -4.55 -10.60 43.98
C GLN D 102 -5.64 -11.55 44.48
N VAL D 103 -5.23 -12.68 45.06
CA VAL D 103 -6.20 -13.61 45.62
C VAL D 103 -7.00 -12.95 46.73
N GLU D 104 -6.32 -12.21 47.61
CA GLU D 104 -7.01 -11.49 48.67
C GLU D 104 -7.96 -10.45 48.13
N THR D 105 -7.56 -9.75 47.06
CA THR D 105 -8.44 -8.77 46.43
C THR D 105 -9.69 -9.42 45.88
N VAL D 106 -9.54 -10.58 45.23
CA VAL D 106 -10.71 -11.29 44.71
C VAL D 106 -11.61 -11.73 45.85
N LYS D 107 -11.02 -12.25 46.93
CA LYS D 107 -11.83 -12.75 48.04
C LYS D 107 -12.49 -11.64 48.84
N ARG D 108 -11.92 -10.43 48.82
CA ARG D 108 -12.45 -9.31 49.59
C ARG D 108 -13.63 -8.63 48.93
N SER D 109 -13.89 -8.91 47.66
CA SER D 109 -14.99 -8.27 46.94
C SER D 109 -16.35 -8.70 47.51
N GLN D 225 -27.68 -8.12 41.32
CA GLN D 225 -27.08 -7.72 40.04
C GLN D 225 -26.40 -8.90 39.36
N PHE D 226 -25.90 -9.84 40.16
CA PHE D 226 -25.18 -11.01 39.67
C PHE D 226 -25.77 -12.26 40.30
N PRO D 227 -26.95 -12.70 39.84
CA PRO D 227 -27.59 -13.88 40.43
C PRO D 227 -26.82 -15.17 40.23
N LEU D 228 -25.95 -15.24 39.21
CA LEU D 228 -25.23 -16.47 38.89
C LEU D 228 -23.86 -16.55 39.55
N SER D 229 -23.53 -15.61 40.42
CA SER D 229 -22.20 -15.57 41.03
C SER D 229 -21.90 -16.86 41.77
N THR D 230 -20.70 -17.40 41.54
CA THR D 230 -20.26 -18.63 42.20
C THR D 230 -19.54 -18.25 43.49
N LYS D 231 -20.08 -18.71 44.62
CA LYS D 231 -19.57 -18.35 45.93
C LYS D 231 -19.34 -19.59 46.76
N ASP D 232 -18.46 -19.46 47.75
CA ASP D 232 -18.22 -20.52 48.72
C ASP D 232 -19.32 -20.47 49.79
N SER D 233 -19.11 -21.19 50.89
CA SER D 233 -20.11 -21.21 51.96
C SER D 233 -20.29 -19.82 52.57
N ASP D 234 -19.20 -19.08 52.73
CA ASP D 234 -19.23 -17.76 53.35
C ASP D 234 -19.71 -16.66 52.40
N GLY D 235 -20.19 -17.01 51.22
CA GLY D 235 -20.70 -16.01 50.30
C GLY D 235 -19.64 -15.17 49.63
N ARG D 236 -18.40 -15.64 49.56
CA ARG D 236 -17.34 -14.94 48.87
C ARG D 236 -17.05 -15.60 47.53
N LEU D 237 -16.63 -14.80 46.56
CA LEU D 237 -16.39 -15.30 45.21
C LEU D 237 -15.29 -16.34 45.22
N LEU D 238 -15.49 -17.40 44.44
CA LEU D 238 -14.46 -18.42 44.26
C LEU D 238 -13.41 -17.96 43.27
N VAL D 239 -12.19 -18.46 43.47
CA VAL D 239 -11.08 -18.11 42.59
C VAL D 239 -10.06 -19.24 42.66
N GLY D 240 -9.21 -19.34 41.64
CA GLY D 240 -8.14 -20.31 41.64
C GLY D 240 -6.83 -19.66 41.25
N ALA D 241 -5.75 -20.36 41.58
CA ALA D 241 -4.42 -19.85 41.29
C ALA D 241 -3.56 -20.95 40.69
N ALA D 242 -2.56 -20.55 39.92
CA ALA D 242 -1.67 -21.47 39.23
C ALA D 242 -0.32 -21.52 39.93
N VAL D 243 0.22 -22.73 40.07
CA VAL D 243 1.55 -22.95 40.64
C VAL D 243 2.33 -23.85 39.69
N GLY D 244 3.65 -23.79 39.83
CA GLY D 244 4.56 -24.56 39.02
C GLY D 244 4.98 -25.86 39.69
N VAL D 245 6.22 -26.27 39.43
CA VAL D 245 6.79 -27.48 40.01
C VAL D 245 8.12 -27.12 40.65
N GLY D 246 8.30 -27.53 41.90
CA GLY D 246 9.52 -27.28 42.64
C GLY D 246 9.23 -26.78 44.04
N ASP D 247 10.31 -26.62 44.81
CA ASP D 247 10.18 -26.14 46.19
C ASP D 247 9.73 -24.68 46.22
N ASP D 248 10.19 -23.87 45.27
CA ASP D 248 9.68 -22.50 45.14
C ASP D 248 8.18 -22.52 44.85
N ALA D 249 7.75 -23.42 43.97
CA ALA D 249 6.33 -23.60 43.73
C ALA D 249 5.61 -24.07 44.98
N TRP D 250 6.26 -24.89 45.81
CA TRP D 250 5.66 -25.28 47.09
C TRP D 250 5.43 -24.09 48.00
N THR D 251 6.43 -23.20 48.09
CA THR D 251 6.26 -21.99 48.89
C THR D 251 5.13 -21.13 48.34
N ARG D 252 5.07 -20.97 47.02
CA ARG D 252 3.99 -20.19 46.42
C ARG D 252 2.63 -20.82 46.71
N ALA D 253 2.53 -22.14 46.61
CA ALA D 253 1.26 -22.82 46.85
C ALA D 253 0.82 -22.68 48.30
N MET D 254 1.76 -22.82 49.24
CA MET D 254 1.39 -22.65 50.65
C MET D 254 0.98 -21.21 50.93
N THR D 255 1.68 -20.23 50.36
CA THR D 255 1.29 -18.84 50.53
C THR D 255 -0.10 -18.58 49.98
N LEU D 256 -0.40 -19.12 48.79
CA LEU D 256 -1.72 -18.92 48.19
C LEU D 256 -2.81 -19.60 49.02
N VAL D 257 -2.52 -20.79 49.56
CA VAL D 257 -3.49 -21.48 50.41
C VAL D 257 -3.75 -20.65 51.67
N ASP D 258 -2.71 -20.00 52.19
CA ASP D 258 -2.90 -19.12 53.33
C ASP D 258 -3.84 -17.97 53.01
N ALA D 259 -3.71 -17.39 51.82
CA ALA D 259 -4.52 -16.23 51.43
C ALA D 259 -5.97 -16.57 51.13
N GLY D 260 -6.36 -17.84 51.20
CA GLY D 260 -7.73 -18.23 50.97
C GLY D 260 -8.10 -18.67 49.57
N VAL D 261 -7.14 -19.11 48.76
CA VAL D 261 -7.46 -19.59 47.42
C VAL D 261 -8.35 -20.84 47.56
N ASP D 262 -9.10 -21.12 46.51
CA ASP D 262 -10.07 -22.21 46.51
C ASP D 262 -9.62 -23.42 45.72
N VAL D 263 -8.93 -23.22 44.59
CA VAL D 263 -8.42 -24.32 43.79
C VAL D 263 -7.04 -23.97 43.26
N LEU D 264 -6.14 -24.96 43.29
CA LEU D 264 -4.77 -24.81 42.83
C LEU D 264 -4.60 -25.60 41.54
N ILE D 265 -4.04 -24.97 40.53
CA ILE D 265 -3.81 -25.58 39.22
C ILE D 265 -2.32 -25.81 39.08
N VAL D 266 -1.91 -27.06 38.87
CA VAL D 266 -0.52 -27.33 38.57
C VAL D 266 -0.30 -27.03 37.09
N ASP D 267 0.07 -25.79 36.80
CA ASP D 267 0.11 -25.26 35.44
C ASP D 267 1.44 -25.61 34.80
N THR D 268 1.46 -26.69 34.04
CA THR D 268 2.63 -27.16 33.32
C THR D 268 2.27 -27.41 31.87
N ALA D 269 3.28 -27.75 31.07
CA ALA D 269 3.07 -28.11 29.68
C ALA D 269 3.08 -29.62 29.45
N HIS D 270 3.56 -30.40 30.41
CA HIS D 270 3.66 -31.84 30.26
C HIS D 270 3.38 -32.46 31.64
N ALA D 271 2.13 -32.86 31.86
CA ALA D 271 1.73 -33.38 33.16
C ALA D 271 2.11 -34.84 33.37
N HIS D 272 2.59 -35.52 32.33
CA HIS D 272 3.02 -36.91 32.49
C HIS D 272 4.44 -37.01 33.02
N ASN D 273 5.12 -35.89 33.23
CA ASN D 273 6.43 -35.88 33.85
C ASN D 273 6.33 -36.31 35.31
N ARG D 274 7.37 -36.99 35.79
CA ARG D 274 7.38 -37.48 37.17
C ARG D 274 7.27 -36.34 38.18
N GLY D 275 7.86 -35.19 37.87
CA GLY D 275 7.81 -34.07 38.79
C GLY D 275 6.40 -33.56 39.03
N VAL D 276 5.60 -33.47 37.96
CA VAL D 276 4.24 -32.96 38.10
C VAL D 276 3.38 -33.91 38.92
N LEU D 277 3.49 -35.22 38.66
CA LEU D 277 2.73 -36.19 39.44
C LEU D 277 3.16 -36.17 40.90
N ASP D 278 4.46 -36.08 41.15
CA ASP D 278 4.95 -36.02 42.53
C ASP D 278 4.43 -34.78 43.24
N MET D 279 4.45 -33.63 42.56
CA MET D 279 3.95 -32.39 43.15
C MET D 279 2.46 -32.46 43.43
N VAL D 280 1.69 -33.07 42.51
CA VAL D 280 0.26 -33.22 42.73
C VAL D 280 -0.01 -34.09 43.94
N SER D 281 0.74 -35.19 44.09
CA SER D 281 0.59 -36.03 45.26
C SER D 281 0.94 -35.28 46.54
N ARG D 282 2.02 -34.50 46.51
CA ARG D 282 2.43 -33.74 47.69
C ARG D 282 1.34 -32.75 48.10
N LEU D 283 0.83 -31.98 47.13
CA LEU D 283 -0.20 -30.99 47.44
C LEU D 283 -1.48 -31.65 47.94
N LYS D 284 -1.86 -32.78 47.34
CA LYS D 284 -3.06 -33.47 47.78
C LYS D 284 -2.91 -34.01 49.20
N GLN D 285 -1.73 -34.53 49.53
CA GLN D 285 -1.51 -35.02 50.89
C GLN D 285 -1.49 -33.87 51.89
N ALA D 286 -0.94 -32.72 51.51
CA ALA D 286 -0.79 -31.61 52.45
C ALA D 286 -2.11 -30.87 52.66
N VAL D 287 -2.66 -30.28 51.60
CA VAL D 287 -3.81 -29.40 51.74
C VAL D 287 -5.00 -29.96 50.98
N GLY D 288 -5.13 -31.29 50.96
CA GLY D 288 -6.18 -31.92 50.19
C GLY D 288 -7.58 -31.56 50.67
N GLU D 289 -7.78 -31.52 51.98
CA GLU D 289 -9.11 -31.23 52.51
C GLU D 289 -9.48 -29.77 52.28
N ARG D 290 -8.52 -28.86 52.39
CA ARG D 290 -8.83 -27.44 52.31
C ARG D 290 -9.16 -27.01 50.90
N VAL D 291 -8.36 -27.43 49.92
CA VAL D 291 -8.48 -26.96 48.54
C VAL D 291 -8.47 -28.15 47.60
N ASP D 292 -8.83 -27.87 46.35
CA ASP D 292 -8.79 -28.84 45.26
C ASP D 292 -7.54 -28.63 44.43
N VAL D 293 -7.00 -29.74 43.92
CA VAL D 293 -5.80 -29.74 43.09
C VAL D 293 -6.18 -30.21 41.69
N VAL D 294 -5.77 -29.44 40.68
CA VAL D 294 -6.05 -29.76 39.28
C VAL D 294 -4.75 -30.11 38.60
N GLY D 295 -4.73 -31.25 37.91
CA GLY D 295 -3.53 -31.69 37.22
C GLY D 295 -3.24 -30.87 35.97
N GLY D 296 -2.00 -30.99 35.52
CA GLY D 296 -1.54 -30.25 34.36
C GLY D 296 -2.17 -30.76 33.08
N ASN D 297 -1.60 -30.32 31.97
CA ASN D 297 -2.15 -30.61 30.65
C ASN D 297 -1.70 -31.99 30.17
N VAL D 298 -2.67 -32.80 29.75
CA VAL D 298 -2.41 -34.13 29.22
C VAL D 298 -3.00 -34.22 27.81
N ALA D 299 -2.57 -35.25 27.08
CA ALA D 299 -3.10 -35.51 25.76
C ALA D 299 -3.38 -36.98 25.49
N THR D 300 -3.10 -37.88 26.44
CA THR D 300 -3.27 -39.30 26.23
C THR D 300 -4.06 -39.91 27.38
N ARG D 301 -4.58 -41.11 27.15
CA ARG D 301 -5.32 -41.82 28.18
C ARG D 301 -4.41 -42.19 29.35
N ALA D 302 -3.18 -42.60 29.06
CA ALA D 302 -2.26 -43.01 30.13
C ALA D 302 -1.91 -41.86 31.05
N ALA D 303 -1.69 -40.67 30.48
CA ALA D 303 -1.38 -39.50 31.30
C ALA D 303 -2.55 -39.13 32.20
N ALA D 304 -3.77 -39.19 31.67
CA ALA D 304 -4.95 -38.92 32.48
C ALA D 304 -5.10 -39.93 33.60
N ALA D 305 -4.85 -41.21 33.30
CA ALA D 305 -4.91 -42.24 34.34
C ALA D 305 -3.87 -42.00 35.42
N ALA D 306 -2.65 -41.61 35.02
CA ALA D 306 -1.61 -41.31 35.99
C ALA D 306 -1.98 -40.12 36.87
N LEU D 307 -2.56 -39.08 36.27
CA LEU D 307 -2.99 -37.92 37.05
C LEU D 307 -4.11 -38.29 38.03
N VAL D 308 -5.04 -39.12 37.59
CA VAL D 308 -6.12 -39.57 38.48
C VAL D 308 -5.55 -40.38 39.63
N GLU D 309 -4.61 -41.28 39.33
CA GLU D 309 -3.98 -42.09 40.37
C GLU D 309 -3.21 -41.21 41.36
N ALA D 310 -2.58 -40.15 40.87
CA ALA D 310 -1.85 -39.24 41.75
C ALA D 310 -2.76 -38.50 42.71
N GLY D 311 -4.06 -38.45 42.45
CA GLY D 311 -5.02 -37.85 43.35
C GLY D 311 -5.59 -36.51 42.92
N ALA D 312 -5.41 -36.11 41.67
CA ALA D 312 -5.95 -34.83 41.22
C ALA D 312 -7.47 -34.86 41.21
N ASP D 313 -8.08 -33.72 41.53
CA ASP D 313 -9.52 -33.59 41.53
C ASP D 313 -10.09 -33.20 40.17
N ALA D 314 -9.25 -32.84 39.21
CA ALA D 314 -9.69 -32.54 37.86
C ALA D 314 -8.48 -32.66 36.94
N VAL D 315 -8.74 -33.00 35.67
CA VAL D 315 -7.69 -33.21 34.69
C VAL D 315 -7.87 -32.21 33.56
N LYS D 316 -6.81 -31.46 33.26
CA LYS D 316 -6.82 -30.49 32.16
C LYS D 316 -6.21 -31.13 30.93
N VAL D 317 -6.88 -30.96 29.79
CA VAL D 317 -6.55 -31.66 28.56
C VAL D 317 -6.21 -30.64 27.48
N GLY D 318 -5.12 -30.90 26.76
CA GLY D 318 -4.70 -30.11 25.62
C GLY D 318 -3.22 -29.79 25.63
N VAL D 319 -2.53 -30.19 24.55
CA VAL D 319 -1.10 -29.98 24.41
C VAL D 319 -0.84 -29.49 22.99
N GLY D 320 -0.77 -28.17 22.82
CA GLY D 320 -0.53 -27.60 21.52
C GLY D 320 -1.66 -26.85 20.81
N PRO D 321 -2.94 -27.10 21.12
CA PRO D 321 -4.00 -26.48 20.31
C PRO D 321 -4.21 -24.99 20.58
N GLY D 322 -3.43 -24.39 21.48
CA GLY D 322 -3.63 -22.98 21.78
C GLY D 322 -3.40 -22.10 20.55
N SER D 323 -4.18 -21.02 20.48
CA SER D 323 -4.08 -20.12 19.34
C SER D 323 -2.73 -19.43 19.26
N ILE D 324 -2.01 -19.31 20.37
CA ILE D 324 -0.70 -18.68 20.40
C ILE D 324 0.43 -19.68 20.56
N CYS D 325 0.12 -20.98 20.66
CA CYS D 325 1.15 -21.98 20.88
C CYS D 325 1.92 -22.29 19.60
N THR D 326 3.19 -22.65 19.77
CA THR D 326 4.02 -23.19 18.70
C THR D 326 4.65 -24.52 19.11
N THR D 327 4.09 -25.18 20.12
CA THR D 327 4.65 -26.44 20.60
C THR D 327 4.62 -27.51 19.52
N ARG D 328 3.54 -27.56 18.74
CA ARG D 328 3.41 -28.58 17.70
C ARG D 328 4.32 -28.29 16.51
N VAL D 329 4.81 -27.07 16.37
CA VAL D 329 5.66 -26.69 15.26
C VAL D 329 7.12 -26.66 15.66
N VAL D 330 7.41 -26.24 16.89
CA VAL D 330 8.79 -26.16 17.36
C VAL D 330 9.27 -27.51 17.86
N ALA D 331 8.43 -28.23 18.61
CA ALA D 331 8.79 -29.54 19.13
C ALA D 331 8.13 -30.69 18.37
N GLY D 332 7.06 -30.42 17.61
CA GLY D 332 6.39 -31.48 16.88
C GLY D 332 5.57 -32.42 17.72
N VAL D 333 5.16 -32.01 18.92
CA VAL D 333 4.47 -32.87 19.86
C VAL D 333 3.07 -32.30 20.09
N GLY D 334 2.07 -33.17 20.03
CA GLY D 334 0.71 -32.75 20.29
C GLY D 334 -0.28 -33.85 19.98
N ALA D 335 -1.56 -33.48 20.12
CA ALA D 335 -2.67 -34.38 19.83
C ALA D 335 -3.90 -33.53 19.53
N PRO D 336 -4.70 -33.88 18.53
CA PRO D 336 -5.92 -33.12 18.26
C PRO D 336 -6.88 -33.17 19.45
N GLN D 337 -7.61 -32.08 19.64
CA GLN D 337 -8.27 -31.85 20.93
C GLN D 337 -9.44 -32.79 21.16
N ILE D 338 -10.22 -33.10 20.12
CA ILE D 338 -11.38 -33.97 20.31
C ILE D 338 -10.93 -35.38 20.67
N THR D 339 -9.94 -35.91 19.96
CA THR D 339 -9.42 -37.25 20.26
C THR D 339 -8.79 -37.30 21.65
N ALA D 340 -8.05 -36.25 22.01
CA ALA D 340 -7.44 -36.20 23.34
C ALA D 340 -8.50 -36.18 24.43
N ILE D 341 -9.58 -35.41 24.22
CA ILE D 341 -10.64 -35.36 25.21
C ILE D 341 -11.32 -36.72 25.34
N LEU D 342 -11.59 -37.38 24.22
CA LEU D 342 -12.22 -38.71 24.30
C LEU D 342 -11.33 -39.70 25.03
N GLU D 343 -10.02 -39.70 24.74
CA GLU D 343 -9.12 -40.62 25.39
C GLU D 343 -9.00 -40.33 26.89
N ALA D 344 -8.94 -39.05 27.27
CA ALA D 344 -8.82 -38.70 28.68
C ALA D 344 -10.10 -39.03 29.44
N VAL D 345 -11.26 -38.82 28.82
CA VAL D 345 -12.53 -39.14 29.46
C VAL D 345 -12.66 -40.66 29.63
N ALA D 346 -12.11 -41.43 28.69
CA ALA D 346 -12.13 -42.89 28.83
C ALA D 346 -11.45 -43.34 30.12
N ALA D 347 -10.50 -42.55 30.62
CA ALA D 347 -9.76 -42.91 31.84
C ALA D 347 -10.26 -42.18 33.09
N CYS D 348 -10.82 -40.99 32.95
CA CYS D 348 -11.21 -40.20 34.11
C CYS D 348 -12.67 -40.40 34.52
N LYS D 349 -13.54 -40.75 33.58
CA LYS D 349 -14.96 -40.91 33.91
C LYS D 349 -15.24 -42.03 34.91
N PRO D 350 -14.65 -43.23 34.82
CA PRO D 350 -14.98 -44.27 35.81
C PRO D 350 -14.69 -43.86 37.24
N TYR D 351 -13.73 -42.98 37.47
CA TYR D 351 -13.41 -42.49 38.80
C TYR D 351 -14.12 -41.18 39.15
N GLY D 352 -14.95 -40.66 38.25
CA GLY D 352 -15.66 -39.42 38.52
C GLY D 352 -14.79 -38.19 38.64
N VAL D 353 -13.73 -38.09 37.85
CA VAL D 353 -12.85 -36.94 37.85
C VAL D 353 -13.18 -36.06 36.66
N PRO D 354 -13.56 -34.79 36.87
CA PRO D 354 -13.94 -33.93 35.74
C PRO D 354 -12.78 -33.62 34.81
N VAL D 355 -13.15 -33.29 33.56
CA VAL D 355 -12.20 -32.97 32.51
C VAL D 355 -12.40 -31.53 32.05
N ILE D 356 -11.29 -30.81 31.92
CA ILE D 356 -11.28 -29.42 31.48
C ILE D 356 -10.62 -29.41 30.11
N ALA D 357 -11.32 -28.89 29.10
CA ALA D 357 -10.77 -28.73 27.76
C ALA D 357 -10.09 -27.37 27.67
N ASP D 358 -8.80 -27.35 27.35
CA ASP D 358 -8.02 -26.12 27.44
C ASP D 358 -7.32 -25.88 26.10
N GLY D 359 -7.75 -24.83 25.41
CA GLY D 359 -7.08 -24.37 24.21
C GLY D 359 -7.79 -24.79 22.94
N GLY D 360 -7.69 -23.95 21.92
CA GLY D 360 -8.20 -24.25 20.60
C GLY D 360 -9.66 -23.91 20.35
N LEU D 361 -10.34 -23.28 21.30
CA LEU D 361 -11.75 -22.97 21.15
C LEU D 361 -11.92 -21.55 20.61
N GLN D 362 -12.64 -21.43 19.49
CA GLN D 362 -12.89 -20.14 18.86
C GLN D 362 -14.35 -19.75 18.77
N TYR D 363 -15.28 -20.71 18.91
CA TYR D 363 -16.71 -20.42 18.79
C TYR D 363 -17.44 -21.15 19.90
N SER D 364 -18.71 -20.77 20.08
CA SER D 364 -19.56 -21.47 21.05
C SER D 364 -19.84 -22.90 20.63
N GLY D 365 -19.92 -23.15 19.32
CA GLY D 365 -20.05 -24.51 18.84
C GLY D 365 -18.87 -25.37 19.23
N ASP D 366 -17.67 -24.79 19.30
CA ASP D 366 -16.51 -25.53 19.81
C ASP D 366 -16.70 -25.92 21.27
N ILE D 367 -17.25 -25.02 22.08
CA ILE D 367 -17.53 -25.35 23.48
C ILE D 367 -18.54 -26.48 23.56
N ALA D 368 -19.58 -26.42 22.74
CA ALA D 368 -20.57 -27.49 22.71
C ALA D 368 -19.94 -28.82 22.32
N LYS D 369 -19.06 -28.81 21.31
CA LYS D 369 -18.38 -30.03 20.90
C LYS D 369 -17.48 -30.57 22.00
N ALA D 370 -16.76 -29.67 22.70
CA ALA D 370 -15.88 -30.12 23.78
C ALA D 370 -16.67 -30.73 24.92
N LEU D 371 -17.82 -30.14 25.27
CA LEU D 371 -18.63 -30.72 26.35
C LEU D 371 -19.31 -32.01 25.91
N ALA D 372 -19.66 -32.13 24.63
CA ALA D 372 -20.27 -33.37 24.15
C ALA D 372 -19.25 -34.49 24.02
N ALA D 373 -17.98 -34.16 23.80
CA ALA D 373 -16.95 -35.19 23.69
C ALA D 373 -16.67 -35.85 25.03
N GLY D 374 -17.05 -35.23 26.15
CA GLY D 374 -16.87 -35.85 27.44
C GLY D 374 -16.39 -34.91 28.52
N ALA D 375 -15.83 -33.77 28.11
CA ALA D 375 -15.29 -32.82 29.07
C ALA D 375 -16.41 -32.20 29.90
N SER D 376 -16.02 -31.63 31.04
CA SER D 376 -16.96 -30.98 31.94
C SER D 376 -16.86 -29.47 31.94
N THR D 377 -15.68 -28.91 31.70
CA THR D 377 -15.54 -27.46 31.64
C THR D 377 -14.58 -27.09 30.52
N ALA D 378 -14.66 -25.84 30.08
CA ALA D 378 -13.78 -25.32 29.04
C ALA D 378 -13.03 -24.09 29.53
N MET D 379 -11.71 -24.11 29.38
CA MET D 379 -10.85 -23.00 29.79
C MET D 379 -10.57 -22.13 28.56
N LEU D 380 -10.92 -20.86 28.63
CA LEU D 380 -10.90 -19.98 27.47
C LEU D 380 -9.71 -19.03 27.51
N GLY D 381 -9.11 -18.82 26.34
CA GLY D 381 -7.97 -17.94 26.17
C GLY D 381 -8.31 -16.71 25.35
N SER D 382 -8.01 -16.76 24.05
CA SER D 382 -8.18 -15.60 23.18
C SER D 382 -9.61 -15.09 23.16
N LEU D 383 -10.60 -15.96 23.45
CA LEU D 383 -11.98 -15.51 23.47
C LEU D 383 -12.26 -14.49 24.56
N LEU D 384 -11.43 -14.47 25.61
CA LEU D 384 -11.60 -13.51 26.71
C LEU D 384 -10.50 -12.47 26.77
N ALA D 385 -9.44 -12.61 25.97
CA ALA D 385 -8.34 -11.65 26.03
C ALA D 385 -8.73 -10.30 25.46
N GLY D 386 -9.69 -10.26 24.56
CA GLY D 386 -10.14 -9.02 23.98
C GLY D 386 -11.23 -8.29 24.74
N THR D 387 -11.59 -8.76 25.92
CA THR D 387 -12.62 -8.11 26.71
C THR D 387 -12.05 -6.90 27.44
N ALA D 388 -12.93 -6.15 28.08
CA ALA D 388 -12.51 -4.97 28.84
C ALA D 388 -11.82 -5.34 30.14
N GLU D 389 -12.20 -6.47 30.74
CA GLU D 389 -11.67 -6.87 32.04
C GLU D 389 -10.28 -7.49 31.97
N SER D 390 -9.80 -7.82 30.78
CA SER D 390 -8.49 -8.45 30.67
C SER D 390 -7.40 -7.43 30.94
N PRO D 391 -6.31 -7.83 31.60
CA PRO D 391 -5.23 -6.87 31.90
C PRO D 391 -4.56 -6.37 30.63
N GLY D 392 -4.06 -5.14 30.71
CA GLY D 392 -3.43 -4.48 29.58
C GLY D 392 -4.20 -3.25 29.13
N GLU D 393 -3.55 -2.48 28.27
CA GLU D 393 -4.11 -1.24 27.76
C GLU D 393 -4.49 -1.39 26.29
N LEU D 394 -5.50 -0.61 25.89
CA LEU D 394 -6.02 -0.67 24.53
C LEU D 394 -4.96 -0.21 23.52
N ILE D 395 -5.07 -0.76 22.31
CA ILE D 395 -4.19 -0.43 21.20
C ILE D 395 -5.06 0.08 20.06
N PHE D 396 -4.69 1.23 19.51
CA PHE D 396 -5.47 1.88 18.47
C PHE D 396 -4.69 1.80 17.16
N VAL D 397 -5.27 1.17 16.15
CA VAL D 397 -4.63 1.00 14.84
C VAL D 397 -5.67 1.19 13.76
N ASN D 398 -5.50 2.25 12.95
CA ASN D 398 -6.35 2.51 11.79
C ASN D 398 -7.83 2.53 12.17
N GLY D 399 -8.13 3.17 13.30
CA GLY D 399 -9.50 3.31 13.73
C GLY D 399 -10.11 2.07 14.34
N LYS D 400 -9.33 1.02 14.54
CA LYS D 400 -9.80 -0.21 15.14
C LYS D 400 -9.04 -0.49 16.43
N GLN D 401 -9.76 -1.09 17.39
CA GLN D 401 -9.23 -1.33 18.72
C GLN D 401 -8.74 -2.77 18.84
N PHE D 402 -7.59 -2.94 19.49
CA PHE D 402 -6.99 -4.24 19.74
C PHE D 402 -6.45 -4.25 21.17
N LYS D 403 -5.92 -5.39 21.57
CA LYS D 403 -5.08 -5.45 22.76
C LYS D 403 -4.17 -6.66 22.67
N SER D 404 -3.11 -6.63 23.48
CA SER D 404 -2.05 -7.61 23.39
C SER D 404 -2.51 -8.99 23.86
N TYR D 405 -1.99 -10.02 23.21
CA TYR D 405 -2.22 -11.40 23.62
C TYR D 405 -0.96 -12.20 23.34
N ARG D 406 -0.52 -12.97 24.33
CA ARG D 406 0.72 -13.71 24.19
C ARG D 406 0.66 -14.94 25.07
N GLY D 407 1.41 -15.97 24.67
CA GLY D 407 1.51 -17.17 25.47
C GLY D 407 2.49 -17.03 26.61
N MET D 408 2.31 -17.88 27.62
CA MET D 408 3.22 -17.86 28.76
C MET D 408 4.57 -18.45 28.41
N GLY D 409 4.67 -19.21 27.33
CA GLY D 409 5.94 -19.70 26.83
C GLY D 409 6.60 -18.79 25.82
N SER D 410 6.03 -17.63 25.57
CA SER D 410 6.61 -16.69 24.62
C SER D 410 7.91 -16.11 25.17
N LEU D 411 8.73 -15.57 24.27
CA LEU D 411 10.00 -14.99 24.68
C LEU D 411 9.80 -13.81 25.62
N GLY D 412 8.82 -12.95 25.33
CA GLY D 412 8.55 -11.83 26.20
C GLY D 412 8.02 -12.24 27.56
N ALA D 413 7.15 -13.26 27.59
CA ALA D 413 6.56 -13.69 28.85
C ALA D 413 7.55 -14.47 29.71
N MET D 414 8.47 -15.20 29.09
CA MET D 414 9.44 -15.99 29.83
C MET D 414 10.70 -15.23 30.21
N GLN D 415 10.78 -13.95 29.83
CA GLN D 415 11.92 -13.12 30.22
C GLN D 415 11.57 -12.27 31.44
N LEU D 439 17.40 -19.12 25.00
CA LEU D 439 16.07 -19.67 25.26
C LEU D 439 15.39 -20.09 23.97
N VAL D 440 14.56 -21.12 24.05
CA VAL D 440 13.75 -21.60 22.93
C VAL D 440 12.29 -21.44 23.31
N PRO D 441 11.63 -20.38 22.83
CA PRO D 441 10.24 -20.15 23.20
C PRO D 441 9.30 -21.14 22.52
N GLU D 442 8.13 -21.30 23.12
CA GLU D 442 7.08 -22.16 22.59
C GLU D 442 5.77 -21.40 22.48
N GLY D 443 5.85 -20.11 22.14
CA GLY D 443 4.68 -19.28 22.00
C GLY D 443 5.05 -18.03 21.22
N ILE D 444 4.04 -17.22 20.91
CA ILE D 444 4.21 -16.02 20.12
C ILE D 444 3.45 -14.86 20.78
N GLU D 445 3.76 -13.64 20.34
CA GLU D 445 3.10 -12.43 20.77
C GLU D 445 2.30 -11.83 19.61
N GLY D 446 1.07 -11.41 19.90
CA GLY D 446 0.22 -10.82 18.88
C GLY D 446 -0.81 -9.89 19.48
N ARG D 447 -1.83 -9.57 18.69
CA ARG D 447 -2.91 -8.71 19.14
C ARG D 447 -4.24 -9.35 18.76
N VAL D 448 -5.27 -9.05 19.53
CA VAL D 448 -6.63 -9.52 19.24
C VAL D 448 -7.57 -8.34 19.26
N PRO D 449 -8.63 -8.35 18.44
CA PRO D 449 -9.57 -7.22 18.43
C PRO D 449 -10.31 -7.08 19.74
N PHE D 450 -10.62 -5.83 20.09
CA PHE D 450 -11.34 -5.52 21.31
C PHE D 450 -12.79 -6.01 21.20
N ARG D 451 -13.34 -6.45 22.33
CA ARG D 451 -14.67 -7.06 22.37
C ARG D 451 -15.66 -6.36 23.28
N GLY D 452 -15.21 -5.62 24.28
CA GLY D 452 -16.10 -4.95 25.19
C GLY D 452 -16.25 -5.67 26.51
N PRO D 453 -17.37 -5.47 27.19
CA PRO D 453 -17.58 -6.11 28.49
C PRO D 453 -17.63 -7.63 28.38
N LEU D 454 -17.14 -8.29 29.43
CA LEU D 454 -17.07 -9.75 29.45
C LEU D 454 -18.45 -10.38 29.53
N GLY D 455 -19.40 -9.71 30.18
CA GLY D 455 -20.72 -10.29 30.35
C GLY D 455 -21.42 -10.57 29.04
N THR D 456 -21.28 -9.68 28.07
CA THR D 456 -21.89 -9.90 26.75
C THR D 456 -21.30 -11.12 26.07
N VAL D 457 -19.98 -11.28 26.12
CA VAL D 457 -19.33 -12.44 25.52
C VAL D 457 -19.79 -13.73 26.20
N ILE D 458 -19.87 -13.71 27.53
CA ILE D 458 -20.29 -14.90 28.26
C ILE D 458 -21.74 -15.24 27.91
N HIS D 459 -22.60 -14.22 27.78
CA HIS D 459 -23.98 -14.48 27.40
C HIS D 459 -24.09 -15.07 26.01
N GLN D 460 -23.28 -14.57 25.07
CA GLN D 460 -23.31 -15.14 23.71
C GLN D 460 -22.86 -16.60 23.71
N LEU D 461 -21.78 -16.90 24.44
CA LEU D 461 -21.31 -18.29 24.49
C LEU D 461 -22.33 -19.20 25.16
N THR D 462 -22.95 -18.73 26.25
CA THR D 462 -23.97 -19.53 26.91
C THR D 462 -25.19 -19.72 26.04
N GLY D 463 -25.55 -18.71 25.25
CA GLY D 463 -26.65 -18.87 24.31
C GLY D 463 -26.36 -19.90 23.23
N GLY D 464 -25.13 -19.89 22.72
CA GLY D 464 -24.74 -20.93 21.78
C GLY D 464 -24.79 -22.32 22.39
N LEU D 465 -24.31 -22.46 23.63
CA LEU D 465 -24.37 -23.75 24.31
C LEU D 465 -25.81 -24.20 24.53
N ARG D 466 -26.69 -23.27 24.90
CA ARG D 466 -28.10 -23.61 25.10
C ARG D 466 -28.76 -24.01 23.80
N ALA D 467 -28.42 -23.35 22.70
CA ALA D 467 -28.94 -23.76 21.40
C ALA D 467 -28.49 -25.17 21.05
N ALA D 468 -27.22 -25.49 21.31
CA ALA D 468 -26.73 -26.84 21.06
C ALA D 468 -27.46 -27.88 21.91
N MET D 469 -27.68 -27.56 23.19
CA MET D 469 -28.40 -28.48 24.07
C MET D 469 -29.83 -28.68 23.59
N GLY D 470 -30.48 -27.61 23.13
CA GLY D 470 -31.81 -27.75 22.58
C GLY D 470 -31.84 -28.62 21.33
N TYR D 471 -30.83 -28.46 20.47
CA TYR D 471 -30.76 -29.28 19.26
C TYR D 471 -30.56 -30.74 19.60
N THR D 472 -29.70 -31.04 20.57
CA THR D 472 -29.39 -32.43 20.90
C THR D 472 -30.35 -33.04 21.92
N GLY D 473 -31.33 -32.29 22.40
CA GLY D 473 -32.26 -32.80 23.39
C GLY D 473 -31.61 -33.12 24.72
N SER D 474 -30.69 -32.28 25.17
CA SER D 474 -29.97 -32.49 26.41
C SER D 474 -30.48 -31.50 27.45
N ALA D 475 -31.17 -32.01 28.47
CA ALA D 475 -31.66 -31.14 29.53
C ALA D 475 -30.53 -30.68 30.45
N THR D 476 -29.47 -31.47 30.57
CA THR D 476 -28.34 -31.18 31.43
C THR D 476 -27.04 -31.41 30.66
N ILE D 477 -25.95 -30.88 31.22
CA ILE D 477 -24.63 -31.12 30.63
C ILE D 477 -24.28 -32.60 30.69
N GLU D 478 -24.70 -33.29 31.76
CA GLU D 478 -24.46 -34.72 31.86
C GLU D 478 -25.12 -35.48 30.72
N GLN D 479 -26.28 -35.00 30.24
CA GLN D 479 -26.89 -35.60 29.07
C GLN D 479 -26.21 -35.15 27.79
N LEU D 480 -25.69 -33.91 27.75
CA LEU D 480 -24.98 -33.44 26.57
C LEU D 480 -23.71 -34.24 26.33
N GLN D 481 -23.11 -34.78 27.39
CA GLN D 481 -21.88 -35.55 27.26
C GLN D 481 -22.11 -36.90 26.57
N GLN D 482 -23.34 -37.23 26.20
CA GLN D 482 -23.63 -38.49 25.51
C GLN D 482 -24.13 -38.28 24.08
N ALA D 483 -24.05 -37.06 23.56
CA ALA D 483 -24.46 -36.80 22.18
C ALA D 483 -23.47 -37.42 21.19
N GLN D 484 -23.97 -37.68 19.99
CA GLN D 484 -23.18 -38.33 18.95
C GLN D 484 -22.63 -37.30 17.97
N PHE D 485 -21.53 -37.69 17.32
CA PHE D 485 -20.84 -36.85 16.35
C PHE D 485 -20.98 -37.43 14.95
N VAL D 486 -20.78 -36.56 13.96
CA VAL D 486 -20.63 -36.96 12.57
C VAL D 486 -19.37 -36.29 12.03
N GLN D 487 -18.52 -37.07 11.38
CA GLN D 487 -17.26 -36.57 10.85
C GLN D 487 -17.48 -35.97 9.46
N ILE D 488 -16.86 -34.82 9.21
CA ILE D 488 -17.06 -34.09 7.97
C ILE D 488 -15.70 -33.87 7.31
N THR D 489 -15.76 -33.61 6.00
CA THR D 489 -14.56 -33.33 5.22
C THR D 489 -14.31 -31.83 5.17
N ALA D 490 -13.37 -31.39 4.32
CA ALA D 490 -13.09 -29.97 4.20
C ALA D 490 -14.21 -29.24 3.46
N ALA D 491 -14.80 -29.90 2.45
CA ALA D 491 -15.95 -29.30 1.78
C ALA D 491 -17.12 -29.15 2.74
N GLY D 492 -17.33 -30.13 3.62
CA GLY D 492 -18.33 -29.96 4.66
C GLY D 492 -18.00 -28.81 5.59
N LEU D 493 -16.71 -28.59 5.87
CA LEU D 493 -16.31 -27.48 6.71
C LEU D 493 -16.62 -26.14 6.06
N LYS D 494 -16.33 -26.01 4.76
CA LYS D 494 -16.67 -24.75 4.09
C LYS D 494 -18.17 -24.59 3.91
N GLU D 495 -18.93 -25.69 3.91
CA GLU D 495 -20.38 -25.59 3.92
C GLU D 495 -20.89 -25.16 5.30
N SER D 496 -20.18 -25.52 6.37
CA SER D 496 -20.62 -25.17 7.72
C SER D 496 -20.62 -23.66 7.95
N HIS D 497 -19.62 -22.97 7.43
CA HIS D 497 -19.52 -21.52 7.58
C HIS D 497 -20.38 -20.82 6.54
N PRO D 498 -20.71 -19.54 6.77
CA PRO D 498 -21.38 -18.77 5.72
C PRO D 498 -20.51 -18.69 4.47
N HIS D 499 -21.12 -19.00 3.32
CA HIS D 499 -20.40 -19.12 2.07
C HIS D 499 -21.16 -18.42 0.97
N ASP D 500 -20.41 -18.01 -0.07
CA ASP D 500 -20.98 -17.39 -1.27
C ASP D 500 -21.82 -16.16 -0.91
N ILE D 501 -21.33 -15.36 0.03
CA ILE D 501 -22.04 -14.19 0.52
C ILE D 501 -21.03 -13.10 0.83
N THR D 502 -21.50 -11.86 0.83
CA THR D 502 -20.71 -10.69 1.23
C THR D 502 -21.40 -10.10 2.46
N MET D 503 -20.84 -10.36 3.63
CA MET D 503 -21.49 -9.94 4.87
C MET D 503 -21.41 -8.42 5.00
N THR D 504 -22.58 -7.80 5.20
CA THR D 504 -22.69 -6.35 5.31
C THR D 504 -22.67 -5.87 6.77
N VAL D 505 -23.46 -6.49 7.63
CA VAL D 505 -23.54 -6.11 9.04
C VAL D 505 -23.00 -7.24 9.89
N GLU D 506 -22.31 -6.90 10.98
CA GLU D 506 -21.66 -7.89 11.81
C GLU D 506 -22.64 -8.55 12.77
N ALA D 507 -22.49 -9.85 12.95
CA ALA D 507 -23.29 -10.55 13.93
C ALA D 507 -22.64 -10.45 15.30
N PRO D 508 -23.44 -10.44 16.38
CA PRO D 508 -22.84 -10.39 17.72
C PRO D 508 -21.96 -11.59 18.04
N ASN D 509 -22.21 -12.74 17.42
CA ASN D 509 -21.50 -13.97 17.74
C ASN D 509 -20.76 -14.56 16.54
N TYR D 510 -20.54 -13.78 15.47
CA TYR D 510 -19.79 -14.29 14.33
C TYR D 510 -19.07 -13.15 13.62
N TYR D 511 -17.86 -13.46 13.14
CA TYR D 511 -17.09 -12.56 12.31
C TYR D 511 -16.09 -13.39 11.52
N THR D 512 -15.85 -13.00 10.27
CA THR D 512 -14.93 -13.74 9.42
C THR D 512 -13.48 -13.55 9.85
N PRO E 13 0.50 56.54 0.06
CA PRO E 13 0.86 55.78 1.25
C PRO E 13 1.88 54.68 0.97
N VAL E 14 2.43 54.10 2.04
CA VAL E 14 3.42 53.03 1.91
C VAL E 14 2.78 51.83 1.23
N PRO E 15 3.46 51.18 0.26
CA PRO E 15 2.85 50.03 -0.43
C PRO E 15 2.51 48.86 0.48
N THR E 16 3.17 48.72 1.63
CA THR E 16 2.88 47.62 2.54
C THR E 16 1.84 47.96 3.59
N GLY E 17 1.34 49.19 3.60
CA GLY E 17 0.30 49.58 4.55
C GLY E 17 0.73 50.68 5.50
N GLY E 18 -0.19 51.59 5.80
CA GLY E 18 0.07 52.67 6.73
C GLY E 18 0.72 53.87 6.07
N ASP E 19 1.02 54.86 6.91
CA ASP E 19 1.64 56.09 6.47
C ASP E 19 3.13 56.17 6.79
N ASP E 20 3.64 55.28 7.63
CA ASP E 20 5.02 55.36 8.08
C ASP E 20 5.90 54.51 7.17
N PRO E 21 6.89 55.10 6.48
CA PRO E 21 7.78 54.30 5.65
C PRO E 21 8.83 53.52 6.45
N THR E 22 8.94 53.74 7.75
CA THR E 22 9.92 53.05 8.58
C THR E 22 9.31 51.99 9.48
N LYS E 23 7.99 51.74 9.38
CA LYS E 23 7.39 50.69 10.20
C LYS E 23 7.95 49.33 9.82
N VAL E 24 7.98 49.02 8.53
CA VAL E 24 8.66 47.84 8.01
C VAL E 24 10.02 48.31 7.52
N ALA E 25 11.04 48.15 8.36
CA ALA E 25 12.32 48.81 8.13
C ALA E 25 13.02 48.30 6.88
N MET E 26 13.14 46.98 6.74
CA MET E 26 13.99 46.42 5.71
C MET E 26 13.53 45.03 5.33
N LEU E 27 14.15 44.49 4.28
CA LEU E 27 13.94 43.11 3.84
C LEU E 27 15.13 42.28 4.29
N GLY E 28 14.86 41.26 5.12
CA GLY E 28 15.93 40.45 5.68
C GLY E 28 16.25 39.24 4.81
N LEU E 29 17.55 38.97 4.68
CA LEU E 29 18.05 37.83 3.93
C LEU E 29 18.71 36.84 4.86
N THR E 30 18.56 35.56 4.55
CA THR E 30 19.19 34.49 5.31
C THR E 30 20.16 33.74 4.39
N PHE E 31 20.70 32.63 4.90
CA PHE E 31 21.72 31.89 4.15
C PHE E 31 21.17 31.35 2.84
N ASP E 32 19.95 30.83 2.85
CA ASP E 32 19.38 30.22 1.65
C ASP E 32 18.99 31.24 0.59
N ASP E 33 19.01 32.53 0.90
CA ASP E 33 18.60 33.55 -0.06
C ASP E 33 19.74 34.10 -0.91
N VAL E 34 20.99 33.73 -0.62
CA VAL E 34 22.13 34.34 -1.29
C VAL E 34 23.10 33.26 -1.74
N LEU E 35 23.95 33.63 -2.70
CA LEU E 35 25.03 32.79 -3.19
C LEU E 35 26.26 33.65 -3.40
N LEU E 36 27.43 33.02 -3.30
CA LEU E 36 28.69 33.72 -3.50
C LEU E 36 29.04 33.74 -4.99
N LEU E 37 29.45 34.91 -5.47
CA LEU E 37 29.84 35.09 -6.87
C LEU E 37 31.30 34.73 -7.06
N PRO E 38 31.63 33.83 -7.99
CA PRO E 38 33.04 33.55 -8.27
C PRO E 38 33.74 34.77 -8.84
N ALA E 39 35.04 34.87 -8.56
CA ALA E 39 35.83 36.01 -9.00
C ALA E 39 37.18 35.49 -9.51
N ALA E 40 38.01 36.41 -10.00
CA ALA E 40 39.34 36.04 -10.45
C ALA E 40 40.14 35.43 -9.32
N SER E 41 40.73 34.27 -9.57
CA SER E 41 41.31 33.45 -8.52
C SER E 41 42.73 33.04 -8.87
N ASP E 42 43.64 33.26 -7.92
CA ASP E 42 44.99 32.69 -7.96
C ASP E 42 45.21 31.74 -6.79
N VAL E 43 44.13 31.33 -6.13
CA VAL E 43 44.20 30.57 -4.88
C VAL E 43 43.94 29.10 -5.18
N VAL E 44 44.82 28.23 -4.67
CA VAL E 44 44.62 26.80 -4.72
C VAL E 44 43.94 26.38 -3.43
N PRO E 45 42.82 25.63 -3.48
CA PRO E 45 42.08 25.31 -2.26
C PRO E 45 42.91 24.63 -1.18
N ALA E 46 44.07 24.07 -1.53
CA ALA E 46 44.97 23.51 -0.54
C ALA E 46 45.97 24.52 0.01
N THR E 47 46.01 25.73 -0.55
CA THR E 47 46.95 26.75 -0.11
C THR E 47 46.29 27.95 0.54
N ALA E 48 44.97 27.96 0.66
CA ALA E 48 44.29 29.06 1.33
C ALA E 48 44.56 29.02 2.83
N ASP E 49 44.58 30.19 3.45
CA ASP E 49 44.82 30.33 4.88
C ASP E 49 43.49 30.67 5.55
N THR E 50 42.96 29.72 6.31
CA THR E 50 41.66 29.86 6.95
C THR E 50 41.76 30.36 8.38
N SER E 51 42.80 31.10 8.72
CA SER E 51 42.95 31.65 10.05
C SER E 51 42.23 32.98 10.17
N SER E 52 41.67 33.23 11.36
CA SER E 52 40.90 34.45 11.58
C SER E 52 40.94 34.82 13.06
N GLN E 53 40.62 36.08 13.33
CA GLN E 53 40.58 36.57 14.70
C GLN E 53 39.28 36.15 15.38
N LEU E 54 39.40 35.53 16.55
CA LEU E 54 38.23 35.29 17.37
C LEU E 54 37.89 36.52 18.20
N THR E 55 38.87 37.05 18.92
CA THR E 55 38.78 38.33 19.60
C THR E 55 39.89 39.23 19.07
N LYS E 56 40.05 40.39 19.70
CA LYS E 56 41.11 41.32 19.28
C LYS E 56 42.50 40.79 19.59
N ARG E 57 42.63 39.75 20.43
CA ARG E 57 43.92 39.24 20.84
C ARG E 57 44.03 37.72 20.68
N ILE E 58 43.05 37.07 20.06
CA ILE E 58 43.06 35.63 19.87
C ILE E 58 42.81 35.34 18.40
N ARG E 59 43.70 34.55 17.79
CA ARG E 59 43.58 34.16 16.39
C ARG E 59 43.55 32.65 16.29
N LEU E 60 42.48 32.11 15.73
CA LEU E 60 42.32 30.67 15.56
C LEU E 60 42.81 30.25 14.18
N ARG E 61 43.14 28.96 14.06
CA ARG E 61 43.53 28.39 12.77
C ARG E 61 42.31 27.94 11.97
N VAL E 62 41.33 27.34 12.63
CA VAL E 62 40.05 26.98 12.04
C VAL E 62 39.00 27.91 12.65
N PRO E 63 38.33 28.75 11.86
CA PRO E 63 37.42 29.77 12.42
C PRO E 63 36.09 29.18 12.86
N LEU E 64 36.14 28.17 13.73
CA LEU E 64 34.96 27.50 14.23
C LEU E 64 35.00 27.44 15.75
N VAL E 65 33.87 27.71 16.39
CA VAL E 65 33.73 27.66 17.83
C VAL E 65 32.53 26.80 18.18
N SER E 66 32.65 26.00 19.23
CA SER E 66 31.55 25.16 19.67
C SER E 66 30.57 25.94 20.53
N SER E 67 29.29 25.63 20.37
CA SER E 67 28.24 26.33 21.11
C SER E 67 28.30 25.98 22.59
N ALA E 68 27.94 26.95 23.43
CA ALA E 68 27.91 26.78 24.87
C ALA E 68 26.55 26.21 25.29
N MET E 69 26.37 24.93 24.99
CA MET E 69 25.14 24.22 25.31
C MET E 69 25.48 22.93 26.05
N ASP E 70 24.53 22.46 26.86
CA ASP E 70 24.77 21.30 27.70
C ASP E 70 24.79 19.99 26.93
N THR E 71 24.39 19.99 25.65
CA THR E 71 24.46 18.79 24.82
C THR E 71 25.55 18.89 23.77
N VAL E 72 26.39 19.92 23.82
CA VAL E 72 27.39 20.12 22.78
C VAL E 72 28.80 20.13 23.36
N THR E 73 29.08 21.08 24.26
CA THR E 73 30.45 21.37 24.67
C THR E 73 30.65 21.05 26.15
N GLU E 74 31.60 20.16 26.41
CA GLU E 74 32.16 19.96 27.75
C GLU E 74 33.67 19.80 27.58
N SER E 75 34.33 19.31 28.63
CA SER E 75 35.78 19.17 28.59
C SER E 75 36.24 18.35 27.39
N ARG E 76 35.56 17.25 27.08
CA ARG E 76 35.95 16.42 25.94
C ARG E 76 35.81 17.20 24.64
N MET E 77 34.65 17.82 24.43
CA MET E 77 34.43 18.61 23.22
C MET E 77 35.37 19.80 23.16
N ALA E 78 35.60 20.45 24.30
CA ALA E 78 36.49 21.60 24.31
C ALA E 78 37.92 21.22 23.92
N ILE E 79 38.41 20.09 24.46
CA ILE E 79 39.76 19.63 24.11
C ILE E 79 39.83 19.27 22.64
N ALA E 80 38.82 18.56 22.14
CA ALA E 80 38.83 18.18 20.72
C ALA E 80 38.80 19.39 19.81
N MET E 81 37.98 20.39 20.15
CA MET E 81 37.90 21.61 19.34
C MET E 81 39.20 22.40 19.42
N ALA E 82 39.81 22.49 20.60
CA ALA E 82 41.07 23.21 20.74
C ALA E 82 42.18 22.55 19.95
N ARG E 83 42.23 21.21 19.97
CA ARG E 83 43.22 20.50 19.16
C ARG E 83 42.95 20.68 17.67
N ALA E 84 41.67 20.71 17.27
CA ALA E 84 41.32 20.83 15.86
C ALA E 84 41.71 22.17 15.27
N GLY E 85 41.97 23.18 16.10
CA GLY E 85 42.34 24.50 15.61
C GLY E 85 41.35 25.59 15.94
N GLY E 86 40.21 25.29 16.55
CA GLY E 86 39.25 26.30 16.93
C GLY E 86 39.20 26.52 18.42
N MET E 87 38.01 26.52 18.99
CA MET E 87 37.86 26.68 20.43
C MET E 87 36.50 26.16 20.85
N GLY E 88 36.36 25.92 22.14
CA GLY E 88 35.08 25.52 22.71
C GLY E 88 34.72 26.41 23.88
N VAL E 89 33.42 26.59 24.07
CA VAL E 89 32.89 27.40 25.16
C VAL E 89 32.06 26.49 26.06
N LEU E 90 32.45 26.40 27.33
CA LEU E 90 31.78 25.51 28.27
C LEU E 90 30.46 26.12 28.73
N HIS E 91 29.40 25.31 28.70
CA HIS E 91 28.08 25.77 29.08
C HIS E 91 27.99 26.04 30.57
N ARG E 92 27.11 26.97 30.94
CA ARG E 92 26.95 27.43 32.32
C ARG E 92 25.78 26.77 33.02
N ASN E 93 25.29 25.64 32.52
CA ASN E 93 24.24 24.92 33.22
C ASN E 93 24.78 24.13 34.41
N LEU E 94 26.10 23.93 34.46
CA LEU E 94 26.75 23.27 35.58
C LEU E 94 26.84 24.18 36.79
N PRO E 95 27.05 23.61 37.98
CA PRO E 95 27.43 24.43 39.12
C PRO E 95 28.78 25.09 38.90
N VAL E 96 29.03 26.15 39.66
CA VAL E 96 30.25 26.95 39.46
C VAL E 96 31.49 26.08 39.64
N ALA E 97 31.52 25.27 40.71
CA ALA E 97 32.67 24.44 40.97
C ALA E 97 32.89 23.42 39.87
N GLU E 98 31.82 22.81 39.36
CA GLU E 98 31.96 21.83 38.29
C GLU E 98 32.48 22.48 37.01
N GLN E 99 31.99 23.68 36.69
CA GLN E 99 32.49 24.38 35.51
C GLN E 99 33.96 24.73 35.65
N ALA E 100 34.37 25.19 36.84
CA ALA E 100 35.79 25.44 37.09
C ALA E 100 36.60 24.16 36.96
N GLY E 101 36.04 23.03 37.40
CA GLY E 101 36.72 21.75 37.22
C GLY E 101 36.90 21.39 35.76
N GLN E 102 35.89 21.64 34.94
CA GLN E 102 36.03 21.41 33.51
C GLN E 102 37.10 22.31 32.91
N VAL E 103 37.15 23.57 33.36
CA VAL E 103 38.19 24.49 32.89
C VAL E 103 39.57 23.95 33.23
N GLU E 104 39.74 23.49 34.47
CA GLU E 104 41.02 22.93 34.89
C GLU E 104 41.37 21.69 34.10
N THR E 105 40.39 20.82 33.84
CA THR E 105 40.64 19.61 33.06
C THR E 105 41.11 19.96 31.65
N VAL E 106 40.47 20.95 31.02
CA VAL E 106 40.90 21.37 29.70
C VAL E 106 42.31 21.95 29.73
N LYS E 107 42.59 22.80 30.72
CA LYS E 107 43.88 23.46 30.79
C LYS E 107 45.02 22.51 31.16
N ARG E 108 44.71 21.37 31.79
CA ARG E 108 45.73 20.41 32.18
C ARG E 108 46.08 19.42 31.08
N SER E 109 45.42 19.50 29.93
CA SER E 109 45.68 18.58 28.83
C SER E 109 46.58 19.21 27.78
N GLN E 225 50.50 15.71 17.95
CA GLN E 225 50.09 15.17 16.66
C GLN E 225 49.14 16.13 15.94
N PHE E 226 48.56 17.06 16.69
CA PHE E 226 47.66 18.07 16.17
C PHE E 226 48.38 19.40 16.00
N PRO E 227 48.93 19.68 14.81
CA PRO E 227 49.73 20.90 14.63
C PRO E 227 48.95 22.19 14.73
N LEU E 228 47.64 22.16 14.52
CA LEU E 228 46.83 23.38 14.48
C LEU E 228 46.25 23.76 15.83
N SER E 229 46.59 23.04 16.90
CA SER E 229 46.00 23.30 18.21
C SER E 229 46.24 24.74 18.63
N THR E 230 45.18 25.39 19.12
CA THR E 230 45.26 26.77 19.57
C THR E 230 45.66 26.80 21.03
N LYS E 231 46.77 27.47 21.33
CA LYS E 231 47.33 27.50 22.67
C LYS E 231 47.66 28.93 23.07
N ASP E 232 47.79 29.14 24.38
CA ASP E 232 48.18 30.43 24.92
C ASP E 232 49.70 30.55 24.87
N SER E 233 50.24 31.57 25.55
CA SER E 233 51.69 31.73 25.60
C SER E 233 52.36 30.56 26.30
N ASP E 234 51.76 30.06 27.38
CA ASP E 234 52.34 28.96 28.13
C ASP E 234 52.33 27.64 27.38
N GLY E 235 51.61 27.55 26.27
CA GLY E 235 51.49 26.29 25.56
C GLY E 235 50.36 25.40 26.02
N ARG E 236 49.37 25.95 26.71
CA ARG E 236 48.21 25.19 27.15
C ARG E 236 47.01 25.53 26.28
N LEU E 237 46.09 24.57 26.16
CA LEU E 237 44.97 24.73 25.25
C LEU E 237 44.07 25.88 25.68
N LEU E 238 43.50 26.57 24.70
CA LEU E 238 42.58 27.65 24.96
C LEU E 238 41.18 27.11 25.25
N VAL E 239 40.43 27.86 26.04
CA VAL E 239 39.08 27.47 26.44
C VAL E 239 38.31 28.74 26.78
N GLY E 240 36.99 28.64 26.70
CA GLY E 240 36.12 29.75 27.05
C GLY E 240 34.96 29.26 27.88
N ALA E 241 34.38 30.18 28.63
CA ALA E 241 33.27 29.82 29.50
C ALA E 241 32.16 30.86 29.39
N ALA E 242 30.93 30.41 29.61
CA ALA E 242 29.75 31.26 29.54
C ALA E 242 29.31 31.67 30.93
N VAL E 243 28.91 32.94 31.07
CA VAL E 243 28.39 33.48 32.31
C VAL E 243 27.09 34.23 31.99
N GLY E 244 26.25 34.33 33.00
CA GLY E 244 24.98 35.03 32.88
C GLY E 244 25.09 36.48 33.30
N VAL E 245 23.99 37.01 33.83
CA VAL E 245 23.93 38.39 34.32
C VAL E 245 23.41 38.38 35.73
N GLY E 246 24.11 39.04 36.65
CA GLY E 246 23.70 39.11 38.03
C GLY E 246 24.84 38.94 39.01
N ASP E 247 24.52 38.92 40.31
CA ASP E 247 25.56 38.77 41.32
C ASP E 247 26.10 37.35 41.37
N ASP E 248 25.21 36.35 41.28
CA ASP E 248 25.67 34.97 41.21
C ASP E 248 26.48 34.73 39.95
N ALA E 249 26.08 35.36 38.84
CA ALA E 249 26.87 35.29 37.62
C ALA E 249 28.23 35.96 37.81
N TRP E 250 28.29 37.04 38.59
CA TRP E 250 29.57 37.67 38.89
C TRP E 250 30.47 36.73 39.69
N THR E 251 29.90 36.03 40.67
CA THR E 251 30.69 35.05 41.42
C THR E 251 31.20 33.94 40.50
N ARG E 252 30.34 33.46 39.59
CA ARG E 252 30.75 32.44 38.64
C ARG E 252 31.89 32.95 37.75
N ALA E 253 31.77 34.19 37.27
CA ALA E 253 32.81 34.74 36.40
C ALA E 253 34.13 34.89 37.13
N MET E 254 34.09 35.37 38.38
CA MET E 254 35.32 35.51 39.15
C MET E 254 35.97 34.15 39.42
N THR E 255 35.15 33.15 39.75
CA THR E 255 35.70 31.81 39.97
C THR E 255 36.33 31.26 38.70
N LEU E 256 35.67 31.45 37.56
CA LEU E 256 36.23 30.97 36.30
C LEU E 256 37.54 31.68 35.97
N VAL E 257 37.60 32.99 36.20
CA VAL E 257 38.83 33.74 35.93
C VAL E 257 39.96 33.24 36.84
N ASP E 258 39.66 33.00 38.11
CA ASP E 258 40.66 32.45 39.01
C ASP E 258 41.11 31.06 38.57
N ALA E 259 40.20 30.27 38.02
CA ALA E 259 40.56 28.94 37.54
C ALA E 259 41.43 28.98 36.28
N GLY E 260 41.57 30.13 35.65
CA GLY E 260 42.44 30.29 34.51
C GLY E 260 41.79 30.19 33.15
N VAL E 261 40.53 30.62 33.01
CA VAL E 261 39.90 30.61 31.69
C VAL E 261 40.51 31.70 30.82
N ASP E 262 40.30 31.59 29.51
CA ASP E 262 40.89 32.52 28.57
C ASP E 262 39.90 33.55 28.05
N VAL E 263 38.65 33.18 27.79
CA VAL E 263 37.65 34.12 27.33
C VAL E 263 36.32 33.86 28.03
N LEU E 264 35.67 34.94 28.44
CA LEU E 264 34.35 34.89 29.05
C LEU E 264 33.31 35.36 28.04
N ILE E 265 32.21 34.64 27.97
CA ILE E 265 31.10 34.97 27.08
C ILE E 265 29.93 35.39 27.96
N VAL E 266 29.46 36.62 27.79
CA VAL E 266 28.27 37.08 28.49
C VAL E 266 27.10 36.63 27.62
N ASP E 267 26.69 35.38 27.85
CA ASP E 267 25.74 34.65 27.01
C ASP E 267 24.33 34.98 27.46
N THR E 268 23.64 35.80 26.68
CA THR E 268 22.24 36.15 26.92
C THR E 268 21.48 36.00 25.62
N ALA E 269 20.16 36.26 25.69
CA ALA E 269 19.32 36.21 24.51
C ALA E 269 19.07 37.59 23.92
N HIS E 270 19.19 38.64 24.72
CA HIS E 270 18.94 40.02 24.29
C HIS E 270 20.06 40.86 24.88
N ALA E 271 21.14 41.03 24.12
CA ALA E 271 22.30 41.75 24.62
C ALA E 271 22.08 43.25 24.67
N HIS E 272 21.07 43.76 23.97
CA HIS E 272 20.78 45.19 24.01
C HIS E 272 20.12 45.62 25.32
N ASN E 273 19.83 44.68 26.21
CA ASN E 273 19.32 45.01 27.53
C ASN E 273 20.37 45.76 28.34
N ARG E 274 19.90 46.60 29.25
CA ARG E 274 20.82 47.43 30.05
C ARG E 274 21.71 46.56 30.94
N GLY E 275 21.15 45.50 31.51
CA GLY E 275 21.93 44.67 32.42
C GLY E 275 23.08 43.96 31.75
N VAL E 276 22.89 43.50 30.51
CA VAL E 276 23.94 42.80 29.79
C VAL E 276 25.11 43.76 29.52
N LEU E 277 24.80 44.98 29.08
CA LEU E 277 25.85 45.96 28.83
C LEU E 277 26.57 46.33 30.11
N ASP E 278 25.82 46.47 31.21
CA ASP E 278 26.45 46.79 32.49
C ASP E 278 27.38 45.66 32.94
N MET E 279 26.96 44.40 32.77
CA MET E 279 27.81 43.28 33.13
C MET E 279 29.06 43.24 32.26
N VAL E 280 28.93 43.54 30.96
CA VAL E 280 30.09 43.57 30.08
C VAL E 280 31.06 44.65 30.54
N SER E 281 30.54 45.83 30.89
CA SER E 281 31.40 46.91 31.37
C SER E 281 32.12 46.52 32.66
N ARG E 282 31.39 45.90 33.59
CA ARG E 282 32.02 45.48 34.85
C ARG E 282 33.11 44.44 34.61
N LEU E 283 32.83 43.44 33.77
CA LEU E 283 33.83 42.42 33.49
C LEU E 283 35.06 43.01 32.82
N LYS E 284 34.86 43.92 31.85
CA LYS E 284 35.99 44.54 31.19
C LYS E 284 36.81 45.39 32.17
N GLN E 285 36.13 46.11 33.06
CA GLN E 285 36.84 46.96 34.01
C GLN E 285 37.54 46.15 35.09
N ALA E 286 37.07 44.95 35.39
CA ALA E 286 37.65 44.16 36.47
C ALA E 286 38.74 43.21 35.95
N VAL E 287 38.39 42.31 35.04
CA VAL E 287 39.33 41.27 34.62
C VAL E 287 39.64 41.43 33.13
N GLY E 288 39.63 42.66 32.64
CA GLY E 288 39.91 42.90 31.24
C GLY E 288 41.32 42.54 30.83
N GLU E 289 42.29 42.70 31.73
CA GLU E 289 43.69 42.47 31.37
C GLU E 289 44.00 40.99 31.23
N ARG E 290 43.26 40.12 31.94
CA ARG E 290 43.58 38.70 31.90
C ARG E 290 42.79 37.94 30.84
N VAL E 291 41.51 38.28 30.64
CA VAL E 291 40.66 37.54 29.72
C VAL E 291 39.94 38.52 28.79
N ASP E 292 39.45 37.99 27.68
CA ASP E 292 38.63 38.75 26.76
C ASP E 292 37.15 38.53 27.08
N VAL E 293 36.35 39.56 26.81
CA VAL E 293 34.92 39.55 27.08
C VAL E 293 34.18 39.59 25.75
N VAL E 294 33.30 38.62 25.52
CA VAL E 294 32.49 38.55 24.31
C VAL E 294 31.04 38.80 24.69
N GLY E 295 30.42 39.77 24.03
CA GLY E 295 29.05 40.12 24.38
C GLY E 295 28.01 39.14 23.85
N GLY E 296 26.81 39.23 24.42
CA GLY E 296 25.72 38.35 24.06
C GLY E 296 25.24 38.56 22.64
N ASN E 297 24.07 37.99 22.36
CA ASN E 297 23.55 37.97 20.99
C ASN E 297 22.82 39.25 20.65
N VAL E 298 23.09 39.76 19.44
CA VAL E 298 22.47 40.97 18.91
C VAL E 298 21.94 40.66 17.52
N ALA E 299 21.05 41.53 17.04
CA ALA E 299 20.51 41.39 15.69
C ALA E 299 20.43 42.69 14.92
N THR E 300 20.78 43.83 15.52
CA THR E 300 20.67 45.12 14.86
C THR E 300 21.99 45.86 14.97
N ARG E 301 22.14 46.90 14.14
CA ARG E 301 23.35 47.72 14.17
C ARG E 301 23.48 48.48 15.47
N ALA E 302 22.37 49.00 16.00
CA ALA E 302 22.43 49.78 17.23
C ALA E 302 22.86 48.92 18.41
N ALA E 303 22.40 47.67 18.48
CA ALA E 303 22.80 46.78 19.56
C ALA E 303 24.29 46.48 19.50
N ALA E 304 24.83 46.22 18.30
CA ALA E 304 26.25 45.97 18.16
C ALA E 304 27.07 47.20 18.52
N ALA E 305 26.59 48.39 18.13
CA ALA E 305 27.29 49.62 18.49
C ALA E 305 27.29 49.82 20.00
N ALA E 306 26.17 49.51 20.67
CA ALA E 306 26.12 49.62 22.12
C ALA E 306 27.06 48.62 22.79
N LEU E 307 27.14 47.40 22.25
CA LEU E 307 28.06 46.41 22.80
C LEU E 307 29.52 46.84 22.63
N VAL E 308 29.85 47.42 21.47
CA VAL E 308 31.19 47.97 21.27
C VAL E 308 31.44 49.12 22.25
N GLU E 309 30.41 49.92 22.51
CA GLU E 309 30.52 51.01 23.47
C GLU E 309 30.82 50.49 24.86
N ALA E 310 30.17 49.39 25.26
CA ALA E 310 30.39 48.84 26.60
C ALA E 310 31.82 48.38 26.80
N GLY E 311 32.48 47.92 25.74
CA GLY E 311 33.86 47.49 25.85
C GLY E 311 34.09 46.04 25.47
N ALA E 312 33.17 45.47 24.70
CA ALA E 312 33.29 44.09 24.29
C ALA E 312 34.45 43.90 23.32
N ASP E 313 35.08 42.72 23.40
CA ASP E 313 36.16 42.36 22.50
C ASP E 313 35.68 41.59 21.27
N ALA E 314 34.48 41.00 21.33
CA ALA E 314 33.86 40.37 20.18
C ALA E 314 32.36 40.42 20.35
N VAL E 315 31.65 40.53 19.23
CA VAL E 315 30.20 40.63 19.25
C VAL E 315 29.61 39.38 18.61
N LYS E 316 28.72 38.72 19.35
CA LYS E 316 28.03 37.53 18.85
C LYS E 316 26.68 37.93 18.28
N VAL E 317 26.37 37.43 17.09
CA VAL E 317 25.23 37.89 16.30
C VAL E 317 24.27 36.73 16.07
N GLY E 318 22.99 36.98 16.33
CA GLY E 318 21.93 36.05 16.02
C GLY E 318 20.88 35.94 17.11
N VAL E 319 19.61 36.15 16.73
CA VAL E 319 18.49 36.09 17.65
C VAL E 319 17.37 35.32 16.98
N GLY E 320 17.29 34.02 17.26
CA GLY E 320 16.26 33.19 16.67
C GLY E 320 16.64 32.14 15.63
N PRO E 321 17.77 32.27 14.92
CA PRO E 321 18.02 31.34 13.82
C PRO E 321 18.39 29.94 14.25
N GLY E 322 18.59 29.69 15.54
CA GLY E 322 19.02 28.38 15.98
C GLY E 322 18.03 27.30 15.60
N SER E 323 18.55 26.13 15.25
CA SER E 323 17.71 25.03 14.78
C SER E 323 16.76 24.52 15.85
N ILE E 324 17.02 24.80 17.12
CA ILE E 324 16.18 24.37 18.21
C ILE E 324 15.43 25.53 18.85
N CYS E 325 15.52 26.73 18.27
CA CYS E 325 14.91 27.92 18.85
C CYS E 325 13.46 28.06 18.41
N THR E 326 12.62 28.51 19.34
CA THR E 326 11.24 28.87 19.04
C THR E 326 10.95 30.33 19.37
N THR E 327 12.00 31.15 19.48
CA THR E 327 11.81 32.55 19.85
C THR E 327 11.01 33.31 18.80
N ARG E 328 11.27 33.06 17.52
CA ARG E 328 10.56 33.74 16.45
C ARG E 328 9.11 33.31 16.35
N VAL E 329 8.75 32.19 16.96
CA VAL E 329 7.37 31.74 17.00
C VAL E 329 6.71 32.10 18.33
N VAL E 330 7.41 31.83 19.44
CA VAL E 330 6.84 32.11 20.75
C VAL E 330 6.74 33.61 21.00
N ALA E 331 7.79 34.36 20.65
CA ALA E 331 7.81 35.80 20.87
C ALA E 331 7.66 36.61 19.59
N GLY E 332 7.84 35.99 18.43
CA GLY E 332 7.75 36.72 17.17
C GLY E 332 8.87 37.73 16.97
N VAL E 333 10.02 37.50 17.58
CA VAL E 333 11.14 38.44 17.55
C VAL E 333 12.32 37.78 16.88
N GLY E 334 12.91 38.47 15.92
CA GLY E 334 14.11 37.96 15.27
C GLY E 334 14.51 38.83 14.10
N ALA E 335 15.60 38.42 13.47
CA ALA E 335 16.11 39.08 12.28
C ALA E 335 16.88 38.04 11.47
N PRO E 336 16.69 37.98 10.16
CA PRO E 336 17.41 36.99 9.35
C PRO E 336 18.92 37.17 9.46
N GLN E 337 19.63 36.05 9.42
CA GLN E 337 21.02 36.02 9.89
C GLN E 337 21.95 36.85 9.01
N ILE E 338 21.81 36.77 7.69
CA ILE E 338 22.74 37.45 6.81
C ILE E 338 22.63 38.97 6.96
N THR E 339 21.40 39.49 6.98
CA THR E 339 21.20 40.92 7.15
C THR E 339 21.67 41.38 8.52
N ALA E 340 21.41 40.57 9.55
CA ALA E 340 21.88 40.91 10.90
C ALA E 340 23.40 40.98 10.95
N ILE E 341 24.08 40.04 10.30
CA ILE E 341 25.54 40.06 10.26
C ILE E 341 26.02 41.30 9.52
N LEU E 342 25.37 41.65 8.41
CA LEU E 342 25.78 42.84 7.66
C LEU E 342 25.65 44.09 8.51
N GLU E 343 24.53 44.24 9.22
CA GLU E 343 24.33 45.42 10.07
C GLU E 343 25.34 45.45 11.21
N ALA E 344 25.56 44.30 11.87
CA ALA E 344 26.51 44.26 12.97
C ALA E 344 27.93 44.53 12.50
N VAL E 345 28.28 44.11 11.30
CA VAL E 345 29.60 44.40 10.76
C VAL E 345 29.72 45.88 10.44
N ALA E 346 28.67 46.50 9.90
CA ALA E 346 28.67 47.94 9.71
C ALA E 346 28.87 48.66 11.03
N ALA E 347 28.37 48.09 12.13
CA ALA E 347 28.55 48.70 13.44
C ALA E 347 29.95 48.47 14.01
N CYS E 348 30.56 47.30 13.76
CA CYS E 348 31.74 46.89 14.48
C CYS E 348 33.06 46.99 13.71
N LYS E 349 33.03 46.97 12.38
CA LYS E 349 34.28 47.03 11.62
C LYS E 349 35.12 48.28 11.87
N PRO E 350 34.56 49.49 11.93
CA PRO E 350 35.43 50.67 12.14
C PRO E 350 36.22 50.64 13.44
N TYR E 351 35.80 49.85 14.42
CA TYR E 351 36.50 49.73 15.69
C TYR E 351 37.35 48.48 15.79
N GLY E 352 37.36 47.63 14.76
CA GLY E 352 38.19 46.44 14.77
C GLY E 352 37.68 45.30 15.61
N VAL E 353 36.43 45.33 16.05
CA VAL E 353 35.87 44.29 16.91
C VAL E 353 35.36 43.15 16.03
N PRO E 354 35.83 41.92 16.22
CA PRO E 354 35.33 40.80 15.41
C PRO E 354 33.89 40.44 15.70
N VAL E 355 33.31 39.67 14.77
CA VAL E 355 31.92 39.25 14.83
C VAL E 355 31.83 37.73 14.71
N ILE E 356 31.06 37.13 15.60
CA ILE E 356 30.80 35.70 15.61
C ILE E 356 29.37 35.49 15.15
N ALA E 357 29.18 34.64 14.15
CA ALA E 357 27.86 34.30 13.65
C ALA E 357 27.35 33.08 14.39
N ASP E 358 26.23 33.21 15.10
CA ASP E 358 25.77 32.16 16.00
C ASP E 358 24.38 31.69 15.58
N GLY E 359 24.29 30.45 15.11
CA GLY E 359 23.03 29.81 14.86
C GLY E 359 22.67 29.78 13.39
N GLY E 360 21.93 28.74 13.00
CA GLY E 360 21.39 28.63 11.66
C GLY E 360 22.31 28.04 10.62
N LEU E 361 23.47 27.54 11.00
CA LEU E 361 24.44 26.99 10.04
C LEU E 361 24.24 25.50 9.93
N GLN E 362 24.00 25.02 8.70
CA GLN E 362 23.80 23.60 8.44
C GLN E 362 24.78 23.00 7.45
N TYR E 363 25.43 23.81 6.62
CA TYR E 363 26.39 23.32 5.65
C TYR E 363 27.63 24.20 5.67
N SER E 364 28.71 23.70 5.06
CA SER E 364 29.93 24.49 4.98
C SER E 364 29.74 25.73 4.11
N GLY E 365 28.87 25.65 3.11
CA GLY E 365 28.55 26.84 2.34
C GLY E 365 27.94 27.93 3.18
N ASP E 366 27.15 27.56 4.19
CA ASP E 366 26.63 28.55 5.13
C ASP E 366 27.76 29.24 5.90
N ILE E 367 28.78 28.47 6.30
CA ILE E 367 29.93 29.06 6.98
C ILE E 367 30.65 30.04 6.06
N ALA E 368 30.82 29.65 4.80
CA ALA E 368 31.46 30.55 3.83
C ALA E 368 30.64 31.82 3.63
N LYS E 369 29.32 31.69 3.52
CA LYS E 369 28.47 32.86 3.37
C LYS E 369 28.55 33.76 4.59
N ALA E 370 28.55 33.18 5.79
CA ALA E 370 28.64 33.98 7.00
C ALA E 370 29.96 34.73 7.09
N LEU E 371 31.07 34.07 6.74
CA LEU E 371 32.35 34.74 6.77
C LEU E 371 32.44 35.83 5.70
N ALA E 372 31.86 35.58 4.53
CA ALA E 372 31.89 36.57 3.46
C ALA E 372 31.00 37.77 3.72
N ALA E 373 30.06 37.67 4.66
CA ALA E 373 29.22 38.79 5.02
C ALA E 373 29.89 39.73 6.01
N GLY E 374 31.10 39.41 6.48
CA GLY E 374 31.83 40.25 7.40
C GLY E 374 32.11 39.61 8.74
N ALA E 375 31.52 38.46 9.05
CA ALA E 375 31.78 37.81 10.32
C ALA E 375 33.18 37.21 10.33
N SER E 376 33.79 37.22 11.52
CA SER E 376 35.13 36.67 11.65
C SER E 376 35.12 35.21 12.05
N THR E 377 34.19 34.79 12.90
CA THR E 377 34.13 33.39 13.31
C THR E 377 32.68 32.92 13.32
N ALA E 378 32.50 31.61 13.27
CA ALA E 378 31.17 31.01 13.31
C ALA E 378 31.07 30.04 14.48
N MET E 379 29.92 30.05 15.15
CA MET E 379 29.66 29.17 16.28
C MET E 379 28.70 28.07 15.84
N LEU E 380 29.04 26.82 16.15
CA LEU E 380 28.34 25.67 15.61
C LEU E 380 27.60 24.92 16.72
N GLY E 381 26.36 24.54 16.44
CA GLY E 381 25.51 23.81 17.35
C GLY E 381 25.25 22.40 16.88
N SER E 382 24.11 22.19 16.21
CA SER E 382 23.71 20.86 15.76
C SER E 382 24.72 20.23 14.81
N LEU E 383 25.58 21.02 14.18
CA LEU E 383 26.63 20.44 13.34
C LEU E 383 27.64 19.64 14.15
N LEU E 384 27.74 19.90 15.45
CA LEU E 384 28.65 19.18 16.32
C LEU E 384 27.93 18.34 17.37
N ALA E 385 26.60 18.45 17.46
CA ALA E 385 25.86 17.73 18.51
C ALA E 385 25.88 16.23 18.30
N GLY E 386 26.04 15.78 17.06
CA GLY E 386 26.03 14.37 16.75
C GLY E 386 27.39 13.69 16.77
N THR E 387 28.42 14.37 17.25
CA THR E 387 29.76 13.79 17.29
C THR E 387 29.96 13.01 18.59
N ALA E 388 31.11 12.32 18.67
CA ALA E 388 31.41 11.47 19.81
C ALA E 388 31.79 12.27 21.05
N GLU E 389 32.37 13.46 20.87
CA GLU E 389 32.86 14.23 22.00
C GLU E 389 31.76 15.02 22.70
N SER E 390 30.55 15.05 22.17
CA SER E 390 29.47 15.75 22.83
C SER E 390 28.97 14.94 24.04
N PRO E 391 28.60 15.60 25.14
CA PRO E 391 28.14 14.87 26.31
C PRO E 391 26.85 14.11 26.05
N GLY E 392 26.72 12.96 26.70
CA GLY E 392 25.52 12.14 26.57
C GLY E 392 25.80 10.77 25.98
N GLU E 393 24.91 9.82 26.26
CA GLU E 393 25.05 8.47 25.73
C GLU E 393 24.48 8.40 24.31
N LEU E 394 24.34 7.19 23.79
CA LEU E 394 23.80 6.96 22.46
C LEU E 394 22.36 6.48 22.54
N ILE E 395 21.62 6.68 21.45
CA ILE E 395 20.24 6.24 21.32
C ILE E 395 20.14 5.40 20.06
N PHE E 396 19.48 4.25 20.15
CA PHE E 396 19.30 3.36 19.02
C PHE E 396 17.83 3.37 18.64
N VAL E 397 17.51 4.03 17.52
CA VAL E 397 16.15 4.09 16.99
C VAL E 397 16.16 3.41 15.62
N ASN E 398 15.45 2.28 15.52
CA ASN E 398 15.37 1.50 14.29
C ASN E 398 16.77 1.14 13.79
N GLY E 399 17.64 0.76 14.72
CA GLY E 399 18.96 0.32 14.37
C GLY E 399 19.90 1.43 13.98
N LYS E 400 19.52 2.70 14.18
CA LYS E 400 20.37 3.82 13.84
C LYS E 400 20.75 4.59 15.11
N GLN E 401 21.92 5.22 15.06
CA GLN E 401 22.46 5.93 16.21
C GLN E 401 22.06 7.40 16.16
N PHE E 402 21.46 7.88 17.25
CA PHE E 402 21.10 9.27 17.44
C PHE E 402 21.59 9.69 18.83
N LYS E 403 21.48 10.99 19.11
CA LYS E 403 21.72 11.45 20.47
C LYS E 403 21.00 12.78 20.68
N SER E 404 20.87 13.14 21.96
CA SER E 404 20.01 14.25 22.35
C SER E 404 20.59 15.59 21.90
N TYR E 405 19.69 16.55 21.71
CA TYR E 405 20.06 17.92 21.40
C TYR E 405 18.90 18.81 21.83
N ARG E 406 19.15 19.74 22.75
CA ARG E 406 18.08 20.56 23.27
C ARG E 406 18.58 21.99 23.43
N GLY E 407 17.64 22.93 23.32
CA GLY E 407 17.98 24.32 23.53
C GLY E 407 18.14 24.65 25.01
N MET E 408 18.98 25.64 25.28
CA MET E 408 19.23 26.05 26.65
C MET E 408 18.03 26.74 27.28
N GLY E 409 17.07 27.17 26.47
CA GLY E 409 15.82 27.72 26.95
C GLY E 409 14.67 26.74 26.94
N SER E 410 14.92 25.46 26.69
CA SER E 410 13.86 24.46 26.69
C SER E 410 13.40 24.18 28.11
N LEU E 411 12.25 23.51 28.21
CA LEU E 411 11.70 23.19 29.53
C LEU E 411 12.62 22.26 30.30
N GLY E 412 13.18 21.24 29.62
CA GLY E 412 14.07 20.32 30.30
C GLY E 412 15.37 20.96 30.73
N ALA E 413 15.92 21.83 29.90
CA ALA E 413 17.22 22.43 30.20
C ALA E 413 17.15 23.35 31.42
N MET E 414 16.06 24.11 31.55
CA MET E 414 15.94 25.08 32.62
C MET E 414 15.33 24.49 33.89
N GLN E 415 14.85 23.25 33.85
CA GLN E 415 14.30 22.61 35.04
C GLN E 415 15.41 22.00 35.89
N LEU E 439 6.40 28.50 33.57
CA LEU E 439 7.54 28.72 32.68
C LEU E 439 7.12 28.82 31.23
N VAL E 440 7.78 29.72 30.49
CA VAL E 440 7.54 29.86 29.05
C VAL E 440 8.83 29.53 28.32
N PRO E 441 9.02 28.28 27.88
CA PRO E 441 10.26 27.92 27.20
C PRO E 441 10.36 28.54 25.82
N GLU E 442 11.60 28.65 25.35
CA GLU E 442 11.89 29.21 24.04
C GLU E 442 12.78 28.27 23.22
N GLY E 443 12.69 26.98 23.49
CA GLY E 443 13.45 25.98 22.77
C GLY E 443 12.75 24.64 22.87
N ILE E 444 13.31 23.66 22.15
CA ILE E 444 12.73 22.33 22.07
C ILE E 444 13.80 21.29 22.34
N GLU E 445 13.35 20.05 22.56
CA GLU E 445 14.22 18.90 22.79
C GLU E 445 14.05 17.92 21.63
N GLY E 446 15.16 17.48 21.05
CA GLY E 446 15.13 16.57 19.93
C GLY E 446 16.31 15.63 19.89
N ARG E 447 16.43 14.84 18.82
CA ARG E 447 17.55 13.93 18.66
C ARG E 447 18.12 14.09 17.25
N VAL E 448 19.45 14.14 17.16
CA VAL E 448 20.12 14.28 15.88
C VAL E 448 20.91 13.01 15.58
N PRO E 449 21.13 12.66 14.32
CA PRO E 449 21.89 11.46 14.00
C PRO E 449 23.34 11.55 14.44
N PHE E 450 23.90 10.39 14.78
CA PHE E 450 25.29 10.30 15.18
C PHE E 450 26.20 10.50 13.97
N ARG E 451 27.32 11.20 14.19
CA ARG E 451 28.24 11.53 13.12
C ARG E 451 29.65 10.96 13.29
N GLY E 452 30.07 10.63 14.50
CA GLY E 452 31.38 10.04 14.71
C GLY E 452 32.36 11.01 15.32
N PRO E 453 33.64 10.84 15.01
CA PRO E 453 34.67 11.72 15.57
C PRO E 453 34.53 13.15 15.06
N LEU E 454 34.92 14.10 15.92
CA LEU E 454 34.81 15.50 15.58
C LEU E 454 35.81 15.91 14.50
N GLY E 455 36.95 15.22 14.43
CA GLY E 455 37.99 15.61 13.50
C GLY E 455 37.55 15.54 12.05
N THR E 456 36.84 14.46 11.69
CA THR E 456 36.36 14.33 10.31
C THR E 456 35.36 15.42 9.96
N VAL E 457 34.46 15.74 10.89
CA VAL E 457 33.48 16.80 10.64
C VAL E 457 34.18 18.14 10.43
N ILE E 458 35.15 18.44 11.29
CA ILE E 458 35.89 19.70 11.15
C ILE E 458 36.65 19.73 9.84
N HIS E 459 37.24 18.59 9.45
CA HIS E 459 37.99 18.54 8.19
C HIS E 459 37.09 18.77 6.99
N GLN E 460 35.89 18.17 6.99
CA GLN E 460 34.97 18.37 5.88
C GLN E 460 34.49 19.81 5.81
N LEU E 461 34.16 20.41 6.95
CA LEU E 461 33.73 21.81 6.96
C LEU E 461 34.85 22.73 6.47
N THR E 462 36.09 22.49 6.92
CA THR E 462 37.21 23.30 6.48
C THR E 462 37.50 23.09 4.99
N GLY E 463 37.29 21.88 4.49
CA GLY E 463 37.44 21.66 3.06
C GLY E 463 36.42 22.43 2.24
N GLY E 464 35.17 22.46 2.70
CA GLY E 464 34.17 23.29 2.04
C GLY E 464 34.53 24.77 2.06
N LEU E 465 35.00 25.25 3.21
CA LEU E 465 35.42 26.64 3.30
C LEU E 465 36.58 26.94 2.36
N ARG E 466 37.55 26.02 2.28
CA ARG E 466 38.69 26.21 1.39
C ARG E 466 38.25 26.21 -0.08
N ALA E 467 37.30 25.35 -0.43
CA ALA E 467 36.77 25.38 -1.80
C ALA E 467 36.11 26.71 -2.10
N ALA E 468 35.36 27.26 -1.14
CA ALA E 468 34.76 28.58 -1.33
C ALA E 468 35.83 29.65 -1.50
N MET E 469 36.89 29.59 -0.70
CA MET E 469 37.97 30.56 -0.81
C MET E 469 38.65 30.47 -2.17
N GLY E 470 38.82 29.26 -2.68
CA GLY E 470 39.37 29.10 -4.02
C GLY E 470 38.45 29.66 -5.09
N TYR E 471 37.14 29.42 -4.96
CA TYR E 471 36.18 29.93 -5.94
C TYR E 471 36.18 31.45 -5.97
N THR E 472 36.24 32.09 -4.80
CA THR E 472 36.21 33.55 -4.74
C THR E 472 37.58 34.18 -4.91
N GLY E 473 38.64 33.39 -5.01
CA GLY E 473 39.98 33.94 -5.14
C GLY E 473 40.45 34.70 -3.91
N SER E 474 40.19 34.18 -2.72
CA SER E 474 40.54 34.82 -1.47
C SER E 474 41.73 34.08 -0.86
N ALA E 475 42.87 34.77 -0.78
CA ALA E 475 44.04 34.16 -0.15
C ALA E 475 43.84 33.97 1.35
N THR E 476 43.25 34.96 2.02
CA THR E 476 43.01 34.92 3.44
C THR E 476 41.52 35.12 3.73
N ILE E 477 41.15 34.94 4.99
CA ILE E 477 39.77 35.15 5.41
C ILE E 477 39.38 36.61 5.26
N GLU E 478 40.32 37.52 5.54
CA GLU E 478 40.03 38.94 5.41
C GLU E 478 39.67 39.32 3.99
N GLN E 479 40.27 38.64 3.00
CA GLN E 479 39.86 38.88 1.62
C GLN E 479 38.50 38.26 1.34
N LEU E 480 38.18 37.14 2.00
CA LEU E 480 36.87 36.53 1.84
C LEU E 480 35.78 37.45 2.36
N GLN E 481 36.09 38.27 3.35
CA GLN E 481 35.10 39.19 3.91
C GLN E 481 34.71 40.31 2.96
N GLN E 482 35.28 40.35 1.75
CA GLN E 482 34.92 41.34 0.75
C GLN E 482 34.29 40.71 -0.50
N ALA E 483 33.90 39.44 -0.44
CA ALA E 483 33.26 38.82 -1.58
C ALA E 483 31.84 39.37 -1.77
N GLN E 484 31.28 39.10 -2.94
CA GLN E 484 29.97 39.61 -3.32
C GLN E 484 28.93 38.51 -3.31
N PHE E 485 27.66 38.92 -3.24
CA PHE E 485 26.53 38.00 -3.18
C PHE E 485 25.61 38.22 -4.39
N VAL E 486 24.84 37.19 -4.67
CA VAL E 486 23.72 37.25 -5.60
C VAL E 486 22.49 36.70 -4.91
N GLN E 487 21.39 37.44 -4.95
CA GLN E 487 20.15 37.02 -4.31
C GLN E 487 19.38 36.09 -5.23
N ILE E 488 18.88 34.98 -4.68
CA ILE E 488 18.22 33.95 -5.46
C ILE E 488 16.79 33.78 -4.96
N THR E 489 15.94 33.20 -5.81
CA THR E 489 14.56 32.92 -5.49
C THR E 489 14.43 31.47 -5.03
N ALA E 490 13.19 31.03 -4.81
CA ALA E 490 12.96 29.65 -4.40
C ALA E 490 13.35 28.67 -5.49
N ALA E 491 13.10 29.02 -6.75
CA ALA E 491 13.51 28.17 -7.86
C ALA E 491 15.03 28.02 -7.89
N GLY E 492 15.76 29.10 -7.64
CA GLY E 492 17.20 29.00 -7.52
C GLY E 492 17.62 28.13 -6.37
N LEU E 493 16.88 28.18 -5.26
CA LEU E 493 17.21 27.35 -4.10
C LEU E 493 17.04 25.87 -4.40
N LYS E 494 15.94 25.50 -5.07
CA LYS E 494 15.79 24.09 -5.41
C LYS E 494 16.72 23.67 -6.55
N GLU E 495 17.20 24.63 -7.34
CA GLU E 495 18.21 24.31 -8.34
C GLU E 495 19.57 24.07 -7.69
N SER E 496 19.87 24.81 -6.61
CA SER E 496 21.18 24.69 -5.97
C SER E 496 21.39 23.31 -5.37
N HIS E 497 20.38 22.77 -4.69
CA HIS E 497 20.47 21.43 -4.14
C HIS E 497 20.39 20.40 -5.25
N PRO E 498 20.90 19.19 -5.02
CA PRO E 498 20.69 18.11 -5.99
C PRO E 498 19.21 17.87 -6.21
N HIS E 499 18.84 17.68 -7.47
CA HIS E 499 17.44 17.60 -7.86
C HIS E 499 17.26 16.60 -8.99
N ASP E 500 16.05 16.04 -9.06
CA ASP E 500 15.68 15.07 -10.11
C ASP E 500 16.66 13.90 -10.15
N ILE E 501 17.04 13.41 -8.97
CA ILE E 501 17.96 12.29 -8.84
C ILE E 501 17.64 11.56 -7.56
N THR E 502 17.71 10.22 -7.61
CA THR E 502 17.50 9.37 -6.44
C THR E 502 18.86 8.99 -5.89
N MET E 503 19.28 9.63 -4.81
CA MET E 503 20.59 9.39 -4.24
C MET E 503 20.69 7.97 -3.71
N THR E 504 21.77 7.27 -4.07
CA THR E 504 21.96 5.87 -3.71
C THR E 504 22.97 5.67 -2.58
N VAL E 505 24.06 6.43 -2.56
CA VAL E 505 25.04 6.35 -1.48
C VAL E 505 25.25 7.74 -0.92
N GLU E 506 25.25 7.85 0.40
CA GLU E 506 25.44 9.14 1.04
C GLU E 506 26.88 9.64 0.86
N ALA E 507 27.04 10.95 0.91
CA ALA E 507 28.30 11.64 0.74
C ALA E 507 28.85 12.08 2.09
N PRO E 508 30.18 12.17 2.23
CA PRO E 508 30.75 12.58 3.52
C PRO E 508 30.38 14.00 3.94
N ASN E 509 30.00 14.86 2.99
CA ASN E 509 29.70 16.25 3.29
C ASN E 509 28.29 16.68 2.92
N TYR E 510 27.45 15.77 2.45
CA TYR E 510 26.08 16.13 2.08
C TYR E 510 25.16 14.93 2.24
N TYR E 511 23.95 15.21 2.69
CA TYR E 511 22.90 14.19 2.80
C TYR E 511 21.56 14.90 2.80
N THR E 512 20.52 14.14 2.41
CA THR E 512 19.17 14.68 2.36
C THR E 512 18.31 14.07 3.46
N PRO F 13 20.68 53.39 4.51
CA PRO F 13 21.36 52.11 4.27
C PRO F 13 20.74 51.31 3.13
N VAL F 14 21.46 50.30 2.67
CA VAL F 14 20.91 49.38 1.67
C VAL F 14 19.71 48.65 2.26
N PRO F 15 18.62 48.45 1.51
CA PRO F 15 17.43 47.78 2.10
C PRO F 15 17.71 46.39 2.62
N THR F 16 18.65 45.66 2.04
CA THR F 16 18.95 44.30 2.50
C THR F 16 20.02 44.25 3.58
N GLY F 17 20.57 45.39 3.98
CA GLY F 17 21.52 45.41 5.08
C GLY F 17 22.87 46.02 4.74
N GLY F 18 23.53 46.60 5.74
CA GLY F 18 24.85 47.15 5.55
C GLY F 18 24.83 48.53 4.92
N ASP F 19 26.03 48.98 4.53
CA ASP F 19 26.20 50.27 3.90
C ASP F 19 26.70 50.19 2.45
N ASP F 20 27.04 49.02 1.95
CA ASP F 20 27.57 48.88 0.60
C ASP F 20 26.46 48.49 -0.35
N PRO F 21 26.07 49.35 -1.30
CA PRO F 21 25.01 48.96 -2.24
C PRO F 21 25.42 47.86 -3.20
N THR F 22 26.71 47.59 -3.36
CA THR F 22 27.20 46.57 -4.28
C THR F 22 27.53 45.26 -3.60
N LYS F 23 27.23 45.12 -2.31
CA LYS F 23 27.51 43.86 -1.61
C LYS F 23 26.64 42.74 -2.16
N VAL F 24 25.35 43.00 -2.33
CA VAL F 24 24.43 42.08 -3.00
C VAL F 24 24.25 42.63 -4.42
N ALA F 25 25.02 42.08 -5.36
CA ALA F 25 25.15 42.69 -6.67
C ALA F 25 23.83 42.66 -7.45
N MET F 26 23.20 41.50 -7.54
CA MET F 26 22.06 41.34 -8.43
C MET F 26 21.13 40.26 -7.92
N LEU F 27 19.92 40.25 -8.47
CA LEU F 27 18.94 39.21 -8.21
C LEU F 27 19.01 38.19 -9.34
N GLY F 28 19.20 36.92 -8.97
CA GLY F 28 19.43 35.87 -9.96
C GLY F 28 18.16 35.16 -10.35
N LEU F 29 18.02 34.91 -11.66
CA LEU F 29 16.90 34.20 -12.22
C LEU F 29 17.36 32.88 -12.83
N THR F 30 16.57 31.84 -12.66
CA THR F 30 16.84 30.54 -13.25
C THR F 30 15.69 30.18 -14.20
N PHE F 31 15.71 28.93 -14.69
CA PHE F 31 14.75 28.52 -15.72
C PHE F 31 13.32 28.58 -15.21
N ASP F 32 13.08 28.16 -13.97
CA ASP F 32 11.74 28.12 -13.42
C ASP F 32 11.22 29.49 -12.99
N ASP F 33 11.91 30.57 -13.34
CA ASP F 33 11.48 31.91 -12.98
C ASP F 33 10.91 32.71 -14.15
N VAL F 34 11.07 32.23 -15.38
CA VAL F 34 10.70 33.00 -16.56
C VAL F 34 9.90 32.14 -17.53
N LEU F 35 9.17 32.81 -18.40
CA LEU F 35 8.47 32.19 -19.52
C LEU F 35 8.71 33.02 -20.76
N LEU F 36 8.58 32.38 -21.91
CA LEU F 36 8.75 33.05 -23.20
C LEU F 36 7.43 33.64 -23.66
N LEU F 37 7.44 34.92 -23.99
CA LEU F 37 6.23 35.61 -24.44
C LEU F 37 5.96 35.29 -25.91
N PRO F 38 4.74 34.87 -26.25
CA PRO F 38 4.41 34.68 -27.67
C PRO F 38 4.46 35.99 -28.44
N ALA F 39 4.88 35.91 -29.70
CA ALA F 39 5.00 37.07 -30.57
C ALA F 39 4.31 36.77 -31.89
N ALA F 40 4.34 37.76 -32.80
CA ALA F 40 3.77 37.57 -34.12
C ALA F 40 4.53 36.49 -34.87
N SER F 41 3.80 35.49 -35.35
CA SER F 41 4.41 34.26 -35.87
C SER F 41 4.08 34.10 -37.35
N ASP F 42 5.12 33.85 -38.15
CA ASP F 42 4.98 33.43 -39.53
C ASP F 42 5.65 32.08 -39.76
N VAL F 43 5.91 31.34 -38.68
CA VAL F 43 6.76 30.16 -38.71
C VAL F 43 5.92 28.94 -38.37
N VAL F 44 5.98 27.93 -39.22
CA VAL F 44 5.42 26.61 -38.92
C VAL F 44 6.46 25.86 -38.10
N PRO F 45 6.07 25.17 -37.02
CA PRO F 45 7.07 24.44 -36.24
C PRO F 45 7.84 23.41 -37.05
N ALA F 46 7.21 22.80 -38.06
CA ALA F 46 7.91 21.84 -38.90
C ALA F 46 8.93 22.52 -39.82
N THR F 47 8.79 23.82 -40.06
CA THR F 47 9.70 24.55 -40.93
C THR F 47 10.72 25.38 -40.15
N ALA F 48 10.95 25.04 -38.89
CA ALA F 48 11.89 25.78 -38.07
C ALA F 48 13.32 25.32 -38.34
N ASP F 49 14.24 26.27 -38.41
CA ASP F 49 15.66 26.00 -38.62
C ASP F 49 16.35 26.01 -37.26
N THR F 50 16.75 24.83 -36.79
CA THR F 50 17.33 24.67 -35.46
C THR F 50 18.85 24.64 -35.47
N SER F 51 19.47 24.94 -36.62
CA SER F 51 20.93 24.92 -36.70
C SER F 51 21.53 26.08 -35.93
N SER F 52 22.61 25.79 -35.20
CA SER F 52 23.25 26.80 -34.37
C SER F 52 24.75 26.53 -34.28
N GLN F 53 25.48 27.56 -33.89
CA GLN F 53 26.94 27.47 -33.80
C GLN F 53 27.36 26.80 -32.49
N LEU F 54 28.21 25.78 -32.61
CA LEU F 54 28.87 25.23 -31.43
C LEU F 54 30.15 25.99 -31.11
N THR F 55 30.93 26.33 -32.12
CA THR F 55 32.09 27.19 -31.99
C THR F 55 32.08 28.24 -33.10
N LYS F 56 33.18 28.96 -33.27
CA LYS F 56 33.24 29.95 -34.33
C LYS F 56 33.39 29.33 -35.71
N ARG F 57 33.82 28.08 -35.80
CA ARG F 57 34.03 27.41 -37.08
C ARG F 57 33.20 26.14 -37.25
N ILE F 58 32.36 25.78 -36.29
CA ILE F 58 31.55 24.56 -36.35
C ILE F 58 30.08 24.94 -36.16
N ARG F 59 29.22 24.40 -37.02
CA ARG F 59 27.79 24.61 -36.93
C ARG F 59 27.08 23.27 -36.90
N LEU F 60 26.16 23.10 -35.94
CA LEU F 60 25.43 21.86 -35.77
C LEU F 60 24.02 21.99 -36.33
N ARG F 61 23.47 20.86 -36.78
CA ARG F 61 22.08 20.84 -37.22
C ARG F 61 21.13 20.82 -36.03
N VAL F 62 21.56 20.28 -34.89
CA VAL F 62 20.78 20.25 -33.67
C VAL F 62 21.64 20.80 -32.54
N PRO F 63 21.23 21.85 -31.84
CA PRO F 63 22.11 22.52 -30.87
C PRO F 63 22.13 21.83 -29.51
N LEU F 64 22.58 20.57 -29.50
CA LEU F 64 22.69 19.80 -28.27
C LEU F 64 24.05 19.10 -28.24
N VAL F 65 24.69 19.09 -27.08
CA VAL F 65 26.00 18.48 -26.90
C VAL F 65 25.95 17.58 -25.68
N SER F 66 26.51 16.37 -25.81
CA SER F 66 26.52 15.44 -24.70
C SER F 66 27.56 15.85 -23.66
N SER F 67 27.23 15.60 -22.39
CA SER F 67 28.12 15.99 -21.29
C SER F 67 29.34 15.07 -21.23
N ALA F 68 30.46 15.65 -20.78
CA ALA F 68 31.71 14.90 -20.63
C ALA F 68 31.75 14.26 -19.24
N MET F 69 30.91 13.24 -19.06
CA MET F 69 30.80 12.53 -17.80
C MET F 69 30.93 11.04 -18.04
N ASP F 70 31.56 10.34 -17.10
CA ASP F 70 31.84 8.92 -17.27
C ASP F 70 30.59 8.05 -17.24
N THR F 71 29.44 8.61 -16.83
CA THR F 71 28.17 7.91 -16.89
C THR F 71 27.27 8.42 -18.00
N VAL F 72 27.80 9.25 -18.90
CA VAL F 72 26.97 9.87 -19.93
C VAL F 72 27.51 9.54 -21.32
N THR F 73 28.75 9.92 -21.61
CA THR F 73 29.27 9.89 -22.98
C THR F 73 30.49 9.01 -23.07
N GLU F 74 30.39 7.94 -23.87
CA GLU F 74 31.53 7.20 -24.37
C GLU F 74 31.36 7.05 -25.88
N SER F 75 32.15 6.18 -26.50
CA SER F 75 32.14 6.06 -27.96
C SER F 75 30.73 5.88 -28.53
N ARG F 76 29.93 5.01 -27.90
CA ARG F 76 28.59 4.75 -28.41
C ARG F 76 27.73 6.00 -28.35
N MET F 77 27.71 6.68 -27.20
CA MET F 77 26.91 7.89 -27.06
C MET F 77 27.40 8.99 -27.98
N ALA F 78 28.72 9.12 -28.13
CA ALA F 78 29.26 10.15 -29.02
C ALA F 78 28.85 9.89 -30.46
N ILE F 79 28.91 8.64 -30.91
CA ILE F 79 28.50 8.31 -32.27
C ILE F 79 27.01 8.58 -32.48
N ALA F 80 26.18 8.17 -31.51
CA ALA F 80 24.75 8.40 -31.62
C ALA F 80 24.41 9.87 -31.65
N MET F 81 25.07 10.67 -30.80
CA MET F 81 24.83 12.11 -30.78
C MET F 81 25.29 12.77 -32.08
N ALA F 82 26.43 12.33 -32.62
CA ALA F 82 26.89 12.88 -33.88
C ALA F 82 25.92 12.56 -35.02
N ARG F 83 25.37 11.34 -35.01
CA ARG F 83 24.38 10.98 -36.03
C ARG F 83 23.08 11.76 -35.86
N ALA F 84 22.66 11.99 -34.62
CA ALA F 84 21.38 12.66 -34.38
C ALA F 84 21.39 14.12 -34.80
N GLY F 85 22.56 14.74 -34.94
CA GLY F 85 22.67 16.12 -35.34
C GLY F 85 23.46 17.00 -34.40
N GLY F 86 23.85 16.51 -33.22
CA GLY F 86 24.61 17.28 -32.28
C GLY F 86 26.07 16.85 -32.20
N MET F 87 26.54 16.57 -30.99
CA MET F 87 27.92 16.15 -30.78
C MET F 87 28.06 15.60 -29.37
N GLY F 88 29.02 14.69 -29.20
CA GLY F 88 29.32 14.14 -27.90
C GLY F 88 30.74 14.49 -27.49
N VAL F 89 30.92 14.69 -26.19
CA VAL F 89 32.23 15.03 -25.62
C VAL F 89 32.65 13.89 -24.71
N LEU F 90 33.78 13.26 -25.03
CA LEU F 90 34.26 12.12 -24.26
C LEU F 90 34.91 12.60 -22.97
N HIS F 91 34.60 11.90 -21.88
CA HIS F 91 35.10 12.30 -20.57
C HIS F 91 36.59 11.96 -20.43
N ARG F 92 37.23 12.62 -19.47
CA ARG F 92 38.66 12.50 -19.24
C ARG F 92 38.97 11.69 -17.98
N ASN F 93 38.05 10.83 -17.55
CA ASN F 93 38.28 9.97 -16.40
C ASN F 93 38.94 8.66 -16.78
N LEU F 94 39.42 8.54 -18.01
CA LEU F 94 40.09 7.36 -18.53
C LEU F 94 41.56 7.65 -18.79
N PRO F 95 42.41 6.63 -18.83
CA PRO F 95 43.80 6.83 -19.24
C PRO F 95 43.86 7.38 -20.66
N VAL F 96 44.95 8.10 -20.93
CA VAL F 96 45.07 8.84 -22.19
C VAL F 96 44.92 7.91 -23.38
N ALA F 97 45.53 6.72 -23.32
CA ALA F 97 45.44 5.79 -24.44
C ALA F 97 44.01 5.35 -24.69
N GLU F 98 43.25 5.08 -23.62
CA GLU F 98 41.85 4.68 -23.79
C GLU F 98 41.01 5.79 -24.39
N GLN F 99 41.23 7.04 -23.95
CA GLN F 99 40.48 8.16 -24.51
C GLN F 99 40.81 8.36 -25.98
N ALA F 100 42.09 8.25 -26.34
CA ALA F 100 42.48 8.35 -27.74
C ALA F 100 41.86 7.21 -28.56
N GLY F 101 41.81 6.02 -27.99
CA GLY F 101 41.16 4.91 -28.67
C GLY F 101 39.68 5.15 -28.90
N GLN F 102 39.00 5.72 -27.91
CA GLN F 102 37.59 6.07 -28.09
C GLN F 102 37.40 7.13 -29.16
N VAL F 103 38.30 8.12 -29.20
CA VAL F 103 38.24 9.15 -30.24
C VAL F 103 38.40 8.51 -31.61
N GLU F 104 39.37 7.61 -31.75
CA GLU F 104 39.60 6.93 -33.03
C GLU F 104 38.40 6.06 -33.41
N THR F 105 37.80 5.39 -32.43
CA THR F 105 36.61 4.58 -32.70
C THR F 105 35.46 5.44 -33.21
N VAL F 106 35.26 6.61 -32.60
CA VAL F 106 34.20 7.50 -33.07
C VAL F 106 34.50 7.99 -34.48
N LYS F 107 35.78 8.36 -34.74
CA LYS F 107 36.13 8.84 -36.07
C LYS F 107 35.99 7.76 -37.13
N ARG F 108 36.21 6.49 -36.77
CA ARG F 108 36.14 5.42 -37.76
C ARG F 108 34.70 5.10 -38.14
N SER F 109 33.79 5.09 -37.17
CA SER F 109 32.40 4.74 -37.42
C SER F 109 31.70 5.78 -38.28
N GLN F 225 19.83 7.35 -43.93
CA GLN F 225 19.33 7.05 -42.60
C GLN F 225 19.35 8.29 -41.71
N PHE F 226 20.54 8.86 -41.53
CA PHE F 226 20.77 9.99 -40.66
C PHE F 226 21.14 11.21 -41.50
N PRO F 227 20.18 12.01 -41.94
CA PRO F 227 20.51 13.16 -42.80
C PRO F 227 21.06 14.37 -42.04
N LEU F 228 20.99 14.37 -40.71
CA LEU F 228 21.45 15.50 -39.91
C LEU F 228 22.83 15.28 -39.31
N SER F 229 23.51 14.20 -39.67
CA SER F 229 24.76 13.85 -39.02
C SER F 229 25.81 14.95 -39.24
N THR F 230 26.56 15.23 -38.18
CA THR F 230 27.58 16.27 -38.21
C THR F 230 28.90 15.66 -38.66
N LYS F 231 29.45 16.16 -39.76
CA LYS F 231 30.64 15.59 -40.37
C LYS F 231 31.63 16.69 -40.70
N ASP F 232 32.89 16.29 -40.83
CA ASP F 232 33.95 17.19 -41.25
C ASP F 232 33.99 17.26 -42.78
N SER F 233 35.05 17.84 -43.33
CA SER F 233 35.21 17.88 -44.78
C SER F 233 35.47 16.50 -45.36
N ASP F 234 36.01 15.56 -44.57
CA ASP F 234 36.28 14.22 -45.04
C ASP F 234 35.05 13.31 -45.02
N GLY F 235 33.97 13.73 -44.38
CA GLY F 235 32.80 12.89 -44.25
C GLY F 235 32.78 12.01 -43.01
N ARG F 236 33.63 12.29 -42.02
CA ARG F 236 33.67 11.53 -40.78
C ARG F 236 32.97 12.31 -39.67
N LEU F 237 32.41 11.56 -38.72
CA LEU F 237 31.64 12.18 -37.65
C LEU F 237 32.53 13.04 -36.76
N LEU F 238 32.01 14.20 -36.36
CA LEU F 238 32.72 15.07 -35.43
C LEU F 238 32.68 14.50 -34.02
N VAL F 239 33.70 14.84 -33.24
CA VAL F 239 33.81 14.37 -31.86
C VAL F 239 34.59 15.41 -31.06
N GLY F 240 34.29 15.50 -29.77
CA GLY F 240 35.02 16.38 -28.89
C GLY F 240 35.52 15.61 -27.68
N ALA F 241 36.52 16.19 -27.02
CA ALA F 241 37.09 15.54 -25.85
C ALA F 241 37.50 16.58 -24.82
N ALA F 242 37.51 16.16 -23.55
CA ALA F 242 37.81 17.06 -22.44
C ALA F 242 39.22 16.82 -21.91
N VAL F 243 39.88 17.90 -21.53
CA VAL F 243 41.20 17.85 -20.91
C VAL F 243 41.17 18.69 -19.64
N GLY F 244 42.12 18.41 -18.75
CA GLY F 244 42.25 19.10 -17.49
C GLY F 244 43.21 20.27 -17.57
N VAL F 245 43.91 20.52 -16.48
CA VAL F 245 44.90 21.59 -16.39
C VAL F 245 46.19 21.00 -15.80
N GLY F 246 47.31 21.22 -16.48
CA GLY F 246 48.59 20.72 -16.02
C GLY F 246 49.42 20.09 -17.13
N ASP F 247 50.58 19.54 -16.76
CA ASP F 247 51.44 18.89 -17.76
C ASP F 247 50.83 17.60 -18.27
N ASP F 248 50.22 16.80 -17.38
CA ASP F 248 49.49 15.63 -17.82
C ASP F 248 48.35 16.01 -18.74
N ALA F 249 47.70 17.15 -18.46
CA ALA F 249 46.66 17.66 -19.34
C ALA F 249 47.23 18.00 -20.71
N TRP F 250 48.44 18.58 -20.75
CA TRP F 250 49.07 18.88 -22.04
C TRP F 250 49.35 17.61 -22.82
N THR F 251 49.87 16.58 -22.14
CA THR F 251 50.14 15.32 -22.81
C THR F 251 48.84 14.70 -23.36
N ARG F 252 47.78 14.73 -22.55
CA ARG F 252 46.50 14.18 -22.99
C ARG F 252 45.95 14.96 -24.19
N ALA F 253 46.06 16.29 -24.15
CA ALA F 253 45.55 17.10 -25.25
C ALA F 253 46.32 16.83 -26.55
N MET F 254 47.64 16.73 -26.46
CA MET F 254 48.43 16.43 -27.66
C MET F 254 48.09 15.05 -28.21
N THR F 255 47.94 14.05 -27.32
CA THR F 255 47.57 12.72 -27.77
C THR F 255 46.20 12.72 -28.44
N LEU F 256 45.23 13.45 -27.87
CA LEU F 256 43.91 13.55 -28.47
C LEU F 256 43.96 14.24 -29.83
N VAL F 257 44.77 15.30 -29.95
CA VAL F 257 44.90 16.01 -31.21
C VAL F 257 45.48 15.08 -32.28
N ASP F 258 46.46 14.26 -31.91
CA ASP F 258 47.02 13.32 -32.86
C ASP F 258 46.03 12.22 -33.25
N ALA F 259 44.98 12.00 -32.47
CA ALA F 259 44.00 10.99 -32.79
C ALA F 259 42.89 11.49 -33.72
N GLY F 260 42.85 12.80 -34.00
CA GLY F 260 41.87 13.35 -34.90
C GLY F 260 40.62 13.87 -34.20
N VAL F 261 40.81 14.57 -33.09
CA VAL F 261 39.69 15.16 -32.36
C VAL F 261 39.36 16.51 -32.99
N ASP F 262 38.09 16.90 -32.89
CA ASP F 262 37.62 18.11 -33.54
C ASP F 262 37.57 19.31 -32.59
N VAL F 263 37.27 19.09 -31.31
CA VAL F 263 37.19 20.20 -30.36
C VAL F 263 37.65 19.72 -28.99
N LEU F 264 38.52 20.51 -28.37
CA LEU F 264 39.03 20.27 -27.04
C LEU F 264 38.27 21.16 -26.06
N ILE F 265 37.86 20.58 -24.93
CA ILE F 265 37.15 21.30 -23.89
C ILE F 265 38.07 21.36 -22.67
N VAL F 266 38.42 22.58 -22.25
CA VAL F 266 39.13 22.75 -20.99
C VAL F 266 38.06 22.65 -19.90
N ASP F 267 37.98 21.47 -19.28
CA ASP F 267 36.87 21.05 -18.44
C ASP F 267 37.21 21.24 -16.97
N THR F 268 36.84 22.39 -16.43
CA THR F 268 37.07 22.68 -15.02
C THR F 268 35.78 23.14 -14.36
N ALA F 269 35.87 23.58 -13.11
CA ALA F 269 34.72 24.12 -12.39
C ALA F 269 34.80 25.62 -12.21
N HIS F 270 36.00 26.20 -12.29
CA HIS F 270 36.21 27.63 -12.12
C HIS F 270 37.18 28.06 -13.22
N ALA F 271 36.64 28.56 -14.33
CA ALA F 271 37.47 28.92 -15.47
C ALA F 271 38.14 30.28 -15.31
N HIS F 272 37.74 31.06 -14.31
CA HIS F 272 38.40 32.33 -14.04
C HIS F 272 39.73 32.14 -13.33
N ASN F 273 40.08 30.91 -12.95
CA ASN F 273 41.39 30.64 -12.40
C ASN F 273 42.47 30.90 -13.44
N ARG F 274 43.65 31.32 -12.95
CA ARG F 274 44.73 31.68 -13.85
C ARG F 274 45.21 30.48 -14.67
N GLY F 275 45.24 29.30 -14.05
CA GLY F 275 45.70 28.11 -14.76
C GLY F 275 44.85 27.77 -15.96
N VAL F 276 43.52 27.87 -15.80
CA VAL F 276 42.62 27.56 -16.91
C VAL F 276 42.83 28.53 -18.07
N LEU F 277 42.96 29.82 -17.77
CA LEU F 277 43.18 30.81 -18.82
C LEU F 277 44.51 30.57 -19.52
N ASP F 278 45.56 30.27 -18.76
CA ASP F 278 46.86 30.00 -19.36
C ASP F 278 46.82 28.74 -20.23
N MET F 279 46.10 27.71 -19.77
CA MET F 279 45.97 26.49 -20.56
C MET F 279 45.23 26.75 -21.86
N VAL F 280 44.16 27.55 -21.81
CA VAL F 280 43.43 27.89 -23.03
C VAL F 280 44.32 28.66 -23.99
N SER F 281 45.10 29.62 -23.46
CA SER F 281 46.02 30.37 -24.30
C SER F 281 47.06 29.47 -24.95
N ARG F 282 47.62 28.53 -24.18
CA ARG F 282 48.62 27.63 -24.73
C ARG F 282 48.03 26.73 -25.80
N LEU F 283 46.82 26.20 -25.58
CA LEU F 283 46.20 25.35 -26.58
C LEU F 283 45.92 26.13 -27.87
N LYS F 284 45.44 27.37 -27.73
CA LYS F 284 45.19 28.18 -28.92
C LYS F 284 46.48 28.55 -29.64
N GLN F 285 47.57 28.76 -28.89
CA GLN F 285 48.85 29.06 -29.53
C GLN F 285 49.41 27.86 -30.26
N ALA F 286 49.26 26.67 -29.68
CA ALA F 286 49.91 25.48 -30.24
C ALA F 286 49.10 24.85 -31.36
N VAL F 287 47.85 24.49 -31.08
CA VAL F 287 47.06 23.72 -32.03
C VAL F 287 45.77 24.45 -32.39
N GLY F 288 45.83 25.78 -32.40
CA GLY F 288 44.64 26.56 -32.65
C GLY F 288 44.04 26.33 -34.04
N GLU F 289 44.90 26.23 -35.05
CA GLU F 289 44.41 26.15 -36.42
C GLU F 289 43.75 24.82 -36.75
N ARG F 290 43.98 23.77 -35.94
CA ARG F 290 43.42 22.46 -36.22
C ARG F 290 42.17 22.15 -35.42
N VAL F 291 42.17 22.44 -34.12
CA VAL F 291 41.04 22.14 -33.25
C VAL F 291 40.48 23.45 -32.71
N ASP F 292 39.28 23.35 -32.14
CA ASP F 292 38.66 24.47 -31.45
C ASP F 292 38.77 24.27 -29.95
N VAL F 293 39.06 25.35 -29.22
CA VAL F 293 39.27 25.29 -27.78
C VAL F 293 38.08 25.94 -27.10
N VAL F 294 37.38 25.19 -26.25
CA VAL F 294 36.23 25.68 -25.50
C VAL F 294 36.63 25.80 -24.04
N GLY F 295 36.45 26.99 -23.48
CA GLY F 295 36.83 27.21 -22.10
C GLY F 295 35.88 26.59 -21.08
N GLY F 296 36.39 26.43 -19.87
CA GLY F 296 35.64 25.83 -18.79
C GLY F 296 34.45 26.67 -18.38
N ASN F 297 33.84 26.27 -17.27
CA ASN F 297 32.60 26.89 -16.82
C ASN F 297 32.84 28.22 -16.13
N VAL F 298 31.97 29.18 -16.44
CA VAL F 298 32.00 30.53 -15.88
C VAL F 298 30.59 30.87 -15.39
N ALA F 299 30.51 31.90 -14.54
CA ALA F 299 29.24 32.34 -14.02
C ALA F 299 29.08 33.85 -13.96
N THR F 300 30.05 34.63 -14.44
CA THR F 300 29.98 36.08 -14.40
C THR F 300 30.38 36.64 -15.76
N ARG F 301 30.22 37.96 -15.90
CA ARG F 301 30.59 38.64 -17.14
C ARG F 301 32.10 38.77 -17.27
N ALA F 302 32.79 39.05 -16.16
CA ALA F 302 34.24 39.23 -16.21
C ALA F 302 34.94 37.93 -16.56
N ALA F 303 34.44 36.79 -16.06
CA ALA F 303 35.05 35.52 -16.40
C ALA F 303 34.92 35.21 -17.89
N ALA F 304 33.74 35.48 -18.47
CA ALA F 304 33.56 35.29 -19.90
C ALA F 304 34.44 36.24 -20.70
N ALA F 305 34.60 37.48 -20.23
CA ALA F 305 35.48 38.41 -20.92
C ALA F 305 36.93 37.93 -20.87
N ALA F 306 37.36 37.40 -19.73
CA ALA F 306 38.71 36.87 -19.62
C ALA F 306 38.91 35.68 -20.54
N LEU F 307 37.93 34.79 -20.63
CA LEU F 307 38.04 33.66 -21.54
C LEU F 307 38.09 34.12 -23.00
N VAL F 308 37.29 35.12 -23.35
CA VAL F 308 37.30 35.63 -24.72
C VAL F 308 38.65 36.26 -25.04
N GLU F 309 39.20 37.03 -24.11
CA GLU F 309 40.51 37.63 -24.33
C GLU F 309 41.61 36.57 -24.42
N ALA F 310 41.48 35.51 -23.64
CA ALA F 310 42.46 34.42 -23.66
C ALA F 310 42.45 33.64 -24.97
N GLY F 311 41.42 33.80 -25.80
CA GLY F 311 41.36 33.16 -27.10
C GLY F 311 40.38 32.01 -27.23
N ALA F 312 39.50 31.79 -26.25
CA ALA F 312 38.57 30.67 -26.31
C ALA F 312 37.61 30.83 -27.48
N ASP F 313 37.39 29.74 -28.21
CA ASP F 313 36.45 29.74 -29.32
C ASP F 313 35.00 29.70 -28.85
N ALA F 314 34.74 29.05 -27.72
CA ALA F 314 33.41 28.99 -27.14
C ALA F 314 33.54 29.07 -25.63
N VAL F 315 32.51 29.61 -24.98
CA VAL F 315 32.51 29.79 -23.53
C VAL F 315 31.37 28.97 -22.95
N LYS F 316 31.71 28.05 -22.04
CA LYS F 316 30.71 27.24 -21.37
C LYS F 316 30.30 27.89 -20.05
N VAL F 317 29.00 27.96 -19.82
CA VAL F 317 28.41 28.73 -18.72
C VAL F 317 27.67 27.79 -17.78
N GLY F 318 27.88 28.01 -16.49
CA GLY F 318 27.16 27.30 -15.44
C GLY F 318 28.08 26.82 -14.33
N VAL F 319 27.77 27.22 -13.09
CA VAL F 319 28.56 26.83 -11.92
C VAL F 319 27.56 26.36 -10.87
N GLY F 320 27.42 25.04 -10.72
CA GLY F 320 26.58 24.46 -9.70
C GLY F 320 25.09 24.24 -9.97
N PRO F 321 24.58 24.38 -11.20
CA PRO F 321 23.16 24.10 -11.41
C PRO F 321 22.85 22.66 -11.78
N GLY F 322 23.85 21.78 -11.85
CA GLY F 322 23.62 20.43 -12.29
C GLY F 322 22.79 19.62 -11.31
N SER F 323 22.13 18.60 -11.85
CA SER F 323 21.25 17.76 -11.04
C SER F 323 22.02 16.94 -10.00
N ILE F 324 23.32 16.71 -10.22
CA ILE F 324 24.14 15.93 -9.31
C ILE F 324 25.11 16.79 -8.52
N CYS F 325 25.08 18.10 -8.68
CA CYS F 325 26.07 18.98 -8.08
C CYS F 325 25.68 19.35 -6.64
N THR F 326 26.70 19.47 -5.79
CA THR F 326 26.54 20.01 -4.44
C THR F 326 27.44 21.20 -4.20
N THR F 327 27.94 21.84 -5.27
CA THR F 327 28.86 22.95 -5.10
C THR F 327 28.20 24.13 -4.39
N ARG F 328 26.96 24.44 -4.74
CA ARG F 328 26.26 25.56 -4.11
C ARG F 328 25.92 25.28 -2.65
N VAL F 329 25.99 24.02 -2.22
CA VAL F 329 25.77 23.68 -0.82
C VAL F 329 27.07 23.43 -0.08
N VAL F 330 28.03 22.74 -0.70
CA VAL F 330 29.30 22.46 -0.05
C VAL F 330 30.12 23.73 0.10
N ALA F 331 30.17 24.55 -0.95
CA ALA F 331 30.96 25.78 -0.93
C ALA F 331 30.11 27.04 -0.94
N GLY F 332 28.81 26.95 -1.24
CA GLY F 332 27.96 28.12 -1.29
C GLY F 332 28.33 29.10 -2.39
N VAL F 333 28.77 28.59 -3.53
CA VAL F 333 29.25 29.41 -4.64
C VAL F 333 28.46 29.02 -5.90
N GLY F 334 27.94 30.01 -6.59
CA GLY F 334 27.26 29.76 -7.85
C GLY F 334 26.52 31.00 -8.33
N ALA F 335 25.71 30.79 -9.37
CA ALA F 335 24.86 31.84 -9.91
C ALA F 335 23.71 31.18 -10.64
N PRO F 336 22.49 31.71 -10.57
CA PRO F 336 21.37 31.12 -11.32
C PRO F 336 21.61 31.20 -12.82
N GLN F 337 21.06 30.22 -13.53
CA GLN F 337 21.53 29.93 -14.88
C GLN F 337 21.12 31.01 -15.88
N ILE F 338 19.89 31.52 -15.79
CA ILE F 338 19.43 32.50 -16.77
C ILE F 338 20.25 33.78 -16.67
N THR F 339 20.46 34.27 -15.45
CA THR F 339 21.24 35.49 -15.26
C THR F 339 22.70 35.30 -15.69
N ALA F 340 23.28 34.14 -15.35
CA ALA F 340 24.65 33.86 -15.77
C ALA F 340 24.77 33.82 -17.29
N ILE F 341 23.79 33.20 -17.96
CA ILE F 341 23.81 33.17 -19.42
C ILE F 341 23.70 34.57 -19.98
N LEU F 342 22.81 35.39 -19.41
CA LEU F 342 22.66 36.75 -19.90
C LEU F 342 23.96 37.55 -19.77
N GLU F 343 24.61 37.45 -18.61
CA GLU F 343 25.87 38.18 -18.41
C GLU F 343 26.96 37.68 -19.35
N ALA F 344 27.10 36.36 -19.47
CA ALA F 344 28.14 35.82 -20.35
C ALA F 344 27.90 36.19 -21.79
N VAL F 345 26.64 36.17 -22.23
CA VAL F 345 26.32 36.54 -23.60
C VAL F 345 26.58 38.03 -23.83
N ALA F 346 26.29 38.86 -22.83
CA ALA F 346 26.66 40.27 -22.93
C ALA F 346 28.17 40.42 -23.10
N ALA F 347 28.95 39.56 -22.44
CA ALA F 347 30.40 39.63 -22.58
C ALA F 347 30.90 39.08 -23.91
N CYS F 348 30.20 38.12 -24.50
CA CYS F 348 30.73 37.37 -25.63
C CYS F 348 30.14 37.76 -26.99
N LYS F 349 28.90 38.25 -27.04
CA LYS F 349 28.27 38.55 -28.32
C LYS F 349 29.02 39.56 -29.17
N PRO F 350 29.56 40.68 -28.65
CA PRO F 350 30.25 41.63 -29.54
C PRO F 350 31.43 41.02 -30.29
N TYR F 351 32.11 40.04 -29.71
CA TYR F 351 33.23 39.39 -30.37
C TYR F 351 32.82 38.20 -31.23
N GLY F 352 31.54 37.82 -31.20
CA GLY F 352 31.09 36.70 -32.00
C GLY F 352 31.46 35.34 -31.46
N VAL F 353 31.62 35.20 -30.15
CA VAL F 353 32.02 33.95 -29.52
C VAL F 353 30.77 33.25 -29.00
N PRO F 354 30.51 32.01 -29.40
CA PRO F 354 29.32 31.31 -28.89
C PRO F 354 29.39 30.98 -27.41
N VAL F 355 28.21 30.77 -26.83
CA VAL F 355 28.03 30.45 -25.42
C VAL F 355 27.26 29.15 -25.32
N ILE F 356 27.76 28.24 -24.49
CA ILE F 356 27.15 26.94 -24.25
C ILE F 356 26.52 26.97 -22.87
N ALA F 357 25.24 26.63 -22.77
CA ALA F 357 24.54 26.57 -21.50
C ALA F 357 24.64 25.15 -20.95
N ASP F 358 25.34 24.97 -19.82
CA ASP F 358 25.66 23.65 -19.31
C ASP F 358 25.02 23.46 -17.95
N GLY F 359 24.19 22.44 -17.82
CA GLY F 359 23.65 22.02 -16.54
C GLY F 359 22.31 22.64 -16.22
N GLY F 360 21.54 21.93 -15.40
CA GLY F 360 20.29 22.45 -14.87
C GLY F 360 19.08 22.32 -15.78
N LEU F 361 19.20 21.66 -16.92
CA LEU F 361 18.11 21.55 -17.88
C LEU F 361 17.38 20.22 -17.67
N GLN F 362 16.08 20.30 -17.41
CA GLN F 362 15.26 19.12 -17.18
C GLN F 362 14.15 18.93 -18.20
N TYR F 363 13.71 19.99 -18.89
CA TYR F 363 12.66 19.90 -19.89
C TYR F 363 13.13 20.61 -21.15
N SER F 364 12.42 20.36 -22.26
CA SER F 364 12.76 21.01 -23.52
C SER F 364 12.47 22.51 -23.48
N GLY F 365 11.49 22.92 -22.67
CA GLY F 365 11.26 24.33 -22.47
C GLY F 365 12.46 25.03 -21.85
N ASP F 366 13.20 24.31 -21.00
CA ASP F 366 14.45 24.86 -20.46
C ASP F 366 15.47 25.08 -21.56
N ILE F 367 15.55 24.16 -22.52
CA ILE F 367 16.44 24.35 -23.66
C ILE F 367 16.04 25.59 -24.45
N ALA F 368 14.73 25.74 -24.70
CA ALA F 368 14.26 26.93 -25.42
C ALA F 368 14.58 28.21 -24.66
N LYS F 369 14.40 28.20 -23.34
CA LYS F 369 14.73 29.37 -22.53
C LYS F 369 16.21 29.68 -22.57
N ALA F 370 17.06 28.64 -22.50
CA ALA F 370 18.50 28.85 -22.54
C ALA F 370 18.93 29.44 -23.87
N LEU F 371 18.37 28.95 -24.98
CA LEU F 371 18.71 29.52 -26.28
C LEU F 371 18.20 30.95 -26.41
N ALA F 372 17.00 31.22 -25.91
CA ALA F 372 16.45 32.57 -26.03
C ALA F 372 17.21 33.58 -25.17
N ALA F 373 17.87 33.13 -24.10
CA ALA F 373 18.64 34.02 -23.26
C ALA F 373 19.95 34.45 -23.90
N GLY F 374 20.35 33.81 -25.00
CA GLY F 374 21.55 34.20 -25.70
C GLY F 374 22.47 33.04 -26.03
N ALA F 375 22.31 31.92 -25.34
CA ALA F 375 23.15 30.76 -25.57
C ALA F 375 22.89 30.18 -26.96
N SER F 376 23.91 29.56 -27.53
CA SER F 376 23.80 28.97 -28.85
C SER F 376 23.58 27.46 -28.81
N THR F 377 24.07 26.78 -27.78
CA THR F 377 23.89 25.34 -27.63
C THR F 377 23.68 25.03 -26.16
N ALA F 378 23.10 23.85 -25.91
CA ALA F 378 22.87 23.37 -24.56
C ALA F 378 23.55 22.03 -24.37
N MET F 379 24.23 21.86 -23.24
CA MET F 379 24.91 20.62 -22.90
C MET F 379 24.06 19.85 -21.91
N LEU F 380 23.69 18.63 -22.26
CA LEU F 380 22.72 17.85 -21.51
C LEU F 380 23.39 16.73 -20.73
N GLY F 381 22.99 16.57 -19.47
CA GLY F 381 23.50 15.56 -18.58
C GLY F 381 22.48 14.47 -18.32
N SER F 382 21.75 14.60 -17.22
CA SER F 382 20.78 13.59 -16.82
C SER F 382 19.71 13.33 -17.87
N LEU F 383 19.44 14.31 -18.74
CA LEU F 383 18.45 14.10 -19.80
C LEU F 383 18.88 13.01 -20.77
N LEU F 384 20.18 12.74 -20.88
CA LEU F 384 20.70 11.69 -21.74
C LEU F 384 21.35 10.55 -20.96
N ALA F 385 21.41 10.64 -19.62
CA ALA F 385 22.09 9.61 -18.85
C ALA F 385 21.29 8.32 -18.78
N GLY F 386 19.97 8.41 -18.87
CA GLY F 386 19.10 7.25 -18.79
C GLY F 386 18.82 6.58 -20.12
N THR F 387 19.45 7.01 -21.20
CA THR F 387 19.22 6.43 -22.51
C THR F 387 20.01 5.12 -22.66
N ALA F 388 19.75 4.42 -23.76
CA ALA F 388 20.38 3.13 -24.02
C ALA F 388 21.82 3.26 -24.52
N GLU F 389 22.23 4.44 -24.95
CA GLU F 389 23.58 4.65 -25.44
C GLU F 389 24.56 5.06 -24.34
N SER F 390 24.09 5.35 -23.15
CA SER F 390 24.97 5.73 -22.06
C SER F 390 25.74 4.52 -21.55
N PRO F 391 27.02 4.68 -21.22
CA PRO F 391 27.80 3.55 -20.70
C PRO F 391 27.26 3.06 -19.36
N GLY F 392 27.40 1.77 -19.14
CA GLY F 392 26.95 1.13 -17.91
C GLY F 392 25.83 0.12 -18.17
N GLU F 393 25.49 -0.59 -17.10
CA GLU F 393 24.46 -1.61 -17.14
C GLU F 393 23.14 -1.04 -16.59
N LEU F 394 22.10 -1.88 -16.64
CA LEU F 394 20.79 -1.53 -16.13
C LEU F 394 20.66 -1.95 -14.67
N ILE F 395 19.62 -1.44 -14.02
CA ILE F 395 19.30 -1.76 -12.64
C ILE F 395 17.81 -2.04 -12.55
N PHE F 396 17.43 -3.10 -11.85
CA PHE F 396 16.04 -3.47 -11.67
C PHE F 396 15.65 -3.22 -10.21
N VAL F 397 14.63 -2.40 -10.00
CA VAL F 397 14.14 -2.08 -8.67
C VAL F 397 12.61 -2.10 -8.72
N ASN F 398 12.00 -3.11 -8.10
CA ASN F 398 10.55 -3.24 -8.04
C ASN F 398 9.96 -3.27 -9.45
N GLY F 399 10.67 -3.90 -10.37
CA GLY F 399 10.18 -4.10 -11.70
C GLY F 399 10.46 -2.93 -12.63
N LYS F 400 11.02 -1.84 -12.15
CA LYS F 400 11.34 -0.71 -13.01
C LYS F 400 12.84 -0.62 -13.24
N GLN F 401 13.20 -0.15 -14.43
CA GLN F 401 14.58 -0.10 -14.88
C GLN F 401 15.17 1.29 -14.62
N PHE F 402 16.43 1.30 -14.20
CA PHE F 402 17.18 2.53 -13.96
C PHE F 402 18.59 2.36 -14.52
N LYS F 403 19.35 3.44 -14.52
CA LYS F 403 20.78 3.39 -14.73
C LYS F 403 21.50 4.38 -13.83
N SER F 404 22.78 4.09 -13.57
CA SER F 404 23.55 4.84 -12.60
C SER F 404 23.96 6.19 -13.20
N TYR F 405 23.78 7.26 -12.44
CA TYR F 405 24.22 8.58 -12.83
C TYR F 405 24.92 9.25 -11.67
N ARG F 406 26.15 9.73 -11.89
CA ARG F 406 26.92 10.32 -10.81
C ARG F 406 27.71 11.50 -11.36
N GLY F 407 28.04 12.43 -10.45
CA GLY F 407 28.85 13.56 -10.84
C GLY F 407 30.33 13.21 -10.92
N MET F 408 31.06 14.03 -11.67
CA MET F 408 32.49 13.80 -11.81
C MET F 408 33.26 14.24 -10.58
N GLY F 409 32.67 15.06 -9.71
CA GLY F 409 33.25 15.43 -8.44
C GLY F 409 32.82 14.56 -7.28
N SER F 410 32.14 13.46 -7.55
CA SER F 410 31.69 12.57 -6.49
C SER F 410 32.86 11.82 -5.88
N LEU F 411 32.62 11.26 -4.69
CA LEU F 411 33.66 10.48 -4.02
C LEU F 411 34.01 9.23 -4.81
N GLY F 412 33.01 8.53 -5.35
CA GLY F 412 33.25 7.33 -6.12
C GLY F 412 33.71 7.55 -7.54
N ALA F 413 33.73 8.79 -8.01
CA ALA F 413 34.18 9.11 -9.35
C ALA F 413 35.57 9.73 -9.39
N MET F 414 35.97 10.42 -8.32
CA MET F 414 37.29 11.03 -8.23
C MET F 414 38.32 10.13 -7.58
N GLN F 415 37.92 8.95 -7.12
CA GLN F 415 38.86 8.00 -6.52
C GLN F 415 39.58 7.20 -7.61
N LEU F 439 39.30 13.28 0.73
CA LEU F 439 38.83 14.17 -0.33
C LEU F 439 37.48 14.78 0.02
N VAL F 440 37.24 15.98 -0.50
CA VAL F 440 35.97 16.68 -0.28
C VAL F 440 35.21 16.71 -1.60
N PRO F 441 34.18 15.88 -1.75
CA PRO F 441 33.47 15.82 -3.03
C PRO F 441 32.57 17.02 -3.25
N GLU F 442 32.17 17.20 -4.51
CA GLU F 442 31.22 18.24 -4.89
C GLU F 442 30.14 17.68 -5.80
N GLY F 443 29.84 16.39 -5.64
CA GLY F 443 28.79 15.74 -6.38
C GLY F 443 28.32 14.53 -5.60
N ILE F 444 27.31 13.85 -6.14
CA ILE F 444 26.72 12.68 -5.50
C ILE F 444 26.44 11.62 -6.55
N GLU F 445 26.07 10.43 -6.07
CA GLU F 445 25.74 9.30 -6.91
C GLU F 445 24.24 9.01 -6.79
N GLY F 446 23.62 8.63 -7.90
CA GLY F 446 22.21 8.31 -7.90
C GLY F 446 21.86 7.44 -9.08
N ARG F 447 20.56 7.31 -9.32
CA ARG F 447 20.08 6.52 -10.45
C ARG F 447 18.92 7.26 -11.11
N VAL F 448 18.88 7.22 -12.43
CA VAL F 448 17.78 7.85 -13.18
C VAL F 448 17.01 6.75 -13.91
N PRO F 449 15.71 6.93 -14.14
CA PRO F 449 14.95 5.90 -14.85
C PRO F 449 15.43 5.73 -16.29
N PHE F 450 15.37 4.49 -16.77
CA PHE F 450 15.74 4.19 -18.14
C PHE F 450 14.74 4.82 -19.11
N ARG F 451 15.25 5.38 -20.20
CA ARG F 451 14.42 6.14 -21.13
C ARG F 451 14.37 5.57 -22.53
N GLY F 452 15.21 4.59 -22.87
CA GLY F 452 15.19 4.00 -24.18
C GLY F 452 16.28 4.55 -25.09
N PRO F 453 16.02 4.54 -26.40
CA PRO F 453 17.03 5.00 -27.35
C PRO F 453 17.23 6.51 -27.30
N LEU F 454 18.40 6.94 -27.74
CA LEU F 454 18.73 8.36 -27.72
C LEU F 454 17.97 9.14 -28.77
N GLY F 455 17.73 8.53 -29.94
CA GLY F 455 17.11 9.24 -31.03
C GLY F 455 15.72 9.75 -30.69
N THR F 456 14.93 8.94 -29.98
CA THR F 456 13.60 9.37 -29.57
C THR F 456 13.66 10.56 -28.63
N VAL F 457 14.59 10.54 -27.68
CA VAL F 457 14.73 11.65 -26.74
C VAL F 457 15.12 12.92 -27.49
N ILE F 458 16.08 12.81 -28.40
CA ILE F 458 16.51 13.98 -29.17
C ILE F 458 15.37 14.51 -30.02
N HIS F 459 14.58 13.61 -30.61
CA HIS F 459 13.44 14.05 -31.42
C HIS F 459 12.40 14.77 -30.57
N GLN F 460 12.13 14.28 -29.37
CA GLN F 460 11.18 14.96 -28.49
C GLN F 460 11.68 16.35 -28.10
N LEU F 461 12.96 16.46 -27.73
CA LEU F 461 13.50 17.76 -27.35
C LEU F 461 13.47 18.73 -28.53
N THR F 462 13.81 18.24 -29.72
CA THR F 462 13.79 19.10 -30.90
C THR F 462 12.36 19.51 -31.26
N GLY F 463 11.39 18.62 -31.06
CA GLY F 463 10.00 18.99 -31.27
C GLY F 463 9.55 20.09 -30.33
N GLY F 464 9.93 19.99 -29.06
CA GLY F 464 9.64 21.06 -28.13
C GLY F 464 10.29 22.38 -28.52
N LEU F 465 11.55 22.32 -28.96
CA LEU F 465 12.24 23.53 -29.39
C LEU F 465 11.56 24.14 -30.61
N ARG F 466 11.13 23.32 -31.56
CA ARG F 466 10.43 23.82 -32.74
C ARG F 466 9.09 24.44 -32.37
N ALA F 467 8.39 23.84 -31.41
CA ALA F 467 7.13 24.44 -30.94
C ALA F 467 7.39 25.81 -30.32
N ALA F 468 8.46 25.93 -29.51
CA ALA F 468 8.80 27.23 -28.93
C ALA F 468 9.14 28.25 -30.02
N MET F 469 9.88 27.82 -31.04
CA MET F 469 10.23 28.73 -32.13
C MET F 469 8.99 29.19 -32.89
N GLY F 470 8.03 28.28 -33.10
CA GLY F 470 6.78 28.68 -33.71
C GLY F 470 5.99 29.66 -32.86
N TYR F 471 5.97 29.43 -31.54
CA TYR F 471 5.26 30.35 -30.65
C TYR F 471 5.88 31.74 -30.67
N THR F 472 7.21 31.81 -30.71
CA THR F 472 7.87 33.11 -30.73
C THR F 472 7.99 33.70 -32.13
N GLY F 473 7.62 32.95 -33.16
CA GLY F 473 7.77 33.41 -34.53
C GLY F 473 9.21 33.55 -34.97
N SER F 474 10.07 32.64 -34.55
CA SER F 474 11.50 32.69 -34.88
C SER F 474 11.79 31.66 -35.95
N ALA F 475 12.26 32.13 -37.10
CA ALA F 475 12.60 31.20 -38.19
C ALA F 475 13.90 30.46 -37.90
N THR F 476 14.86 31.14 -37.30
CA THR F 476 16.17 30.57 -37.00
C THR F 476 16.48 30.74 -35.53
N ILE F 477 17.57 30.12 -35.08
CA ILE F 477 18.01 30.25 -33.71
C ILE F 477 18.43 31.67 -33.40
N GLU F 478 19.01 32.37 -34.39
CA GLU F 478 19.43 33.75 -34.17
C GLU F 478 18.24 34.64 -33.85
N GLN F 479 17.10 34.44 -34.53
CA GLN F 479 15.91 35.20 -34.20
C GLN F 479 15.34 34.79 -32.84
N LEU F 480 15.45 33.51 -32.49
CA LEU F 480 15.03 33.07 -31.17
C LEU F 480 15.84 33.72 -30.06
N GLN F 481 17.10 34.04 -30.35
CA GLN F 481 17.97 34.67 -29.36
C GLN F 481 17.59 36.11 -29.07
N GLN F 482 16.52 36.63 -29.66
CA GLN F 482 16.03 37.97 -29.39
C GLN F 482 14.60 37.96 -28.87
N ALA F 483 14.14 36.82 -28.36
CA ALA F 483 12.82 36.75 -27.74
C ALA F 483 12.85 37.39 -26.36
N GLN F 484 11.66 37.63 -25.82
CA GLN F 484 11.51 38.31 -24.55
C GLN F 484 10.96 37.36 -23.49
N PHE F 485 11.29 37.64 -22.24
CA PHE F 485 10.86 36.85 -21.10
C PHE F 485 9.80 37.60 -20.29
N VAL F 486 9.06 36.83 -19.49
CA VAL F 486 8.17 37.37 -18.47
C VAL F 486 8.47 36.63 -17.17
N GLN F 487 8.65 37.40 -16.09
CA GLN F 487 8.98 36.81 -14.80
C GLN F 487 7.73 36.34 -14.09
N ILE F 488 7.79 35.15 -13.51
CA ILE F 488 6.65 34.53 -12.85
C ILE F 488 7.03 34.21 -11.41
N THR F 489 6.00 34.06 -10.57
CA THR F 489 6.16 33.72 -9.17
C THR F 489 5.98 32.22 -8.98
N ALA F 490 5.96 31.78 -7.72
CA ALA F 490 5.74 30.37 -7.43
C ALA F 490 4.34 29.92 -7.85
N ALA F 491 3.35 30.77 -7.63
CA ALA F 491 1.99 30.45 -8.05
C ALA F 491 1.91 30.34 -9.57
N GLY F 492 2.60 31.22 -10.28
CA GLY F 492 2.69 31.08 -11.73
C GLY F 492 3.37 29.80 -12.15
N LEU F 493 4.39 29.38 -11.39
CA LEU F 493 5.08 28.13 -11.71
C LEU F 493 4.15 26.93 -11.53
N LYS F 494 3.35 26.92 -10.46
CA LYS F 494 2.41 25.81 -10.32
C LYS F 494 1.23 25.92 -11.26
N GLU F 495 0.96 27.11 -11.81
CA GLU F 495 0.02 27.21 -12.91
C GLU F 495 0.61 26.65 -14.21
N SER F 496 1.94 26.75 -14.37
CA SER F 496 2.57 26.25 -15.59
C SER F 496 2.43 24.74 -15.71
N HIS F 497 2.77 24.00 -14.66
CA HIS F 497 2.65 22.56 -14.69
C HIS F 497 1.18 22.14 -14.59
N PRO F 498 0.85 20.93 -15.01
CA PRO F 498 -0.51 20.43 -14.82
C PRO F 498 -0.88 20.40 -13.34
N HIS F 499 -2.16 20.67 -13.07
CA HIS F 499 -2.64 20.79 -11.70
C HIS F 499 -4.07 20.32 -11.62
N ASP F 500 -4.47 19.94 -10.40
CA ASP F 500 -5.83 19.46 -10.12
C ASP F 500 -6.23 18.32 -11.04
N ILE F 501 -5.31 17.37 -11.21
CA ILE F 501 -5.51 16.25 -12.12
C ILE F 501 -4.69 15.07 -11.63
N THR F 502 -5.19 13.86 -11.87
CA THR F 502 -4.48 12.62 -11.58
C THR F 502 -4.12 11.99 -12.92
N MET F 503 -2.90 12.23 -13.38
CA MET F 503 -2.47 11.71 -14.68
C MET F 503 -2.34 10.19 -14.62
N THR F 504 -3.00 9.51 -15.56
CA THR F 504 -3.05 8.05 -15.59
C THR F 504 -2.19 7.41 -16.67
N VAL F 505 -1.92 8.10 -17.77
CA VAL F 505 -1.06 7.59 -18.83
C VAL F 505 0.00 8.65 -19.13
N GLU F 506 1.26 8.22 -19.14
CA GLU F 506 2.36 9.17 -19.29
C GLU F 506 2.48 9.64 -20.74
N ALA F 507 3.08 10.80 -20.89
CA ALA F 507 3.34 11.44 -22.17
C ALA F 507 4.78 11.21 -22.60
N PRO F 508 5.06 11.22 -23.90
CA PRO F 508 6.45 11.05 -24.35
C PRO F 508 7.38 12.17 -23.90
N ASN F 509 6.84 13.34 -23.52
CA ASN F 509 7.66 14.47 -23.16
C ASN F 509 7.42 15.00 -21.75
N TYR F 510 6.50 14.40 -20.99
CA TYR F 510 6.25 14.83 -19.62
C TYR F 510 6.20 13.60 -18.72
N TYR F 511 7.11 13.53 -17.76
CA TYR F 511 7.21 12.40 -16.83
C TYR F 511 6.51 12.67 -15.50
N THR F 512 6.65 13.88 -14.96
CA THR F 512 6.04 14.21 -13.67
C THR F 512 5.94 15.72 -13.50
N PRO G 13 24.26 47.64 -15.10
CA PRO G 13 23.40 46.77 -15.90
C PRO G 13 22.02 46.54 -15.29
N VAL G 14 21.17 45.80 -16.00
CA VAL G 14 19.85 45.43 -15.46
C VAL G 14 20.05 44.56 -14.22
N PRO G 15 19.26 44.73 -13.17
CA PRO G 15 19.47 43.93 -11.96
C PRO G 15 19.30 42.43 -12.15
N THR G 16 18.61 42.00 -13.20
CA THR G 16 18.45 40.57 -13.47
C THR G 16 19.47 40.03 -14.48
N GLY G 17 20.39 40.86 -14.95
CA GLY G 17 21.40 40.39 -15.87
C GLY G 17 21.26 41.00 -17.26
N GLY G 18 22.41 41.27 -17.89
CA GLY G 18 22.42 41.84 -19.21
C GLY G 18 22.29 43.35 -19.22
N ASP G 19 22.37 43.91 -20.42
CA ASP G 19 22.27 45.35 -20.62
C ASP G 19 20.96 45.79 -21.26
N ASP G 20 20.02 44.86 -21.49
CA ASP G 20 18.77 45.19 -22.15
C ASP G 20 17.67 45.28 -21.11
N PRO G 21 17.10 46.46 -20.85
CA PRO G 21 16.03 46.55 -19.85
C PRO G 21 14.69 45.98 -20.30
N THR G 22 14.55 45.62 -21.58
CA THR G 22 13.32 45.03 -22.08
C THR G 22 13.43 43.52 -22.26
N LYS G 23 14.56 42.92 -21.91
CA LYS G 23 14.69 41.47 -22.05
C LYS G 23 13.70 40.73 -21.16
N VAL G 24 13.55 41.17 -19.92
CA VAL G 24 12.50 40.69 -19.03
C VAL G 24 11.48 41.82 -18.93
N ALA G 25 10.39 41.70 -19.70
CA ALA G 25 9.49 42.82 -19.92
C ALA G 25 8.71 43.17 -18.66
N MET G 26 8.12 42.18 -17.99
CA MET G 26 7.18 42.48 -16.93
C MET G 26 7.11 41.32 -15.94
N LEU G 27 6.56 41.61 -14.76
CA LEU G 27 6.28 40.60 -13.76
C LEU G 27 4.84 40.13 -13.91
N GLY G 28 4.65 38.83 -14.02
CA GLY G 28 3.34 38.25 -14.29
C GLY G 28 2.68 37.73 -13.03
N LEU G 29 1.39 38.05 -12.88
CA LEU G 29 0.59 37.60 -11.75
C LEU G 29 -0.48 36.63 -12.22
N THR G 30 -0.72 35.59 -11.42
CA THR G 30 -1.77 34.63 -11.67
C THR G 30 -2.89 34.81 -10.64
N PHE G 31 -3.87 33.92 -10.66
CA PHE G 31 -5.03 34.05 -9.80
C PHE G 31 -4.67 33.97 -8.32
N ASP G 32 -3.67 33.15 -7.97
CA ASP G 32 -3.28 32.99 -6.59
C ASP G 32 -2.38 34.10 -6.07
N ASP G 33 -2.00 35.05 -6.92
CA ASP G 33 -1.14 36.15 -6.51
C ASP G 33 -1.90 37.36 -6.00
N VAL G 34 -3.22 37.43 -6.21
CA VAL G 34 -3.98 38.64 -5.94
C VAL G 34 -5.24 38.31 -5.15
N LEU G 35 -5.79 39.35 -4.52
CA LEU G 35 -7.08 39.27 -3.84
C LEU G 35 -7.87 40.52 -4.19
N LEU G 36 -9.19 40.40 -4.08
CA LEU G 36 -10.10 41.51 -4.31
C LEU G 36 -10.30 42.32 -3.04
N LEU G 37 -10.29 43.63 -3.19
CA LEU G 37 -10.46 44.52 -2.04
C LEU G 37 -11.94 44.86 -1.85
N PRO G 38 -12.47 44.73 -0.65
CA PRO G 38 -13.85 45.18 -0.40
C PRO G 38 -13.95 46.69 -0.49
N ALA G 39 -15.15 47.16 -0.83
CA ALA G 39 -15.40 48.59 -0.99
C ALA G 39 -16.78 48.90 -0.44
N ALA G 40 -17.16 50.19 -0.52
CA ALA G 40 -18.48 50.60 -0.09
C ALA G 40 -19.54 49.90 -0.92
N SER G 41 -20.54 49.32 -0.26
CA SER G 41 -21.48 48.42 -0.90
C SER G 41 -22.91 48.77 -0.52
N ASP G 42 -23.78 48.77 -1.52
CA ASP G 42 -25.23 48.80 -1.32
C ASP G 42 -25.90 47.59 -1.95
N VAL G 43 -25.12 46.57 -2.32
CA VAL G 43 -25.60 45.45 -3.12
C VAL G 43 -25.80 44.26 -2.20
N VAL G 44 -27.02 43.71 -2.20
CA VAL G 44 -27.30 42.42 -1.57
C VAL G 44 -26.86 41.34 -2.54
N PRO G 45 -26.18 40.29 -2.09
CA PRO G 45 -25.70 39.26 -3.04
C PRO G 45 -26.82 38.64 -3.86
N ALA G 46 -28.05 38.57 -3.33
CA ALA G 46 -29.14 38.02 -4.11
C ALA G 46 -29.57 38.97 -5.22
N THR G 47 -29.56 40.28 -4.96
CA THR G 47 -30.04 41.26 -5.92
C THR G 47 -29.05 41.56 -7.04
N ALA G 48 -27.82 41.08 -6.95
CA ALA G 48 -26.81 41.40 -7.94
C ALA G 48 -27.16 40.81 -9.30
N ASP G 49 -26.77 41.52 -10.36
CA ASP G 49 -27.01 41.11 -11.73
C ASP G 49 -25.71 40.55 -12.31
N THR G 50 -25.77 39.32 -12.82
CA THR G 50 -24.58 38.62 -13.32
C THR G 50 -24.57 38.51 -14.84
N SER G 51 -25.32 39.35 -15.54
CA SER G 51 -25.35 39.31 -16.99
C SER G 51 -24.09 39.95 -17.57
N SER G 52 -23.61 39.41 -18.68
CA SER G 52 -22.39 39.90 -19.29
C SER G 52 -22.41 39.59 -20.79
N GLN G 53 -21.67 40.39 -21.54
CA GLN G 53 -21.60 40.23 -22.99
C GLN G 53 -20.63 39.11 -23.35
N LEU G 54 -21.11 38.12 -24.10
CA LEU G 54 -20.20 37.14 -24.68
C LEU G 54 -19.51 37.70 -25.90
N THR G 55 -20.29 38.27 -26.83
CA THR G 55 -19.75 39.00 -27.96
C THR G 55 -20.42 40.37 -28.01
N LYS G 56 -20.20 41.12 -29.10
CA LYS G 56 -20.82 42.43 -29.22
C LYS G 56 -22.34 42.36 -29.37
N ARG G 57 -22.87 41.21 -29.80
CA ARG G 57 -24.31 41.07 -30.02
C ARG G 57 -24.97 40.01 -29.13
N ILE G 58 -24.20 39.21 -28.41
CA ILE G 58 -24.73 38.14 -27.57
C ILE G 58 -24.49 38.49 -26.12
N ARG G 59 -25.54 38.42 -25.31
CA ARG G 59 -25.47 38.67 -23.88
C ARG G 59 -26.00 37.46 -23.13
N LEU G 60 -25.28 37.05 -22.08
CA LEU G 60 -25.63 35.88 -21.30
C LEU G 60 -26.20 36.29 -19.94
N ARG G 61 -26.91 35.36 -19.33
CA ARG G 61 -27.38 35.54 -17.95
C ARG G 61 -26.34 35.09 -16.95
N VAL G 62 -25.59 34.04 -17.26
CA VAL G 62 -24.49 33.55 -16.46
C VAL G 62 -23.24 33.60 -17.33
N PRO G 63 -22.21 34.35 -16.94
CA PRO G 63 -21.04 34.57 -17.81
C PRO G 63 -20.05 33.40 -17.83
N LEU G 64 -20.55 32.21 -18.11
CA LEU G 64 -19.73 31.01 -18.17
C LEU G 64 -19.98 30.28 -19.49
N VAL G 65 -18.90 29.81 -20.10
CA VAL G 65 -18.96 29.09 -21.37
C VAL G 65 -18.18 27.78 -21.21
N SER G 66 -18.76 26.68 -21.68
CA SER G 66 -18.08 25.40 -21.60
C SER G 66 -16.96 25.31 -22.63
N SER G 67 -15.97 24.46 -22.34
CA SER G 67 -14.79 24.33 -23.18
C SER G 67 -15.04 23.41 -24.38
N ALA G 68 -14.38 23.73 -25.48
CA ALA G 68 -14.46 22.94 -26.71
C ALA G 68 -13.47 21.77 -26.63
N MET G 69 -13.80 20.82 -25.75
CA MET G 69 -12.95 19.67 -25.50
C MET G 69 -13.77 18.39 -25.61
N ASP G 70 -13.13 17.33 -26.10
CA ASP G 70 -13.81 16.05 -26.35
C ASP G 70 -14.13 15.28 -25.09
N THR G 71 -13.96 15.87 -23.91
CA THR G 71 -14.41 15.25 -22.65
C THR G 71 -15.20 16.25 -21.82
N VAL G 72 -15.62 17.36 -22.41
CA VAL G 72 -16.30 18.42 -21.67
C VAL G 72 -17.66 18.69 -22.30
N THR G 73 -17.67 19.12 -23.56
CA THR G 73 -18.87 19.64 -24.20
C THR G 73 -19.30 18.75 -25.36
N GLU G 74 -20.55 18.33 -25.34
CA GLU G 74 -21.24 17.77 -26.49
C GLU G 74 -22.68 18.28 -26.44
N SER G 75 -23.59 17.62 -27.17
CA SER G 75 -24.96 18.12 -27.27
C SER G 75 -25.61 18.24 -25.91
N ARG G 76 -25.45 17.22 -25.05
CA ARG G 76 -26.06 17.28 -23.72
C ARG G 76 -25.47 18.42 -22.89
N MET G 77 -24.15 18.55 -22.90
CA MET G 77 -23.52 19.62 -22.14
C MET G 77 -23.89 20.99 -22.70
N ALA G 78 -23.98 21.11 -24.02
CA ALA G 78 -24.38 22.38 -24.63
C ALA G 78 -25.80 22.75 -24.22
N ILE G 79 -26.72 21.78 -24.23
CA ILE G 79 -28.09 22.04 -23.84
C ILE G 79 -28.16 22.46 -22.37
N ALA G 80 -27.43 21.74 -21.51
CA ALA G 80 -27.47 22.07 -20.08
C ALA G 80 -26.86 23.44 -19.80
N MET G 81 -25.76 23.78 -20.48
CA MET G 81 -25.16 25.10 -20.31
C MET G 81 -26.07 26.21 -20.81
N ALA G 82 -26.74 25.98 -21.94
CA ALA G 82 -27.67 26.97 -22.45
C ALA G 82 -28.85 27.16 -21.51
N ARG G 83 -29.35 26.07 -20.92
CA ARG G 83 -30.48 26.17 -20.00
C ARG G 83 -30.08 26.84 -18.70
N ALA G 84 -28.85 26.61 -18.23
CA ALA G 84 -28.40 27.16 -16.97
C ALA G 84 -28.18 28.67 -17.03
N GLY G 85 -28.18 29.27 -18.21
CA GLY G 85 -27.96 30.69 -18.36
C GLY G 85 -26.68 31.05 -19.10
N GLY G 86 -25.90 30.07 -19.54
CA GLY G 86 -24.67 30.35 -20.24
C GLY G 86 -24.68 29.85 -21.67
N MET G 87 -23.60 29.17 -22.08
CA MET G 87 -23.49 28.65 -23.43
C MET G 87 -22.42 27.56 -23.46
N GLY G 88 -22.46 26.76 -24.51
CA GLY G 88 -21.46 25.73 -24.71
C GLY G 88 -20.89 25.80 -26.11
N VAL G 89 -19.69 25.26 -26.25
CA VAL G 89 -18.98 25.24 -27.53
C VAL G 89 -18.60 23.80 -27.84
N LEU G 90 -19.07 23.29 -28.97
CA LEU G 90 -18.82 21.90 -29.36
C LEU G 90 -17.41 21.74 -29.91
N HIS G 91 -16.73 20.68 -29.50
CA HIS G 91 -15.36 20.44 -29.90
C HIS G 91 -15.30 19.97 -31.36
N ARG G 92 -14.14 20.19 -31.99
CA ARG G 92 -13.92 19.84 -33.39
C ARG G 92 -13.10 18.58 -33.54
N ASN G 93 -13.17 17.67 -32.57
CA ASN G 93 -12.53 16.37 -32.69
C ASN G 93 -13.45 15.34 -33.33
N LEU G 94 -14.57 15.78 -33.91
CA LEU G 94 -15.56 14.96 -34.57
C LEU G 94 -15.56 15.21 -36.07
N PRO G 95 -16.04 14.25 -36.87
CA PRO G 95 -16.23 14.54 -38.30
C PRO G 95 -17.24 15.64 -38.49
N VAL G 96 -17.10 16.38 -39.60
CA VAL G 96 -17.90 17.57 -39.83
C VAL G 96 -19.40 17.25 -39.77
N ALA G 97 -19.80 16.14 -40.40
CA ALA G 97 -21.22 15.77 -40.39
C ALA G 97 -21.72 15.54 -38.97
N GLU G 98 -20.93 14.88 -38.13
CA GLU G 98 -21.34 14.62 -36.76
C GLU G 98 -21.45 15.90 -35.95
N GLN G 99 -20.52 16.84 -36.15
CA GLN G 99 -20.62 18.12 -35.45
C GLN G 99 -21.83 18.92 -35.90
N ALA G 100 -22.15 18.87 -37.19
CA ALA G 100 -23.35 19.53 -37.68
C ALA G 100 -24.60 18.90 -37.09
N GLY G 101 -24.59 17.57 -36.97
CA GLY G 101 -25.70 16.89 -36.32
C GLY G 101 -25.86 17.30 -34.87
N GLN G 102 -24.74 17.47 -34.16
CA GLN G 102 -24.82 17.95 -32.78
C GLN G 102 -25.38 19.36 -32.71
N VAL G 103 -24.98 20.22 -33.64
CA VAL G 103 -25.55 21.58 -33.68
C VAL G 103 -27.05 21.51 -33.90
N GLU G 104 -27.50 20.66 -34.83
CA GLU G 104 -28.93 20.50 -35.08
C GLU G 104 -29.64 19.97 -33.84
N THR G 105 -29.03 19.02 -33.13
CA THR G 105 -29.64 18.48 -31.92
C THR G 105 -29.81 19.55 -30.87
N VAL G 106 -28.81 20.41 -30.69
CA VAL G 106 -28.91 21.49 -29.72
C VAL G 106 -30.01 22.47 -30.15
N LYS G 107 -30.07 22.80 -31.43
CA LYS G 107 -31.05 23.78 -31.89
C LYS G 107 -32.47 23.26 -31.84
N ARG G 108 -32.67 21.95 -31.99
CA ARG G 108 -34.02 21.41 -32.09
C ARG G 108 -34.72 21.39 -30.73
N SER G 109 -33.99 21.13 -29.66
CA SER G 109 -34.58 21.06 -28.33
C SER G 109 -35.15 22.42 -27.89
N GLN G 225 -39.11 25.61 -16.62
CA GLN G 225 -38.14 24.91 -15.78
C GLN G 225 -36.80 25.62 -15.77
N PHE G 226 -36.49 26.30 -16.86
CA PHE G 226 -35.19 26.95 -17.05
C PHE G 226 -35.43 28.40 -17.48
N PRO G 227 -35.76 29.29 -16.53
CA PRO G 227 -36.03 30.68 -16.90
C PRO G 227 -34.83 31.42 -17.46
N LEU G 228 -33.62 31.02 -17.11
CA LEU G 228 -32.41 31.75 -17.51
C LEU G 228 -31.87 31.31 -18.86
N SER G 229 -32.55 30.41 -19.56
CA SER G 229 -32.02 29.85 -20.79
C SER G 229 -31.72 30.94 -21.82
N THR G 230 -30.53 30.87 -22.41
CA THR G 230 -30.12 31.81 -23.43
C THR G 230 -30.67 31.36 -24.78
N LYS G 231 -31.46 32.23 -25.41
CA LYS G 231 -32.15 31.91 -26.65
C LYS G 231 -31.99 33.06 -27.64
N ASP G 232 -32.20 32.73 -28.92
CA ASP G 232 -32.14 33.72 -29.98
C ASP G 232 -33.54 34.32 -30.20
N SER G 233 -33.71 35.04 -31.31
CA SER G 233 -35.02 35.61 -31.62
C SER G 233 -36.06 34.52 -31.84
N ASP G 234 -35.67 33.42 -32.48
CA ASP G 234 -36.58 32.31 -32.74
C ASP G 234 -36.88 31.46 -31.51
N GLY G 235 -36.32 31.80 -30.35
CA GLY G 235 -36.58 31.05 -29.15
C GLY G 235 -35.81 29.76 -28.99
N ARG G 236 -34.87 29.48 -29.90
CA ARG G 236 -34.07 28.27 -29.82
C ARG G 236 -32.77 28.54 -29.05
N LEU G 237 -32.25 27.49 -28.43
CA LEU G 237 -31.05 27.64 -27.60
C LEU G 237 -29.86 28.04 -28.45
N LEU G 238 -28.99 28.86 -27.86
CA LEU G 238 -27.75 29.25 -28.52
C LEU G 238 -26.68 28.19 -28.34
N VAL G 239 -25.79 28.09 -29.32
CA VAL G 239 -24.70 27.12 -29.28
C VAL G 239 -23.55 27.66 -30.13
N GLY G 240 -22.34 27.24 -29.79
CA GLY G 240 -21.17 27.60 -30.56
C GLY G 240 -20.39 26.36 -30.96
N ALA G 241 -19.53 26.54 -31.95
CA ALA G 241 -18.71 25.43 -32.42
C ALA G 241 -17.30 25.92 -32.69
N ALA G 242 -16.34 24.99 -32.60
CA ALA G 242 -14.94 25.27 -32.81
C ALA G 242 -14.52 24.83 -34.21
N VAL G 243 -13.74 25.69 -34.87
CA VAL G 243 -13.15 25.37 -36.17
C VAL G 243 -11.66 25.70 -36.10
N GLY G 244 -10.88 25.02 -36.92
CA GLY G 244 -9.45 25.23 -37.00
C GLY G 244 -9.09 26.22 -38.07
N VAL G 245 -7.91 26.00 -38.68
CA VAL G 245 -7.44 26.82 -39.79
C VAL G 245 -7.10 25.90 -40.95
N GLY G 246 -7.54 26.26 -42.14
CA GLY G 246 -7.26 25.51 -43.34
C GLY G 246 -8.48 25.34 -44.20
N ASP G 247 -8.33 24.55 -45.26
CA ASP G 247 -9.43 24.34 -46.21
C ASP G 247 -10.53 23.49 -45.58
N ASP G 248 -10.17 22.37 -44.95
CA ASP G 248 -11.17 21.55 -44.30
C ASP G 248 -11.83 22.29 -43.15
N ALA G 249 -11.09 23.17 -42.48
CA ALA G 249 -11.68 24.03 -41.47
C ALA G 249 -12.72 24.97 -42.08
N TRP G 250 -12.44 25.50 -43.27
CA TRP G 250 -13.41 26.35 -43.95
C TRP G 250 -14.66 25.57 -44.31
N THR G 251 -14.50 24.35 -44.82
CA THR G 251 -15.66 23.51 -45.14
C THR G 251 -16.48 23.23 -43.89
N ARG G 252 -15.79 22.91 -42.78
CA ARG G 252 -16.49 22.68 -41.52
C ARG G 252 -17.24 23.92 -41.07
N ALA G 253 -16.61 25.10 -41.19
CA ALA G 253 -17.27 26.33 -40.78
C ALA G 253 -18.52 26.62 -41.61
N MET G 254 -18.43 26.41 -42.93
CA MET G 254 -19.60 26.63 -43.78
C MET G 254 -20.72 25.66 -43.44
N THR G 255 -20.37 24.38 -43.22
CA THR G 255 -21.38 23.40 -42.85
C THR G 255 -22.04 23.75 -41.52
N LEU G 256 -21.24 24.20 -40.55
CA LEU G 256 -21.79 24.57 -39.25
C LEU G 256 -22.70 25.79 -39.35
N VAL G 257 -22.29 26.79 -40.15
CA VAL G 257 -23.12 27.98 -40.31
C VAL G 257 -24.44 27.62 -40.99
N ASP G 258 -24.40 26.72 -41.97
CA ASP G 258 -25.65 26.28 -42.59
C ASP G 258 -26.53 25.55 -41.59
N ALA G 259 -25.93 24.74 -40.70
CA ALA G 259 -26.71 23.99 -39.72
C ALA G 259 -27.27 24.85 -38.59
N GLY G 260 -27.08 26.17 -38.61
CA GLY G 260 -27.71 27.02 -37.62
C GLY G 260 -26.88 27.37 -36.40
N VAL G 261 -25.56 27.27 -36.48
CA VAL G 261 -24.73 27.64 -35.33
C VAL G 261 -24.86 29.14 -35.08
N ASP G 262 -24.55 29.54 -33.84
CA ASP G 262 -24.70 30.93 -33.42
C ASP G 262 -23.38 31.66 -33.24
N VAL G 263 -22.30 30.94 -32.94
CA VAL G 263 -20.99 31.57 -32.80
C VAL G 263 -19.91 30.55 -33.14
N LEU G 264 -18.94 30.99 -33.93
CA LEU G 264 -17.81 30.20 -34.37
C LEU G 264 -16.58 30.62 -33.58
N ILE G 265 -15.77 29.64 -33.18
CA ILE G 265 -14.54 29.89 -32.44
C ILE G 265 -13.39 29.45 -33.33
N VAL G 266 -12.50 30.39 -33.66
CA VAL G 266 -11.27 29.99 -34.32
C VAL G 266 -10.32 29.59 -33.21
N ASP G 267 -10.44 28.32 -32.80
CA ASP G 267 -9.84 27.77 -31.59
C ASP G 267 -8.47 27.19 -31.94
N THR G 268 -7.42 27.96 -31.67
CA THR G 268 -6.06 27.53 -31.91
C THR G 268 -5.25 27.72 -30.62
N ALA G 269 -3.96 27.45 -30.71
CA ALA G 269 -3.07 27.60 -29.57
C ALA G 269 -2.25 28.88 -29.65
N HIS G 270 -2.16 29.49 -30.82
CA HIS G 270 -1.37 30.71 -31.01
C HIS G 270 -2.11 31.54 -32.05
N ALA G 271 -2.93 32.47 -31.57
CA ALA G 271 -3.76 33.28 -32.47
C ALA G 271 -3.00 34.40 -33.15
N HIS G 272 -1.79 34.72 -32.69
CA HIS G 272 -1.00 35.73 -33.36
C HIS G 272 -0.41 35.24 -34.67
N ASN G 273 -0.55 33.95 -34.98
CA ASN G 273 -0.12 33.42 -36.26
C ASN G 273 -0.91 34.08 -37.39
N ARG G 274 -0.24 34.26 -38.53
CA ARG G 274 -0.84 34.94 -39.67
C ARG G 274 -2.06 34.17 -40.19
N GLY G 275 -1.99 32.85 -40.19
CA GLY G 275 -3.10 32.06 -40.70
C GLY G 275 -4.36 32.23 -39.87
N VAL G 276 -4.23 32.35 -38.55
CA VAL G 276 -5.39 32.55 -37.69
C VAL G 276 -6.05 33.89 -38.00
N LEU G 277 -5.26 34.95 -38.15
CA LEU G 277 -5.83 36.25 -38.49
C LEU G 277 -6.50 36.22 -39.85
N ASP G 278 -5.89 35.55 -40.83
CA ASP G 278 -6.49 35.45 -42.15
C ASP G 278 -7.82 34.69 -42.08
N MET G 279 -7.87 33.60 -41.32
CA MET G 279 -9.11 32.84 -41.18
C MET G 279 -10.20 33.67 -40.51
N VAL G 280 -9.84 34.42 -39.47
CA VAL G 280 -10.81 35.26 -38.78
C VAL G 280 -11.36 36.31 -39.74
N SER G 281 -10.47 36.96 -40.51
CA SER G 281 -10.91 37.98 -41.46
C SER G 281 -11.81 37.38 -42.54
N ARG G 282 -11.45 36.21 -43.05
CA ARG G 282 -12.26 35.56 -44.08
C ARG G 282 -13.64 35.20 -43.54
N LEU G 283 -13.71 34.66 -42.33
CA LEU G 283 -15.00 34.32 -41.75
C LEU G 283 -15.85 35.56 -41.53
N LYS G 284 -15.25 36.64 -41.03
CA LYS G 284 -16.00 37.87 -40.81
C LYS G 284 -16.50 38.46 -42.12
N GLN G 285 -15.68 38.39 -43.17
CA GLN G 285 -16.11 38.94 -44.46
C GLN G 285 -17.21 38.08 -45.09
N ALA G 286 -17.14 36.76 -44.92
CA ALA G 286 -18.09 35.88 -45.59
C ALA G 286 -19.42 35.81 -44.82
N VAL G 287 -19.37 35.34 -43.57
CA VAL G 287 -20.59 35.06 -42.83
C VAL G 287 -20.67 35.94 -41.59
N GLY G 288 -20.12 37.14 -41.67
CA GLY G 288 -20.05 38.01 -40.50
C GLY G 288 -21.41 38.42 -39.97
N GLU G 289 -22.31 38.83 -40.87
CA GLU G 289 -23.62 39.32 -40.44
C GLU G 289 -24.49 38.22 -39.84
N ARG G 290 -24.16 36.95 -40.09
CA ARG G 290 -24.99 35.85 -39.61
C ARG G 290 -24.57 35.36 -38.23
N VAL G 291 -23.29 35.04 -38.05
CA VAL G 291 -22.79 34.51 -36.78
C VAL G 291 -21.59 35.34 -36.35
N ASP G 292 -21.21 35.16 -35.08
CA ASP G 292 -20.08 35.86 -34.50
C ASP G 292 -18.82 35.00 -34.59
N VAL G 293 -17.67 35.65 -34.62
CA VAL G 293 -16.38 34.98 -34.72
C VAL G 293 -15.56 35.35 -33.50
N VAL G 294 -15.05 34.35 -32.78
CA VAL G 294 -14.21 34.56 -31.61
C VAL G 294 -12.81 34.07 -31.93
N GLY G 295 -11.81 34.92 -31.71
CA GLY G 295 -10.45 34.56 -32.03
C GLY G 295 -9.84 33.57 -31.05
N GLY G 296 -8.72 32.99 -31.48
CA GLY G 296 -8.01 32.00 -30.68
C GLY G 296 -7.41 32.61 -29.43
N ASN G 297 -6.56 31.83 -28.79
CA ASN G 297 -5.97 32.21 -27.51
C ASN G 297 -4.76 33.12 -27.70
N VAL G 298 -4.74 34.22 -26.93
CA VAL G 298 -3.67 35.20 -26.96
C VAL G 298 -3.20 35.44 -25.52
N ALA G 299 -2.01 36.02 -25.39
CA ALA G 299 -1.46 36.32 -24.09
C ALA G 299 -0.84 37.71 -23.98
N THR G 300 -0.82 38.49 -25.05
CA THR G 300 -0.18 39.80 -25.03
C THR G 300 -1.15 40.85 -25.54
N ARG G 301 -0.74 42.12 -25.40
CA ARG G 301 -1.55 43.22 -25.89
C ARG G 301 -1.51 43.31 -27.41
N ALA G 302 -0.35 43.01 -28.00
CA ALA G 302 -0.21 43.10 -29.46
C ALA G 302 -1.08 42.07 -30.16
N ALA G 303 -1.13 40.85 -29.64
CA ALA G 303 -1.94 39.81 -30.26
C ALA G 303 -3.43 40.16 -30.19
N ALA G 304 -3.88 40.68 -29.05
CA ALA G 304 -5.27 41.10 -28.92
C ALA G 304 -5.58 42.25 -29.87
N ALA G 305 -4.64 43.19 -30.02
CA ALA G 305 -4.84 44.29 -30.97
C ALA G 305 -4.94 43.77 -32.39
N ALA G 306 -4.10 42.79 -32.75
CA ALA G 306 -4.17 42.20 -34.09
C ALA G 306 -5.49 41.51 -34.31
N LEU G 307 -5.99 40.78 -33.31
CA LEU G 307 -7.28 40.12 -33.44
C LEU G 307 -8.41 41.12 -33.59
N VAL G 308 -8.37 42.21 -32.81
CA VAL G 308 -9.40 43.24 -32.91
C VAL G 308 -9.38 43.89 -34.29
N GLU G 309 -8.17 44.17 -34.80
CA GLU G 309 -8.07 44.74 -36.14
C GLU G 309 -8.60 43.78 -37.19
N ALA G 310 -8.36 42.47 -37.01
CA ALA G 310 -8.85 41.49 -37.95
C ALA G 310 -10.38 41.36 -37.97
N GLY G 311 -11.07 41.94 -36.99
CA GLY G 311 -12.51 41.94 -36.97
C GLY G 311 -13.17 40.93 -36.06
N ALA G 312 -12.43 40.34 -35.13
CA ALA G 312 -13.02 39.37 -34.21
C ALA G 312 -14.05 40.02 -33.30
N ASP G 313 -15.12 39.28 -33.01
CA ASP G 313 -16.16 39.77 -32.11
C ASP G 313 -15.84 39.53 -30.66
N ALA G 314 -14.90 38.64 -30.36
CA ALA G 314 -14.46 38.40 -29.00
C ALA G 314 -13.06 37.81 -29.04
N VAL G 315 -12.29 38.03 -27.97
CA VAL G 315 -10.91 37.58 -27.90
C VAL G 315 -10.75 36.67 -26.70
N LYS G 316 -10.27 35.45 -26.93
CA LYS G 316 -9.98 34.54 -25.83
C LYS G 316 -8.56 34.74 -25.34
N VAL G 317 -8.36 34.56 -24.04
CA VAL G 317 -7.09 34.82 -23.39
C VAL G 317 -6.65 33.59 -22.62
N GLY G 318 -5.38 33.25 -22.77
CA GLY G 318 -4.72 32.19 -22.02
C GLY G 318 -3.89 31.28 -22.89
N VAL G 319 -2.61 31.16 -22.57
CA VAL G 319 -1.68 30.32 -23.31
C VAL G 319 -0.90 29.53 -22.27
N GLY G 320 -1.35 28.31 -21.98
CA GLY G 320 -0.69 27.46 -21.01
C GLY G 320 -1.29 27.30 -19.61
N PRO G 321 -2.26 28.12 -19.17
CA PRO G 321 -2.72 27.99 -17.79
C PRO G 321 -3.68 26.84 -17.55
N GLY G 322 -4.04 26.07 -18.58
CA GLY G 322 -5.00 25.01 -18.39
C GLY G 322 -4.49 23.93 -17.45
N SER G 323 -5.43 23.27 -16.77
CA SER G 323 -5.06 22.28 -15.77
C SER G 323 -4.43 21.04 -16.38
N ILE G 324 -4.60 20.82 -17.68
CA ILE G 324 -4.03 19.66 -18.36
C ILE G 324 -2.96 20.04 -19.37
N CYS G 325 -2.67 21.33 -19.52
CA CYS G 325 -1.70 21.78 -20.51
C CYS G 325 -0.27 21.53 -20.05
N THR G 326 0.61 21.28 -21.02
CA THR G 326 2.04 21.19 -20.78
C THR G 326 2.82 22.12 -21.72
N THR G 327 2.15 23.12 -22.28
CA THR G 327 2.82 24.02 -23.22
C THR G 327 3.94 24.79 -22.53
N ARG G 328 3.71 25.27 -21.32
CA ARG G 328 4.73 26.03 -20.59
C ARG G 328 5.90 25.17 -20.17
N VAL G 329 5.79 23.85 -20.23
CA VAL G 329 6.89 22.95 -19.92
C VAL G 329 7.52 22.39 -21.19
N VAL G 330 6.70 21.99 -22.16
CA VAL G 330 7.23 21.46 -23.42
C VAL G 330 7.89 22.56 -24.23
N ALA G 331 7.25 23.71 -24.33
CA ALA G 331 7.77 24.82 -25.13
C ALA G 331 8.28 25.98 -24.30
N GLY G 332 7.98 26.02 -23.00
CA GLY G 332 8.40 27.14 -22.17
C GLY G 332 7.83 28.48 -22.61
N VAL G 333 6.60 28.47 -23.11
CA VAL G 333 5.95 29.67 -23.63
C VAL G 333 4.63 29.86 -22.90
N GLY G 334 4.41 31.07 -22.41
CA GLY G 334 3.15 31.37 -21.76
C GLY G 334 3.21 32.72 -21.07
N ALA G 335 2.12 33.03 -20.36
CA ALA G 335 2.02 34.25 -19.58
C ALA G 335 1.01 34.03 -18.47
N PRO G 336 1.26 34.50 -17.25
CA PRO G 336 0.28 34.34 -16.18
C PRO G 336 -1.03 35.02 -16.51
N GLN G 337 -2.13 34.42 -16.03
CA GLN G 337 -3.44 34.71 -16.61
C GLN G 337 -3.93 36.11 -16.24
N ILE G 338 -3.65 36.59 -15.04
CA ILE G 338 -4.16 37.90 -14.63
C ILE G 338 -3.50 39.00 -15.44
N THR G 339 -2.17 38.93 -15.60
CA THR G 339 -1.46 39.94 -16.38
C THR G 339 -1.87 39.89 -17.85
N ALA G 340 -2.02 38.68 -18.39
CA ALA G 340 -2.46 38.54 -19.77
C ALA G 340 -3.85 39.12 -19.98
N ILE G 341 -4.76 38.88 -19.02
CA ILE G 341 -6.10 39.45 -19.11
C ILE G 341 -6.03 40.97 -19.07
N LEU G 342 -5.20 41.52 -18.19
CA LEU G 342 -5.08 42.97 -18.10
C LEU G 342 -4.58 43.57 -19.41
N GLU G 343 -3.56 42.95 -20.01
CA GLU G 343 -3.02 43.45 -21.28
C GLU G 343 -4.05 43.34 -22.40
N ALA G 344 -4.75 42.21 -22.47
CA ALA G 344 -5.75 42.02 -23.51
C ALA G 344 -6.90 43.01 -23.36
N VAL G 345 -7.31 43.27 -22.12
CA VAL G 345 -8.37 44.26 -21.88
C VAL G 345 -7.90 45.64 -22.28
N ALA G 346 -6.65 45.99 -21.94
CA ALA G 346 -6.12 47.27 -22.39
C ALA G 346 -6.15 47.39 -23.91
N ALA G 347 -5.95 46.28 -24.61
CA ALA G 347 -6.03 46.31 -26.07
C ALA G 347 -7.47 46.38 -26.59
N CYS G 348 -8.41 45.72 -25.92
CA CYS G 348 -9.73 45.48 -26.49
C CYS G 348 -10.82 46.42 -25.99
N LYS G 349 -10.72 46.94 -24.76
CA LYS G 349 -11.79 47.75 -24.20
C LYS G 349 -12.14 48.99 -25.01
N PRO G 350 -11.19 49.78 -25.53
CA PRO G 350 -11.59 50.97 -26.30
C PRO G 350 -12.48 50.65 -27.49
N TYR G 351 -12.28 49.52 -28.14
CA TYR G 351 -13.10 49.13 -29.28
C TYR G 351 -14.34 48.34 -28.88
N GLY G 352 -14.55 48.10 -27.59
CA GLY G 352 -15.73 47.40 -27.15
C GLY G 352 -15.76 45.92 -27.43
N VAL G 353 -14.61 45.29 -27.64
CA VAL G 353 -14.53 43.86 -27.93
C VAL G 353 -14.42 43.11 -26.61
N PRO G 354 -15.32 42.16 -26.32
CA PRO G 354 -15.21 41.41 -25.08
C PRO G 354 -14.01 40.47 -25.05
N VAL G 355 -13.60 40.15 -23.82
CA VAL G 355 -12.47 39.26 -23.55
C VAL G 355 -12.99 38.07 -22.76
N ILE G 356 -12.58 36.87 -23.16
CA ILE G 356 -12.99 35.62 -22.52
C ILE G 356 -11.77 35.04 -21.83
N ALA G 357 -11.84 34.86 -20.52
CA ALA G 357 -10.75 34.24 -19.78
C ALA G 357 -10.86 32.73 -19.88
N ASP G 358 -9.81 32.06 -20.36
CA ASP G 358 -9.89 30.64 -20.68
C ASP G 358 -8.71 29.90 -20.07
N GLY G 359 -8.98 29.11 -19.05
CA GLY G 359 -7.98 28.21 -18.48
C GLY G 359 -7.49 28.66 -17.12
N GLY G 360 -7.30 27.69 -16.23
CA GLY G 360 -6.71 27.93 -14.92
C GLY G 360 -7.67 28.21 -13.80
N LEU G 361 -8.97 28.25 -14.06
CA LEU G 361 -9.95 28.52 -13.02
C LEU G 361 -10.28 27.24 -12.26
N GLN G 362 -10.15 27.30 -10.93
CA GLN G 362 -10.46 26.18 -10.06
C GLN G 362 -11.48 26.50 -8.99
N TYR G 363 -11.79 27.77 -8.75
CA TYR G 363 -12.74 28.17 -7.74
C TYR G 363 -13.58 29.32 -8.29
N SER G 364 -14.70 29.60 -7.60
CA SER G 364 -15.52 30.74 -7.99
C SER G 364 -14.81 32.06 -7.73
N GLY G 365 -13.91 32.09 -6.73
CA GLY G 365 -13.10 33.27 -6.53
C GLY G 365 -12.20 33.57 -7.71
N ASP G 366 -11.70 32.53 -8.37
CA ASP G 366 -10.91 32.74 -9.59
C ASP G 366 -11.75 33.38 -10.68
N ILE G 367 -13.01 32.95 -10.82
CA ILE G 367 -13.91 33.56 -11.80
C ILE G 367 -14.14 35.03 -11.46
N ALA G 368 -14.35 35.33 -10.18
CA ALA G 368 -14.55 36.72 -9.77
C ALA G 368 -13.30 37.56 -10.06
N LYS G 369 -12.11 37.02 -9.79
CA LYS G 369 -10.88 37.73 -10.08
C LYS G 369 -10.72 37.98 -11.57
N ALA G 370 -11.03 36.97 -12.39
CA ALA G 370 -10.92 37.13 -13.84
C ALA G 370 -11.88 38.20 -14.34
N LEU G 371 -13.12 38.22 -13.82
CA LEU G 371 -14.06 39.24 -14.25
C LEU G 371 -13.65 40.62 -13.77
N ALA G 372 -13.07 40.72 -12.57
CA ALA G 372 -12.61 42.00 -12.06
C ALA G 372 -11.43 42.53 -12.86
N ALA G 373 -10.57 41.64 -13.36
CA ALA G 373 -9.42 42.07 -14.14
C ALA G 373 -9.82 42.68 -15.48
N GLY G 374 -11.05 42.47 -15.92
CA GLY G 374 -11.53 43.11 -17.14
C GLY G 374 -12.23 42.16 -18.09
N ALA G 375 -12.17 40.86 -17.82
CA ALA G 375 -12.81 39.89 -18.68
C ALA G 375 -14.33 39.97 -18.54
N SER G 376 -15.03 39.56 -19.60
CA SER G 376 -16.48 39.56 -19.61
C SER G 376 -17.07 38.19 -19.30
N THR G 377 -16.48 37.12 -19.84
CA THR G 377 -16.93 35.76 -19.57
C THR G 377 -15.73 34.88 -19.27
N ALA G 378 -16.02 33.71 -18.72
CA ALA G 378 -15.00 32.73 -18.38
C ALA G 378 -15.34 31.38 -18.99
N MET G 379 -14.34 30.72 -19.56
CA MET G 379 -14.51 29.41 -20.17
C MET G 379 -13.96 28.34 -19.22
N LEU G 380 -14.79 27.36 -18.90
CA LEU G 380 -14.48 26.39 -17.86
C LEU G 380 -14.15 25.04 -18.45
N GLY G 381 -13.12 24.40 -17.89
CA GLY G 381 -12.67 23.08 -18.29
C GLY G 381 -12.94 22.04 -17.22
N SER G 382 -11.92 21.76 -16.40
CA SER G 382 -12.01 20.71 -15.39
C SER G 382 -13.17 20.91 -14.42
N LEU G 383 -13.64 22.14 -14.23
CA LEU G 383 -14.77 22.37 -13.33
C LEU G 383 -16.06 21.75 -13.87
N LEU G 384 -16.15 21.53 -15.18
CA LEU G 384 -17.33 20.92 -15.79
C LEU G 384 -17.06 19.54 -16.37
N ALA G 385 -15.83 19.05 -16.29
CA ALA G 385 -15.50 17.75 -16.85
C ALA G 385 -15.96 16.59 -15.96
N GLY G 386 -16.29 16.86 -14.70
CA GLY G 386 -16.75 15.85 -13.78
C GLY G 386 -18.25 15.82 -13.53
N THR G 387 -19.02 16.55 -14.32
CA THR G 387 -20.47 16.55 -14.15
C THR G 387 -21.10 15.43 -14.98
N ALA G 388 -22.39 15.18 -14.71
CA ALA G 388 -23.10 14.12 -15.41
C ALA G 388 -23.27 14.44 -16.89
N GLU G 389 -23.58 15.70 -17.21
CA GLU G 389 -23.83 16.08 -18.60
C GLU G 389 -22.57 16.02 -19.46
N SER G 390 -21.40 15.93 -18.86
CA SER G 390 -20.18 15.81 -19.64
C SER G 390 -20.10 14.43 -20.27
N PRO G 391 -19.59 14.32 -21.50
CA PRO G 391 -19.46 13.01 -22.14
C PRO G 391 -18.44 12.13 -21.43
N GLY G 392 -18.68 10.83 -21.50
CA GLY G 392 -17.80 9.84 -20.92
C GLY G 392 -18.56 8.87 -20.04
N GLU G 393 -17.82 7.90 -19.51
CA GLU G 393 -18.36 6.87 -18.64
C GLU G 393 -17.78 7.02 -17.24
N LEU G 394 -18.61 6.76 -16.24
CA LEU G 394 -18.17 6.85 -14.85
C LEU G 394 -17.08 5.82 -14.57
N ILE G 395 -16.03 6.24 -13.90
CA ILE G 395 -14.90 5.39 -13.54
C ILE G 395 -14.97 5.12 -12.04
N PHE G 396 -14.91 3.85 -11.67
CA PHE G 396 -15.12 3.44 -10.28
C PHE G 396 -13.80 2.91 -9.74
N VAL G 397 -13.23 3.63 -8.76
CA VAL G 397 -11.95 3.25 -8.17
C VAL G 397 -12.01 3.51 -6.67
N ASN G 398 -11.72 2.47 -5.88
CA ASN G 398 -11.62 2.58 -4.43
C ASN G 398 -12.91 3.11 -3.81
N GLY G 399 -14.05 2.80 -4.42
CA GLY G 399 -15.32 3.24 -3.91
C GLY G 399 -15.68 4.66 -4.26
N LYS G 400 -14.90 5.34 -5.10
CA LYS G 400 -15.17 6.70 -5.50
C LYS G 400 -15.29 6.79 -7.02
N GLN G 401 -16.05 7.79 -7.46
CA GLN G 401 -16.38 7.98 -8.86
C GLN G 401 -15.52 9.07 -9.47
N PHE G 402 -15.08 8.85 -10.71
CA PHE G 402 -14.30 9.81 -11.48
C PHE G 402 -14.86 9.87 -12.89
N LYS G 403 -14.36 10.82 -13.68
CA LYS G 403 -14.51 10.80 -15.12
C LYS G 403 -13.24 11.27 -15.80
N SER G 404 -13.07 10.84 -17.05
CA SER G 404 -11.83 11.06 -17.78
C SER G 404 -11.77 12.51 -18.25
N TYR G 405 -10.57 13.09 -18.20
CA TYR G 405 -10.37 14.45 -18.67
C TYR G 405 -8.98 14.55 -19.29
N ARG G 406 -8.93 15.05 -20.53
CA ARG G 406 -7.67 15.13 -21.24
C ARG G 406 -7.68 16.36 -22.14
N GLY G 407 -6.49 16.83 -22.49
CA GLY G 407 -6.38 17.97 -23.36
C GLY G 407 -6.50 17.60 -24.82
N MET G 408 -6.85 18.60 -25.63
CA MET G 408 -6.96 18.37 -27.06
C MET G 408 -5.60 18.22 -27.74
N GLY G 409 -4.54 18.68 -27.09
CA GLY G 409 -3.19 18.46 -27.55
C GLY G 409 -2.53 17.22 -27.00
N SER G 410 -3.28 16.40 -26.29
CA SER G 410 -2.75 15.15 -25.75
C SER G 410 -2.56 14.13 -26.87
N LEU G 411 -1.71 13.14 -26.60
CA LEU G 411 -1.42 12.12 -27.60
C LEU G 411 -2.66 11.31 -27.95
N GLY G 412 -3.47 10.98 -26.95
CA GLY G 412 -4.67 10.21 -27.18
C GLY G 412 -5.84 10.97 -27.75
N ALA G 413 -5.74 12.29 -27.86
CA ALA G 413 -6.78 13.10 -28.47
C ALA G 413 -6.43 13.60 -29.85
N MET G 414 -5.15 13.59 -30.22
CA MET G 414 -4.72 14.00 -31.54
C MET G 414 -4.54 12.82 -32.49
N GLN G 415 -4.89 11.62 -32.06
CA GLN G 415 -4.73 10.43 -32.88
C GLN G 415 -6.07 9.99 -33.47
N LEU G 439 5.24 12.62 -32.95
CA LEU G 439 4.41 13.70 -32.44
C LEU G 439 4.93 14.21 -31.11
N VAL G 440 4.80 15.51 -30.88
CA VAL G 440 5.16 16.14 -29.62
C VAL G 440 3.90 16.75 -29.02
N PRO G 441 3.25 16.06 -28.08
CA PRO G 441 2.00 16.56 -27.52
C PRO G 441 2.23 17.73 -26.58
N GLU G 442 1.15 18.47 -26.34
CA GLU G 442 1.14 19.60 -25.42
C GLU G 442 0.00 19.45 -24.42
N GLY G 443 -0.26 18.23 -23.98
CA GLY G 443 -1.33 17.96 -23.03
C GLY G 443 -1.16 16.57 -22.44
N ILE G 444 -1.98 16.28 -21.44
CA ILE G 444 -1.92 15.01 -20.72
C ILE G 444 -3.33 14.44 -20.56
N GLU G 445 -3.38 13.19 -20.10
CA GLU G 445 -4.63 12.47 -19.85
C GLU G 445 -4.71 12.14 -18.37
N GLY G 446 -5.87 12.39 -17.76
CA GLY G 446 -6.05 12.12 -16.36
C GLY G 446 -7.51 11.93 -16.04
N ARG G 447 -7.81 11.90 -14.74
CA ARG G 447 -9.18 11.73 -14.28
C ARG G 447 -9.48 12.78 -13.22
N VAL G 448 -10.75 13.19 -13.16
CA VAL G 448 -11.20 14.17 -12.18
C VAL G 448 -12.36 13.58 -11.39
N PRO G 449 -12.55 13.96 -10.12
CA PRO G 449 -13.66 13.39 -9.34
C PRO G 449 -15.01 13.79 -9.90
N PHE G 450 -15.97 12.89 -9.75
CA PHE G 450 -17.33 13.14 -10.19
C PHE G 450 -18.02 14.12 -9.26
N ARG G 451 -18.72 15.10 -9.84
CA ARG G 451 -19.33 16.18 -9.07
C ARG G 451 -20.85 16.14 -9.04
N GLY G 452 -21.50 15.49 -9.99
CA GLY G 452 -22.95 15.42 -10.01
C GLY G 452 -23.55 16.20 -11.15
N PRO G 453 -24.78 16.68 -10.97
CA PRO G 453 -25.44 17.44 -12.04
C PRO G 453 -24.75 18.78 -12.27
N LEU G 454 -24.86 19.27 -13.51
CA LEU G 454 -24.24 20.54 -13.86
C LEU G 454 -24.92 21.71 -13.17
N GLY G 455 -26.23 21.61 -12.92
CA GLY G 455 -26.96 22.74 -12.37
C GLY G 455 -26.46 23.15 -11.00
N THR G 456 -26.19 22.17 -10.13
CA THR G 456 -25.68 22.49 -8.80
C THR G 456 -24.31 23.15 -8.87
N VAL G 457 -23.45 22.67 -9.76
CA VAL G 457 -22.12 23.27 -9.93
C VAL G 457 -22.25 24.72 -10.37
N ILE G 458 -23.10 24.96 -11.36
CA ILE G 458 -23.29 26.32 -11.85
C ILE G 458 -23.87 27.21 -10.76
N HIS G 459 -24.79 26.67 -9.96
CA HIS G 459 -25.38 27.44 -8.87
C HIS G 459 -24.32 27.83 -7.84
N GLN G 460 -23.43 26.89 -7.48
CA GLN G 460 -22.39 27.21 -6.51
C GLN G 460 -21.43 28.26 -7.05
N LEU G 461 -21.01 28.12 -8.32
CA LEU G 461 -20.10 29.10 -8.90
C LEU G 461 -20.74 30.48 -8.98
N THR G 462 -22.01 30.54 -9.39
CA THR G 462 -22.71 31.82 -9.47
C THR G 462 -22.93 32.41 -8.09
N GLY G 463 -23.15 31.58 -7.07
CA GLY G 463 -23.27 32.10 -5.72
C GLY G 463 -21.98 32.72 -5.22
N GLY G 464 -20.85 32.07 -5.51
CA GLY G 464 -19.57 32.68 -5.18
C GLY G 464 -19.36 34.01 -5.89
N LEU G 465 -19.72 34.06 -7.18
CA LEU G 465 -19.60 35.32 -7.93
C LEU G 465 -20.49 36.40 -7.34
N ARG G 466 -21.71 36.05 -6.94
CA ARG G 466 -22.62 37.03 -6.34
C ARG G 466 -22.09 37.52 -5.00
N ALA G 467 -21.50 36.62 -4.21
CA ALA G 467 -20.89 37.05 -2.95
C ALA G 467 -19.75 38.03 -3.20
N ALA G 468 -18.93 37.75 -4.22
CA ALA G 468 -17.85 38.68 -4.55
C ALA G 468 -18.40 40.04 -4.99
N MET G 469 -19.46 40.03 -5.80
CA MET G 469 -20.07 41.28 -6.23
C MET G 469 -20.62 42.07 -5.05
N GLY G 470 -21.24 41.37 -4.08
CA GLY G 470 -21.70 42.05 -2.88
C GLY G 470 -20.56 42.61 -2.06
N TYR G 471 -19.45 41.90 -1.98
CA TYR G 471 -18.29 42.39 -1.24
C TYR G 471 -17.72 43.66 -1.88
N THR G 472 -17.62 43.69 -3.21
CA THR G 472 -17.06 44.84 -3.90
C THR G 472 -18.10 45.93 -4.17
N GLY G 473 -19.36 45.70 -3.82
CA GLY G 473 -20.39 46.69 -4.06
C GLY G 473 -20.65 46.96 -5.53
N SER G 474 -20.69 45.91 -6.34
CA SER G 474 -20.91 46.03 -7.78
C SER G 474 -22.30 45.51 -8.11
N ALA G 475 -23.14 46.38 -8.67
CA ALA G 475 -24.48 45.94 -9.08
C ALA G 475 -24.45 45.16 -10.38
N THR G 476 -23.55 45.50 -11.28
CA THR G 476 -23.41 44.84 -12.57
C THR G 476 -21.98 44.32 -12.74
N ILE G 477 -21.80 43.48 -13.76
CA ILE G 477 -20.46 42.99 -14.08
C ILE G 477 -19.57 44.13 -14.55
N GLU G 478 -20.15 45.10 -15.26
CA GLU G 478 -19.37 46.25 -15.70
C GLU G 478 -18.81 47.03 -14.51
N GLN G 479 -19.53 47.03 -13.39
CA GLN G 479 -19.00 47.64 -12.18
C GLN G 479 -17.96 46.75 -11.52
N LEU G 480 -18.11 45.43 -11.63
CA LEU G 480 -17.12 44.52 -11.09
C LEU G 480 -15.79 44.64 -11.82
N GLN G 481 -15.83 45.02 -13.10
CA GLN G 481 -14.60 45.16 -13.87
C GLN G 481 -13.76 46.36 -13.45
N GLN G 482 -14.20 47.14 -12.47
CA GLN G 482 -13.44 48.27 -11.97
C GLN G 482 -12.97 48.08 -10.54
N ALA G 483 -13.02 46.86 -10.02
CA ALA G 483 -12.55 46.57 -8.68
C ALA G 483 -11.03 46.58 -8.62
N GLN G 484 -10.50 46.69 -7.41
CA GLN G 484 -9.07 46.79 -7.18
C GLN G 484 -8.52 45.49 -6.60
N PHE G 485 -7.21 45.33 -6.70
CA PHE G 485 -6.51 44.14 -6.27
C PHE G 485 -5.47 44.48 -5.22
N VAL G 486 -5.14 43.48 -4.41
CA VAL G 486 -4.00 43.54 -3.51
C VAL G 486 -3.14 42.31 -3.75
N GLN G 487 -1.84 42.52 -3.94
CA GLN G 487 -0.92 41.43 -4.21
C GLN G 487 -0.47 40.78 -2.91
N ILE G 488 -0.45 39.44 -2.90
CA ILE G 488 -0.15 38.69 -1.69
C ILE G 488 1.02 37.75 -1.95
N THR G 489 1.67 37.33 -0.87
CA THR G 489 2.79 36.42 -0.94
C THR G 489 2.31 34.98 -0.74
N ALA G 490 3.25 34.05 -0.60
CA ALA G 490 2.88 32.65 -0.37
C ALA G 490 2.24 32.46 1.00
N ALA G 491 2.72 33.19 2.01
CA ALA G 491 2.11 33.12 3.33
C ALA G 491 0.68 33.67 3.30
N GLY G 492 0.45 34.74 2.55
CA GLY G 492 -0.92 35.19 2.35
C GLY G 492 -1.78 34.15 1.66
N LEU G 493 -1.18 33.41 0.72
CA LEU G 493 -1.91 32.37 0.02
C LEU G 493 -2.31 31.24 0.97
N LYS G 494 -1.41 30.82 1.86
CA LYS G 494 -1.77 29.76 2.81
C LYS G 494 -2.73 30.28 3.86
N GLU G 495 -2.71 31.58 4.15
CA GLU G 495 -3.70 32.15 5.05
C GLU G 495 -5.08 32.24 4.40
N SER G 496 -5.12 32.38 3.07
CA SER G 496 -6.41 32.49 2.38
C SER G 496 -7.20 31.19 2.44
N HIS G 497 -6.54 30.05 2.41
CA HIS G 497 -7.20 28.76 2.52
C HIS G 497 -7.45 28.40 3.97
N PRO G 498 -8.35 27.45 4.24
CA PRO G 498 -8.43 26.90 5.59
C PRO G 498 -7.11 26.29 6.01
N HIS G 499 -6.72 26.55 7.25
CA HIS G 499 -5.41 26.14 7.74
C HIS G 499 -5.51 25.67 9.18
N ASP G 500 -4.59 24.77 9.55
CA ASP G 500 -4.45 24.25 10.91
C ASP G 500 -5.75 23.67 11.44
N ILE G 501 -6.38 22.81 10.64
CA ILE G 501 -7.63 22.16 11.01
C ILE G 501 -7.80 20.93 10.14
N THR G 502 -8.42 19.90 10.70
CA THR G 502 -8.74 18.68 9.98
C THR G 502 -10.22 18.72 9.60
N MET G 503 -10.49 18.84 8.30
CA MET G 503 -11.86 18.96 7.82
C MET G 503 -12.57 17.62 7.91
N THR G 504 -13.76 17.60 8.50
CA THR G 504 -14.51 16.36 8.74
C THR G 504 -15.79 16.25 7.94
N VAL G 505 -16.39 17.37 7.55
CA VAL G 505 -17.58 17.39 6.70
C VAL G 505 -17.24 18.18 5.45
N GLU G 506 -17.52 17.59 4.28
CA GLU G 506 -17.16 18.21 3.02
C GLU G 506 -18.17 19.28 2.62
N ALA G 507 -17.66 20.45 2.23
CA ALA G 507 -18.48 21.58 1.84
C ALA G 507 -18.94 21.45 0.39
N PRO G 508 -20.10 22.01 0.04
CA PRO G 508 -20.53 21.97 -1.36
C PRO G 508 -19.60 22.70 -2.32
N ASN G 509 -18.94 23.77 -1.88
CA ASN G 509 -18.14 24.60 -2.77
C ASN G 509 -16.66 24.62 -2.41
N TYR G 510 -16.20 23.78 -1.50
CA TYR G 510 -14.78 23.69 -1.20
C TYR G 510 -14.35 22.23 -1.13
N TYR G 511 -13.10 21.98 -1.53
CA TYR G 511 -12.56 20.63 -1.58
C TYR G 511 -11.04 20.73 -1.57
N THR G 512 -10.40 20.18 -0.55
CA THR G 512 -8.94 20.21 -0.46
C THR G 512 -8.30 19.18 -1.39
N PRO H 13 3.84 50.79 -19.71
CA PRO H 13 2.75 50.16 -18.95
C PRO H 13 3.15 49.80 -17.53
N VAL H 14 2.16 49.46 -16.71
CA VAL H 14 2.42 49.02 -15.32
C VAL H 14 3.18 47.70 -15.36
N PRO H 15 4.20 47.50 -14.51
CA PRO H 15 4.97 46.25 -14.57
C PRO H 15 4.13 45.00 -14.34
N THR H 16 3.02 45.09 -13.64
CA THR H 16 2.15 43.93 -13.44
C THR H 16 1.08 43.79 -14.51
N GLY H 17 0.98 44.74 -15.44
CA GLY H 17 0.00 44.66 -16.51
C GLY H 17 -0.99 45.81 -16.52
N GLY H 18 -1.44 46.17 -17.72
CA GLY H 18 -2.42 47.24 -17.86
C GLY H 18 -1.79 48.61 -17.86
N ASP H 19 -2.65 49.62 -17.94
CA ASP H 19 -2.25 51.02 -17.95
C ASP H 19 -2.64 51.76 -16.68
N ASP H 20 -3.27 51.08 -15.72
CA ASP H 20 -3.75 51.74 -14.51
C ASP H 20 -2.82 51.38 -13.35
N PRO H 21 -2.05 52.34 -12.82
CA PRO H 21 -1.18 52.01 -11.68
C PRO H 21 -1.93 51.66 -10.40
N THR H 22 -3.21 51.98 -10.31
CA THR H 22 -4.00 51.72 -9.11
C THR H 22 -4.80 50.42 -9.18
N LYS H 23 -4.66 49.65 -10.26
CA LYS H 23 -5.43 48.41 -10.38
C LYS H 23 -5.01 47.41 -9.30
N VAL H 24 -3.71 47.17 -9.17
CA VAL H 24 -3.16 46.40 -8.07
C VAL H 24 -2.71 47.43 -7.04
N ALA H 25 -3.56 47.65 -6.02
CA ALA H 25 -3.40 48.82 -5.16
C ALA H 25 -2.11 48.75 -4.35
N MET H 26 -1.86 47.64 -3.67
CA MET H 26 -0.72 47.56 -2.78
C MET H 26 -0.31 46.10 -2.61
N LEU H 27 0.76 45.88 -1.85
CA LEU H 27 1.28 44.55 -1.55
C LEU H 27 0.95 44.20 -0.10
N GLY H 28 0.33 43.04 0.10
CA GLY H 28 -0.18 42.66 1.40
C GLY H 28 0.77 41.74 2.14
N LEU H 29 0.98 42.05 3.41
CA LEU H 29 1.80 41.25 4.31
C LEU H 29 0.93 40.62 5.38
N THR H 30 1.25 39.40 5.77
CA THR H 30 0.53 38.69 6.82
C THR H 30 1.50 38.40 7.97
N PHE H 31 1.02 37.62 8.93
CA PHE H 31 1.79 37.40 10.16
C PHE H 31 3.11 36.68 9.89
N ASP H 32 3.10 35.71 8.98
CA ASP H 32 4.29 34.93 8.68
C ASP H 32 5.25 35.64 7.74
N ASP H 33 4.99 36.90 7.38
CA ASP H 33 5.86 37.64 6.48
C ASP H 33 6.81 38.59 7.18
N VAL H 34 6.59 38.87 8.47
CA VAL H 34 7.36 39.87 9.19
C VAL H 34 7.84 39.31 10.52
N LEU H 35 8.86 39.97 11.07
CA LEU H 35 9.38 39.67 12.40
C LEU H 35 9.57 40.97 13.16
N LEU H 36 9.52 40.90 14.48
CA LEU H 36 9.74 42.06 15.34
C LEU H 36 11.23 42.26 15.57
N LEU H 37 11.68 43.49 15.39
CA LEU H 37 13.08 43.81 15.60
C LEU H 37 13.35 44.07 17.08
N PRO H 38 14.40 43.47 17.66
CA PRO H 38 14.77 43.81 19.03
C PRO H 38 15.22 45.26 19.13
N ALA H 39 15.02 45.84 20.31
CA ALA H 39 15.35 47.24 20.54
C ALA H 39 16.03 47.37 21.89
N ALA H 40 16.52 48.57 22.19
CA ALA H 40 17.15 48.86 23.46
C ALA H 40 16.13 48.69 24.59
N SER H 41 16.35 47.68 25.44
CA SER H 41 15.36 47.27 26.43
C SER H 41 15.88 47.51 27.84
N ASP H 42 14.99 48.04 28.68
CA ASP H 42 15.19 48.09 30.13
C ASP H 42 14.06 47.39 30.86
N VAL H 43 13.32 46.53 30.16
CA VAL H 43 12.09 45.93 30.66
C VAL H 43 12.31 44.43 30.82
N VAL H 44 11.93 43.91 31.98
CA VAL H 44 11.95 42.47 32.24
C VAL H 44 10.56 41.94 31.91
N PRO H 45 10.45 40.77 31.27
CA PRO H 45 9.11 40.26 30.90
C PRO H 45 8.18 40.09 32.09
N ALA H 46 8.72 39.84 33.28
CA ALA H 46 7.87 39.67 34.45
C ALA H 46 7.15 40.96 34.84
N THR H 47 7.77 42.12 34.59
CA THR H 47 7.21 43.39 34.99
C THR H 47 6.50 44.12 33.85
N ALA H 48 6.44 43.54 32.67
CA ALA H 48 5.75 44.18 31.55
C ALA H 48 4.24 44.21 31.80
N ASP H 49 3.64 45.37 31.54
CA ASP H 49 2.20 45.55 31.73
C ASP H 49 1.49 45.30 30.41
N THR H 50 0.55 44.36 30.41
CA THR H 50 -0.13 43.93 29.21
C THR H 50 -1.58 44.43 29.13
N SER H 51 -1.91 45.48 29.88
CA SER H 51 -3.25 46.03 29.83
C SER H 51 -3.44 46.89 28.60
N SER H 52 -4.66 46.87 28.06
CA SER H 52 -4.95 47.60 26.82
C SER H 52 -6.42 47.94 26.77
N GLN H 53 -6.77 48.86 25.88
CA GLN H 53 -8.13 49.36 25.73
C GLN H 53 -8.90 48.47 24.75
N LEU H 54 -9.89 47.73 25.25
CA LEU H 54 -10.78 47.02 24.35
C LEU H 54 -11.67 47.99 23.58
N THR H 55 -12.28 48.93 24.29
CA THR H 55 -13.04 50.00 23.67
C THR H 55 -12.55 51.34 24.19
N LYS H 56 -13.25 52.43 23.86
CA LYS H 56 -12.87 53.74 24.37
C LYS H 56 -13.07 53.85 25.87
N ARG H 57 -13.94 53.04 26.46
CA ARG H 57 -14.27 53.13 27.88
C ARG H 57 -13.95 51.87 28.66
N ILE H 58 -13.51 50.79 28.01
CA ILE H 58 -13.26 49.52 28.67
C ILE H 58 -11.79 49.17 28.51
N ARG H 59 -11.15 48.82 29.62
CA ARG H 59 -9.75 48.40 29.63
C ARG H 59 -9.66 47.00 30.22
N LEU H 60 -8.92 46.12 29.54
CA LEU H 60 -8.68 44.77 30.01
C LEU H 60 -7.28 44.65 30.59
N ARG H 61 -7.07 43.60 31.39
CA ARG H 61 -5.75 43.30 31.91
C ARG H 61 -4.96 42.42 30.96
N VAL H 62 -5.61 41.46 30.34
CA VAL H 62 -5.05 40.62 29.29
C VAL H 62 -5.80 40.95 27.99
N PRO H 63 -5.12 41.44 26.95
CA PRO H 63 -5.79 41.96 25.76
C PRO H 63 -6.25 40.88 24.77
N LEU H 64 -6.99 39.90 25.28
CA LEU H 64 -7.51 38.81 24.47
C LEU H 64 -9.02 38.71 24.64
N VAL H 65 -9.72 38.48 23.54
CA VAL H 65 -11.16 38.37 23.51
C VAL H 65 -11.53 37.10 22.76
N SER H 66 -12.57 36.42 23.22
CA SER H 66 -13.02 35.18 22.60
C SER H 66 -13.97 35.46 21.44
N SER H 67 -13.90 34.60 20.43
CA SER H 67 -14.72 34.79 19.23
C SER H 67 -16.18 34.45 19.51
N ALA H 68 -17.06 35.14 18.78
CA ALA H 68 -18.51 34.91 18.90
C ALA H 68 -18.93 33.78 17.94
N MET H 69 -18.53 32.57 18.31
CA MET H 69 -18.81 31.38 17.52
C MET H 69 -19.47 30.33 18.39
N ASP H 70 -20.38 29.57 17.78
CA ASP H 70 -21.18 28.59 18.52
C ASP H 70 -20.35 27.42 19.03
N THR H 71 -19.12 27.25 18.56
CA THR H 71 -18.23 26.22 19.06
C THR H 71 -17.09 26.77 19.90
N VAL H 72 -17.15 28.04 20.29
CA VAL H 72 -16.07 28.68 21.02
C VAL H 72 -16.57 29.25 22.35
N THR H 73 -17.57 30.13 22.28
CA THR H 73 -17.95 30.95 23.43
C THR H 73 -19.41 30.74 23.81
N GLU H 74 -19.63 30.33 25.05
CA GLU H 74 -20.93 30.39 25.70
C GLU H 74 -20.68 30.84 27.14
N SER H 75 -21.67 30.65 28.01
CA SER H 75 -21.59 31.16 29.37
C SER H 75 -20.30 30.75 30.08
N ARG H 76 -19.95 29.47 30.00
CA ARG H 76 -18.75 28.97 30.68
C ARG H 76 -17.49 29.63 30.13
N MET H 77 -17.37 29.69 28.80
CA MET H 77 -16.19 30.30 28.19
C MET H 77 -16.11 31.78 28.51
N ALA H 78 -17.24 32.49 28.48
CA ALA H 78 -17.23 33.90 28.82
C ALA H 78 -16.80 34.13 30.27
N ILE H 79 -17.30 33.29 31.19
CA ILE H 79 -16.92 33.42 32.59
C ILE H 79 -15.44 33.18 32.76
N ALA H 80 -14.91 32.12 32.12
CA ALA H 80 -13.50 31.81 32.24
C ALA H 80 -12.62 32.91 31.64
N MET H 81 -13.03 33.46 30.49
CA MET H 81 -12.26 34.54 29.87
C MET H 81 -12.28 35.79 30.72
N ALA H 82 -13.43 36.13 31.30
CA ALA H 82 -13.51 37.31 32.17
C ALA H 82 -12.66 37.12 33.42
N ARG H 83 -12.64 35.92 33.97
CA ARG H 83 -11.81 35.66 35.15
C ARG H 83 -10.32 35.63 34.81
N ALA H 84 -9.97 35.26 33.58
CA ALA H 84 -8.58 35.20 33.16
C ALA H 84 -7.98 36.57 32.89
N GLY H 85 -8.78 37.63 32.85
CA GLY H 85 -8.30 38.96 32.58
C GLY H 85 -8.76 39.53 31.25
N GLY H 86 -9.46 38.76 30.43
CA GLY H 86 -9.95 39.25 29.16
C GLY H 86 -11.46 39.38 29.12
N MET H 87 -12.07 38.95 28.03
CA MET H 87 -13.52 39.03 27.89
C MET H 87 -13.97 37.99 26.86
N GLY H 88 -15.27 37.73 26.85
CA GLY H 88 -15.85 36.84 25.86
C GLY H 88 -17.03 37.48 25.19
N VAL H 89 -17.31 37.05 23.96
CA VAL H 89 -18.42 37.54 23.16
C VAL H 89 -19.31 36.34 22.83
N LEU H 90 -20.59 36.44 23.17
CA LEU H 90 -21.52 35.35 22.96
C LEU H 90 -22.05 35.37 21.53
N HIS H 91 -22.15 34.18 20.94
CA HIS H 91 -22.62 34.07 19.57
C HIS H 91 -24.13 34.29 19.49
N ARG H 92 -24.58 34.72 18.31
CA ARG H 92 -25.98 35.01 18.07
C ARG H 92 -26.69 33.89 17.33
N ASN H 93 -26.12 32.69 17.30
CA ASN H 93 -26.77 31.53 16.71
C ASN H 93 -27.76 30.89 17.67
N LEU H 94 -28.15 31.62 18.70
CA LEU H 94 -29.09 31.23 19.73
C LEU H 94 -30.38 32.04 19.62
N PRO H 95 -31.49 31.53 20.14
CA PRO H 95 -32.68 32.37 20.27
C PRO H 95 -32.42 33.52 21.22
N VAL H 96 -33.18 34.61 21.02
CA VAL H 96 -32.95 35.84 21.79
C VAL H 96 -33.08 35.58 23.28
N ALA H 97 -34.10 34.82 23.68
CA ALA H 97 -34.26 34.50 25.09
C ALA H 97 -33.08 33.70 25.61
N GLU H 98 -32.58 32.75 24.82
CA GLU H 98 -31.44 31.93 25.25
C GLU H 98 -30.18 32.79 25.42
N GLN H 99 -29.92 33.69 24.48
CA GLN H 99 -28.75 34.56 24.59
C GLN H 99 -28.86 35.49 25.79
N ALA H 100 -30.06 36.03 26.03
CA ALA H 100 -30.26 36.86 27.23
C ALA H 100 -30.06 36.04 28.49
N GLY H 101 -30.49 34.78 28.49
CA GLY H 101 -30.23 33.92 29.62
C GLY H 101 -28.76 33.68 29.86
N GLN H 102 -27.99 33.50 28.78
CA GLN H 102 -26.55 33.34 28.93
C GLN H 102 -25.91 34.61 29.50
N VAL H 103 -26.36 35.78 29.04
CA VAL H 103 -25.84 37.04 29.58
C VAL H 103 -26.15 37.15 31.07
N GLU H 104 -27.38 36.80 31.46
CA GLU H 104 -27.76 36.83 32.86
C GLU H 104 -26.91 35.86 33.67
N THR H 105 -26.67 34.67 33.13
CA THR H 105 -25.85 33.68 33.82
C THR H 105 -24.43 34.19 34.05
N VAL H 106 -23.85 34.82 33.03
CA VAL H 106 -22.49 35.36 33.17
C VAL H 106 -22.48 36.47 34.21
N LYS H 107 -23.47 37.36 34.17
CA LYS H 107 -23.47 38.50 35.10
C LYS H 107 -23.76 38.07 36.52
N ARG H 108 -24.48 36.96 36.73
CA ARG H 108 -24.80 36.52 38.08
C ARG H 108 -23.61 35.88 38.80
N SER H 109 -22.58 35.48 38.07
CA SER H 109 -21.43 34.82 38.67
C SER H 109 -20.68 35.74 39.61
N GLN H 225 -9.12 34.36 43.93
CA GLN H 225 -8.57 33.35 43.03
C GLN H 225 -8.20 33.95 41.69
N PHE H 226 -8.90 35.03 41.33
CA PHE H 226 -8.77 35.65 40.00
C PHE H 226 -8.48 37.14 40.19
N PRO H 227 -7.23 37.50 40.45
CA PRO H 227 -6.90 38.93 40.60
C PRO H 227 -7.14 39.75 39.35
N LEU H 228 -7.01 39.15 38.17
CA LEU H 228 -7.09 39.88 36.91
C LEU H 228 -8.51 40.00 36.38
N SER H 229 -9.51 39.48 37.09
CA SER H 229 -10.87 39.40 36.56
C SER H 229 -11.39 40.78 36.18
N THR H 230 -11.97 40.87 34.99
CA THR H 230 -12.53 42.12 34.48
C THR H 230 -13.96 42.28 34.97
N LYS H 231 -14.25 43.43 35.57
CA LYS H 231 -15.55 43.68 36.17
C LYS H 231 -15.97 45.12 35.90
N ASP H 232 -17.28 45.35 35.94
CA ASP H 232 -17.83 46.70 35.83
C ASP H 232 -17.80 47.36 37.21
N SER H 233 -18.50 48.50 37.32
CA SER H 233 -18.49 49.24 38.57
C SER H 233 -19.16 48.46 39.71
N ASP H 234 -20.08 47.56 39.39
CA ASP H 234 -20.79 46.80 40.41
C ASP H 234 -20.03 45.58 40.89
N GLY H 235 -18.91 45.24 40.27
CA GLY H 235 -18.17 44.05 40.62
C GLY H 235 -18.60 42.78 39.92
N ARG H 236 -19.51 42.87 38.95
CA ARG H 236 -19.91 41.72 38.16
C ARG H 236 -19.02 41.62 36.92
N LEU H 237 -18.87 40.39 36.43
CA LEU H 237 -17.98 40.14 35.29
C LEU H 237 -18.49 40.86 34.04
N LEU H 238 -17.54 41.35 33.24
CA LEU H 238 -17.89 41.93 31.95
C LEU H 238 -18.28 40.83 30.97
N VAL H 239 -19.10 41.21 29.99
CA VAL H 239 -19.58 40.26 28.99
C VAL H 239 -20.00 41.04 27.76
N GLY H 240 -19.86 40.42 26.59
CA GLY H 240 -20.29 41.03 25.36
C GLY H 240 -21.14 40.08 24.55
N ALA H 241 -21.94 40.65 23.66
CA ALA H 241 -22.84 39.85 22.85
C ALA H 241 -22.81 40.35 21.41
N ALA H 242 -23.09 39.45 20.48
CA ALA H 242 -23.07 39.74 19.06
C ALA H 242 -24.49 39.85 18.52
N VAL H 243 -24.74 40.87 17.70
CA VAL H 243 -26.01 41.08 17.04
C VAL H 243 -25.77 41.29 15.55
N GLY H 244 -26.79 41.03 14.76
CA GLY H 244 -26.75 41.15 13.32
C GLY H 244 -27.26 42.48 12.83
N VAL H 245 -27.90 42.46 11.66
CA VAL H 245 -28.46 43.65 11.05
C VAL H 245 -29.92 43.38 10.71
N GLY H 246 -30.80 44.32 11.03
CA GLY H 246 -32.21 44.23 10.74
C GLY H 246 -33.06 44.56 11.94
N ASP H 247 -34.37 44.42 11.76
CA ASP H 247 -35.32 44.68 12.83
C ASP H 247 -35.33 43.57 13.87
N ASP H 248 -35.21 42.31 13.42
CA ASP H 248 -35.06 41.20 14.37
C ASP H 248 -33.77 41.35 15.16
N ALA H 249 -32.69 41.76 14.49
CA ALA H 249 -31.45 42.05 15.19
C ALA H 249 -31.61 43.21 16.15
N TRP H 250 -32.43 44.21 15.81
CA TRP H 250 -32.69 45.30 16.74
C TRP H 250 -33.40 44.81 17.98
N THR H 251 -34.39 43.93 17.81
CA THR H 251 -35.06 43.34 18.97
C THR H 251 -34.09 42.56 19.83
N ARG H 252 -33.22 41.76 19.20
CA ARG H 252 -32.20 41.03 19.95
C ARG H 252 -31.28 41.97 20.72
N ALA H 253 -30.85 43.06 20.07
CA ALA H 253 -29.96 44.01 20.72
C ALA H 253 -30.63 44.67 21.92
N MET H 254 -31.90 45.07 21.76
CA MET H 254 -32.60 45.69 22.88
C MET H 254 -32.78 44.72 24.04
N THR H 255 -33.15 43.46 23.74
CA THR H 255 -33.30 42.48 24.81
C THR H 255 -31.97 42.22 25.52
N LEU H 256 -30.87 42.21 24.76
CA LEU H 256 -29.56 42.01 25.37
C LEU H 256 -29.16 43.20 26.23
N VAL H 257 -29.48 44.42 25.78
CA VAL H 257 -29.20 45.59 26.61
C VAL H 257 -30.02 45.53 27.89
N ASP H 258 -31.26 45.04 27.81
CA ASP H 258 -32.07 44.87 29.00
C ASP H 258 -31.45 43.87 29.96
N ALA H 259 -30.89 42.78 29.41
CA ALA H 259 -30.29 41.75 30.26
C ALA H 259 -29.03 42.21 30.97
N GLY H 260 -28.48 43.35 30.58
CA GLY H 260 -27.30 43.91 31.20
C GLY H 260 -26.00 43.65 30.48
N VAL H 261 -26.02 43.54 29.16
CA VAL H 261 -24.79 43.34 28.39
C VAL H 261 -23.90 44.58 28.53
N ASP H 262 -22.59 44.36 28.47
CA ASP H 262 -21.63 45.44 28.60
C ASP H 262 -21.16 46.00 27.27
N VAL H 263 -21.11 45.18 26.22
CA VAL H 263 -20.66 45.63 24.91
C VAL H 263 -21.37 44.81 23.84
N LEU H 264 -21.85 45.50 22.80
CA LEU H 264 -22.55 44.89 21.68
C LEU H 264 -21.64 44.92 20.46
N ILE H 265 -21.52 43.79 19.77
CA ILE H 265 -20.71 43.64 18.58
C ILE H 265 -21.66 43.54 17.40
N VAL H 266 -21.67 44.54 16.53
CA VAL H 266 -22.42 44.40 15.28
C VAL H 266 -21.54 43.51 14.40
N ASP H 267 -21.83 42.22 14.45
CA ASP H 267 -20.94 41.16 13.95
C ASP H 267 -21.40 40.75 12.56
N THR H 268 -20.70 41.23 11.55
CA THR H 268 -21.00 40.92 10.15
C THR H 268 -19.70 40.54 9.46
N ALA H 269 -19.80 40.27 8.16
CA ALA H 269 -18.62 39.92 7.36
C ALA H 269 -18.15 41.07 6.50
N HIS H 270 -19.00 42.07 6.25
CA HIS H 270 -18.68 43.21 5.40
C HIS H 270 -19.29 44.44 6.07
N ALA H 271 -18.50 45.11 6.89
CA ALA H 271 -19.00 46.26 7.64
C ALA H 271 -19.09 47.53 6.81
N HIS H 272 -18.46 47.56 5.63
CA HIS H 272 -18.56 48.73 4.77
C HIS H 272 -19.88 48.80 4.01
N ASN H 273 -20.80 47.86 4.27
CA ASN H 273 -22.14 47.94 3.72
C ASN H 273 -22.92 49.07 4.40
N ARG H 274 -23.88 49.62 3.67
CA ARG H 274 -24.67 50.73 4.21
C ARG H 274 -25.50 50.29 5.41
N GLY H 275 -26.06 49.08 5.36
CA GLY H 275 -26.90 48.62 6.45
C GLY H 275 -26.15 48.48 7.76
N VAL H 276 -24.90 48.02 7.71
CA VAL H 276 -24.12 47.86 8.93
C VAL H 276 -23.84 49.22 9.57
N LEU H 277 -23.47 50.21 8.75
CA LEU H 277 -23.23 51.55 9.29
C LEU H 277 -24.51 52.15 9.85
N ASP H 278 -25.65 51.92 9.18
CA ASP H 278 -26.92 52.40 9.72
C ASP H 278 -27.23 51.75 11.05
N MET H 279 -26.99 50.44 11.18
CA MET H 279 -27.23 49.76 12.44
C MET H 279 -26.32 50.29 13.54
N VAL H 280 -25.05 50.54 13.24
CA VAL H 280 -24.13 51.08 14.23
C VAL H 280 -24.59 52.46 14.69
N SER H 281 -24.99 53.31 13.75
CA SER H 281 -25.48 54.64 14.10
C SER H 281 -26.73 54.55 14.97
N ARG H 282 -27.66 53.66 14.61
CA ARG H 282 -28.87 53.49 15.39
C ARG H 282 -28.57 53.04 16.81
N LEU H 283 -27.68 52.05 16.95
CA LEU H 283 -27.34 51.55 18.28
C LEU H 283 -26.66 52.62 19.12
N LYS H 284 -25.76 53.40 18.52
CA LYS H 284 -25.12 54.48 19.25
C LYS H 284 -26.12 55.56 19.66
N GLN H 285 -27.06 55.86 18.78
CA GLN H 285 -28.09 56.85 19.11
C GLN H 285 -28.97 56.38 20.25
N ALA H 286 -29.33 55.09 20.25
CA ALA H 286 -30.29 54.58 21.23
C ALA H 286 -29.63 54.29 22.57
N VAL H 287 -28.66 53.37 22.59
CA VAL H 287 -28.11 52.89 23.85
C VAL H 287 -26.62 53.18 23.93
N GLY H 288 -26.19 54.29 23.33
CA GLY H 288 -24.77 54.61 23.30
C GLY H 288 -24.16 54.83 24.67
N GLU H 289 -24.92 55.41 25.60
CA GLU H 289 -24.37 55.72 26.92
C GLU H 289 -24.25 54.49 27.81
N ARG H 290 -25.14 53.51 27.66
CA ARG H 290 -25.10 52.36 28.56
C ARG H 290 -24.09 51.32 28.11
N VAL H 291 -23.96 51.11 26.80
CA VAL H 291 -23.11 50.05 26.27
C VAL H 291 -22.20 50.63 25.20
N ASP H 292 -21.22 49.84 24.78
CA ASP H 292 -20.28 50.20 23.73
C ASP H 292 -20.59 49.40 22.47
N VAL H 293 -20.61 50.07 21.33
CA VAL H 293 -20.92 49.44 20.05
C VAL H 293 -19.63 49.22 19.28
N VAL H 294 -19.40 47.99 18.84
CA VAL H 294 -18.21 47.62 18.09
C VAL H 294 -18.63 47.27 16.67
N GLY H 295 -17.93 47.85 15.69
CA GLY H 295 -18.30 47.62 14.30
C GLY H 295 -17.80 46.29 13.75
N GLY H 296 -18.49 45.82 12.71
CA GLY H 296 -18.17 44.54 12.09
C GLY H 296 -16.80 44.52 11.44
N ASN H 297 -16.46 43.39 10.82
CA ASN H 297 -15.12 43.20 10.29
C ASN H 297 -14.88 44.03 9.02
N VAL H 298 -13.73 44.70 8.98
CA VAL H 298 -13.29 45.51 7.85
C VAL H 298 -11.89 45.07 7.45
N ALA H 299 -11.47 45.49 6.26
CA ALA H 299 -10.15 45.15 5.76
C ALA H 299 -9.43 46.31 5.09
N THR H 300 -10.03 47.49 5.00
CA THR H 300 -9.43 48.63 4.33
C THR H 300 -9.50 49.86 5.21
N ARG H 301 -8.77 50.90 4.79
CA ARG H 301 -8.74 52.14 5.54
C ARG H 301 -10.05 52.93 5.39
N ALA H 302 -10.64 52.90 4.20
CA ALA H 302 -11.90 53.60 3.98
C ALA H 302 -13.01 53.02 4.83
N ALA H 303 -13.06 51.69 4.95
CA ALA H 303 -14.08 51.06 5.78
C ALA H 303 -13.93 51.43 7.25
N ALA H 304 -12.70 51.45 7.74
CA ALA H 304 -12.46 51.87 9.12
C ALA H 304 -12.86 53.33 9.33
N ALA H 305 -12.56 54.20 8.37
CA ALA H 305 -12.96 55.59 8.48
C ALA H 305 -14.48 55.73 8.50
N ALA H 306 -15.17 54.96 7.66
CA ALA H 306 -16.63 54.99 7.64
C ALA H 306 -17.21 54.52 8.97
N LEU H 307 -16.63 53.46 9.54
CA LEU H 307 -17.12 52.96 10.82
C LEU H 307 -16.87 53.97 11.94
N VAL H 308 -15.71 54.66 11.90
CA VAL H 308 -15.44 55.68 12.90
C VAL H 308 -16.40 56.85 12.76
N GLU H 309 -16.69 57.25 11.53
CA GLU H 309 -17.65 58.34 11.31
C GLU H 309 -19.04 57.95 11.77
N ALA H 310 -19.43 56.68 11.57
CA ALA H 310 -20.74 56.22 12.02
C ALA H 310 -20.88 56.27 13.53
N GLY H 311 -19.78 56.17 14.25
CA GLY H 311 -19.77 56.27 15.69
C GLY H 311 -19.40 55.01 16.46
N ALA H 312 -18.76 54.03 15.82
CA ALA H 312 -18.39 52.80 16.51
C ALA H 312 -17.32 53.09 17.56
N ASP H 313 -17.45 52.42 18.71
CA ASP H 313 -16.46 52.56 19.77
C ASP H 313 -15.21 51.72 19.54
N ALA H 314 -15.28 50.75 18.63
CA ALA H 314 -14.11 49.96 18.26
C ALA H 314 -14.33 49.45 16.84
N VAL H 315 -13.22 49.14 16.17
CA VAL H 315 -13.25 48.63 14.81
C VAL H 315 -12.58 47.25 14.81
N LYS H 316 -13.32 46.24 14.36
CA LYS H 316 -12.78 44.88 14.25
C LYS H 316 -12.29 44.65 12.82
N VAL H 317 -11.08 44.11 12.71
CA VAL H 317 -10.38 44.00 11.44
C VAL H 317 -10.16 42.53 11.09
N GLY H 318 -10.39 42.20 9.83
CA GLY H 318 -10.11 40.91 9.26
C GLY H 318 -11.23 40.37 8.39
N VAL H 319 -10.92 40.06 7.14
CA VAL H 319 -11.88 39.52 6.18
C VAL H 319 -11.20 38.33 5.49
N GLY H 320 -11.44 37.13 5.99
CA GLY H 320 -10.89 35.94 5.40
C GLY H 320 -9.71 35.22 6.06
N PRO H 321 -8.99 35.82 7.03
CA PRO H 321 -7.81 35.13 7.56
C PRO H 321 -8.13 34.01 8.54
N GLY H 322 -9.40 33.80 8.87
CA GLY H 322 -9.74 32.78 9.84
C GLY H 322 -9.34 31.39 9.38
N SER H 323 -9.05 30.54 10.36
CA SER H 323 -8.60 29.19 10.05
C SER H 323 -9.70 28.34 9.43
N ILE H 324 -10.96 28.70 9.62
CA ILE H 324 -12.09 27.97 9.08
C ILE H 324 -12.75 28.70 7.90
N CYS H 325 -12.23 29.85 7.51
CA CYS H 325 -12.87 30.64 6.46
C CYS H 325 -12.52 30.10 5.07
N THR H 326 -13.48 30.26 4.16
CA THR H 326 -13.26 30.01 2.73
C THR H 326 -13.66 31.21 1.89
N THR H 327 -13.79 32.38 2.51
CA THR H 327 -14.22 33.58 1.78
C THR H 327 -13.22 33.97 0.70
N ARG H 328 -11.92 33.91 1.00
CA ARG H 328 -10.91 34.27 0.02
C ARG H 328 -10.83 33.28 -1.13
N VAL H 329 -11.44 32.11 -1.00
CA VAL H 329 -11.45 31.11 -2.05
C VAL H 329 -12.80 31.07 -2.76
N VAL H 330 -13.89 31.11 -2.01
CA VAL H 330 -15.22 31.09 -2.61
C VAL H 330 -15.51 32.41 -3.32
N ALA H 331 -15.17 33.53 -2.69
CA ALA H 331 -15.43 34.85 -3.26
C ALA H 331 -14.19 35.56 -3.77
N GLY H 332 -13.00 35.12 -3.39
CA GLY H 332 -11.78 35.77 -3.83
C GLY H 332 -11.57 37.15 -3.26
N VAL H 333 -12.13 37.42 -2.09
CA VAL H 333 -12.10 38.75 -1.48
C VAL H 333 -11.40 38.65 -0.14
N GLY H 334 -10.46 39.57 0.10
CA GLY H 334 -9.79 39.62 1.39
C GLY H 334 -8.65 40.62 1.36
N ALA H 335 -7.85 40.56 2.42
CA ALA H 335 -6.67 41.40 2.57
C ALA H 335 -5.81 40.78 3.66
N PRO H 336 -4.50 40.69 3.47
CA PRO H 336 -3.64 40.11 4.51
C PRO H 336 -3.71 40.92 5.80
N GLN H 337 -3.55 40.21 6.92
CA GLN H 337 -3.96 40.78 8.21
C GLN H 337 -3.07 41.92 8.65
N ILE H 338 -1.75 41.83 8.43
CA ILE H 338 -0.86 42.89 8.88
C ILE H 338 -1.14 44.20 8.14
N THR H 339 -1.27 44.11 6.80
CA THR H 339 -1.56 45.31 6.01
C THR H 339 -2.92 45.90 6.36
N ALA H 340 -3.92 45.04 6.54
CA ALA H 340 -5.25 45.52 6.90
C ALA H 340 -5.23 46.21 8.26
N ILE H 341 -4.49 45.64 9.21
CA ILE H 341 -4.37 46.25 10.54
C ILE H 341 -3.69 47.61 10.42
N LEU H 342 -2.63 47.70 9.62
CA LEU H 342 -1.94 48.98 9.46
C LEU H 342 -2.88 50.04 8.86
N GLU H 343 -3.64 49.67 7.83
CA GLU H 343 -4.55 50.64 7.22
C GLU H 343 -5.67 51.07 8.18
N ALA H 344 -6.21 50.11 8.93
CA ALA H 344 -7.27 50.43 9.87
C ALA H 344 -6.76 51.31 10.99
N VAL H 345 -5.55 51.04 11.50
CA VAL H 345 -5.01 51.90 12.53
C VAL H 345 -4.68 53.27 11.96
N ALA H 346 -4.27 53.33 10.69
CA ALA H 346 -4.02 54.60 10.03
C ALA H 346 -5.27 55.45 9.98
N ALA H 347 -6.44 54.82 9.97
CA ALA H 347 -7.67 55.59 9.92
C ALA H 347 -8.33 55.77 11.29
N CYS H 348 -8.04 54.90 12.25
CA CYS H 348 -8.68 54.94 13.56
C CYS H 348 -7.88 55.65 14.64
N LYS H 349 -6.55 55.59 14.61
CA LYS H 349 -5.74 56.18 15.67
C LYS H 349 -5.93 57.69 15.86
N PRO H 350 -6.05 58.52 14.82
CA PRO H 350 -6.23 59.96 15.08
C PRO H 350 -7.49 60.28 15.87
N TYR H 351 -8.46 59.38 15.93
CA TYR H 351 -9.70 59.62 16.68
C TYR H 351 -9.77 58.80 17.96
N GLY H 352 -8.71 58.06 18.30
CA GLY H 352 -8.68 57.32 19.54
C GLY H 352 -9.57 56.10 19.59
N VAL H 353 -9.95 55.54 18.45
CA VAL H 353 -10.83 54.38 18.40
C VAL H 353 -9.97 53.12 18.36
N PRO H 354 -10.12 52.20 19.31
CA PRO H 354 -9.31 50.98 19.29
C PRO H 354 -9.65 50.07 18.12
N VAL H 355 -8.68 49.22 17.78
CA VAL H 355 -8.77 48.27 16.67
C VAL H 355 -8.54 46.87 17.23
N ILE H 356 -9.43 45.94 16.87
CA ILE H 356 -9.37 44.55 17.31
C ILE H 356 -8.91 43.70 16.13
N ALA H 357 -7.84 42.96 16.31
CA ALA H 357 -7.34 42.06 15.27
C ALA H 357 -8.05 40.72 15.41
N ASP H 358 -8.85 40.33 14.40
CA ASP H 358 -9.67 39.14 14.48
C ASP H 358 -9.31 38.19 13.35
N GLY H 359 -8.90 36.98 13.70
CA GLY H 359 -8.69 35.93 12.72
C GLY H 359 -7.24 35.67 12.36
N GLY H 360 -6.90 34.40 12.16
CA GLY H 360 -5.58 34.05 11.67
C GLY H 360 -4.46 34.10 12.68
N LEU H 361 -4.75 33.84 13.95
CA LEU H 361 -3.76 33.87 15.01
C LEU H 361 -3.53 32.43 15.51
N GLN H 362 -2.28 31.98 15.45
CA GLN H 362 -1.93 30.62 15.83
C GLN H 362 -0.85 30.53 16.89
N TYR H 363 -0.05 31.57 17.10
CA TYR H 363 1.00 31.56 18.11
C TYR H 363 0.96 32.88 18.87
N SER H 364 1.60 32.89 20.04
CA SER H 364 1.70 34.14 20.80
C SER H 364 2.54 35.18 20.07
N GLY H 365 3.47 34.72 19.22
CA GLY H 365 4.20 35.66 18.38
C GLY H 365 3.30 36.41 17.42
N ASP H 366 2.26 35.73 16.92
CA ASP H 366 1.28 36.41 16.08
C ASP H 366 0.52 37.47 16.86
N ILE H 367 0.19 37.20 18.11
CA ILE H 367 -0.46 38.20 18.96
C ILE H 367 0.45 39.39 19.14
N ALA H 368 1.73 39.14 19.42
CA ALA H 368 2.68 40.25 19.59
C ALA H 368 2.81 41.06 18.30
N LYS H 369 2.86 40.39 17.15
CA LYS H 369 2.93 41.10 15.87
C LYS H 369 1.68 41.95 15.65
N ALA H 370 0.50 41.39 15.93
CA ALA H 370 -0.73 42.13 15.73
C ALA H 370 -0.80 43.35 16.62
N LEU H 371 -0.40 43.21 17.89
CA LEU H 371 -0.38 44.36 18.78
C LEU H 371 0.65 45.40 18.34
N ALA H 372 1.81 44.94 17.87
CA ALA H 372 2.84 45.87 17.43
C ALA H 372 2.46 46.60 16.15
N ALA H 373 1.51 46.08 15.38
CA ALA H 373 1.07 46.73 14.15
C ALA H 373 0.05 47.83 14.38
N GLY H 374 -0.36 48.05 15.63
CA GLY H 374 -1.32 49.10 15.97
C GLY H 374 -2.58 48.62 16.63
N ALA H 375 -2.88 47.32 16.60
CA ALA H 375 -4.09 46.82 17.25
C ALA H 375 -3.95 46.89 18.77
N SER H 376 -5.10 46.96 19.44
CA SER H 376 -5.15 47.01 20.90
C SER H 376 -5.52 45.68 21.52
N THR H 377 -6.39 44.91 20.89
CA THR H 377 -6.77 43.59 21.37
C THR H 377 -6.79 42.62 20.21
N ALA H 378 -6.79 41.33 20.55
CA ALA H 378 -6.86 40.28 19.56
C ALA H 378 -7.98 39.31 19.91
N MET H 379 -8.72 38.88 18.90
CA MET H 379 -9.82 37.94 19.08
C MET H 379 -9.40 36.56 18.61
N LEU H 380 -9.58 35.57 19.47
CA LEU H 380 -9.04 34.23 19.26
C LEU H 380 -10.14 33.23 18.95
N GLY H 381 -9.87 32.38 17.97
CA GLY H 381 -10.79 31.35 17.52
C GLY H 381 -10.30 29.96 17.86
N SER H 382 -9.65 29.31 16.90
CA SER H 382 -9.20 27.93 17.06
C SER H 382 -8.28 27.74 18.25
N LEU H 383 -7.59 28.81 18.70
CA LEU H 383 -6.71 28.67 19.86
C LEU H 383 -7.49 28.31 21.11
N LEU H 384 -8.69 28.86 21.27
CA LEU H 384 -9.52 28.58 22.44
C LEU H 384 -10.53 27.48 22.22
N ALA H 385 -10.81 27.10 20.98
CA ALA H 385 -11.85 26.11 20.70
C ALA H 385 -11.51 24.73 21.25
N GLY H 386 -10.23 24.42 21.43
CA GLY H 386 -9.83 23.14 21.96
C GLY H 386 -9.75 23.05 23.46
N THR H 387 -10.10 24.11 24.18
CA THR H 387 -10.01 24.09 25.62
C THR H 387 -11.23 23.40 26.24
N ALA H 388 -11.19 23.22 27.56
CA ALA H 388 -12.25 22.52 28.26
C ALA H 388 -13.50 23.37 28.45
N GLU H 389 -13.39 24.69 28.32
CA GLU H 389 -14.52 25.58 28.58
C GLU H 389 -15.39 25.84 27.36
N SER H 390 -14.92 25.51 26.16
CA SER H 390 -15.72 25.75 24.97
C SER H 390 -16.92 24.81 24.93
N PRO H 391 -18.06 25.27 24.41
CA PRO H 391 -19.24 24.39 24.34
C PRO H 391 -19.01 23.20 23.42
N GLY H 392 -19.58 22.07 23.81
CA GLY H 392 -19.45 20.84 23.06
C GLY H 392 -18.81 19.72 23.84
N GLU H 393 -18.99 18.48 23.39
CA GLU H 393 -18.42 17.32 24.05
C GLU H 393 -17.04 17.02 23.46
N LEU H 394 -16.49 15.86 23.81
CA LEU H 394 -15.18 15.45 23.34
C LEU H 394 -15.32 14.35 22.30
N ILE H 395 -14.49 14.43 21.27
CA ILE H 395 -14.44 13.47 20.19
C ILE H 395 -13.21 12.59 20.41
N PHE H 396 -13.38 11.28 20.29
CA PHE H 396 -12.30 10.32 20.49
C PHE H 396 -11.98 9.68 19.15
N VAL H 397 -10.80 9.97 18.62
CA VAL H 397 -10.33 9.36 17.38
C VAL H 397 -8.95 8.78 17.61
N ASN H 398 -8.82 7.46 17.41
CA ASN H 398 -7.56 6.74 17.59
C ASN H 398 -6.99 6.95 18.98
N GLY H 399 -7.87 7.10 19.97
CA GLY H 399 -7.45 7.29 21.34
C GLY H 399 -7.08 8.71 21.70
N LYS H 400 -7.12 9.63 20.73
CA LYS H 400 -6.79 11.03 20.98
C LYS H 400 -8.07 11.86 21.07
N GLN H 401 -7.95 12.94 21.84
CA GLN H 401 -9.08 13.82 22.15
C GLN H 401 -9.12 15.00 21.18
N PHE H 402 -10.32 15.30 20.69
CA PHE H 402 -10.56 16.42 19.80
C PHE H 402 -11.83 17.13 20.24
N LYS H 403 -12.00 18.37 19.79
CA LYS H 403 -13.28 19.04 19.90
C LYS H 403 -13.65 19.70 18.57
N SER H 404 -14.95 19.87 18.36
CA SER H 404 -15.45 20.34 17.07
C SER H 404 -15.18 21.83 16.92
N TYR H 405 -14.85 22.24 15.70
CA TYR H 405 -14.69 23.66 15.40
C TYR H 405 -15.20 23.93 14.00
N ARG H 406 -16.05 24.93 13.86
CA ARG H 406 -16.66 25.22 12.57
C ARG H 406 -16.87 26.71 12.44
N GLY H 407 -16.99 27.18 11.20
CA GLY H 407 -17.25 28.58 10.97
C GLY H 407 -18.73 28.90 11.09
N MET H 408 -19.01 30.17 11.44
CA MET H 408 -20.40 30.60 11.54
C MET H 408 -21.06 30.68 10.18
N GLY H 409 -20.28 30.79 9.11
CA GLY H 409 -20.78 30.73 7.75
C GLY H 409 -20.79 29.34 7.16
N SER H 410 -20.48 28.32 7.95
CA SER H 410 -20.46 26.95 7.47
C SER H 410 -21.88 26.49 7.14
N LEU H 411 -21.97 25.42 6.34
CA LEU H 411 -23.27 24.91 5.93
C LEU H 411 -24.08 24.43 7.13
N GLY H 412 -23.45 23.64 8.01
CA GLY H 412 -24.17 23.14 9.17
C GLY H 412 -24.47 24.20 10.21
N ALA H 413 -23.69 25.28 10.25
CA ALA H 413 -23.91 26.33 11.22
C ALA H 413 -25.08 27.23 10.86
N MET H 414 -25.35 27.42 9.57
CA MET H 414 -26.41 28.31 9.11
C MET H 414 -27.68 27.56 8.74
N GLN H 415 -27.77 26.28 9.06
CA GLN H 415 -29.00 25.51 8.85
C GLN H 415 -29.85 25.52 10.12
N LEU H 439 -27.82 27.29 -0.87
CA LEU H 439 -26.93 27.92 0.10
C LEU H 439 -25.48 27.89 -0.37
N VAL H 440 -24.79 29.00 -0.18
CA VAL H 440 -23.38 29.13 -0.50
C VAL H 440 -22.61 29.41 0.78
N PRO H 441 -22.07 28.38 1.42
CA PRO H 441 -21.33 28.59 2.66
C PRO H 441 -19.98 29.24 2.43
N GLU H 442 -19.47 29.89 3.47
CA GLU H 442 -18.16 30.54 3.44
C GLU H 442 -17.33 30.08 4.62
N GLY H 443 -17.49 28.81 5.02
CA GLY H 443 -16.74 28.24 6.11
C GLY H 443 -16.84 26.73 6.04
N ILE H 444 -16.02 26.06 6.85
CA ILE H 444 -15.93 24.61 6.86
C ILE H 444 -16.06 24.10 8.30
N GLU H 445 -16.23 22.79 8.41
CA GLU H 445 -16.33 22.09 9.69
C GLU H 445 -15.11 21.20 9.89
N GLY H 446 -14.63 21.12 11.13
CA GLY H 446 -13.45 20.33 11.41
C GLY H 446 -13.30 20.03 12.88
N ARG H 447 -12.14 19.50 13.23
CA ARG H 447 -11.81 19.14 14.60
C ARG H 447 -10.46 19.73 14.98
N VAL H 448 -10.29 20.04 16.27
CA VAL H 448 -9.03 20.55 16.76
C VAL H 448 -8.60 19.71 17.97
N PRO H 449 -7.30 19.57 18.24
CA PRO H 449 -6.88 18.79 19.40
C PRO H 449 -7.31 19.43 20.72
N PHE H 450 -7.60 18.58 21.70
CA PHE H 450 -7.96 19.05 23.02
C PHE H 450 -6.75 19.65 23.73
N ARG H 451 -6.98 20.72 24.47
CA ARG H 451 -5.89 21.47 25.09
C ARG H 451 -6.00 21.61 26.61
N GLY H 452 -7.12 21.27 27.22
CA GLY H 452 -7.25 21.35 28.66
C GLY H 452 -7.89 22.64 29.12
N PRO H 453 -7.57 23.06 30.34
CA PRO H 453 -8.19 24.27 30.89
C PRO H 453 -7.75 25.52 30.14
N LEU H 454 -8.64 26.52 30.15
CA LEU H 454 -8.38 27.76 29.43
C LEU H 454 -7.28 28.59 30.10
N GLY H 455 -7.14 28.50 31.41
CA GLY H 455 -6.17 29.34 32.09
C GLY H 455 -4.74 29.03 31.68
N THR H 456 -4.44 27.75 31.49
CA THR H 456 -3.11 27.34 31.05
C THR H 456 -2.75 27.97 29.71
N VAL H 457 -3.65 27.84 28.73
CA VAL H 457 -3.44 28.44 27.40
C VAL H 457 -3.30 29.95 27.50
N ILE H 458 -4.14 30.60 28.30
CA ILE H 458 -4.05 32.05 28.43
C ILE H 458 -2.71 32.44 29.04
N HIS H 459 -2.24 31.68 30.03
CA HIS H 459 -0.96 31.97 30.64
C HIS H 459 0.18 31.82 29.65
N GLN H 460 0.14 30.77 28.82
CA GLN H 460 1.19 30.60 27.81
C GLN H 460 1.20 31.74 26.81
N LEU H 461 0.02 32.14 26.34
CA LEU H 461 -0.05 33.25 25.38
C LEU H 461 0.46 34.55 25.99
N THR H 462 0.07 34.82 27.24
CA THR H 462 0.52 36.05 27.89
C THR H 462 2.00 36.01 28.18
N GLY H 463 2.56 34.84 28.49
CA GLY H 463 4.00 34.74 28.67
C GLY H 463 4.75 35.01 27.38
N GLY H 464 4.25 34.50 26.26
CA GLY H 464 4.86 34.83 24.98
C GLY H 464 4.80 36.32 24.68
N LEU H 465 3.65 36.94 24.95
CA LEU H 465 3.54 38.39 24.75
C LEU H 465 4.51 39.16 25.63
N ARG H 466 4.66 38.73 26.89
CA ARG H 466 5.59 39.40 27.79
C ARG H 466 7.04 39.24 27.32
N ALA H 467 7.38 38.07 26.80
CA ALA H 467 8.72 37.88 26.24
C ALA H 467 8.96 38.82 25.07
N ALA H 468 7.97 38.96 24.19
CA ALA H 468 8.10 39.90 23.08
C ALA H 468 8.26 41.33 23.57
N MET H 469 7.50 41.72 24.58
CA MET H 469 7.61 43.07 25.14
C MET H 469 8.99 43.31 25.72
N GLY H 470 9.54 42.31 26.42
CA GLY H 470 10.89 42.45 26.91
C GLY H 470 11.92 42.56 25.81
N TYR H 471 11.72 41.81 24.72
CA TYR H 471 12.64 41.89 23.59
C TYR H 471 12.62 43.27 22.94
N THR H 472 11.44 43.86 22.78
CA THR H 472 11.33 45.14 22.09
C THR H 472 11.51 46.33 23.02
N GLY H 473 11.68 46.10 24.32
CA GLY H 473 11.81 47.19 25.27
C GLY H 473 10.55 48.02 25.42
N SER H 474 9.40 47.37 25.50
CA SER H 474 8.10 48.05 25.63
C SER H 474 7.55 47.79 27.02
N ALA H 475 7.41 48.86 27.81
CA ALA H 475 6.85 48.70 29.15
C ALA H 475 5.35 48.50 29.10
N THR H 476 4.67 49.07 28.12
CA THR H 476 3.22 48.98 27.98
C THR H 476 2.87 48.60 26.55
N ILE H 477 1.60 48.22 26.35
CA ILE H 477 1.13 47.90 25.01
C ILE H 477 1.20 49.13 24.11
N GLU H 478 1.03 50.32 24.70
CA GLU H 478 1.16 51.55 23.91
C GLU H 478 2.57 51.70 23.37
N GLN H 479 3.58 51.33 24.16
CA GLN H 479 4.95 51.38 23.67
C GLN H 479 5.23 50.24 22.71
N LEU H 480 4.50 49.12 22.84
CA LEU H 480 4.67 48.02 21.91
C LEU H 480 4.13 48.36 20.53
N GLN H 481 3.11 49.22 20.47
CA GLN H 481 2.50 49.57 19.20
C GLN H 481 3.41 50.42 18.32
N GLN H 482 4.57 50.83 18.84
CA GLN H 482 5.52 51.65 18.09
C GLN H 482 6.79 50.88 17.74
N ALA H 483 6.76 49.55 17.80
CA ALA H 483 7.91 48.74 17.40
C ALA H 483 7.98 48.66 15.88
N GLN H 484 9.09 48.10 15.39
CA GLN H 484 9.37 48.03 13.96
C GLN H 484 9.47 46.58 13.51
N PHE H 485 9.18 46.36 12.23
CA PHE H 485 9.18 45.04 11.62
C PHE H 485 10.35 44.90 10.66
N VAL H 486 10.67 43.64 10.35
CA VAL H 486 11.58 43.28 9.27
C VAL H 486 10.87 42.25 8.41
N GLN H 487 10.80 42.52 7.10
CA GLN H 487 10.13 41.62 6.17
C GLN H 487 11.04 40.45 5.82
N ILE H 488 10.49 39.23 5.84
CA ILE H 488 11.26 38.02 5.62
C ILE H 488 10.70 37.29 4.40
N THR H 489 11.45 36.29 3.94
CA THR H 489 11.08 35.46 2.81
C THR H 489 10.68 34.07 3.32
N ALA H 490 10.41 33.16 2.37
CA ALA H 490 10.08 31.79 2.75
C ALA H 490 11.26 31.11 3.43
N ALA H 491 12.48 31.37 2.94
CA ALA H 491 13.66 30.85 3.60
C ALA H 491 13.79 31.40 5.02
N GLY H 492 13.53 32.69 5.19
CA GLY H 492 13.53 33.25 6.53
C GLY H 492 12.47 32.63 7.42
N LEU H 493 11.28 32.36 6.86
CA LEU H 493 10.23 31.75 7.66
C LEU H 493 10.60 30.34 8.11
N LYS H 494 11.15 29.53 7.21
CA LYS H 494 11.55 28.18 7.61
C LYS H 494 12.77 28.19 8.52
N GLU H 495 13.58 29.25 8.47
CA GLU H 495 14.63 29.43 9.46
C GLU H 495 14.05 29.79 10.82
N SER H 496 12.93 30.53 10.83
CA SER H 496 12.33 30.96 12.10
C SER H 496 11.83 29.78 12.92
N HIS H 497 11.18 28.82 12.28
CA HIS H 497 10.71 27.63 12.97
C HIS H 497 11.87 26.68 13.24
N PRO H 498 11.72 25.79 14.23
CA PRO H 498 12.74 24.76 14.43
C PRO H 498 12.92 23.93 13.18
N HIS H 499 14.17 23.65 12.84
CA HIS H 499 14.50 22.97 11.59
C HIS H 499 15.62 21.96 11.84
N ASP H 500 15.67 20.96 10.97
CA ASP H 500 16.70 19.93 11.00
C ASP H 500 16.81 19.27 12.37
N ILE H 501 15.66 18.90 12.92
CA ILE H 501 15.59 18.32 14.26
C ILE H 501 14.31 17.49 14.34
N THR H 502 14.40 16.37 15.05
CA THR H 502 13.24 15.51 15.30
C THR H 502 12.82 15.73 16.74
N MET H 503 11.79 16.55 16.94
CA MET H 503 11.31 16.83 18.28
C MET H 503 10.84 15.56 18.97
N THR H 504 11.29 15.36 20.21
CA THR H 504 11.02 14.13 20.94
C THR H 504 10.13 14.32 22.15
N VAL H 505 9.90 15.56 22.60
CA VAL H 505 8.95 15.84 23.66
C VAL H 505 8.37 17.23 23.43
N GLU H 506 7.04 17.31 23.38
CA GLU H 506 6.38 18.53 22.96
C GLU H 506 6.50 19.63 24.01
N ALA H 507 6.76 20.85 23.54
CA ALA H 507 6.82 22.02 24.39
C ALA H 507 5.40 22.48 24.75
N PRO H 508 5.23 23.12 25.90
CA PRO H 508 3.89 23.63 26.25
C PRO H 508 3.35 24.66 25.28
N ASN H 509 4.20 25.45 24.63
CA ASN H 509 3.75 26.52 23.75
C ASN H 509 4.07 26.29 22.28
N TYR H 510 4.43 25.06 21.90
CA TYR H 510 4.77 24.80 20.50
C TYR H 510 4.52 23.33 20.19
N TYR H 511 4.11 23.08 18.94
CA TYR H 511 3.94 21.73 18.43
C TYR H 511 3.92 21.80 16.91
N THR H 512 4.58 20.83 16.28
CA THR H 512 4.72 20.83 14.82
C THR H 512 3.53 20.20 14.14
P IMP I . 15.71 -28.66 1.42
O1P IMP I . 16.01 -27.53 0.50
O2P IMP I . 16.23 -28.59 2.86
O3P IMP I . 14.22 -28.95 1.52
O5' IMP I . 16.35 -29.96 0.78
C5' IMP I . 17.53 -29.88 -0.02
C4' IMP I . 17.88 -31.21 -0.63
O4' IMP I . 17.27 -31.33 -1.94
C3' IMP I . 19.35 -31.46 -0.90
O3' IMP I . 20.06 -31.84 0.27
C2' IMP I . 19.33 -32.53 -1.99
O2' IMP I . 19.20 -33.82 -1.42
C1' IMP I . 18.05 -32.19 -2.75
N9 IMP I . 18.32 -31.51 -4.02
C8 IMP I . 19.46 -30.86 -4.41
N7 IMP I . 19.39 -30.36 -5.61
C5 IMP I . 18.11 -30.68 -6.04
C6 IMP I . 17.42 -30.40 -7.28
O6 IMP I . 17.85 -29.79 -8.24
N1 IMP I . 16.14 -30.92 -7.27
C2 IMP I . 15.57 -31.61 -6.25
N3 IMP I . 16.19 -31.86 -5.13
C4 IMP I . 17.45 -31.38 -5.07
PA NAD J . 23.95 -37.11 -12.27
O1A NAD J . 23.48 -36.61 -13.57
O2A NAD J . 25.40 -37.04 -11.95
O5B NAD J . 23.46 -38.62 -12.12
C5B NAD J . 24.28 -39.58 -11.41
C4B NAD J . 23.68 -40.95 -11.54
O4B NAD J . 22.37 -40.97 -10.91
C3B NAD J . 23.42 -41.43 -12.96
O3B NAD J . 24.60 -42.01 -13.52
C2B NAD J . 22.33 -42.47 -12.76
O2B NAD J . 22.87 -43.74 -12.39
C1B NAD J . 21.52 -41.88 -11.59
N9A NAD J . 20.32 -41.16 -12.00
C8A NAD J . 20.03 -39.84 -11.76
N7A NAD J . 18.87 -39.46 -12.24
C5A NAD J . 18.35 -40.61 -12.83
C6A NAD J . 17.16 -40.87 -13.52
N6A NAD J . 16.21 -39.97 -13.73
N1A NAD J . 16.97 -42.13 -13.99
C2A NAD J . 17.91 -43.05 -13.78
N3A NAD J . 19.08 -42.91 -13.14
C4A NAD J . 19.24 -41.66 -12.69
O3 NAD J . 23.14 -36.40 -11.09
PN NAD J . 21.60 -36.50 -10.65
O1N NAD J . 21.41 -37.71 -9.83
O2N NAD J . 20.75 -36.30 -11.86
O5D NAD J . 21.47 -35.23 -9.69
C5D NAD J . 22.43 -34.16 -9.78
C4D NAD J . 22.36 -33.32 -8.53
O4D NAD J . 21.01 -32.87 -8.31
C3D NAD J . 22.79 -34.01 -7.23
O3D NAD J . 23.44 -33.10 -6.35
C2D NAD J . 21.46 -34.51 -6.66
O2D NAD J . 21.51 -34.57 -5.24
C1D NAD J . 20.51 -33.39 -7.11
N1N NAD J . 19.12 -33.90 -7.34
C2N NAD J . 18.52 -34.61 -6.38
C3N NAD J . 17.23 -35.09 -6.56
C7N NAD J . 16.58 -35.89 -5.48
O7N NAD J . 15.38 -36.20 -5.59
N7N NAD J . 17.30 -36.23 -4.43
C4N NAD J . 16.58 -34.81 -7.75
C5N NAD J . 17.23 -34.06 -8.73
C6N NAD J . 18.51 -33.61 -8.51
K K K . -1.27 -23.89 17.92
K K L . 9.45 -30.28 -3.69
P IMP M . -7.15 -29.46 -21.43
O1P IMP M . -7.24 -28.00 -21.62
O2P IMP M . -5.99 -30.21 -22.05
O3P IMP M . -7.17 -29.85 -19.95
O5' IMP M . -8.48 -30.09 -22.05
C5' IMP M . -8.53 -30.50 -23.41
C4' IMP M . -9.72 -31.38 -23.68
O4' IMP M . -10.92 -30.77 -23.15
C3' IMP M . -10.07 -31.62 -25.14
O3' IMP M . -9.25 -32.59 -25.75
C2' IMP M . -11.54 -32.03 -25.07
O2' IMP M . -11.68 -33.42 -24.85
C1' IMP M . -12.04 -31.29 -23.82
N9 IMP M . -12.96 -30.18 -24.15
C8 IMP M . -13.00 -29.43 -25.29
N7 IMP M . -13.94 -28.51 -25.28
C5 IMP M . -14.54 -28.66 -24.04
C6 IMP M . -15.63 -27.94 -23.42
O6 IMP M . -16.27 -27.01 -23.89
N1 IMP M . -15.90 -28.44 -22.16
C2 IMP M . -15.25 -29.47 -21.56
N3 IMP M . -14.26 -30.12 -22.10
C4 IMP M . -13.94 -29.68 -23.34
PA NAD N . -22.94 -32.82 -30.00
O1A NAD N . -24.21 -32.08 -29.86
O2A NAD N . -22.39 -33.08 -31.35
O5B NAD N . -23.12 -34.21 -29.23
C5B NAD N . -22.74 -35.43 -29.91
C4B NAD N . -23.47 -36.60 -29.28
O4B NAD N . -23.01 -36.78 -27.92
C3B NAD N . -24.97 -36.48 -29.19
O3B NAD N . -25.60 -36.84 -30.41
C2B NAD N . -25.30 -37.45 -28.05
O2B NAD N . -25.38 -38.80 -28.54
C1B NAD N . -24.09 -37.29 -27.13
N9A NAD N . -24.30 -36.39 -26.00
C8A NAD N . -23.68 -35.20 -25.77
N7A NAD N . -24.08 -34.59 -24.68
C5A NAD N . -25.02 -35.46 -24.15
C6A NAD N . -25.82 -35.39 -23.00
N6A NAD N . -25.80 -34.38 -22.12
N1A NAD N . -26.67 -36.43 -22.77
C2A NAD N . -26.70 -37.44 -23.64
N3A NAD N . -26.00 -37.61 -24.76
C4A NAD N . -25.18 -36.57 -24.97
O3 NAD N . -21.81 -32.11 -29.11
PN NAD N . -21.33 -32.25 -27.59
O1N NAD N . -21.36 -33.68 -27.20
O2N NAD N . -22.04 -31.25 -26.77
O5D NAD N . -19.79 -31.84 -27.72
C5D NAD N . -19.40 -30.77 -28.60
C4D NAD N . -17.94 -30.46 -28.39
O4D NAD N . -17.72 -30.08 -27.01
C3D NAD N . -16.97 -31.61 -28.67
O3D NAD N . -15.77 -31.13 -29.26
C2D NAD N . -16.70 -32.19 -27.27
O2D NAD N . -15.41 -32.78 -27.19
C1D NAD N . -16.77 -30.93 -26.42
N1N NAD N . -17.21 -31.23 -25.01
C2N NAD N . -16.58 -32.19 -24.32
C3N NAD N . -16.96 -32.50 -23.04
C7N NAD N . -16.24 -33.58 -22.28
O7N NAD N . -16.61 -33.88 -21.13
N7N NAD N . -15.23 -34.18 -22.87
C4N NAD N . -18.02 -31.79 -22.46
C5N NAD N . -18.65 -30.80 -23.19
C6N NAD N . -18.24 -30.53 -24.47
K K O . -12.81 -28.82 -15.28
P IMP P . -29.32 -21.19 0.62
O1P IMP P . -29.09 -19.73 0.77
O2P IMP P . -30.09 -21.68 -0.60
O3P IMP P . -28.03 -21.97 0.67
O5' IMP P . -30.15 -21.65 1.90
C5' IMP P . -31.51 -21.28 2.07
C4' IMP P . -32.14 -22.03 3.23
O4' IMP P . -31.48 -21.66 4.46
C3' IMP P . -33.60 -21.70 3.51
O3' IMP P . -34.48 -22.39 2.65
C2' IMP P . -33.77 -22.10 4.98
O2' IMP P . -34.08 -23.47 5.11
C1' IMP P . -32.35 -21.88 5.54
N9 IMP P . -32.28 -20.72 6.46
C8 IMP P . -33.11 -19.64 6.51
N7 IMP P . -32.77 -18.78 7.44
C5 IMP P . -31.66 -19.34 8.03
C6 IMP P . -30.83 -18.88 9.12
O6 IMP P . -30.95 -17.85 9.77
N1 IMP P . -29.81 -19.77 9.40
C2 IMP P . -29.59 -20.94 8.73
N3 IMP P . -30.33 -21.36 7.76
C4 IMP P . -31.35 -20.53 7.44
PA NAD Q . -38.70 -20.40 16.14
O1A NAD Q . -37.85 -19.65 17.10
O2A NAD Q . -40.04 -19.88 15.81
O5B NAD Q . -38.81 -21.91 16.66
C5B NAD Q . -39.99 -22.68 16.38
C4B NAD Q . -39.90 -24.01 17.10
O4B NAD Q . -38.79 -24.77 16.58
C3B NAD Q . -39.66 -23.93 18.59
O3B NAD Q . -40.86 -23.73 19.31
C2B NAD Q . -39.03 -25.30 18.89
O2B NAD Q . -40.03 -26.30 19.10
C1B NAD Q . -38.23 -25.58 17.60
N9A NAD Q . -36.81 -25.28 17.71
C8A NAD Q . -36.09 -24.41 16.93
N7A NAD Q . -34.83 -24.31 17.25
C5A NAD Q . -34.69 -25.20 18.32
C6A NAD Q . -33.59 -25.56 19.12
N6A NAD Q . -32.36 -25.08 18.95
N1A NAD Q . -33.81 -26.47 20.10
C2A NAD Q . -35.04 -26.97 20.26
N3A NAD Q . -36.15 -26.70 19.57
C4A NAD Q . -35.91 -25.80 18.61
O3 NAD Q . -37.88 -20.60 14.78
PN NAD Q . -36.50 -21.33 14.45
O1N NAD Q . -36.75 -22.78 14.35
O2N NAD Q . -35.46 -20.83 15.36
O5D NAD Q . -36.22 -20.79 12.97
C5D NAD Q . -36.63 -19.47 12.58
C4D NAD Q . -36.34 -19.26 11.12
O4D NAD Q . -34.92 -19.44 10.88
C3D NAD Q . -37.06 -20.21 10.17
O3D NAD Q . -37.44 -19.53 8.97
C2D NAD Q . -36.01 -21.29 9.89
O2D NAD Q . -36.17 -21.88 8.60
C1D NAD Q . -34.72 -20.46 9.94
N1N NAD Q . -33.54 -21.29 10.38
C2N NAD Q . -33.27 -22.43 9.72
C3N NAD Q . -32.19 -23.21 10.10
C7N NAD Q . -31.90 -24.48 9.36
O7N NAD Q . -30.90 -25.15 9.67
N7N NAD Q . -32.74 -24.84 8.39
C4N NAD Q . -31.41 -22.78 11.16
C5N NAD Q . -31.71 -21.60 11.81
C6N NAD Q . -32.79 -20.86 11.41
K K R . -23.78 -22.68 6.48
P IMP S . -6.46 -20.35 23.47
O1P IMP S . -5.89 -18.99 23.33
O2P IMP S . -7.82 -20.49 24.14
O3P IMP S . -6.55 -21.07 22.13
O5' IMP S . -5.43 -21.18 24.34
C5' IMP S . -5.21 -20.88 25.71
C4' IMP S . -4.43 -21.97 26.40
O4' IMP S . -3.15 -22.15 25.75
C3' IMP S . -4.06 -21.73 27.85
O3' IMP S . -5.14 -21.98 28.73
C2' IMP S . -2.87 -22.67 28.06
O2' IMP S . -3.30 -23.98 28.37
C1' IMP S . -2.23 -22.68 26.68
N9 IMP S . -0.98 -21.88 26.62
C8 IMP S . -0.62 -20.83 27.42
N7 IMP S . 0.55 -20.34 27.11
C5 IMP S . 0.98 -21.10 26.05
C6 IMP S . 2.19 -21.05 25.27
O6 IMP S . 3.13 -20.27 25.40
N1 IMP S . 2.20 -22.03 24.29
C2 IMP S . 1.21 -22.93 24.07
N3 IMP S . 0.12 -22.98 24.76
C4 IMP S . 0.04 -22.06 25.74
PA NAD T . 7.89 -24.75 33.61
O1A NAD T . 9.34 -24.48 33.48
O2A NAD T . 7.15 -24.21 34.77
O5B NAD T . 7.70 -26.33 33.56
C5B NAD T . 7.01 -26.99 34.66
C4B NAD T . 7.24 -28.48 34.57
O4B NAD T . 6.66 -29.00 33.36
C3B NAD T . 8.71 -28.91 34.50
O3B NAD T . 9.29 -28.96 35.79
C2B NAD T . 8.60 -30.29 33.86
O2B NAD T . 8.34 -31.30 34.83
C1B NAD T . 7.39 -30.13 32.92
N9A NAD T . 7.74 -29.95 31.52
C8A NAD T . 7.46 -28.88 30.73
N7A NAD T . 7.90 -28.98 29.50
C5A NAD T . 8.51 -30.22 29.48
C6A NAD T . 9.19 -30.93 28.46
N6A NAD T . 9.36 -30.47 27.22
N1A NAD T . 9.68 -32.15 28.77
C2A NAD T . 9.52 -32.61 30.02
N3A NAD T . 8.90 -32.04 31.05
C4A NAD T . 8.42 -30.83 30.71
O3 NAD T . 7.15 -24.31 32.27
PN NAD T . 6.24 -25.08 31.21
O1N NAD T . 5.43 -26.10 31.91
O2N NAD T . 7.08 -25.49 30.06
O5D NAD T . 5.24 -23.93 30.74
C5D NAD T . 5.43 -22.58 31.21
C4D NAD T . 4.17 -21.78 31.00
O4D NAD T . 3.78 -21.84 29.61
C3D NAD T . 2.95 -22.25 31.80
O3D NAD T . 2.15 -21.14 32.21
C2D NAD T . 2.22 -23.17 30.82
O2D NAD T . 0.82 -23.17 31.05
C1D NAD T . 2.53 -22.49 29.48
N1N NAD T . 2.61 -23.48 28.36
C2N NAD T . 1.57 -24.28 28.11
C3N NAD T . 1.61 -25.19 27.08
C7N NAD T . 0.42 -26.09 26.83
O7N NAD T . 0.45 -26.87 25.87
N7N NAD T . -0.61 -25.98 27.64
C4N NAD T . 2.76 -25.27 26.31
C5N NAD T . 3.83 -24.44 26.58
C6N NAD T . 3.74 -23.55 27.62
P IMP U . 22.28 25.69 15.75
O1P IMP U . 21.64 24.53 16.43
O2P IMP U . 23.75 25.56 15.35
O3P IMP U . 21.51 26.11 14.50
O5' IMP U . 22.19 26.92 16.75
C5' IMP U . 22.76 26.84 18.05
C4' IMP U . 22.70 28.18 18.75
O4' IMP U . 21.35 28.47 19.16
C3' IMP U . 23.49 28.29 20.04
O3' IMP U . 24.87 28.50 19.83
C2' IMP U . 22.80 29.45 20.76
O2' IMP U . 23.31 30.69 20.31
C1' IMP U . 21.35 29.31 20.28
N9 IMP U . 20.47 28.74 21.32
C8 IMP U . 20.82 27.97 22.39
N7 IMP U . 19.79 27.61 23.13
C5 IMP U . 18.70 28.19 22.49
C6 IMP U . 17.30 28.16 22.81
O6 IMP U . 16.75 27.61 23.75
N1 IMP U . 16.56 28.88 21.88
C2 IMP U . 17.06 29.54 20.81
N3 IMP U . 18.33 29.56 20.52
C4 IMP U . 19.10 28.88 21.38
PA NAD V . 18.40 34.16 31.36
O1A NAD V . 17.01 33.91 31.77
O2A NAD V . 19.50 33.81 32.29
O5B NAD V . 18.53 35.70 30.95
C5B NAD V . 19.80 36.36 31.04
C4B NAD V . 19.63 37.83 30.76
O4B NAD V . 19.22 38.03 29.38
C3B NAD V . 18.52 38.51 31.58
O3B NAD V . 19.01 38.90 32.86
C2B NAD V . 18.18 39.71 30.71
O2B NAD V . 19.05 40.81 30.95
C1B NAD V . 18.38 39.17 29.29
N9A NAD V . 17.15 38.76 28.61
C8A NAD V . 16.86 37.53 28.09
N7A NAD V . 15.68 37.45 27.53
C5A NAD V . 15.15 38.72 27.70
C6A NAD V . 13.91 39.29 27.34
N6A NAD V . 12.94 38.62 26.69
N1A NAD V . 13.69 40.59 27.66
C2A NAD V . 14.66 41.25 28.30
N3A NAD V . 15.86 40.82 28.70
C4A NAD V . 16.04 39.55 28.37
O3 NAD V . 18.66 33.45 29.95
PN NAD V . 18.31 33.89 28.46
O1N NAD V . 19.22 34.98 28.05
O2N NAD V . 16.84 34.09 28.35
O5D NAD V . 18.71 32.59 27.64
C5D NAD V . 19.12 31.40 28.35
C4D NAD V . 19.91 30.52 27.43
O4D NAD V . 19.16 30.30 26.20
C3D NAD V . 21.28 31.06 26.99
O3D NAD V . 22.23 30.02 26.87
C2D NAD V . 20.96 31.73 25.65
O2D NAD V . 22.09 31.72 24.79
C1D NAD V . 19.87 30.80 25.11
N1N NAD V . 18.90 31.52 24.21
C2N NAD V . 19.36 32.07 23.07
C3N NAD V . 18.51 32.73 22.22
C7N NAD V . 19.03 33.33 20.95
O7N NAD V . 18.26 33.93 20.19
N7N NAD V . 20.31 33.16 20.68
C4N NAD V . 17.16 32.84 22.58
C5N NAD V . 16.72 32.27 23.77
C6N NAD V . 17.61 31.62 24.58
K K W . 14.65 28.78 14.85
K K X . 22.60 21.31 -7.95
P IMP Y . 22.73 17.98 -15.57
O1P IMP Y . 23.04 16.62 -15.05
O2P IMP Y . 22.12 18.09 -16.97
O3P IMP Y . 21.85 18.79 -14.63
O5' IMP Y . 24.13 18.75 -15.63
C5' IMP Y . 25.34 18.05 -15.84
C4' IMP Y . 26.53 18.98 -15.81
O4' IMP Y . 26.97 19.18 -14.45
C3' IMP Y . 27.77 18.48 -16.52
O3' IMP Y . 27.72 18.65 -17.92
C2' IMP Y . 28.89 19.29 -15.85
O2' IMP Y . 29.00 20.57 -16.43
C1' IMP Y . 28.35 19.46 -14.42
N9 IMP Y . 28.99 18.55 -13.46
C8 IMP Y . 29.68 17.40 -13.72
N7 IMP Y . 30.14 16.82 -12.64
C5 IMP Y . 29.73 17.64 -11.61
C6 IMP Y . 29.91 17.54 -10.18
O6 IMP Y . 30.51 16.67 -9.57
N1 IMP Y . 29.31 18.60 -9.52
C2 IMP Y . 28.63 19.61 -10.11
N3 IMP Y . 28.46 19.70 -11.39
C4 IMP Y . 29.01 18.71 -12.10
PA NAD Z . 40.32 19.69 -11.50
O1A NAD Z . 40.54 19.22 -10.11
O2A NAD Z . 41.08 19.05 -12.60
O5B NAD Z . 40.56 21.26 -11.52
C5B NAD Z . 41.27 21.85 -12.61
C4B NAD Z . 41.58 23.30 -12.32
O4B NAD Z . 40.36 24.02 -12.07
C3B NAD Z . 42.43 23.55 -11.08
O3B NAD Z . 43.81 23.40 -11.36
C2B NAD Z . 42.09 25.00 -10.75
O2B NAD Z . 42.87 25.92 -11.51
C1B NAD Z . 40.61 25.09 -11.16
N9A NAD Z . 39.67 24.98 -10.05
C8A NAD Z . 38.71 24.01 -9.88
N7A NAD Z . 38.02 24.15 -8.77
C5A NAD Z . 38.56 25.28 -8.17
C6A NAD Z . 38.26 25.95 -6.98
N6A NAD Z . 37.31 25.56 -6.12
N1A NAD Z . 38.99 27.05 -6.68
C2A NAD Z . 39.95 27.43 -7.52
N3A NAD Z . 40.31 26.88 -8.68
C4A NAD Z . 39.58 25.80 -8.95
O3 NAD Z . 38.75 19.59 -11.83
PN NAD Z . 37.47 20.25 -11.14
O1N NAD Z . 37.38 21.66 -11.55
O2N NAD Z . 37.48 19.92 -9.69
O5D NAD Z . 36.28 19.46 -11.84
C5D NAD Z . 36.42 18.07 -12.21
C4D NAD Z . 35.19 17.61 -12.96
O4D NAD Z . 34.01 17.86 -12.16
C3D NAD Z . 34.94 18.30 -14.30
O3D NAD Z . 34.37 17.39 -15.23
C2D NAD Z . 33.98 19.42 -13.93
O2D NAD Z . 33.13 19.76 -15.02
C1D NAD Z . 33.16 18.76 -12.81
N1N NAD Z . 32.65 19.76 -11.81
C2N NAD Z . 31.92 20.79 -12.24
C3N NAD Z . 31.42 21.72 -11.35
C7N NAD Z . 30.61 22.89 -11.85
O7N NAD Z . 30.10 23.66 -11.05
N7N NAD Z . 30.48 23.03 -13.17
C4N NAD Z . 31.71 21.56 -10.00
C5N NAD Z . 32.47 20.48 -9.58
C6N NAD Z . 32.94 19.58 -10.51
K K AA . -0.66 24.08 -17.20
P IMP BA . -8.99 24.21 -17.47
O1P IMP BA . -8.91 22.73 -17.64
O2P IMP BA . -10.30 24.82 -17.02
O3P IMP BA . -7.91 24.73 -16.54
O5' IMP BA . -8.67 24.85 -18.90
C5' IMP BA . -9.05 24.18 -20.09
C4' IMP BA . -8.67 24.98 -21.32
O4' IMP BA . -7.33 24.64 -21.72
C3' IMP BA . -9.51 24.73 -22.55
O3' IMP BA . -10.74 25.43 -22.54
C2' IMP BA . -8.57 25.16 -23.68
O2' IMP BA . -8.61 26.56 -23.84
C1' IMP BA . -7.20 24.78 -23.12
N9 IMP BA . -6.70 23.51 -23.68
C8 IMP BA . -7.42 22.54 -24.32
N7 IMP BA . -6.68 21.53 -24.70
C5 IMP BA . -5.40 21.85 -24.27
C6 IMP BA . -4.16 21.14 -24.39
O6 IMP BA . -3.97 20.04 -24.92
N1 IMP BA . -3.12 21.83 -23.81
C2 IMP BA . -3.23 23.05 -23.20
N3 IMP BA . -4.35 23.70 -23.10
C4 IMP BA . -5.41 23.06 -23.64
PA NAD CA . -3.44 22.89 -34.83
O1A NAD CA . -2.24 22.09 -35.10
O2A NAD CA . -4.68 22.64 -35.60
O5B NAD CA . -3.04 24.43 -34.98
C5B NAD CA . -3.92 25.33 -35.67
C4B NAD CA . -3.17 26.58 -36.05
O4B NAD CA . -2.71 27.26 -34.86
C3B NAD CA . -1.90 26.36 -36.87
O3B NAD CA . -2.20 26.25 -38.25
C2B NAD CA . -1.10 27.63 -36.56
O2B NAD CA . -1.51 28.71 -37.37
C1B NAD CA . -1.47 27.88 -35.10
N9A NAD CA . -0.49 27.36 -34.14
C8A NAD CA . -0.70 26.41 -33.18
N7A NAD CA . 0.36 26.12 -32.47
C5A NAD CA . 1.34 26.94 -33.00
C6A NAD CA . 2.70 27.11 -32.69
N6A NAD CA . 3.35 26.43 -31.74
N1A NAD CA . 3.41 28.00 -33.42
C2A NAD CA . 2.77 28.68 -34.39
N3A NAD CA . 1.50 28.61 -34.77
C4A NAD CA . 0.83 27.71 -34.04
O3 NAD CA . -3.79 22.80 -33.27
PN NAD CA . -3.32 23.63 -31.98
O1N NAD CA . -3.32 25.08 -32.29
O2N NAD CA . -2.09 23.00 -31.43
O5D NAD CA . -4.53 23.37 -30.97
C5D NAD CA . -5.41 22.24 -31.16
C4D NAD CA . -6.33 22.11 -29.96
O4D NAD CA . -5.53 22.04 -28.76
C3D NAD CA . -7.31 23.27 -29.75
O3D NAD CA . -8.54 22.80 -29.24
C2D NAD CA . -6.57 24.17 -28.76
O2D NAD CA . -7.48 24.88 -27.93
C1D NAD CA . -5.82 23.12 -27.92
N1N NAD CA . -4.54 23.65 -27.37
C2N NAD CA . -4.55 24.80 -26.67
C3N NAD CA . -3.38 25.33 -26.15
C7N NAD CA . -3.42 26.61 -25.37
O7N NAD CA . -2.38 27.01 -24.83
N7N NAD CA . -4.57 27.26 -25.30
C4N NAD CA . -2.19 24.63 -26.36
C5N NAD CA . -2.21 23.45 -27.08
C6N NAD CA . -3.40 22.98 -27.58
K K DA . -8.82 31.38 5.55
P IMP EA . -9.40 31.87 13.77
O1P IMP EA . -9.92 30.47 13.73
O2P IMP EA . -9.00 32.44 15.11
O3P IMP EA . -8.22 32.09 12.83
O5' IMP EA . -10.57 32.80 13.22
C5' IMP EA . -11.66 33.18 14.03
C4' IMP EA . -12.47 34.29 13.41
O4' IMP EA . -12.92 33.89 12.10
C3' IMP EA . -13.74 34.69 14.13
O3' IMP EA . -13.51 35.52 15.25
C2' IMP EA . -14.55 35.37 13.02
O2' IMP EA . -14.18 36.72 12.89
C1' IMP EA . -14.09 34.62 11.76
N9 IMP EA . -15.10 33.68 11.27
C8 IMP EA . -16.12 33.09 11.96
N7 IMP EA . -16.86 32.30 11.22
C5 IMP EA . -16.30 32.39 9.96
C6 IMP EA . -16.66 31.75 8.72
O6 IMP EA . -17.58 30.97 8.52
N1 IMP EA . -15.81 32.11 7.69
C2 IMP EA . -14.75 32.98 7.82
N3 IMP EA . -14.42 33.55 8.94
C4 IMP EA . -15.22 33.22 9.97
PA NAD FA . -25.35 37.81 7.41
O1A NAD FA . -25.56 37.09 6.13
O2A NAD FA . -26.45 37.84 8.40
O5B NAD FA . -24.90 39.30 7.05
C5B NAD FA . -25.30 40.40 7.89
C4B NAD FA . -25.34 41.67 7.08
O4B NAD FA . -24.00 42.02 6.66
C3B NAD FA . -26.14 41.58 5.78
O3B NAD FA . -27.52 41.86 6.01
C2B NAD FA . -25.47 42.65 4.92
O2B NAD FA . -25.97 43.96 5.23
C1B NAD FA . -24.01 42.52 5.33
N9A NAD FA . -23.24 41.59 4.50
C8A NAD FA . -22.80 40.34 4.83
N7A NAD FA . -22.16 39.72 3.88
C5A NAD FA . -22.17 40.63 2.83
C6A NAD FA . -21.66 40.58 1.52
N6A NAD FA . -21.01 39.53 1.02
N1A NAD FA . -21.85 41.66 0.73
C2A NAD FA . -22.51 42.70 1.23
N3A NAD FA . -23.04 42.87 2.44
C4A NAD FA . -22.84 41.78 3.20
O3 NAD FA . -24.04 37.25 8.11
PN NAD FA . -22.48 37.39 7.74
O1N NAD FA . -22.15 38.82 7.59
O2N NAD FA . -22.17 36.45 6.63
O5D NAD FA . -21.79 36.87 9.08
C5D NAD FA . -22.37 35.79 9.84
C4D NAD FA . -21.32 35.17 10.71
O4D NAD FA . -20.27 34.60 9.90
C3D NAD FA . -20.62 36.11 11.69
O3D NAD FA . -20.37 35.47 12.93
C2D NAD FA . -19.34 36.49 10.96
O2D NAD FA . -18.28 36.79 11.87
C1D NAD FA . -19.04 35.19 10.21
N1N NAD FA . -18.27 35.43 8.94
C2N NAD FA . -17.14 36.12 8.99
C3N NAD FA . -16.41 36.34 7.83
C7N NAD FA . -15.13 37.13 7.90
O7N NAD FA . -14.43 37.24 6.88
N7N NAD FA . -14.78 37.66 9.06
C4N NAD FA . -16.88 35.82 6.63
C5N NAD FA . -18.06 35.11 6.62
C6N NAD FA . -18.76 34.92 7.79
#